data_7ZGY
#
_entry.id   7ZGY
#
_cell.length_a   1.00
_cell.length_b   1.00
_cell.length_c   1.00
_cell.angle_alpha   90.00
_cell.angle_beta   90.00
_cell.angle_gamma   90.00
#
_symmetry.space_group_name_H-M   'P 1'
#
loop_
_entity.id
_entity.type
_entity.pdbx_description
1 polymer 'S-layer protein SlpA'
2 non-polymer (3~{S},5~{R},6~{R})-5-[(3~{S},7~{R},12~{S},16~{S},20~{S})-3,7,12,16,20,24-hexamethyl-24-oxidanyl-pentacosyl]-4,4,6-trimethyl-cyclohexane-1,3-diol
3 non-polymer '[(2~{S})-2-acetyloxy-3-[[(2~{S})-3-[(2~{R},3~{S},4~{S},5~{S},6~{S})-6-(hydroxymethyl)-3-(octadecanoylamino)-4,5-bis(oxidanyl)oxan-2-yl]oxy-1-oxidanylidene-1-(pentylamino)propan-2-yl]oxy-oxidanyl-phosphoryl]oxy-propyl] ethanoate'
4 non-polymer '[(2~{S})-3-[[(2~{S})-3-[(2~{S},3~{S},4~{S},5~{S},6~{S})-6-(hydroxymethyl)-4,5-bis(oxidanyl)-3-(propanoylamino)oxan-2-yl]oxy-1-oxidanylidene-1-(pentadecylamino)propan-2-yl]oxy-oxidanyl-phosphoryl]oxy-2-octanoyloxy-propyl] decanoate'
5 non-polymer 'COPPER (II) ION'
6 non-polymer 'FE (III) ION'
#
_entity_poly.entity_id   1
_entity_poly.type   'polypeptide(L)'
_entity_poly.pdbx_seq_one_letter_code
;MKKSLIALTTALSFGLAAAQTAAPVSAPQVPALTDVPAGHWAKDAIDRLVSRGVILGYPDGTFRGTQNLTRYEAAIIIAR
LLDQMRDGETPAGMTAEDMTALQNAIQELAADLAALGVRVSDLEANAVSKDDFARLEARIEEVAAAGGEQGATEALQGQI
DDLTARVDEYDALRADVDDNASSIAALNDLTVLLNQDILDLQDRVSAVEAAQADFVQRSDFDALGGRVTTVETRVETVNN
SLTGRIAALERNAFSVKPSLTIGYSVSRTSRNFDVDRLFPLNADGTVANNAFTSGGIDTDTGAQRRDFGDFGNASDPVVA
GAAGLYGFADGVSYTVYFTDGSTATFDGLNPADYKVPTGKVIDTTKGRNGFGFNNLARYKEGSTDIGISLGFDTSGQFSQ
VTSGTGGSLFSTAGRLQVNQIDLNFGLVTGLPSDAYVDTNGNGKKDDGEATGRGTYLGSGGTAAILRDPAGNVYRPVFFR
FKNATTQFSVGNNPVIVTLGQQQKFYFSDYVFDNNYDGRGDGFTVTVDGSNVPVIGAWKPQIKGVYGSRSGLDGTAEAGY
GVYYRGVRAQITPVGTLTAGIHYAQEGRDMFGAAQNTTSTPSDVTTYGADLHGKAFGVELHSEYATSRVRPNTANAAVQT
SNAFYARVATRKDNLAFDLNTPAAKFGNDTFGVSLYDLNYRKIDAGYNNVAGISEYGYGSYSRTSAQNIAYNPDTGVTAP
FANLDRQAYTDANNDGTSDRNADGTVVATNTKIGQMGFGVKAAANLGPVAIGGYYDTSTGANGDNANRMTEAGGSAKVAY
SIFSLRGTYNTLDSNRPQIYRDAAGTQIIGDAKVRRYAVQADVTPGLGLFVGAYYRDVNVNGVRSTTDRGLLGRGYLASS
FEPGVGNNAYRTGLRCADNNFGTGTRDIDGVGGVLNPAVNLDQSRTATCFTSYGVEAGHAGDNANALVKDLFFRVGYSRV
YVPTTATATTGDFSGSVTYGDARYDRKVGVANVRLAGSFSTTNTQLDSRPAGTRGAVGLIVRTDPLENVPFRPQFNGQVG
YYTADNRVAAGNYNANATKYGAGVVLNDFLLPQTKIGVRYDGYMAQNRQYTPFDGDGTQGYFSDANNNRRTNLNGVYVEG
AYQDLIFSYGTYTLSQKDLNGVEYGSGINNGQPARGQTFKISYKVNF
;
_entity_poly.pdbx_strand_id   A,B,C
#
# COMPACT_ATOMS: atom_id res chain seq x y z
N SER A 219 -52.00 -8.66 50.47
CA SER A 219 -53.11 -9.13 49.64
C SER A 219 -52.60 -9.94 48.45
N ASP A 220 -52.90 -9.47 47.24
CA ASP A 220 -52.49 -10.16 46.02
C ASP A 220 -51.26 -9.54 45.36
N PHE A 221 -50.66 -8.52 45.96
CA PHE A 221 -49.47 -7.91 45.40
C PHE A 221 -48.20 -8.73 45.67
N ASP A 222 -48.33 -9.96 46.14
CA ASP A 222 -47.17 -10.85 46.18
C ASP A 222 -46.66 -11.13 44.77
N ALA A 223 -47.58 -11.37 43.83
CA ALA A 223 -47.19 -11.53 42.43
C ALA A 223 -46.51 -10.27 41.91
N LEU A 224 -46.98 -9.10 42.35
CA LEU A 224 -46.32 -7.85 41.96
C LEU A 224 -44.89 -7.80 42.49
N GLY A 225 -44.67 -8.27 43.71
CA GLY A 225 -43.32 -8.34 44.23
C GLY A 225 -42.44 -9.29 43.44
N GLY A 226 -43.00 -10.43 43.06
CA GLY A 226 -42.24 -11.34 42.21
C GLY A 226 -41.89 -10.72 40.87
N ARG A 227 -42.83 -9.99 40.28
CA ARG A 227 -42.56 -9.30 39.02
C ARG A 227 -41.47 -8.25 39.19
N VAL A 228 -41.50 -7.53 40.32
CA VAL A 228 -40.46 -6.53 40.59
C VAL A 228 -39.10 -7.21 40.71
N THR A 229 -39.04 -8.35 41.39
CA THR A 229 -37.78 -9.08 41.48
C THR A 229 -37.30 -9.54 40.11
N THR A 230 -38.23 -10.04 39.28
CA THR A 230 -37.85 -10.44 37.93
C THR A 230 -37.30 -9.27 37.13
N VAL A 231 -37.92 -8.10 37.24
CA VAL A 231 -37.42 -6.92 36.54
C VAL A 231 -36.04 -6.53 37.09
N GLU A 232 -35.85 -6.64 38.40
CA GLU A 232 -34.57 -6.31 39.00
C GLU A 232 -33.46 -7.18 38.42
N THR A 233 -33.74 -8.48 38.28
CA THR A 233 -32.75 -9.37 37.70
C THR A 233 -32.58 -9.13 36.20
N ARG A 234 -33.68 -8.83 35.51
CA ARG A 234 -33.63 -8.63 34.06
C ARG A 234 -32.81 -7.41 33.69
N VAL A 235 -32.94 -6.33 34.45
CA VAL A 235 -32.16 -5.12 34.15
C VAL A 235 -30.67 -5.43 34.24
N GLU A 236 -30.26 -6.14 35.29
CA GLU A 236 -28.86 -6.51 35.42
C GLU A 236 -28.42 -7.43 34.30
N THR A 237 -29.26 -8.39 33.93
CA THR A 237 -28.89 -9.30 32.84
C THR A 237 -28.68 -8.54 31.53
N VAL A 238 -29.61 -7.63 31.21
CA VAL A 238 -29.48 -6.85 29.98
C VAL A 238 -28.22 -6.00 30.01
N ASN A 239 -28.00 -5.33 31.14
CA ASN A 239 -26.81 -4.48 31.27
C ASN A 239 -25.54 -5.30 31.08
N ASN A 240 -25.48 -6.46 31.71
CA ASN A 240 -24.26 -7.27 31.62
C ASN A 240 -24.03 -7.81 30.22
N SER A 241 -25.09 -8.33 29.57
CA SER A 241 -24.93 -8.83 28.21
C SER A 241 -24.49 -7.74 27.27
N LEU A 242 -25.14 -6.57 27.32
CA LEU A 242 -24.78 -5.49 26.42
C LEU A 242 -23.39 -4.94 26.71
N THR A 243 -23.01 -4.87 27.99
CA THR A 243 -21.66 -4.44 28.33
C THR A 243 -20.62 -5.41 27.81
N GLY A 244 -20.90 -6.71 27.90
CA GLY A 244 -19.98 -7.70 27.36
C GLY A 244 -19.82 -7.57 25.86
N ARG A 245 -20.93 -7.42 25.14
CA ARG A 245 -20.83 -7.25 23.70
C ARG A 245 -20.13 -5.94 23.31
N ILE A 246 -20.36 -4.87 24.06
CA ILE A 246 -19.69 -3.61 23.78
C ILE A 246 -18.19 -3.74 24.05
N ALA A 247 -17.82 -4.48 25.11
CA ALA A 247 -16.41 -4.71 25.39
C ALA A 247 -15.76 -5.54 24.29
N ALA A 248 -16.48 -6.54 23.77
CA ALA A 248 -15.94 -7.31 22.65
C ALA A 248 -15.75 -6.44 21.42
N LEU A 249 -16.70 -5.54 21.16
CA LEU A 249 -16.54 -4.61 20.04
C LEU A 249 -15.35 -3.68 20.25
N GLU A 250 -15.16 -3.21 21.48
CA GLU A 250 -14.07 -2.27 21.77
C GLU A 250 -12.71 -2.95 21.75
N ARG A 251 -12.66 -4.26 22.04
CA ARG A 251 -11.38 -4.94 22.11
C ARG A 251 -10.63 -4.87 20.79
N ASN A 252 -11.32 -5.08 19.69
CA ASN A 252 -10.70 -5.14 18.37
C ASN A 252 -11.24 -4.03 17.47
N ALA A 253 -11.33 -2.82 18.02
CA ALA A 253 -11.78 -1.65 17.28
C ALA A 253 -10.61 -0.69 17.08
N PHE A 254 -10.76 0.19 16.10
CA PHE A 254 -9.74 1.18 15.79
C PHE A 254 -10.10 2.54 16.38
N SER A 255 -9.13 3.17 17.02
CA SER A 255 -9.24 4.57 17.41
C SER A 255 -8.64 5.42 16.29
N VAL A 256 -9.49 6.23 15.67
CA VAL A 256 -9.07 7.08 14.56
C VAL A 256 -8.50 8.36 15.13
N LYS A 257 -7.23 8.65 14.83
CA LYS A 257 -6.55 9.84 15.34
C LYS A 257 -6.10 10.70 14.18
N PRO A 258 -6.85 11.76 13.84
CA PRO A 258 -6.39 12.70 12.82
C PRO A 258 -5.64 13.86 13.44
N SER A 259 -4.71 14.40 12.67
CA SER A 259 -3.87 15.50 13.11
C SER A 259 -3.83 16.57 12.02
N LEU A 260 -3.92 17.82 12.44
CA LEU A 260 -3.85 18.97 11.55
C LEU A 260 -2.87 19.98 12.12
N THR A 261 -1.95 20.44 11.29
CA THR A 261 -0.99 21.47 11.66
C THR A 261 -1.18 22.67 10.75
N ILE A 262 -1.33 23.85 11.35
CA ILE A 262 -1.50 25.10 10.62
C ILE A 262 -0.42 26.06 11.05
N GLY A 263 0.26 26.67 10.09
CA GLY A 263 1.22 27.70 10.47
C GLY A 263 1.85 28.48 9.34
N TYR A 264 2.10 29.77 9.57
CA TYR A 264 2.73 30.62 8.58
C TYR A 264 4.17 30.92 9.00
N SER A 265 5.08 30.89 8.05
CA SER A 265 6.48 31.15 8.38
C SER A 265 7.21 31.86 7.26
N VAL A 266 8.00 32.86 7.61
CA VAL A 266 8.91 33.52 6.69
C VAL A 266 10.20 33.83 7.45
N SER A 267 11.34 33.68 6.77
CA SER A 267 12.63 33.90 7.40
C SER A 267 13.66 34.28 6.36
N ARG A 268 14.38 35.37 6.60
CA ARG A 268 15.40 35.87 5.69
C ARG A 268 16.69 36.12 6.45
N THR A 269 17.78 35.52 5.98
CA THR A 269 19.09 35.72 6.59
C THR A 269 20.13 35.84 5.50
N SER A 270 21.28 36.40 5.86
CA SER A 270 22.41 36.51 4.95
C SER A 270 23.64 35.71 5.39
N ARG A 271 23.72 35.29 6.64
CA ARG A 271 24.84 34.51 7.12
C ARG A 271 24.46 33.29 7.95
N ASN A 272 23.26 33.24 8.53
CA ASN A 272 22.79 32.10 9.33
C ASN A 272 23.70 31.87 10.54
N PHE A 273 23.68 32.85 11.45
CA PHE A 273 24.32 32.72 12.74
C PHE A 273 23.35 32.08 13.73
N ASP A 274 23.74 32.07 15.01
CA ASP A 274 22.94 31.46 16.07
C ASP A 274 22.53 32.52 17.08
N VAL A 275 21.30 32.41 17.58
CA VAL A 275 20.77 33.34 18.56
C VAL A 275 20.45 32.69 19.89
N ASP A 276 20.47 31.36 19.99
CA ASP A 276 20.15 30.70 21.24
C ASP A 276 21.17 30.97 22.34
N ARG A 277 22.33 31.52 21.99
CA ARG A 277 23.34 31.87 22.98
C ARG A 277 23.05 33.19 23.67
N LEU A 278 22.01 33.92 23.24
CA LEU A 278 21.60 35.16 23.89
C LEU A 278 20.53 34.95 24.95
N PHE A 279 19.80 33.85 24.90
CA PHE A 279 18.65 33.66 25.75
C PHE A 279 19.05 33.20 27.15
N PRO A 280 18.23 33.49 28.15
CA PRO A 280 18.57 33.12 29.53
C PRO A 280 18.67 31.62 29.71
N LEU A 281 19.55 31.21 30.63
CA LEU A 281 19.72 29.81 30.97
C LEU A 281 18.90 29.50 32.23
N ASN A 282 18.13 28.42 32.15
CA ASN A 282 17.27 28.04 33.25
C ASN A 282 18.08 27.41 34.39
N ALA A 283 17.44 27.27 35.55
CA ALA A 283 18.12 26.72 36.71
C ALA A 283 18.66 25.32 36.46
N ASP A 284 18.10 24.59 35.50
CA ASP A 284 18.60 23.28 35.10
C ASP A 284 19.62 23.38 33.98
N GLY A 285 20.02 24.60 33.59
CA GLY A 285 21.04 24.80 32.59
C GLY A 285 20.52 24.89 31.17
N THR A 286 19.28 24.50 30.92
CA THR A 286 18.70 24.60 29.59
C THR A 286 18.47 26.07 29.23
N VAL A 287 18.50 26.37 27.94
CA VAL A 287 18.28 27.73 27.47
C VAL A 287 16.78 27.97 27.31
N ALA A 288 16.38 29.24 27.48
CA ALA A 288 14.96 29.59 27.41
C ALA A 288 14.40 29.29 26.04
N ASN A 289 13.14 28.85 26.02
CA ASN A 289 12.48 28.50 24.77
C ASN A 289 12.20 29.75 23.94
N ASN A 290 12.40 29.62 22.63
CA ASN A 290 12.07 30.68 21.69
C ASN A 290 11.50 30.05 20.43
N ALA A 291 10.92 30.89 19.57
CA ALA A 291 10.28 30.43 18.35
C ALA A 291 11.22 30.41 17.16
N PHE A 292 12.50 30.71 17.37
CA PHE A 292 13.47 30.78 16.28
C PHE A 292 14.50 29.67 16.31
N THR A 293 14.60 28.92 17.39
CA THR A 293 15.64 27.90 17.51
C THR A 293 15.48 26.83 16.44
N SER A 294 16.61 26.36 15.92
CA SER A 294 16.62 25.25 14.98
C SER A 294 16.57 23.90 15.67
N GLY A 295 16.69 23.86 17.00
CA GLY A 295 16.79 22.62 17.72
C GLY A 295 18.19 22.07 17.69
N GLY A 296 18.33 20.74 17.56
CA GLY A 296 19.62 20.12 17.41
C GLY A 296 20.26 19.62 18.69
N ILE A 297 19.51 19.54 19.79
CA ILE A 297 20.08 19.06 21.05
C ILE A 297 20.31 17.56 20.92
N ASP A 298 21.57 17.14 20.91
CA ASP A 298 21.94 15.73 20.86
C ASP A 298 22.91 15.44 21.98
N THR A 299 22.53 14.51 22.86
CA THR A 299 23.40 14.13 23.97
C THR A 299 24.53 13.19 23.54
N ASP A 300 24.30 12.37 22.51
CA ASP A 300 25.33 11.45 22.07
C ASP A 300 26.54 12.21 21.53
N THR A 301 26.31 13.24 20.73
CA THR A 301 27.39 14.01 20.12
C THR A 301 27.63 15.34 20.81
N GLY A 302 26.93 15.63 21.90
CA GLY A 302 27.14 16.88 22.60
C GLY A 302 26.60 18.11 21.90
N ALA A 303 25.80 17.93 20.86
CA ALA A 303 25.21 19.07 20.16
C ALA A 303 24.18 19.75 21.03
N GLN A 304 24.06 21.07 20.86
CA GLN A 304 23.11 21.87 21.61
C GLN A 304 22.43 22.85 20.66
N ARG A 305 21.43 23.56 21.17
CA ARG A 305 20.74 24.55 20.36
C ARG A 305 21.64 25.71 19.97
N ARG A 306 22.77 25.88 20.66
CA ARG A 306 23.70 26.96 20.40
C ARG A 306 24.76 26.61 19.37
N ASP A 307 24.71 25.40 18.80
CA ASP A 307 25.70 24.97 17.82
C ASP A 307 25.21 25.09 16.39
N PHE A 308 24.00 25.61 16.17
CA PHE A 308 23.40 25.63 14.85
C PHE A 308 22.74 26.98 14.60
N GLY A 309 22.60 27.32 13.32
CA GLY A 309 21.92 28.55 12.96
C GLY A 309 20.41 28.45 13.11
N ASP A 310 19.75 29.61 13.13
CA ASP A 310 18.34 29.68 13.49
C ASP A 310 17.50 30.42 12.45
N PHE A 311 18.02 30.64 11.25
CA PHE A 311 17.33 31.45 10.27
C PHE A 311 17.21 30.70 8.95
N GLY A 312 16.21 31.09 8.15
CA GLY A 312 15.85 30.30 6.99
C GLY A 312 15.24 28.99 7.44
N ASN A 313 15.24 28.01 6.53
CA ASN A 313 14.94 26.64 6.87
C ASN A 313 16.19 25.80 7.08
N ALA A 314 17.35 26.44 7.09
CA ALA A 314 18.62 25.76 7.26
C ALA A 314 19.05 25.83 8.72
N SER A 315 19.68 24.75 9.18
CA SER A 315 20.23 24.66 10.53
C SER A 315 21.74 24.54 10.47
N ASP A 316 22.36 25.36 9.62
CA ASP A 316 23.79 25.25 9.38
C ASP A 316 24.57 25.41 10.69
N PRO A 317 25.39 24.44 11.06
CA PRO A 317 26.17 24.57 12.30
C PRO A 317 27.20 25.69 12.20
N VAL A 318 27.48 26.29 13.36
CA VAL A 318 28.49 27.34 13.41
C VAL A 318 29.88 26.71 13.20
N VAL A 319 30.78 27.48 12.60
CA VAL A 319 32.10 27.00 12.23
C VAL A 319 33.14 27.71 13.08
N ALA A 320 34.06 26.95 13.64
CA ALA A 320 35.14 27.52 14.43
C ALA A 320 36.18 28.15 13.52
N GLY A 321 36.99 29.03 14.10
CA GLY A 321 38.01 29.70 13.34
C GLY A 321 37.47 30.92 12.60
N ALA A 322 38.29 31.44 11.69
CA ALA A 322 37.94 32.64 10.96
C ALA A 322 36.89 32.39 9.87
N ALA A 323 36.80 31.16 9.35
CA ALA A 323 35.80 30.87 8.34
C ALA A 323 34.40 31.19 8.86
N GLY A 324 34.05 30.63 10.02
CA GLY A 324 32.96 31.16 10.79
C GLY A 324 33.40 32.39 11.53
N LEU A 325 32.45 33.09 12.13
CA LEU A 325 32.83 34.29 12.86
C LEU A 325 33.43 33.90 14.20
N TYR A 326 34.45 33.05 14.16
CA TYR A 326 35.06 32.45 15.35
C TYR A 326 34.01 31.71 16.18
N GLY A 327 33.34 30.77 15.52
CA GLY A 327 32.31 29.97 16.15
C GLY A 327 30.98 30.67 16.32
N PHE A 328 30.75 31.78 15.64
CA PHE A 328 29.53 32.55 15.79
C PHE A 328 28.58 32.45 14.60
N ALA A 329 29.04 31.98 13.44
CA ALA A 329 28.22 31.97 12.26
C ALA A 329 28.62 30.77 11.38
N ASP A 330 28.13 30.77 10.15
CA ASP A 330 28.38 29.69 9.21
C ASP A 330 29.70 29.92 8.45
N GLY A 331 30.23 28.83 7.90
CA GLY A 331 31.52 28.90 7.23
C GLY A 331 31.44 29.47 5.82
N VAL A 332 32.61 29.83 5.30
CA VAL A 332 32.68 30.45 3.98
C VAL A 332 32.53 29.40 2.88
N SER A 333 33.37 28.35 2.91
CA SER A 333 33.15 27.15 2.12
C SER A 333 33.09 27.44 0.62
N TYR A 334 34.23 27.86 0.09
CA TYR A 334 34.36 27.95 -1.36
C TYR A 334 34.12 26.59 -2.01
N THR A 335 33.86 26.62 -3.32
CA THR A 335 33.70 25.40 -4.11
C THR A 335 34.75 25.35 -5.20
N VAL A 336 35.42 24.20 -5.34
CA VAL A 336 36.54 24.03 -6.25
C VAL A 336 36.10 23.12 -7.39
N TYR A 337 36.35 23.57 -8.63
CA TYR A 337 36.00 22.82 -9.82
C TYR A 337 37.22 22.07 -10.34
N PHE A 338 36.95 20.96 -11.04
CA PHE A 338 38.00 20.07 -11.51
C PHE A 338 37.94 19.95 -13.04
N THR A 339 38.95 19.29 -13.59
CA THR A 339 39.03 19.12 -15.04
C THR A 339 38.00 18.12 -15.55
N ASP A 340 37.85 17.00 -14.85
CA ASP A 340 36.92 15.95 -15.26
C ASP A 340 35.46 16.30 -14.99
N GLY A 341 35.18 17.55 -14.62
CA GLY A 341 33.84 17.97 -14.30
C GLY A 341 33.42 17.73 -12.87
N SER A 342 34.22 17.01 -12.09
CA SER A 342 33.92 16.80 -10.68
C SER A 342 34.27 18.06 -9.88
N THR A 343 33.68 18.14 -8.69
CA THR A 343 33.85 19.30 -7.83
C THR A 343 34.07 18.85 -6.39
N ALA A 344 34.69 19.73 -5.62
CA ALA A 344 34.90 19.52 -4.19
C ALA A 344 34.55 20.81 -3.46
N THR A 345 34.50 20.73 -2.13
CA THR A 345 34.18 21.88 -1.29
C THR A 345 35.36 22.17 -0.38
N PHE A 346 35.86 23.40 -0.42
CA PHE A 346 36.93 23.83 0.46
C PHE A 346 36.36 24.68 1.58
N ASP A 347 36.70 24.33 2.82
CA ASP A 347 36.18 25.02 4.00
C ASP A 347 37.26 25.94 4.53
N GLY A 348 37.27 27.17 4.05
CA GLY A 348 38.25 28.14 4.50
C GLY A 348 37.97 29.49 3.90
N LEU A 349 38.53 30.53 4.54
CA LEU A 349 38.35 31.89 4.08
C LEU A 349 39.30 32.27 2.96
N ASN A 350 40.24 31.39 2.60
CA ASN A 350 41.20 31.67 1.54
C ASN A 350 41.34 30.42 0.67
N PRO A 351 40.76 30.41 -0.53
CA PRO A 351 40.85 29.21 -1.37
C PRO A 351 42.26 28.85 -1.78
N ALA A 352 43.19 29.79 -1.77
CA ALA A 352 44.57 29.48 -2.14
C ALA A 352 45.18 28.43 -1.25
N ASP A 353 44.69 28.29 -0.01
CA ASP A 353 45.20 27.29 0.92
C ASP A 353 44.58 25.92 0.71
N TYR A 354 43.94 25.70 -0.44
CA TYR A 354 43.34 24.39 -0.76
C TYR A 354 44.48 23.43 -1.12
N LYS A 355 45.16 22.96 -0.09
CA LYS A 355 46.32 22.08 -0.26
C LYS A 355 45.93 20.63 -0.50
N VAL A 356 44.68 20.36 -0.86
CA VAL A 356 44.23 18.98 -1.00
C VAL A 356 43.54 18.77 -2.35
N PRO A 357 44.22 18.97 -3.47
CA PRO A 357 43.71 18.46 -4.75
C PRO A 357 44.03 16.97 -4.87
N THR A 358 43.04 16.18 -5.24
CA THR A 358 43.23 14.74 -5.29
C THR A 358 44.30 14.39 -6.33
N GLY A 359 44.60 13.10 -6.44
CA GLY A 359 45.73 12.65 -7.23
C GLY A 359 45.77 13.13 -8.66
N LYS A 360 44.64 13.13 -9.35
CA LYS A 360 44.60 13.45 -10.77
C LYS A 360 43.77 14.68 -11.10
N VAL A 361 43.10 15.29 -10.14
CA VAL A 361 42.22 16.40 -10.42
C VAL A 361 43.02 17.69 -10.53
N ILE A 362 42.63 18.54 -11.49
CA ILE A 362 43.23 19.84 -11.69
C ILE A 362 42.12 20.89 -11.68
N ASP A 363 42.39 22.02 -11.04
CA ASP A 363 41.38 23.07 -10.91
C ASP A 363 41.10 23.69 -12.26
N THR A 364 39.93 23.42 -12.81
CA THR A 364 39.50 24.06 -14.05
C THR A 364 38.99 25.46 -13.75
N THR A 365 39.42 26.43 -14.54
CA THR A 365 39.01 27.81 -14.32
C THR A 365 37.57 28.03 -14.78
N LYS A 366 36.63 27.39 -14.10
CA LYS A 366 35.21 27.53 -14.39
C LYS A 366 34.52 28.59 -13.57
N GLY A 367 34.86 28.71 -12.29
CA GLY A 367 34.32 29.77 -11.46
C GLY A 367 35.16 31.03 -11.59
N ARG A 368 35.38 31.73 -10.48
CA ARG A 368 36.25 32.91 -10.51
C ARG A 368 37.61 32.54 -11.08
N ASN A 369 38.34 31.66 -10.38
CA ASN A 369 39.61 31.12 -10.87
C ASN A 369 39.66 29.63 -10.59
N GLY A 370 38.57 28.94 -10.85
CA GLY A 370 38.41 27.55 -10.46
C GLY A 370 37.79 27.34 -9.10
N PHE A 371 37.63 28.41 -8.32
CA PHE A 371 36.99 28.36 -7.02
C PHE A 371 35.71 29.17 -7.07
N GLY A 372 34.59 28.55 -6.74
CA GLY A 372 33.32 29.23 -6.65
C GLY A 372 33.15 29.95 -5.33
N PHE A 373 31.91 30.03 -4.89
CA PHE A 373 31.61 30.59 -3.57
C PHE A 373 30.21 30.15 -3.20
N ASN A 374 30.09 29.35 -2.15
CA ASN A 374 28.78 28.91 -1.70
C ASN A 374 28.05 30.07 -1.04
N ASN A 375 26.89 30.42 -1.59
CA ASN A 375 26.15 31.57 -1.07
C ASN A 375 25.80 31.35 0.40
N LEU A 376 26.02 32.37 1.21
CA LEU A 376 25.78 32.29 2.64
C LEU A 376 24.38 32.72 3.04
N ALA A 377 23.54 33.11 2.09
CA ALA A 377 22.20 33.61 2.39
C ALA A 377 21.19 32.47 2.32
N ARG A 378 20.34 32.37 3.34
CA ARG A 378 19.27 31.40 3.39
C ARG A 378 17.93 32.12 3.42
N TYR A 379 16.96 31.58 2.67
CA TYR A 379 15.65 32.21 2.54
C TYR A 379 14.57 31.18 2.79
N LYS A 380 13.53 31.59 3.51
CA LYS A 380 12.31 30.81 3.68
C LYS A 380 11.17 31.69 3.18
N GLU A 381 10.77 31.48 1.92
CA GLU A 381 9.71 32.30 1.36
C GLU A 381 8.43 32.12 2.16
N GLY A 382 7.80 33.23 2.51
CA GLY A 382 6.64 33.19 3.36
C GLY A 382 5.52 32.35 2.81
N SER A 383 5.03 31.41 3.61
CA SER A 383 3.89 30.59 3.20
C SER A 383 3.17 30.09 4.44
N THR A 384 1.91 29.72 4.25
CA THR A 384 1.09 29.09 5.26
C THR A 384 0.93 27.62 4.90
N ASP A 385 1.35 26.74 5.81
CA ASP A 385 1.35 25.31 5.60
C ASP A 385 0.25 24.67 6.42
N ILE A 386 -0.53 23.80 5.77
CA ILE A 386 -1.47 22.90 6.42
C ILE A 386 -0.97 21.48 6.22
N GLY A 387 -0.76 20.77 7.31
CA GLY A 387 -0.38 19.37 7.24
C GLY A 387 -1.43 18.48 7.85
N ILE A 388 -1.86 17.45 7.11
CA ILE A 388 -2.92 16.55 7.54
C ILE A 388 -2.35 15.16 7.64
N SER A 389 -2.64 14.48 8.76
CA SER A 389 -2.20 13.11 8.97
C SER A 389 -3.31 12.33 9.64
N LEU A 390 -3.24 11.01 9.51
CA LEU A 390 -4.23 10.14 10.13
C LEU A 390 -3.57 8.85 10.56
N GLY A 391 -3.93 8.38 11.76
CA GLY A 391 -3.46 7.09 12.23
C GLY A 391 -4.60 6.30 12.83
N PHE A 392 -4.42 4.99 12.91
CA PHE A 392 -5.40 4.09 13.50
C PHE A 392 -4.71 3.31 14.61
N ASP A 393 -5.08 3.60 15.85
CA ASP A 393 -4.54 2.87 16.98
C ASP A 393 -5.45 1.71 17.34
N THR A 394 -4.85 0.70 17.97
CA THR A 394 -5.60 -0.46 18.43
C THR A 394 -5.90 -0.32 19.93
N SER A 395 -6.81 -1.18 20.41
CA SER A 395 -7.21 -1.13 21.80
C SER A 395 -6.06 -1.45 22.75
N GLY A 396 -5.01 -2.09 22.26
CA GLY A 396 -3.91 -2.46 23.13
C GLY A 396 -4.20 -3.63 24.04
N GLN A 397 -5.23 -4.42 23.74
CA GLN A 397 -5.61 -5.55 24.55
C GLN A 397 -4.95 -6.85 24.11
N PHE A 398 -4.10 -6.81 23.09
CA PHE A 398 -3.39 -7.99 22.61
C PHE A 398 -1.99 -8.04 23.21
N SER A 399 -1.94 -8.23 24.53
CA SER A 399 -0.69 -8.30 25.27
C SER A 399 -0.46 -9.67 25.92
N GLN A 400 -1.15 -10.70 25.46
CA GLN A 400 -1.05 -12.03 26.03
C GLN A 400 -1.05 -13.07 24.92
N VAL A 401 -0.39 -14.19 25.18
CA VAL A 401 -0.44 -15.36 24.30
C VAL A 401 -0.57 -16.61 25.17
N THR A 402 -1.30 -17.60 24.68
CA THR A 402 -1.45 -18.88 25.37
C THR A 402 -0.90 -19.99 24.48
N SER A 403 -0.14 -20.90 25.09
CA SER A 403 0.50 -21.96 24.33
C SER A 403 -0.54 -22.96 23.81
N GLY A 404 -0.18 -23.63 22.71
CA GLY A 404 -1.05 -24.61 22.11
C GLY A 404 -0.40 -25.99 22.12
N THR A 405 -1.23 -27.00 21.93
CA THR A 405 -0.75 -28.38 21.96
C THR A 405 0.27 -28.63 20.84
N GLY A 406 1.25 -29.47 21.15
CA GLY A 406 2.28 -29.79 20.18
C GLY A 406 2.92 -31.11 20.50
N GLY A 407 3.80 -31.54 19.60
CA GLY A 407 4.49 -32.81 19.76
C GLY A 407 4.14 -33.80 18.67
N SER A 408 5.07 -34.70 18.36
CA SER A 408 4.87 -35.74 17.35
C SER A 408 4.79 -37.13 17.94
N LEU A 409 5.77 -37.50 18.77
CA LEU A 409 5.70 -38.78 19.48
C LEU A 409 4.58 -38.78 20.51
N PHE A 410 4.02 -37.62 20.84
CA PHE A 410 2.98 -37.47 21.83
C PHE A 410 2.23 -36.18 21.52
N SER A 411 1.41 -35.72 22.47
CA SER A 411 0.65 -34.49 22.27
C SER A 411 0.48 -33.79 23.61
N THR A 412 1.03 -32.59 23.74
CA THR A 412 0.89 -31.83 24.97
C THR A 412 -0.54 -31.32 25.13
N ALA A 413 -0.92 -31.05 26.38
CA ALA A 413 -2.30 -30.67 26.68
C ALA A 413 -2.67 -29.36 25.98
N GLY A 414 -1.81 -28.35 26.08
CA GLY A 414 -2.10 -27.05 25.54
C GLY A 414 -2.78 -26.14 26.56
N ARG A 415 -2.71 -24.84 26.28
CA ARG A 415 -3.27 -23.83 27.18
C ARG A 415 -2.63 -23.92 28.57
N LEU A 416 -1.34 -24.26 28.61
CA LEU A 416 -0.66 -24.49 29.88
C LEU A 416 0.12 -23.28 30.38
N GLN A 417 0.58 -22.41 29.48
CA GLN A 417 1.38 -21.27 29.88
C GLN A 417 0.87 -20.02 29.19
N VAL A 418 0.81 -18.92 29.94
CA VAL A 418 0.41 -17.62 29.42
C VAL A 418 1.63 -16.71 29.45
N ASN A 419 1.99 -16.18 28.30
CA ASN A 419 3.15 -15.32 28.13
C ASN A 419 2.71 -13.90 27.82
N GLN A 420 3.31 -12.94 28.52
CA GLN A 420 3.04 -11.53 28.31
C GLN A 420 4.02 -11.00 27.27
N ILE A 421 3.50 -10.47 26.17
CA ILE A 421 4.32 -9.94 25.09
C ILE A 421 4.24 -8.42 25.11
N ASP A 422 5.11 -7.79 24.32
CA ASP A 422 5.26 -6.35 24.27
C ASP A 422 5.12 -5.85 22.85
N LEU A 423 4.08 -6.31 22.16
CA LEU A 423 3.84 -5.95 20.77
C LEU A 423 2.99 -4.68 20.70
N ASN A 424 3.49 -3.67 20.00
CA ASN A 424 2.80 -2.39 19.83
C ASN A 424 2.59 -2.17 18.34
N PHE A 425 1.35 -2.26 17.89
CA PHE A 425 1.06 -2.19 16.46
C PHE A 425 -0.12 -1.27 16.19
N GLY A 426 -0.16 -0.80 14.95
CA GLY A 426 -1.23 0.07 14.50
C GLY A 426 -1.15 0.27 13.01
N LEU A 427 -2.00 1.16 12.49
CA LEU A 427 -2.04 1.47 11.07
C LEU A 427 -1.63 2.92 10.86
N VAL A 428 -0.71 3.14 9.92
CA VAL A 428 -0.23 4.47 9.59
C VAL A 428 -0.54 4.76 8.12
N THR A 429 -0.65 6.05 7.81
CA THR A 429 -0.91 6.51 6.44
C THR A 429 0.24 7.44 6.08
N GLY A 430 1.31 6.88 5.54
CA GLY A 430 2.51 7.64 5.27
C GLY A 430 3.71 7.09 6.01
N LEU A 431 4.90 7.26 5.45
CA LEU A 431 6.09 6.69 6.04
C LEU A 431 6.97 7.77 6.66
N PRO A 432 7.69 7.46 7.72
CA PRO A 432 8.62 8.43 8.32
C PRO A 432 9.78 8.72 7.38
N SER A 433 10.43 9.85 7.64
CA SER A 433 11.55 10.25 6.79
C SER A 433 12.76 9.35 6.96
N ASP A 434 12.86 8.65 8.09
CA ASP A 434 14.02 7.82 8.40
C ASP A 434 13.80 6.35 8.05
N ALA A 435 12.66 6.00 7.46
CA ALA A 435 12.41 4.62 7.07
C ALA A 435 13.29 4.23 5.89
N TYR A 436 13.58 2.93 5.79
CA TYR A 436 14.40 2.40 4.72
C TYR A 436 14.06 0.94 4.51
N VAL A 437 14.46 0.41 3.35
CA VAL A 437 14.24 -0.99 3.01
C VAL A 437 15.55 -1.74 3.30
N ASP A 438 15.51 -2.61 4.30
CA ASP A 438 16.69 -3.36 4.72
C ASP A 438 16.80 -4.63 3.89
N THR A 439 17.64 -4.59 2.86
CA THR A 439 17.81 -5.72 1.95
C THR A 439 18.89 -6.70 2.39
N ASN A 440 19.65 -6.37 3.44
CA ASN A 440 20.73 -7.23 3.91
C ASN A 440 20.39 -7.99 5.19
N GLY A 441 19.49 -7.46 6.02
CA GLY A 441 19.17 -8.07 7.29
C GLY A 441 19.96 -7.57 8.46
N ASN A 442 20.94 -6.69 8.22
CA ASN A 442 21.75 -6.17 9.33
C ASN A 442 20.93 -5.34 10.30
N GLY A 443 19.74 -4.89 9.88
CA GLY A 443 18.93 -4.04 10.70
C GLY A 443 19.35 -2.58 10.72
N LYS A 444 20.29 -2.20 9.86
CA LYS A 444 20.80 -0.84 9.80
C LYS A 444 20.80 -0.37 8.35
N LYS A 445 20.71 0.94 8.16
CA LYS A 445 20.66 1.53 6.83
C LYS A 445 22.07 1.61 6.26
N ASP A 446 22.36 0.78 5.27
CA ASP A 446 23.66 0.78 4.60
C ASP A 446 23.71 1.96 3.64
N ASP A 447 24.68 1.96 2.73
CA ASP A 447 24.82 3.08 1.80
C ASP A 447 23.61 3.15 0.88
N GLY A 448 22.74 4.14 1.12
CA GLY A 448 21.57 4.35 0.29
C GLY A 448 20.76 3.09 0.05
N GLU A 449 20.13 2.55 1.10
CA GLU A 449 19.45 1.28 0.95
C GLU A 449 18.20 1.41 0.09
N ALA A 450 17.18 2.11 0.58
CA ALA A 450 16.00 2.35 -0.25
C ALA A 450 15.37 3.73 -0.08
N THR A 451 15.52 4.40 1.06
CA THR A 451 14.77 5.64 1.32
C THR A 451 13.27 5.40 1.15
N GLY A 452 12.74 4.57 2.04
CA GLY A 452 11.39 4.04 1.94
C GLY A 452 10.34 5.00 1.42
N ARG A 453 10.48 6.30 1.72
CA ARG A 453 9.60 7.28 1.11
C ARG A 453 9.77 7.33 -0.41
N GLY A 454 10.98 7.04 -0.91
CA GLY A 454 11.19 6.95 -2.34
C GLY A 454 10.74 5.64 -2.95
N THR A 455 10.63 4.58 -2.14
CA THR A 455 10.10 3.32 -2.65
C THR A 455 8.59 3.38 -2.84
N TYR A 456 7.88 3.99 -1.89
CA TYR A 456 6.43 4.12 -1.95
C TYR A 456 6.10 5.59 -2.20
N LEU A 457 6.04 5.96 -3.47
CA LEU A 457 5.76 7.35 -3.83
C LEU A 457 4.39 7.77 -3.32
N GLY A 458 4.31 8.98 -2.76
CA GLY A 458 3.11 9.46 -2.13
C GLY A 458 3.00 9.15 -0.65
N SER A 459 3.97 8.46 -0.07
CA SER A 459 3.94 8.15 1.35
C SER A 459 4.10 9.41 2.19
N GLY A 460 5.09 10.24 1.85
CA GLY A 460 5.34 11.46 2.59
C GLY A 460 6.26 12.36 1.80
N GLY A 461 6.56 13.51 2.39
CA GLY A 461 7.42 14.49 1.74
C GLY A 461 6.68 15.28 0.68
N THR A 462 7.46 16.09 -0.04
CA THR A 462 6.94 16.91 -1.12
C THR A 462 7.43 16.50 -2.49
N ALA A 463 8.41 15.59 -2.58
CA ALA A 463 8.93 15.18 -3.87
C ALA A 463 7.86 14.48 -4.70
N ALA A 464 7.04 13.65 -4.07
CA ALA A 464 6.00 12.92 -4.75
C ALA A 464 4.70 13.04 -3.95
N ILE A 465 3.60 13.30 -4.65
CA ILE A 465 2.28 13.35 -4.05
C ILE A 465 1.30 12.68 -5.01
N LEU A 466 0.67 11.60 -4.55
CA LEU A 466 -0.32 10.90 -5.36
C LEU A 466 -1.64 11.66 -5.29
N ARG A 467 -2.02 12.31 -6.39
CA ARG A 467 -3.11 13.27 -6.40
C ARG A 467 -4.24 12.80 -7.31
N ASP A 468 -5.22 13.69 -7.49
CA ASP A 468 -6.41 13.48 -8.28
C ASP A 468 -6.84 14.86 -8.75
N PRO A 469 -7.25 15.01 -10.01
CA PRO A 469 -7.70 16.34 -10.46
C PRO A 469 -8.82 16.92 -9.61
N ALA A 470 -9.67 16.08 -9.03
CA ALA A 470 -10.73 16.56 -8.16
C ALA A 470 -10.20 17.15 -6.86
N GLY A 471 -8.92 16.95 -6.56
CA GLY A 471 -8.33 17.44 -5.32
C GLY A 471 -8.09 16.38 -4.27
N ASN A 472 -8.53 15.14 -4.50
CA ASN A 472 -8.28 14.08 -3.54
C ASN A 472 -6.79 13.76 -3.47
N VAL A 473 -6.34 13.38 -2.28
CA VAL A 473 -4.98 12.95 -2.05
C VAL A 473 -5.00 11.52 -1.51
N TYR A 474 -4.17 10.66 -2.09
CA TYR A 474 -4.11 9.26 -1.72
C TYR A 474 -2.77 8.95 -1.08
N ARG A 475 -2.80 8.21 0.03
CA ARG A 475 -1.60 7.83 0.74
C ARG A 475 -1.67 6.35 1.09
N PRO A 476 -0.62 5.57 0.82
CA PRO A 476 -0.67 4.14 1.15
C PRO A 476 -0.81 3.93 2.65
N VAL A 477 -1.48 2.84 3.00
CA VAL A 477 -1.70 2.45 4.40
C VAL A 477 -0.74 1.32 4.73
N PHE A 478 -0.01 1.48 5.83
CA PHE A 478 0.96 0.50 6.28
C PHE A 478 0.60 -0.01 7.67
N PHE A 479 0.98 -1.24 7.95
CA PHE A 479 0.83 -1.84 9.26
C PHE A 479 2.16 -1.71 9.99
N ARG A 480 2.21 -0.84 10.99
CA ARG A 480 3.43 -0.59 11.75
C ARG A 480 3.38 -1.38 13.05
N PHE A 481 4.52 -1.93 13.46
CA PHE A 481 4.57 -2.70 14.69
C PHE A 481 5.99 -2.74 15.24
N LYS A 482 6.08 -2.79 16.56
CA LYS A 482 7.31 -3.08 17.28
C LYS A 482 7.09 -4.32 18.14
N ASN A 483 8.05 -5.24 18.11
CA ASN A 483 8.08 -6.40 18.98
C ASN A 483 9.26 -6.25 19.93
N ALA A 484 8.98 -5.88 21.18
CA ALA A 484 10.02 -5.77 22.19
C ALA A 484 10.26 -7.07 22.93
N THR A 485 9.46 -8.09 22.70
CA THR A 485 9.60 -9.37 23.37
C THR A 485 10.35 -10.35 22.48
N THR A 486 11.44 -10.91 23.00
CA THR A 486 12.21 -11.92 22.30
C THR A 486 12.45 -13.16 23.17
N GLN A 487 11.93 -13.17 24.40
CA GLN A 487 12.13 -14.27 25.32
C GLN A 487 10.78 -14.80 25.75
N PHE A 488 10.64 -16.13 25.76
CA PHE A 488 9.40 -16.78 26.19
C PHE A 488 9.76 -17.81 27.25
N SER A 489 9.07 -17.73 28.39
CA SER A 489 9.36 -18.57 29.54
C SER A 489 8.26 -19.59 29.76
N VAL A 490 8.64 -20.79 30.18
CA VAL A 490 7.72 -21.90 30.38
C VAL A 490 8.06 -22.58 31.69
N GLY A 491 7.03 -22.89 32.47
CA GLY A 491 7.16 -23.56 33.76
C GLY A 491 7.18 -22.55 34.89
N ASN A 492 6.73 -23.00 36.07
CA ASN A 492 6.56 -22.08 37.20
C ASN A 492 7.46 -22.39 38.39
N ASN A 493 7.27 -23.52 39.07
CA ASN A 493 7.85 -23.56 40.41
C ASN A 493 9.33 -23.95 40.44
N PRO A 494 9.67 -25.21 40.13
CA PRO A 494 11.07 -25.63 40.21
C PRO A 494 11.90 -25.26 38.99
N VAL A 495 11.31 -25.43 37.80
CA VAL A 495 12.04 -25.38 36.54
C VAL A 495 11.40 -24.33 35.65
N ILE A 496 12.23 -23.47 35.07
CA ILE A 496 11.78 -22.47 34.11
C ILE A 496 12.70 -22.50 32.91
N VAL A 497 12.12 -22.61 31.72
CA VAL A 497 12.87 -22.69 30.47
C VAL A 497 12.53 -21.47 29.62
N THR A 498 13.55 -20.72 29.23
CA THR A 498 13.39 -19.49 28.47
C THR A 498 14.01 -19.69 27.10
N LEU A 499 13.22 -19.49 26.05
CA LEU A 499 13.67 -19.60 24.67
C LEU A 499 13.64 -18.22 24.02
N GLY A 500 14.69 -17.87 23.29
CA GLY A 500 14.65 -16.61 22.59
C GLY A 500 15.96 -16.27 21.92
N GLN A 501 15.98 -15.07 21.35
CA GLN A 501 17.11 -14.51 20.62
C GLN A 501 17.98 -13.66 21.54
N GLN A 502 19.26 -13.62 21.22
CA GLN A 502 20.24 -12.82 21.96
C GLN A 502 20.09 -13.02 23.46
N GLN A 503 20.11 -14.29 23.87
CA GLN A 503 19.98 -14.63 25.27
C GLN A 503 21.07 -13.94 26.07
N LYS A 504 20.66 -13.31 27.18
CA LYS A 504 21.58 -12.69 28.12
C LYS A 504 21.71 -13.59 29.34
N PHE A 505 22.95 -13.94 29.68
CA PHE A 505 23.21 -14.83 30.80
C PHE A 505 24.46 -14.36 31.51
N TYR A 506 24.68 -14.90 32.71
CA TYR A 506 25.82 -14.50 33.53
C TYR A 506 26.11 -15.64 34.50
N PHE A 507 27.19 -16.39 34.25
CA PHE A 507 27.64 -17.37 35.22
C PHE A 507 28.42 -16.71 36.33
N SER A 508 29.52 -16.04 35.97
CA SER A 508 30.29 -15.22 36.89
C SER A 508 31.10 -14.26 36.05
N ASP A 509 31.83 -13.39 36.74
CA ASP A 509 32.86 -12.62 36.05
C ASP A 509 34.02 -13.54 35.70
N TYR A 510 34.59 -13.34 34.52
CA TYR A 510 35.66 -14.16 33.95
C TYR A 510 35.16 -15.40 33.22
N VAL A 511 33.87 -15.73 33.23
CA VAL A 511 33.42 -16.92 32.50
C VAL A 511 32.30 -16.63 31.49
N PHE A 512 31.14 -16.23 31.96
CA PHE A 512 29.98 -15.87 31.14
C PHE A 512 29.41 -14.51 31.52
N ASP A 513 30.26 -13.50 31.62
CA ASP A 513 29.69 -12.16 31.70
C ASP A 513 29.10 -11.81 30.34
N ASN A 514 28.05 -12.51 29.95
CA ASN A 514 27.45 -12.39 28.62
C ASN A 514 26.12 -11.63 28.65
N ASN A 515 25.92 -10.80 29.66
CA ASN A 515 24.76 -9.91 29.66
C ASN A 515 25.16 -8.56 29.08
N TYR A 516 24.20 -7.64 29.05
CA TYR A 516 24.37 -6.33 28.45
C TYR A 516 24.31 -6.35 26.93
N ASP A 517 24.49 -7.51 26.32
CA ASP A 517 24.15 -7.67 24.90
C ASP A 517 23.47 -9.00 24.64
N GLY A 518 23.92 -10.04 25.34
CA GLY A 518 23.60 -11.40 24.97
C GLY A 518 24.59 -11.98 23.99
N ARG A 519 24.58 -13.30 23.86
CA ARG A 519 25.52 -13.98 22.99
C ARG A 519 24.89 -14.50 21.71
N GLY A 520 23.66 -15.01 21.76
CA GLY A 520 23.06 -15.57 20.57
C GLY A 520 21.67 -16.08 20.85
N ASP A 521 21.20 -16.93 19.93
CA ASP A 521 19.84 -17.44 19.97
C ASP A 521 19.83 -18.86 20.53
N GLY A 522 18.92 -19.12 21.46
CA GLY A 522 18.83 -20.45 22.05
C GLY A 522 17.89 -20.53 23.24
N PHE A 523 18.31 -21.27 24.27
CA PHE A 523 17.48 -21.46 25.45
C PHE A 523 18.34 -21.53 26.70
N THR A 524 17.70 -21.24 27.83
CA THR A 524 18.29 -21.34 29.16
C THR A 524 17.30 -22.00 30.11
N VAL A 525 17.79 -22.88 30.97
CA VAL A 525 16.97 -23.60 31.93
C VAL A 525 17.47 -23.24 33.33
N THR A 526 16.54 -22.91 34.22
CA THR A 526 16.88 -22.61 35.61
C THR A 526 16.06 -23.51 36.52
N VAL A 527 16.74 -24.24 37.39
CA VAL A 527 16.13 -25.16 38.34
C VAL A 527 16.44 -24.64 39.74
N ASP A 528 15.39 -24.40 40.53
CA ASP A 528 15.53 -23.87 41.88
C ASP A 528 15.06 -24.93 42.87
N GLY A 529 15.97 -25.37 43.72
CA GLY A 529 15.66 -26.39 44.70
C GLY A 529 15.52 -25.84 46.11
N SER A 530 14.90 -24.68 46.24
CA SER A 530 14.73 -24.04 47.54
C SER A 530 13.56 -24.60 48.32
N ASN A 531 12.76 -25.50 47.73
CA ASN A 531 11.68 -26.15 48.43
C ASN A 531 11.87 -27.67 48.55
N VAL A 532 13.05 -28.18 48.22
CA VAL A 532 13.26 -29.63 48.32
C VAL A 532 13.21 -30.05 49.78
N PRO A 533 12.67 -31.21 50.13
CA PRO A 533 12.56 -31.60 51.53
C PRO A 533 13.90 -31.68 52.25
N VAL A 534 14.82 -32.51 51.75
CA VAL A 534 16.04 -32.80 52.48
C VAL A 534 16.97 -31.60 52.46
N ILE A 535 17.23 -31.04 51.28
CA ILE A 535 18.16 -29.92 51.12
C ILE A 535 17.42 -28.83 50.32
N GLY A 536 16.80 -27.91 51.05
CA GLY A 536 16.16 -26.77 50.42
C GLY A 536 16.48 -25.49 51.16
N ALA A 537 17.03 -25.62 52.37
CA ALA A 537 17.43 -24.47 53.15
C ALA A 537 18.73 -23.85 52.64
N TRP A 538 19.49 -24.57 51.85
CA TRP A 538 20.70 -24.05 51.23
C TRP A 538 20.43 -23.38 49.89
N LYS A 539 19.18 -23.35 49.45
CA LYS A 539 18.79 -22.70 48.20
C LYS A 539 19.65 -23.17 47.03
N PRO A 540 19.66 -24.48 46.75
CA PRO A 540 20.41 -24.96 45.59
C PRO A 540 19.78 -24.50 44.28
N GLN A 541 20.63 -24.08 43.36
CA GLN A 541 20.18 -23.56 42.08
C GLN A 541 21.09 -24.09 40.98
N ILE A 542 20.49 -24.40 39.83
CA ILE A 542 21.20 -24.87 38.65
C ILE A 542 20.78 -24.04 37.46
N LYS A 543 21.75 -23.58 36.68
CA LYS A 543 21.50 -22.86 35.43
C LYS A 543 22.16 -23.60 34.29
N GLY A 544 21.48 -23.61 33.14
CA GLY A 544 22.02 -24.25 31.95
C GLY A 544 21.73 -23.41 30.73
N VAL A 545 22.71 -23.26 29.85
CA VAL A 545 22.61 -22.40 28.69
C VAL A 545 22.99 -23.19 27.45
N TYR A 546 22.21 -23.06 26.39
CA TYR A 546 22.61 -23.51 25.06
C TYR A 546 22.24 -22.43 24.06
N GLY A 547 23.10 -22.25 23.05
CA GLY A 547 22.76 -21.28 22.03
C GLY A 547 23.73 -21.30 20.87
N SER A 548 23.34 -20.57 19.83
CA SER A 548 24.17 -20.32 18.65
C SER A 548 24.53 -18.85 18.62
N ARG A 549 25.83 -18.56 18.50
CA ARG A 549 26.29 -17.18 18.56
C ARG A 549 25.67 -16.35 17.44
N SER A 550 25.14 -15.19 17.81
CA SER A 550 24.57 -14.23 16.86
C SER A 550 23.48 -14.86 16.01
N GLY A 551 22.91 -15.98 16.44
CA GLY A 551 21.96 -16.67 15.60
C GLY A 551 22.60 -17.08 14.29
N LEU A 552 21.86 -16.91 13.20
CA LEU A 552 22.39 -17.19 11.88
C LEU A 552 22.96 -15.92 11.28
N ASP A 553 24.21 -15.99 10.84
CA ASP A 553 24.90 -14.83 10.29
C ASP A 553 25.85 -15.29 9.20
N GLY A 554 26.08 -14.40 8.23
CA GLY A 554 26.87 -14.75 7.08
C GLY A 554 28.32 -15.04 7.42
N THR A 555 28.96 -15.80 6.54
CA THR A 555 30.35 -16.18 6.73
C THR A 555 31.21 -14.92 6.90
N ALA A 556 32.42 -15.12 7.42
CA ALA A 556 33.34 -14.05 7.78
C ALA A 556 32.94 -13.36 9.06
N GLU A 557 31.81 -13.73 9.65
CA GLU A 557 31.38 -13.23 10.95
C GLU A 557 31.83 -14.18 12.04
N ALA A 558 32.19 -13.60 13.19
CA ALA A 558 32.75 -14.40 14.27
C ALA A 558 31.79 -15.45 14.79
N GLY A 559 30.49 -15.29 14.56
CA GLY A 559 29.50 -16.20 15.11
C GLY A 559 28.90 -17.16 14.10
N TYR A 560 29.63 -17.47 13.03
CA TYR A 560 29.14 -18.39 12.02
C TYR A 560 29.51 -19.82 12.41
N GLY A 561 28.49 -20.67 12.54
CA GLY A 561 28.74 -22.05 12.91
C GLY A 561 29.41 -22.20 14.26
N VAL A 562 29.13 -21.30 15.19
CA VAL A 562 29.72 -21.34 16.53
C VAL A 562 28.60 -21.43 17.55
N TYR A 563 28.69 -22.40 18.45
CA TYR A 563 27.66 -22.68 19.42
C TYR A 563 28.28 -22.75 20.81
N TYR A 564 27.52 -22.31 21.79
CA TYR A 564 27.97 -22.27 23.18
C TYR A 564 27.00 -23.04 24.07
N ARG A 565 27.56 -23.60 25.14
CA ARG A 565 26.82 -24.36 26.13
C ARG A 565 27.45 -24.10 27.49
N GLY A 566 26.67 -24.32 28.54
CA GLY A 566 27.20 -24.12 29.87
C GLY A 566 26.24 -24.58 30.94
N VAL A 567 26.77 -24.79 32.13
CA VAL A 567 25.98 -25.19 33.29
C VAL A 567 26.68 -24.73 34.55
N ARG A 568 25.92 -24.09 35.43
CA ARG A 568 26.41 -23.60 36.71
C ARG A 568 25.53 -24.13 37.82
N ALA A 569 26.10 -24.30 39.01
CA ALA A 569 25.37 -24.77 40.17
C ALA A 569 25.87 -24.04 41.41
N GLN A 570 24.95 -23.52 42.22
CA GLN A 570 25.31 -22.70 43.37
C GLN A 570 24.37 -22.98 44.54
N ILE A 571 24.85 -22.68 45.75
CA ILE A 571 24.05 -22.72 46.96
C ILE A 571 24.49 -21.62 47.91
N THR A 572 23.78 -21.51 49.04
CA THR A 572 24.05 -20.54 50.09
C THR A 572 24.06 -21.28 51.42
N PRO A 573 25.13 -22.03 51.72
CA PRO A 573 25.15 -22.83 52.95
C PRO A 573 25.00 -22.01 54.22
N VAL A 574 25.51 -20.78 54.24
CA VAL A 574 25.50 -19.95 55.44
C VAL A 574 24.74 -18.66 55.13
N GLY A 575 24.68 -17.76 56.10
CA GLY A 575 23.86 -16.58 56.03
C GLY A 575 23.70 -15.96 54.65
N THR A 576 24.82 -15.56 54.03
CA THR A 576 24.76 -15.02 52.68
C THR A 576 25.89 -15.51 51.79
N LEU A 577 26.77 -16.38 52.27
CA LEU A 577 27.87 -16.88 51.45
C LEU A 577 27.32 -17.83 50.40
N THR A 578 27.35 -17.40 49.14
CA THR A 578 26.96 -18.25 48.02
C THR A 578 28.20 -18.83 47.37
N ALA A 579 28.24 -20.15 47.25
CA ALA A 579 29.33 -20.85 46.58
C ALA A 579 28.78 -21.54 45.34
N GLY A 580 29.51 -21.45 44.24
CA GLY A 580 29.07 -22.03 42.99
C GLY A 580 30.22 -22.50 42.13
N ILE A 581 29.93 -23.49 41.29
CA ILE A 581 30.85 -23.95 40.25
C ILE A 581 30.16 -23.77 38.91
N HIS A 582 30.93 -23.78 37.84
CA HIS A 582 30.37 -23.61 36.51
C HIS A 582 31.32 -24.11 35.44
N TYR A 583 30.72 -24.76 34.44
CA TYR A 583 31.35 -25.20 33.20
C TYR A 583 30.80 -24.39 32.04
N ALA A 584 31.69 -23.97 31.14
CA ALA A 584 31.30 -23.22 29.97
C ALA A 584 32.13 -23.69 28.79
N GLN A 585 31.49 -23.77 27.62
CA GLN A 585 32.22 -24.15 26.41
C GLN A 585 31.63 -23.44 25.22
N GLU A 586 32.49 -23.10 24.27
CA GLU A 586 32.07 -22.56 22.99
C GLU A 586 32.93 -23.17 21.90
N GLY A 587 32.31 -23.54 20.79
CA GLY A 587 33.07 -24.21 19.75
C GLY A 587 32.44 -24.09 18.38
N ARG A 588 33.25 -24.43 17.39
CA ARG A 588 32.82 -24.48 15.99
C ARG A 588 32.30 -25.87 15.66
N ASP A 589 31.26 -25.92 14.84
CA ASP A 589 30.77 -27.18 14.31
C ASP A 589 31.47 -27.47 12.98
N MET A 590 31.07 -28.53 12.28
CA MET A 590 31.75 -28.86 11.03
C MET A 590 31.55 -27.80 9.95
N PHE A 591 30.46 -27.04 10.03
CA PHE A 591 30.24 -25.94 9.11
C PHE A 591 30.87 -24.63 9.58
N GLY A 592 31.38 -24.59 10.81
CA GLY A 592 32.09 -23.44 11.30
C GLY A 592 33.59 -23.65 11.23
N ALA A 593 34.02 -24.90 11.39
CA ALA A 593 35.43 -25.21 11.23
C ALA A 593 35.91 -24.86 9.84
N ALA A 594 35.10 -25.16 8.83
CA ALA A 594 35.35 -24.75 7.46
C ALA A 594 34.43 -23.59 7.09
N GLN A 595 34.91 -22.75 6.18
CA GLN A 595 34.15 -21.62 5.65
C GLN A 595 33.60 -20.73 6.76
N ASN A 596 34.45 -20.39 7.71
CA ASN A 596 34.13 -19.35 8.69
C ASN A 596 35.11 -18.20 8.68
N THR A 597 36.36 -18.43 8.32
CA THR A 597 37.37 -17.37 8.35
C THR A 597 37.53 -16.81 9.76
N THR A 598 37.51 -15.49 9.88
CA THR A 598 37.68 -14.83 11.17
C THR A 598 38.83 -15.44 11.95
N SER A 599 38.75 -15.37 13.28
CA SER A 599 39.77 -15.97 14.13
C SER A 599 39.18 -16.65 15.36
N THR A 600 37.88 -16.91 15.38
CA THR A 600 37.26 -17.50 16.56
C THR A 600 37.95 -18.81 16.90
N PRO A 601 38.30 -19.05 18.17
CA PRO A 601 39.00 -20.29 18.52
C PRO A 601 38.18 -21.51 18.14
N SER A 602 38.88 -22.56 17.72
CA SER A 602 38.20 -23.81 17.40
C SER A 602 37.44 -24.35 18.61
N ASP A 603 37.87 -24.00 19.81
CA ASP A 603 37.20 -24.45 21.02
C ASP A 603 37.72 -23.67 22.22
N VAL A 604 36.82 -23.35 23.14
CA VAL A 604 37.17 -22.78 24.44
C VAL A 604 36.37 -23.53 25.49
N THR A 605 37.05 -23.94 26.56
CA THR A 605 36.43 -24.73 27.64
C THR A 605 36.91 -24.19 28.98
N THR A 606 36.05 -23.44 29.65
CA THR A 606 36.38 -22.78 30.91
C THR A 606 35.66 -23.45 32.08
N TYR A 607 36.39 -23.68 33.16
CA TYR A 607 35.81 -24.14 34.42
C TYR A 607 36.05 -23.07 35.48
N GLY A 608 35.17 -23.02 36.47
CA GLY A 608 35.37 -22.01 37.49
C GLY A 608 34.53 -22.25 38.73
N ALA A 609 34.89 -21.52 39.78
CA ALA A 609 34.19 -21.55 41.05
C ALA A 609 34.26 -20.17 41.68
N ASP A 610 33.25 -19.82 42.45
CA ASP A 610 33.18 -18.51 43.09
C ASP A 610 32.52 -18.64 44.46
N LEU A 611 32.90 -17.75 45.38
CA LEU A 611 32.50 -17.82 46.77
C LEU A 611 32.10 -16.45 47.31
N HIS A 612 31.24 -15.74 46.58
CA HIS A 612 30.81 -14.41 47.00
C HIS A 612 29.74 -14.48 48.08
N GLY A 613 29.84 -13.60 49.06
CA GLY A 613 28.83 -13.52 50.09
C GLY A 613 29.34 -12.86 51.36
N LYS A 614 28.48 -12.91 52.39
CA LYS A 614 28.77 -12.36 53.70
C LYS A 614 28.21 -13.32 54.75
N ALA A 615 29.10 -13.93 55.54
CA ALA A 615 28.70 -15.05 56.38
C ALA A 615 28.78 -14.76 57.87
N PHE A 616 29.94 -14.36 58.40
CA PHE A 616 30.15 -14.30 59.84
C PHE A 616 30.69 -12.93 60.25
N GLY A 617 30.03 -11.88 59.75
CA GLY A 617 30.51 -10.53 60.00
C GLY A 617 31.62 -10.08 59.08
N VAL A 618 32.06 -10.94 58.16
CA VAL A 618 33.04 -10.60 57.16
C VAL A 618 32.45 -10.94 55.79
N GLU A 619 32.95 -10.26 54.76
CA GLU A 619 32.46 -10.44 53.40
C GLU A 619 33.58 -11.01 52.54
N LEU A 620 33.35 -12.16 51.94
CA LEU A 620 34.33 -12.84 51.11
C LEU A 620 33.89 -12.81 49.65
N HIS A 621 34.87 -12.64 48.76
CA HIS A 621 34.62 -12.63 47.33
C HIS A 621 35.80 -13.32 46.65
N SER A 622 35.60 -14.55 46.19
CA SER A 622 36.66 -15.32 45.56
C SER A 622 36.23 -15.75 44.17
N GLU A 623 37.21 -16.06 43.34
CA GLU A 623 36.94 -16.47 41.96
C GLU A 623 38.14 -17.21 41.40
N TYR A 624 37.87 -18.33 40.73
CA TYR A 624 38.87 -19.11 40.03
C TYR A 624 38.36 -19.46 38.64
N ALA A 625 39.27 -19.50 37.67
CA ALA A 625 38.90 -19.79 36.29
C ALA A 625 40.06 -20.45 35.56
N THR A 626 39.72 -21.34 34.63
CA THR A 626 40.69 -22.00 33.77
C THR A 626 40.14 -21.99 32.34
N SER A 627 40.97 -21.65 31.37
CA SER A 627 40.48 -21.30 30.03
C SER A 627 40.59 -22.43 29.02
N ARG A 628 41.80 -22.94 28.77
CA ARG A 628 41.99 -24.01 27.79
C ARG A 628 41.43 -23.63 26.41
N VAL A 629 42.04 -22.62 25.80
CA VAL A 629 41.63 -22.13 24.49
C VAL A 629 42.30 -22.97 23.40
N ARG A 630 41.53 -23.31 22.37
CA ARG A 630 42.02 -24.08 21.23
C ARG A 630 42.16 -23.14 20.06
N PRO A 631 43.36 -22.71 19.69
CA PRO A 631 43.52 -21.53 18.82
C PRO A 631 43.44 -21.86 17.33
N ASN A 632 42.37 -22.54 16.93
CA ASN A 632 42.08 -22.77 15.52
C ASN A 632 43.30 -23.29 14.76
N THR A 633 43.65 -22.63 13.66
CA THR A 633 44.78 -23.01 12.82
C THR A 633 44.78 -24.51 12.55
N ALA A 634 45.97 -25.10 12.48
CA ALA A 634 46.12 -26.53 12.24
C ALA A 634 46.81 -27.24 13.39
N ASN A 635 47.94 -26.73 13.87
CA ASN A 635 48.62 -27.29 15.04
C ASN A 635 47.95 -26.89 16.34
N ALA A 636 47.39 -25.68 16.42
CA ALA A 636 46.67 -25.23 17.61
C ALA A 636 47.60 -25.04 18.79
N ALA A 637 48.05 -26.14 19.41
CA ALA A 637 48.87 -26.06 20.61
C ALA A 637 48.11 -25.35 21.73
N VAL A 638 47.06 -26.03 22.20
CA VAL A 638 46.11 -25.51 23.16
C VAL A 638 46.83 -24.73 24.26
N GLN A 639 46.28 -23.56 24.61
CA GLN A 639 46.89 -22.66 25.57
C GLN A 639 45.97 -22.49 26.77
N THR A 640 46.54 -22.59 27.97
CA THR A 640 45.79 -22.48 29.21
C THR A 640 46.07 -21.15 29.88
N SER A 641 45.05 -20.60 30.55
CA SER A 641 45.18 -19.32 31.22
C SER A 641 44.15 -19.25 32.34
N ASN A 642 44.60 -18.99 33.56
CA ASN A 642 43.75 -18.95 34.72
C ASN A 642 43.57 -17.51 35.21
N ALA A 643 42.62 -17.34 36.12
CA ALA A 643 42.32 -16.04 36.71
C ALA A 643 41.74 -16.28 38.10
N PHE A 644 42.52 -15.97 39.13
CA PHE A 644 42.11 -16.22 40.50
C PHE A 644 42.24 -14.95 41.32
N TYR A 645 41.24 -14.69 42.16
CA TYR A 645 41.34 -13.59 43.11
C TYR A 645 40.57 -13.97 44.37
N ALA A 646 41.01 -13.41 45.50
CA ALA A 646 40.39 -13.63 46.80
C ALA A 646 40.41 -12.31 47.55
N ARG A 647 39.24 -11.75 47.82
CA ARG A 647 39.10 -10.42 48.38
C ARG A 647 38.22 -10.45 49.61
N VAL A 648 38.61 -9.69 50.64
CA VAL A 648 37.75 -9.44 51.78
C VAL A 648 37.33 -7.98 51.73
N ALA A 649 36.21 -7.71 51.07
CA ALA A 649 35.75 -6.35 50.85
C ALA A 649 34.25 -6.37 50.59
N THR A 650 33.66 -5.19 50.50
CA THR A 650 32.23 -5.03 50.33
C THR A 650 31.92 -4.72 48.88
N ARG A 651 31.20 -5.63 48.22
CA ARG A 651 30.72 -5.41 46.87
C ARG A 651 29.32 -4.81 46.90
N LYS A 652 29.10 -3.81 46.05
CA LYS A 652 27.79 -3.19 45.94
C LYS A 652 26.83 -4.12 45.19
N ASP A 653 25.60 -3.65 45.00
CA ASP A 653 24.62 -4.44 44.27
C ASP A 653 24.90 -4.47 42.77
N ASN A 654 25.48 -3.41 42.22
CA ASN A 654 25.90 -3.39 40.83
C ASN A 654 27.21 -4.13 40.61
N LEU A 655 27.68 -4.85 41.63
CA LEU A 655 28.87 -5.69 41.56
C LEU A 655 30.17 -4.90 41.59
N ALA A 656 30.09 -3.59 41.77
CA ALA A 656 31.27 -2.78 42.00
C ALA A 656 31.64 -2.83 43.47
N PHE A 657 32.94 -2.90 43.73
CA PHE A 657 33.43 -3.05 45.09
C PHE A 657 33.47 -1.69 45.78
N ASP A 658 32.77 -1.59 46.91
CA ASP A 658 32.75 -0.37 47.70
C ASP A 658 33.83 -0.47 48.76
N LEU A 659 34.90 0.30 48.60
CA LEU A 659 36.05 0.26 49.49
C LEU A 659 35.95 1.26 50.62
N ASN A 660 34.83 1.97 50.75
CA ASN A 660 34.60 2.88 51.85
C ASN A 660 33.86 2.24 53.02
N THR A 661 33.26 1.07 52.82
CA THR A 661 32.62 0.33 53.89
C THR A 661 33.57 -0.74 54.40
N PRO A 662 33.87 -0.80 55.70
CA PRO A 662 34.93 -1.69 56.17
C PRO A 662 34.72 -3.15 55.81
N ALA A 663 33.62 -3.74 56.27
CA ALA A 663 33.35 -5.17 56.14
C ALA A 663 34.09 -6.02 57.16
N ALA A 664 34.88 -5.41 58.05
CA ALA A 664 35.52 -6.14 59.14
C ALA A 664 35.01 -5.69 60.50
N LYS A 665 35.11 -4.40 60.83
CA LYS A 665 34.54 -3.84 62.06
C LYS A 665 34.89 -4.69 63.29
N PHE A 666 36.19 -4.68 63.62
CA PHE A 666 36.70 -5.42 64.76
C PHE A 666 36.55 -4.68 66.08
N GLY A 667 35.65 -3.70 66.15
CA GLY A 667 35.46 -2.97 67.40
C GLY A 667 34.37 -1.92 67.23
N ASN A 668 34.23 -1.11 68.28
CA ASN A 668 33.26 -0.03 68.33
C ASN A 668 33.95 1.30 68.05
N ASP A 669 33.22 2.41 68.23
CA ASP A 669 33.75 3.73 67.92
C ASP A 669 34.96 4.11 68.77
N THR A 670 34.96 3.79 70.07
CA THR A 670 36.09 4.12 70.93
C THR A 670 37.36 3.39 70.49
N PHE A 671 37.23 2.12 70.12
CA PHE A 671 38.33 1.34 69.55
C PHE A 671 37.74 0.59 68.36
N GLY A 672 38.03 1.07 67.16
CA GLY A 672 37.28 0.63 66.00
C GLY A 672 38.08 0.18 64.80
N VAL A 673 39.18 -0.54 65.03
CA VAL A 673 39.98 -1.02 63.91
C VAL A 673 39.07 -1.63 62.85
N SER A 674 39.17 -1.13 61.62
CA SER A 674 38.29 -1.54 60.53
C SER A 674 39.15 -1.98 59.36
N LEU A 675 38.94 -3.20 58.89
CA LEU A 675 39.56 -3.64 57.65
C LEU A 675 38.69 -3.25 56.47
N TYR A 676 39.28 -2.55 55.50
CA TYR A 676 38.56 -2.08 54.32
C TYR A 676 38.78 -2.95 53.10
N ASP A 677 39.98 -3.49 52.92
CA ASP A 677 40.25 -4.37 51.80
C ASP A 677 41.45 -5.26 52.14
N LEU A 678 41.38 -6.49 51.66
CA LEU A 678 42.51 -7.43 51.78
C LEU A 678 42.37 -8.43 50.65
N ASN A 679 43.17 -8.28 49.60
CA ASN A 679 42.94 -9.02 48.38
C ASN A 679 44.26 -9.55 47.82
N TYR A 680 44.13 -10.61 47.02
CA TYR A 680 45.22 -11.20 46.24
C TYR A 680 44.72 -11.38 44.81
N ARG A 681 45.65 -11.32 43.86
CA ARG A 681 45.30 -11.33 42.44
C ARG A 681 46.33 -12.14 41.67
N LYS A 682 45.86 -13.05 40.83
CA LYS A 682 46.72 -13.89 40.00
C LYS A 682 46.14 -14.04 38.59
N ILE A 683 45.69 -12.94 38.00
CA ILE A 683 45.19 -12.98 36.63
C ILE A 683 46.34 -13.27 35.68
N ASP A 684 46.14 -14.21 34.76
CA ASP A 684 47.18 -14.60 33.82
C ASP A 684 47.24 -13.62 32.65
N ALA A 685 48.34 -13.70 31.90
CA ALA A 685 48.57 -12.76 30.80
C ALA A 685 47.65 -13.02 29.63
N GLY A 686 47.34 -14.28 29.33
CA GLY A 686 46.54 -14.63 28.17
C GLY A 686 45.05 -14.65 28.41
N TYR A 687 44.58 -14.23 29.58
CA TYR A 687 43.16 -14.30 29.92
C TYR A 687 42.47 -13.03 29.45
N ASN A 688 41.72 -13.14 28.37
CA ASN A 688 40.90 -12.06 27.85
C ASN A 688 39.46 -12.56 27.72
N ASN A 689 38.61 -11.74 27.09
CA ASN A 689 37.21 -12.10 26.93
C ASN A 689 37.01 -13.33 26.07
N VAL A 690 38.03 -13.77 25.35
CA VAL A 690 37.94 -15.03 24.61
C VAL A 690 38.26 -16.20 25.53
N ALA A 691 39.27 -16.06 26.39
CA ALA A 691 39.63 -17.13 27.30
C ALA A 691 38.44 -17.56 28.14
N GLY A 692 37.90 -16.65 28.94
CA GLY A 692 36.61 -16.83 29.57
C GLY A 692 35.56 -16.26 28.64
N ILE A 693 34.54 -17.05 28.35
CA ILE A 693 33.68 -16.77 27.19
C ILE A 693 32.73 -15.64 27.54
N SER A 694 33.15 -14.42 27.29
CA SER A 694 32.41 -13.21 27.63
C SER A 694 32.38 -12.29 26.43
N GLU A 695 31.64 -11.19 26.56
CA GLU A 695 31.55 -10.23 25.46
C GLU A 695 32.77 -9.32 25.42
N TYR A 696 33.04 -8.61 26.51
CA TYR A 696 34.15 -7.67 26.59
C TYR A 696 34.98 -7.93 27.84
N GLY A 697 36.08 -7.21 27.93
CA GLY A 697 36.64 -6.84 29.21
C GLY A 697 37.91 -7.58 29.57
N TYR A 698 38.23 -7.50 30.87
CA TYR A 698 39.42 -8.09 31.47
C TYR A 698 40.68 -7.34 31.02
N GLY A 699 40.57 -6.02 31.07
CA GLY A 699 41.68 -5.14 30.78
C GLY A 699 41.47 -3.82 31.49
N SER A 700 42.59 -3.16 31.80
CA SER A 700 42.53 -1.92 32.57
C SER A 700 41.50 -0.97 31.98
N TYR A 701 40.60 -0.48 32.84
CA TYR A 701 39.54 0.41 32.37
C TYR A 701 40.10 1.78 31.98
N SER A 702 41.11 2.26 32.68
CA SER A 702 41.68 3.58 32.42
C SER A 702 43.13 3.54 31.97
N ARG A 703 44.00 2.88 32.75
CA ARG A 703 45.45 2.91 32.52
C ARG A 703 46.05 4.23 32.98
N THR A 704 45.21 5.18 33.36
CA THR A 704 45.63 6.40 34.02
C THR A 704 45.00 6.58 35.39
N SER A 705 43.72 6.24 35.52
CA SER A 705 43.08 6.10 36.82
C SER A 705 43.49 4.74 37.36
N ALA A 706 42.82 4.26 38.41
CA ALA A 706 43.20 2.96 38.96
C ALA A 706 43.27 1.94 37.84
N GLN A 707 44.47 1.47 37.53
CA GLN A 707 44.70 0.66 36.34
C GLN A 707 44.79 -0.83 36.64
N ASN A 708 44.69 -1.23 37.90
CA ASN A 708 44.60 -2.63 38.26
C ASN A 708 43.17 -3.14 38.26
N ILE A 709 42.20 -2.27 37.97
CA ILE A 709 40.78 -2.58 38.08
C ILE A 709 40.20 -2.70 36.68
N ALA A 710 39.57 -3.83 36.40
CA ALA A 710 38.95 -4.08 35.11
C ALA A 710 37.49 -3.68 35.06
N TYR A 711 36.90 -3.28 36.19
CA TYR A 711 35.48 -2.93 36.23
C TYR A 711 35.17 -1.83 35.23
N ASN A 712 34.32 -2.13 34.25
CA ASN A 712 33.97 -1.19 33.19
C ASN A 712 32.46 -0.98 33.15
N PRO A 713 31.94 0.11 33.71
CA PRO A 713 30.49 0.35 33.66
C PRO A 713 29.95 0.52 32.25
N ASP A 714 30.78 0.94 31.30
CA ASP A 714 30.29 1.20 29.95
C ASP A 714 29.89 -0.09 29.26
N THR A 715 30.74 -1.11 29.30
CA THR A 715 30.50 -2.39 28.65
C THR A 715 30.05 -3.47 29.61
N GLY A 716 29.72 -3.11 30.85
CA GLY A 716 29.27 -4.09 31.82
C GLY A 716 30.30 -5.14 32.16
N VAL A 717 31.58 -4.76 32.20
CA VAL A 717 32.66 -5.69 32.54
C VAL A 717 32.80 -5.65 34.06
N THR A 718 32.03 -6.49 34.73
CA THR A 718 32.08 -6.60 36.18
C THR A 718 33.20 -7.55 36.56
N ALA A 719 34.40 -7.01 36.77
CA ALA A 719 35.54 -7.83 37.14
C ALA A 719 36.50 -6.99 37.97
N PRO A 720 36.80 -7.40 39.19
CA PRO A 720 37.59 -6.53 40.08
C PRO A 720 38.96 -6.17 39.53
N PHE A 721 39.65 -7.10 38.88
CA PHE A 721 41.04 -6.92 38.53
C PHE A 721 41.26 -7.21 37.05
N ALA A 722 42.21 -6.49 36.47
CA ALA A 722 42.37 -6.43 35.02
C ALA A 722 43.66 -7.09 34.57
N ASN A 723 43.70 -7.40 33.28
CA ASN A 723 44.90 -7.90 32.62
C ASN A 723 45.75 -6.69 32.24
N LEU A 724 46.81 -6.46 32.99
CA LEU A 724 47.67 -5.31 32.73
C LEU A 724 48.50 -5.55 31.47
N ASP A 725 48.82 -4.45 30.80
CA ASP A 725 49.67 -4.47 29.61
C ASP A 725 50.83 -3.50 29.80
N ARG A 726 51.95 -3.82 29.14
CA ARG A 726 53.16 -3.02 29.21
C ARG A 726 53.22 -2.08 28.01
N GLN A 727 53.53 -0.82 28.25
CA GLN A 727 53.53 0.21 27.23
C GLN A 727 54.95 0.64 26.90
N ALA A 728 55.18 0.96 25.62
CA ALA A 728 56.49 1.38 25.15
C ALA A 728 56.33 2.22 23.90
N TYR A 729 57.39 2.96 23.57
CA TYR A 729 57.39 3.80 22.38
C TYR A 729 57.23 2.96 21.12
N THR A 730 56.50 3.50 20.14
CA THR A 730 56.17 2.73 18.94
C THR A 730 57.31 2.77 17.91
N ASP A 731 57.63 3.94 17.40
CA ASP A 731 58.64 4.10 16.36
C ASP A 731 58.28 3.24 15.13
N ALA A 732 57.15 3.58 14.52
CA ALA A 732 56.59 2.76 13.44
C ALA A 732 57.32 2.98 12.12
N ASN A 733 57.27 4.20 11.58
CA ASN A 733 57.87 4.49 10.29
C ASN A 733 59.28 5.05 10.44
N ASN A 734 59.42 6.18 11.13
CA ASN A 734 60.72 6.78 11.36
C ASN A 734 61.54 5.91 12.30
N ASP A 735 62.86 6.11 12.28
CA ASP A 735 63.77 5.40 13.15
C ASP A 735 64.67 6.40 13.87
N GLY A 736 64.88 6.15 15.16
CA GLY A 736 65.72 7.04 15.95
C GLY A 736 64.90 7.91 16.88
N THR A 737 63.66 8.20 16.51
CA THR A 737 62.77 9.02 17.31
C THR A 737 61.45 8.29 17.51
N SER A 738 60.90 8.44 18.71
CA SER A 738 59.64 7.78 19.04
C SER A 738 58.48 8.47 18.32
N ASP A 739 57.51 7.66 17.89
CA ASP A 739 56.39 8.19 17.14
C ASP A 739 55.48 9.02 18.04
N ARG A 740 55.01 10.15 17.53
CA ARG A 740 54.14 11.05 18.26
C ARG A 740 52.91 11.36 17.43
N ASN A 741 51.85 11.79 18.11
CA ASN A 741 50.64 12.22 17.44
C ASN A 741 50.75 13.69 17.04
N ALA A 742 49.71 14.20 16.38
CA ALA A 742 49.74 15.59 15.95
C ALA A 742 49.82 16.54 17.14
N ASP A 743 49.07 16.25 18.20
CA ASP A 743 49.08 17.11 19.38
C ASP A 743 50.37 16.99 20.17
N GLY A 744 51.22 16.03 19.84
CA GLY A 744 52.46 15.79 20.56
C GLY A 744 52.41 14.62 21.50
N THR A 745 51.23 14.04 21.73
CA THR A 745 51.13 12.87 22.60
C THR A 745 51.86 11.67 21.99
N VAL A 746 52.39 10.83 22.85
CA VAL A 746 53.15 9.68 22.41
C VAL A 746 52.22 8.60 21.87
N VAL A 747 52.75 7.75 21.01
CA VAL A 747 52.04 6.57 20.52
C VAL A 747 52.69 5.35 21.16
N ALA A 748 51.89 4.54 21.84
CA ALA A 748 52.40 3.44 22.65
C ALA A 748 51.94 2.11 22.08
N THR A 749 52.78 1.09 22.25
CA THR A 749 52.43 -0.29 21.91
C THR A 749 52.19 -1.06 23.21
N ASN A 750 51.03 -1.68 23.31
CA ASN A 750 50.58 -2.33 24.53
C ASN A 750 50.71 -3.84 24.39
N THR A 751 51.45 -4.45 25.31
CA THR A 751 51.60 -5.90 25.36
C THR A 751 51.03 -6.39 26.69
N LYS A 752 50.09 -7.33 26.62
CA LYS A 752 49.46 -7.84 27.82
C LYS A 752 50.48 -8.59 28.68
N ILE A 753 50.53 -8.23 29.97
CA ILE A 753 51.40 -8.90 30.92
C ILE A 753 50.64 -9.61 32.02
N GLY A 754 49.33 -9.39 32.14
CA GLY A 754 48.56 -9.99 33.20
C GLY A 754 48.61 -9.18 34.48
N GLN A 755 48.40 -9.83 35.61
CA GLN A 755 48.46 -9.13 36.89
C GLN A 755 48.61 -10.14 38.02
N MET A 756 49.47 -9.81 38.98
CA MET A 756 49.64 -10.61 40.18
C MET A 756 50.08 -9.67 41.29
N GLY A 757 49.40 -9.73 42.43
CA GLY A 757 49.76 -8.84 43.52
C GLY A 757 48.84 -9.04 44.70
N PHE A 758 48.98 -8.16 45.67
CA PHE A 758 48.16 -8.17 46.86
C PHE A 758 47.95 -6.75 47.35
N GLY A 759 46.95 -6.56 48.20
CA GLY A 759 46.66 -5.24 48.70
C GLY A 759 45.83 -5.22 49.97
N VAL A 760 46.21 -4.37 50.92
CA VAL A 760 45.49 -4.24 52.18
C VAL A 760 45.25 -2.77 52.46
N LYS A 761 44.01 -2.43 52.78
CA LYS A 761 43.64 -1.10 53.24
C LYS A 761 42.87 -1.24 54.54
N ALA A 762 43.35 -0.56 55.58
CA ALA A 762 42.74 -0.68 56.90
C ALA A 762 42.80 0.67 57.62
N ALA A 763 41.99 0.79 58.66
CA ALA A 763 41.94 2.01 59.45
C ALA A 763 41.60 1.67 60.89
N ALA A 764 42.30 2.31 61.83
CA ALA A 764 42.08 2.12 63.25
C ALA A 764 41.47 3.39 63.81
N ASN A 765 40.27 3.28 64.39
CA ASN A 765 39.56 4.42 64.93
C ASN A 765 39.85 4.55 66.42
N LEU A 766 40.67 5.52 66.78
CA LEU A 766 40.92 5.90 68.16
C LEU A 766 39.75 6.75 68.65
N GLY A 767 39.96 7.52 69.71
CA GLY A 767 38.92 8.38 70.22
C GLY A 767 38.96 9.69 69.46
N PRO A 768 39.48 10.75 70.08
CA PRO A 768 39.66 12.01 69.36
C PRO A 768 40.66 11.88 68.21
N VAL A 769 41.16 10.68 67.97
CA VAL A 769 42.17 10.41 66.95
C VAL A 769 41.67 9.29 66.04
N ALA A 770 42.25 9.24 64.84
CA ALA A 770 41.98 8.18 63.88
C ALA A 770 43.19 8.02 62.99
N ILE A 771 43.49 6.79 62.59
CA ILE A 771 44.61 6.53 61.69
C ILE A 771 44.17 5.57 60.60
N GLY A 772 44.87 5.60 59.49
CA GLY A 772 44.57 4.69 58.40
C GLY A 772 45.80 4.45 57.55
N GLY A 773 45.80 3.34 56.83
CA GLY A 773 46.92 2.99 55.99
C GLY A 773 46.49 2.08 54.87
N TYR A 774 47.32 2.04 53.83
CA TYR A 774 47.07 1.20 52.67
C TYR A 774 48.40 0.81 52.05
N TYR A 775 48.41 -0.39 51.46
CA TYR A 775 49.56 -0.93 50.76
C TYR A 775 49.05 -1.74 49.59
N ASP A 776 49.79 -1.70 48.49
CA ASP A 776 49.37 -2.38 47.27
C ASP A 776 50.56 -2.53 46.34
N THR A 777 50.89 -3.77 45.98
CA THR A 777 51.93 -4.06 45.00
C THR A 777 51.38 -5.02 43.97
N SER A 778 51.51 -4.66 42.70
CA SER A 778 51.08 -5.50 41.59
C SER A 778 52.23 -5.62 40.61
N THR A 779 52.55 -6.85 40.22
CA THR A 779 53.53 -7.13 39.19
C THR A 779 52.81 -7.72 37.98
N GLY A 780 53.59 -8.14 36.98
CA GLY A 780 53.04 -8.94 35.91
C GLY A 780 52.74 -10.34 36.39
N ALA A 781 52.05 -11.10 35.53
CA ALA A 781 51.68 -12.47 35.90
C ALA A 781 52.90 -13.32 36.16
N ASN A 782 53.97 -13.13 35.37
CA ASN A 782 55.17 -13.93 35.56
C ASN A 782 55.90 -13.58 36.86
N GLY A 783 55.69 -12.37 37.37
CA GLY A 783 56.31 -11.95 38.62
C GLY A 783 57.57 -11.12 38.45
N ASP A 784 57.94 -10.77 37.23
CA ASP A 784 59.17 -10.01 37.00
C ASP A 784 59.00 -8.58 37.51
N ASN A 785 59.96 -8.12 38.31
CA ASN A 785 59.90 -6.79 38.91
C ASN A 785 60.04 -5.66 37.90
N ALA A 786 60.20 -5.96 36.62
CA ALA A 786 60.24 -4.94 35.59
C ALA A 786 58.88 -4.29 35.37
N ASN A 787 57.81 -4.84 35.95
CA ASN A 787 56.47 -4.30 35.80
C ASN A 787 55.82 -3.98 37.14
N ARG A 788 56.61 -3.92 38.22
CA ARG A 788 56.04 -3.69 39.54
C ARG A 788 55.55 -2.26 39.70
N MET A 789 54.43 -2.10 40.41
CA MET A 789 53.92 -0.79 40.77
C MET A 789 53.39 -0.88 42.20
N THR A 790 54.13 -0.32 43.15
CA THR A 790 53.76 -0.36 44.56
C THR A 790 53.27 1.01 45.01
N GLU A 791 52.12 1.04 45.66
CA GLU A 791 51.63 2.22 46.34
C GLU A 791 51.43 1.91 47.82
N ALA A 792 52.04 2.71 48.67
CA ALA A 792 51.86 2.63 50.11
C ALA A 792 51.54 4.02 50.63
N GLY A 793 50.88 4.08 51.78
CA GLY A 793 50.55 5.36 52.34
C GLY A 793 49.94 5.23 53.72
N GLY A 794 49.54 6.36 54.26
CA GLY A 794 48.95 6.41 55.59
C GLY A 794 48.57 7.82 55.99
N SER A 795 47.51 7.94 56.77
CA SER A 795 47.04 9.24 57.20
C SER A 795 46.64 9.16 58.67
N ALA A 796 46.70 10.32 59.33
CA ALA A 796 46.32 10.44 60.73
C ALA A 796 45.52 11.72 60.91
N LYS A 797 44.39 11.63 61.59
CA LYS A 797 43.53 12.77 61.86
C LYS A 797 43.26 12.89 63.34
N VAL A 798 43.22 14.13 63.83
CA VAL A 798 42.82 14.41 65.20
C VAL A 798 41.80 15.54 65.14
N ALA A 799 40.58 15.26 65.61
CA ALA A 799 39.49 16.23 65.56
C ALA A 799 38.89 16.37 66.94
N TYR A 800 38.75 17.61 67.40
CA TYR A 800 38.18 17.88 68.72
C TYR A 800 37.51 19.24 68.69
N SER A 801 36.34 19.32 69.32
CA SER A 801 35.59 20.57 69.36
C SER A 801 35.29 21.06 67.96
N ILE A 802 35.88 22.19 67.58
CA ILE A 802 35.71 22.79 66.27
C ILE A 802 37.02 22.82 65.48
N PHE A 803 38.01 22.04 65.88
CA PHE A 803 39.30 21.98 65.22
C PHE A 803 39.55 20.58 64.69
N SER A 804 40.22 20.50 63.54
CA SER A 804 40.61 19.23 62.95
C SER A 804 41.99 19.40 62.34
N LEU A 805 42.84 18.39 62.50
CA LEU A 805 44.20 18.43 61.97
C LEU A 805 44.50 17.08 61.34
N ARG A 806 44.85 17.09 60.06
CA ARG A 806 45.13 15.88 59.32
C ARG A 806 46.55 15.90 58.78
N GLY A 807 47.13 14.72 58.65
CA GLY A 807 48.44 14.56 58.05
C GLY A 807 48.51 13.28 57.24
N THR A 808 48.84 13.40 55.96
CA THR A 808 48.81 12.27 55.04
C THR A 808 50.14 12.12 54.35
N TYR A 809 50.56 10.87 54.17
CA TYR A 809 51.78 10.53 53.43
C TYR A 809 51.42 9.50 52.38
N ASN A 810 51.79 9.78 51.12
CA ASN A 810 51.48 8.91 50.00
C ASN A 810 52.73 8.64 49.20
N THR A 811 52.87 7.42 48.70
CA THR A 811 53.99 7.04 47.86
C THR A 811 53.48 6.27 46.65
N LEU A 812 54.28 6.32 45.59
CA LEU A 812 54.01 5.52 44.40
C LEU A 812 55.36 5.18 43.77
N ASP A 813 55.64 3.88 43.63
CA ASP A 813 56.89 3.40 43.06
C ASP A 813 56.56 2.47 41.91
N SER A 814 56.61 2.99 40.68
CA SER A 814 56.18 2.24 39.50
C SER A 814 57.36 1.99 38.60
N ASN A 815 57.93 0.78 38.67
CA ASN A 815 58.81 0.30 37.61
C ASN A 815 58.04 0.06 36.32
N ARG A 816 56.74 -0.12 36.41
CA ARG A 816 55.90 -0.22 35.22
C ARG A 816 55.94 1.11 34.46
N PRO A 817 56.04 1.07 33.13
CA PRO A 817 56.32 2.29 32.36
C PRO A 817 55.50 3.53 32.75
N GLN A 818 54.18 3.48 32.63
CA GLN A 818 53.37 4.65 32.94
C GLN A 818 53.62 5.79 31.95
N ILE A 819 52.55 6.37 31.41
CA ILE A 819 52.63 7.50 30.48
C ILE A 819 52.29 8.76 31.24
N TYR A 820 53.15 9.78 31.14
CA TYR A 820 52.90 11.01 31.87
C TYR A 820 53.81 12.11 31.35
N ARG A 821 53.48 13.35 31.69
CA ARG A 821 54.29 14.48 31.31
C ARG A 821 55.44 14.68 32.28
N ASP A 822 56.57 15.15 31.76
CA ASP A 822 57.72 15.45 32.59
C ASP A 822 57.68 16.91 33.02
N ALA A 823 58.77 17.40 33.61
CA ALA A 823 58.81 18.79 34.05
C ALA A 823 58.66 19.74 32.87
N ALA A 824 59.34 19.46 31.77
CA ALA A 824 59.27 20.34 30.60
C ALA A 824 57.85 20.40 30.05
N GLY A 825 57.16 19.27 30.00
CA GLY A 825 55.79 19.25 29.54
C GLY A 825 55.55 18.37 28.33
N THR A 826 56.44 17.42 28.09
CA THR A 826 56.32 16.49 26.98
C THR A 826 55.98 15.10 27.50
N GLN A 827 54.96 14.48 26.91
CA GLN A 827 54.57 13.14 27.33
C GLN A 827 55.72 12.17 27.12
N ILE A 828 55.94 11.29 28.11
CA ILE A 828 56.97 10.28 28.06
C ILE A 828 56.44 9.01 28.71
N ILE A 829 57.16 7.92 28.49
CA ILE A 829 56.86 6.62 29.08
C ILE A 829 58.10 6.20 29.86
N GLY A 830 57.94 5.96 31.15
CA GLY A 830 59.06 5.54 31.96
C GLY A 830 58.66 5.50 33.42
N ASP A 831 59.39 4.68 34.17
CA ASP A 831 59.08 4.45 35.58
C ASP A 831 58.94 5.75 36.34
N ALA A 832 58.23 5.73 37.47
CA ALA A 832 57.95 6.94 38.22
C ALA A 832 58.07 6.69 39.71
N LYS A 833 58.49 7.72 40.44
CA LYS A 833 58.48 7.69 41.90
C LYS A 833 57.85 9.00 42.37
N VAL A 834 56.77 8.89 43.13
CA VAL A 834 56.04 10.03 43.65
C VAL A 834 55.99 9.93 45.16
N ARG A 835 56.32 11.01 45.84
CA ARG A 835 56.24 11.09 47.30
C ARG A 835 55.50 12.38 47.65
N ARG A 836 54.36 12.25 48.30
CA ARG A 836 53.57 13.40 48.72
C ARG A 836 53.32 13.34 50.21
N TYR A 837 53.26 14.50 50.84
CA TYR A 837 52.85 14.59 52.23
C TYR A 837 52.17 15.92 52.47
N ALA A 838 50.97 15.86 53.04
CA ALA A 838 50.14 17.05 53.21
C ALA A 838 49.66 17.13 54.65
N VAL A 839 49.86 18.30 55.27
CA VAL A 839 49.34 18.59 56.60
C VAL A 839 48.38 19.75 56.45
N GLN A 840 47.09 19.51 56.70
CA GLN A 840 46.05 20.50 56.52
C GLN A 840 45.19 20.57 57.77
N ALA A 841 45.03 21.79 58.30
CA ALA A 841 44.26 22.04 59.51
C ALA A 841 43.03 22.88 59.17
N ASP A 842 41.91 22.54 59.80
CA ASP A 842 40.64 23.20 59.54
C ASP A 842 39.96 23.57 60.85
N VAL A 843 39.24 24.68 60.82
CA VAL A 843 38.49 25.18 61.98
C VAL A 843 37.11 25.58 61.51
N THR A 844 36.08 25.11 62.22
CA THR A 844 34.69 25.41 61.89
C THR A 844 34.00 26.08 63.08
N PRO A 845 33.92 27.41 63.12
CA PRO A 845 33.30 28.07 64.28
C PRO A 845 31.86 27.67 64.50
N GLY A 846 31.16 27.20 63.47
CA GLY A 846 29.81 26.70 63.60
C GLY A 846 28.73 27.65 63.11
N LEU A 847 29.08 28.89 62.78
CA LEU A 847 28.11 29.87 62.30
C LEU A 847 27.91 29.80 60.79
N GLY A 848 28.19 28.65 60.18
CA GLY A 848 28.19 28.50 58.75
C GLY A 848 29.52 28.83 58.10
N LEU A 849 30.44 29.42 58.83
CA LEU A 849 31.76 29.77 58.33
C LEU A 849 32.68 28.56 58.36
N PHE A 850 33.84 28.72 57.72
CA PHE A 850 34.87 27.69 57.78
C PHE A 850 36.19 28.33 57.37
N VAL A 851 37.27 27.85 57.97
CA VAL A 851 38.62 28.27 57.62
C VAL A 851 39.46 27.04 57.36
N GLY A 852 40.44 27.17 56.47
CA GLY A 852 41.30 26.06 56.15
C GLY A 852 42.69 26.46 55.74
N ALA A 853 43.70 25.91 56.41
CA ALA A 853 45.09 26.10 56.05
C ALA A 853 45.71 24.76 55.70
N TYR A 854 46.57 24.78 54.67
CA TYR A 854 47.15 23.53 54.20
C TYR A 854 48.57 23.79 53.71
N TYR A 855 49.38 22.73 53.76
CA TYR A 855 50.72 22.71 53.18
C TYR A 855 50.92 21.34 52.54
N ARG A 856 50.90 21.28 51.22
CA ARG A 856 51.06 20.02 50.49
C ARG A 856 52.35 20.07 49.71
N ASP A 857 53.13 18.99 49.77
CA ASP A 857 54.45 18.93 49.17
C ASP A 857 54.58 17.67 48.32
N VAL A 858 54.64 17.84 47.01
CA VAL A 858 54.82 16.72 46.10
C VAL A 858 56.30 16.61 45.74
N ASN A 859 56.71 15.41 45.32
CA ASN A 859 58.10 15.14 45.00
C ASN A 859 58.14 14.03 43.96
N VAL A 860 58.29 14.40 42.69
CA VAL A 860 58.23 13.46 41.59
C VAL A 860 59.64 13.15 41.11
N ASN A 861 60.00 11.87 41.11
CA ASN A 861 61.30 11.40 40.61
C ASN A 861 62.46 12.04 41.35
N GLY A 862 62.23 12.44 42.60
CA GLY A 862 63.25 13.05 43.43
C GLY A 862 63.27 14.56 43.41
N VAL A 863 62.67 15.17 42.39
CA VAL A 863 62.62 16.64 42.30
C VAL A 863 61.30 17.13 42.89
N ARG A 864 61.27 18.40 43.28
CA ARG A 864 60.14 18.89 44.06
C ARG A 864 58.84 18.94 43.28
N SER A 865 58.88 18.98 41.94
CA SER A 865 57.69 18.68 41.17
C SER A 865 56.51 19.59 41.50
N THR A 866 56.58 20.87 41.11
CA THR A 866 55.51 21.82 41.38
C THR A 866 54.13 21.19 41.33
N THR A 867 53.86 20.37 40.31
CA THR A 867 52.59 19.66 40.24
C THR A 867 52.86 18.20 39.90
N ASP A 868 52.21 17.31 40.64
CA ASP A 868 52.22 15.91 40.26
C ASP A 868 51.48 15.70 38.96
N ARG A 869 51.94 14.74 38.16
CA ARG A 869 51.46 14.55 36.80
C ARG A 869 50.34 13.51 36.72
N GLY A 870 49.54 13.40 37.77
CA GLY A 870 48.48 12.42 37.81
C GLY A 870 48.93 11.03 38.17
N LEU A 871 50.19 10.85 38.55
CA LEU A 871 50.71 9.52 38.85
C LEU A 871 50.06 8.93 40.11
N LEU A 872 49.82 9.77 41.12
CA LEU A 872 49.26 9.26 42.36
C LEU A 872 47.89 8.63 42.17
N GLY A 873 47.21 8.92 41.06
CA GLY A 873 45.93 8.33 40.76
C GLY A 873 45.99 6.99 40.08
N ARG A 874 47.19 6.43 39.86
CA ARG A 874 47.29 5.11 39.23
C ARG A 874 46.86 3.99 40.15
N GLY A 875 46.81 4.21 41.46
CA GLY A 875 46.39 3.19 42.39
C GLY A 875 44.94 3.35 42.80
N TYR A 876 44.29 2.24 43.17
CA TYR A 876 42.88 2.28 43.53
C TYR A 876 42.65 2.43 45.03
N LEU A 877 43.71 2.41 45.84
CA LEU A 877 43.61 2.66 47.28
C LEU A 877 44.35 3.95 47.58
N ALA A 878 43.59 5.03 47.77
CA ALA A 878 44.13 6.33 48.13
C ALA A 878 43.79 6.71 49.57
N SER A 879 42.50 6.73 49.90
CA SER A 879 42.04 6.67 51.28
C SER A 879 42.63 7.81 52.12
N SER A 880 42.18 9.02 51.82
CA SER A 880 42.42 10.16 52.69
C SER A 880 41.28 10.27 53.71
N PHE A 881 41.50 11.11 54.72
CA PHE A 881 40.51 11.38 55.75
C PHE A 881 39.75 12.66 55.42
N GLU A 882 38.73 12.94 56.23
CA GLU A 882 37.89 14.10 55.99
C GLU A 882 37.78 14.96 57.23
N PRO A 883 37.70 16.28 57.08
CA PRO A 883 37.63 17.15 58.24
C PRO A 883 36.31 17.01 58.99
N GLY A 884 36.35 17.36 60.26
CA GLY A 884 35.17 17.35 61.09
C GLY A 884 35.27 16.33 62.20
N VAL A 885 34.60 16.63 63.32
CA VAL A 885 34.55 15.72 64.45
C VAL A 885 33.53 14.62 64.18
N GLY A 886 33.86 13.39 64.58
CA GLY A 886 32.98 12.28 64.34
C GLY A 886 32.80 11.96 62.86
N ASN A 887 33.85 12.10 62.07
CA ASN A 887 33.84 11.82 60.64
C ASN A 887 35.04 10.95 60.28
N ASN A 888 35.26 9.91 61.07
CA ASN A 888 36.44 9.05 60.91
C ASN A 888 36.14 7.95 59.88
N ALA A 889 35.94 8.40 58.65
CA ALA A 889 35.76 7.51 57.51
C ALA A 889 37.00 7.57 56.63
N TYR A 890 37.52 6.39 56.28
CA TYR A 890 38.74 6.30 55.47
C TYR A 890 38.33 6.03 54.03
N ARG A 891 37.94 7.12 53.35
CA ARG A 891 37.37 7.02 52.01
C ARG A 891 38.46 7.04 50.95
N THR A 892 38.32 6.16 49.95
CA THR A 892 39.31 6.06 48.90
C THR A 892 39.36 7.35 48.08
N GLY A 893 40.58 7.71 47.68
CA GLY A 893 40.78 8.91 46.89
C GLY A 893 41.44 10.03 47.67
N LEU A 894 42.59 10.49 47.19
CA LEU A 894 43.26 11.63 47.80
C LEU A 894 42.48 12.89 47.43
N ARG A 895 41.88 13.54 48.43
CA ARG A 895 41.08 14.73 48.14
C ARG A 895 42.00 15.90 47.84
N CYS A 896 42.58 15.91 46.65
CA CYS A 896 43.51 16.96 46.23
C CYS A 896 42.80 18.26 45.87
N ALA A 897 41.49 18.23 45.64
CA ALA A 897 40.71 19.42 45.34
C ALA A 897 40.23 20.13 46.60
N ASP A 898 40.84 19.87 47.74
CA ASP A 898 40.41 20.43 49.00
C ASP A 898 41.10 21.77 49.26
N ASN A 899 40.30 22.79 49.56
CA ASN A 899 40.82 24.09 49.98
C ASN A 899 41.72 24.72 48.92
N ASN A 900 41.52 24.36 47.65
CA ASN A 900 42.31 24.93 46.58
C ASN A 900 41.40 25.52 45.51
N PHE A 901 42.02 26.14 44.52
CA PHE A 901 41.35 26.99 43.55
C PHE A 901 40.75 26.17 42.41
N GLY A 902 40.14 26.87 41.46
CA GLY A 902 39.66 26.26 40.23
C GLY A 902 40.46 26.80 39.05
N THR A 903 40.58 26.00 38.00
CA THR A 903 41.35 26.37 36.82
C THR A 903 40.51 26.27 35.56
N GLY A 904 39.22 26.58 35.65
CA GLY A 904 38.34 26.50 34.49
C GLY A 904 38.54 27.69 33.56
N THR A 905 38.43 27.41 32.26
CA THR A 905 38.56 28.44 31.24
C THR A 905 37.48 28.29 30.16
N ARG A 906 36.40 27.58 30.46
CA ARG A 906 35.31 27.36 29.52
C ARG A 906 33.99 27.64 30.20
N ASP A 907 32.98 28.01 29.43
CA ASP A 907 31.70 28.42 29.98
C ASP A 907 30.61 28.31 28.93
N ILE A 908 29.40 27.96 29.37
CA ILE A 908 28.27 27.82 28.45
C ILE A 908 27.82 29.18 27.95
N ASP A 909 27.69 30.15 28.87
CA ASP A 909 27.27 31.49 28.49
C ASP A 909 28.48 32.31 28.03
N GLY A 910 28.21 33.49 27.47
CA GLY A 910 29.30 34.33 26.99
C GLY A 910 30.24 34.75 28.09
N VAL A 911 29.70 35.13 29.24
CA VAL A 911 30.51 35.53 30.38
C VAL A 911 30.96 34.28 31.12
N GLY A 912 32.00 34.40 31.93
CA GLY A 912 32.65 33.22 32.49
C GLY A 912 31.85 32.48 33.55
N GLY A 913 30.65 32.04 33.18
CA GLY A 913 29.83 31.23 34.06
C GLY A 913 29.11 31.99 35.14
N VAL A 914 29.39 33.29 35.31
CA VAL A 914 28.76 34.09 36.34
C VAL A 914 27.30 34.37 36.04
N LEU A 915 26.81 33.99 34.86
CA LEU A 915 25.44 34.23 34.46
C LEU A 915 24.70 32.92 34.18
N ASN A 916 25.25 31.80 34.65
CA ASN A 916 24.65 30.49 34.48
C ASN A 916 24.08 30.03 35.81
N PRO A 917 22.76 29.87 35.95
CA PRO A 917 22.18 29.43 37.21
C PRO A 917 22.44 27.96 37.54
N ALA A 918 23.05 27.20 36.64
CA ALA A 918 23.36 25.80 36.88
C ALA A 918 24.82 25.57 37.27
N VAL A 919 25.60 26.64 37.43
CA VAL A 919 27.02 26.55 37.75
C VAL A 919 27.25 27.30 39.05
N ASN A 920 27.86 26.63 40.03
CA ASN A 920 28.25 27.25 41.29
C ASN A 920 29.75 27.49 41.22
N LEU A 921 30.13 28.74 40.95
CA LEU A 921 31.54 29.07 40.76
C LEU A 921 32.33 28.98 42.05
N ASP A 922 31.67 29.11 43.20
CA ASP A 922 32.36 29.00 44.49
C ASP A 922 32.68 27.57 44.87
N GLN A 923 32.17 26.59 44.11
CA GLN A 923 32.44 25.18 44.35
C GLN A 923 33.24 24.56 43.21
N SER A 924 34.07 25.36 42.54
CA SER A 924 34.88 24.90 41.43
C SER A 924 36.30 24.65 41.92
N ARG A 925 36.75 23.40 41.79
CA ARG A 925 38.08 23.00 42.21
C ARG A 925 38.88 22.56 41.00
N THR A 926 40.20 22.41 41.19
CA THR A 926 41.08 22.03 40.11
C THR A 926 41.35 20.53 40.04
N ALA A 927 41.25 19.82 41.17
CA ALA A 927 41.43 18.37 41.19
C ALA A 927 42.86 17.96 40.81
N THR A 928 43.81 18.87 40.98
CA THR A 928 45.21 18.61 40.72
C THR A 928 45.98 18.83 42.01
N CYS A 929 46.86 17.90 42.34
CA CYS A 929 47.64 17.98 43.58
C CYS A 929 48.92 18.78 43.29
N PHE A 930 49.06 19.90 43.99
CA PHE A 930 50.16 20.84 43.79
C PHE A 930 51.13 20.78 44.96
N THR A 931 52.34 21.29 44.72
CA THR A 931 53.30 21.56 45.79
C THR A 931 53.10 23.01 46.19
N SER A 932 52.24 23.25 47.17
CA SER A 932 51.86 24.59 47.53
C SER A 932 51.49 24.65 49.01
N TYR A 933 51.09 25.83 49.45
CA TYR A 933 50.57 26.02 50.80
C TYR A 933 49.75 27.30 50.83
N GLY A 934 48.70 27.30 51.63
CA GLY A 934 47.86 28.47 51.66
C GLY A 934 46.72 28.34 52.66
N VAL A 935 45.81 29.30 52.58
CA VAL A 935 44.66 29.40 53.47
C VAL A 935 43.43 29.75 52.64
N GLU A 936 42.26 29.46 53.19
CA GLU A 936 41.01 29.73 52.49
C GLU A 936 39.87 29.81 53.51
N ALA A 937 39.26 30.97 53.63
CA ALA A 937 38.06 31.13 54.42
C ALA A 937 36.84 30.86 53.53
N GLY A 938 35.64 31.04 54.07
CA GLY A 938 34.46 30.80 53.28
C GLY A 938 33.20 30.91 54.12
N HIS A 939 32.08 30.52 53.51
CA HIS A 939 30.78 30.57 54.15
C HIS A 939 29.80 29.79 53.30
N ALA A 940 28.97 28.97 53.95
CA ALA A 940 27.99 28.15 53.28
C ALA A 940 26.59 28.54 53.75
N GLY A 941 25.70 28.77 52.79
CA GLY A 941 24.34 29.17 53.10
C GLY A 941 23.36 28.04 53.32
N ASP A 942 23.69 26.83 52.87
CA ASP A 942 22.82 25.69 53.13
C ASP A 942 22.92 25.22 54.58
N ASN A 943 24.07 25.43 55.21
CA ASN A 943 24.22 25.08 56.61
C ASN A 943 23.37 26.00 57.48
N ALA A 944 22.61 25.42 58.39
CA ALA A 944 21.73 26.21 59.24
C ALA A 944 22.56 27.06 60.22
N ASN A 945 21.90 28.06 60.80
CA ASN A 945 22.55 28.98 61.73
C ASN A 945 23.72 29.70 61.06
N ALA A 946 23.53 30.10 59.81
CA ALA A 946 24.54 30.83 59.05
C ALA A 946 24.20 32.32 59.04
N LEU A 947 25.24 33.15 58.96
CA LEU A 947 25.06 34.60 58.95
C LEU A 947 23.99 35.00 57.93
N VAL A 948 24.22 34.69 56.67
CA VAL A 948 23.29 34.97 55.59
C VAL A 948 22.73 33.64 55.08
N LYS A 949 21.43 33.60 54.81
CA LYS A 949 20.77 32.35 54.50
C LYS A 949 21.34 31.70 53.25
N ASP A 950 21.11 32.30 52.09
CA ASP A 950 21.64 31.76 50.83
C ASP A 950 22.83 32.59 50.38
N LEU A 951 23.96 32.41 51.04
CA LEU A 951 25.18 33.14 50.70
C LEU A 951 26.37 32.19 50.75
N PHE A 952 27.16 32.18 49.68
CA PHE A 952 28.37 31.37 49.60
C PHE A 952 29.49 32.24 49.05
N PHE A 953 30.62 32.27 49.76
CA PHE A 953 31.82 32.90 49.23
C PHE A 953 33.03 32.04 49.62
N ARG A 954 34.09 32.16 48.82
CA ARG A 954 35.23 31.26 48.92
C ARG A 954 36.54 32.02 48.78
N VAL A 955 36.67 33.15 49.46
CA VAL A 955 37.93 33.89 49.41
C VAL A 955 39.07 32.98 49.86
N GLY A 956 40.21 33.08 49.17
CA GLY A 956 41.34 32.24 49.49
C GLY A 956 42.62 32.74 48.88
N TYR A 957 43.74 32.36 49.51
CA TYR A 957 45.07 32.72 49.07
C TYR A 957 45.96 31.49 49.13
N SER A 958 46.91 31.41 48.20
CA SER A 958 47.77 30.23 48.10
C SER A 958 49.08 30.61 47.44
N ARG A 959 50.12 29.83 47.71
CA ARG A 959 51.43 30.01 47.09
C ARG A 959 51.90 28.67 46.57
N VAL A 960 52.33 28.65 45.32
CA VAL A 960 52.65 27.41 44.60
C VAL A 960 54.15 27.37 44.32
N TYR A 961 54.74 26.19 44.52
CA TYR A 961 56.15 26.00 44.22
C TYR A 961 56.37 25.89 42.72
N VAL A 962 57.47 26.48 42.25
CA VAL A 962 57.86 26.37 40.85
C VAL A 962 59.37 26.20 40.77
N PRO A 963 59.88 25.25 39.99
CA PRO A 963 61.33 25.07 39.89
C PRO A 963 62.01 26.32 39.36
N THR A 964 63.35 26.28 39.36
CA THR A 964 64.09 27.47 38.99
C THR A 964 63.78 27.89 37.55
N THR A 965 64.21 27.11 36.56
CA THR A 965 63.85 27.47 35.19
C THR A 965 62.77 26.58 34.59
N ALA A 966 63.10 25.32 34.31
CA ALA A 966 62.13 24.37 33.81
C ALA A 966 62.23 23.03 34.51
N THR A 967 63.46 22.61 34.80
CA THR A 967 63.74 21.28 35.34
C THR A 967 64.79 21.32 36.44
N ALA A 968 65.16 22.49 36.92
CA ALA A 968 66.17 22.60 37.95
C ALA A 968 65.67 21.97 39.24
N THR A 969 66.60 21.35 39.98
CA THR A 969 66.26 20.83 41.30
C THR A 969 65.84 21.95 42.24
N THR A 970 66.56 23.07 42.20
CA THR A 970 66.25 24.19 43.08
C THR A 970 64.99 24.91 42.63
N GLY A 971 64.35 25.59 43.58
CA GLY A 971 63.13 26.31 43.28
C GLY A 971 62.67 27.08 44.49
N ASP A 972 61.49 27.68 44.36
CA ASP A 972 60.92 28.47 45.44
C ASP A 972 59.42 28.53 45.27
N PHE A 973 58.72 28.87 46.36
CA PHE A 973 57.27 29.04 46.35
C PHE A 973 56.91 30.43 45.82
N SER A 974 57.40 30.71 44.61
CA SER A 974 57.22 32.03 44.01
C SER A 974 55.83 32.26 43.46
N GLY A 975 55.14 31.23 43.00
CA GLY A 975 53.79 31.40 42.49
C GLY A 975 52.85 31.88 43.57
N SER A 976 51.81 32.61 43.15
CA SER A 976 50.85 33.17 44.08
C SER A 976 49.48 33.22 43.42
N VAL A 977 48.46 32.75 44.13
CA VAL A 977 47.09 32.73 43.65
C VAL A 977 46.21 33.35 44.71
N THR A 978 45.41 34.36 44.31
CA THR A 978 44.43 34.98 45.19
C THR A 978 43.08 34.90 44.48
N TYR A 979 42.14 34.15 45.04
CA TYR A 979 40.87 33.92 44.39
C TYR A 979 39.72 34.24 45.34
N GLY A 980 38.56 34.51 44.73
CA GLY A 980 37.37 34.81 45.49
C GLY A 980 36.11 34.56 44.68
N ASP A 981 35.07 34.05 45.33
CA ASP A 981 33.80 33.77 44.68
C ASP A 981 32.66 34.17 45.60
N ALA A 982 31.51 34.47 45.01
CA ALA A 982 30.33 34.81 45.79
C ALA A 982 29.08 34.46 45.02
N ARG A 983 28.03 34.08 45.76
CA ARG A 983 26.76 33.68 45.16
C ARG A 983 25.65 33.92 46.17
N TYR A 984 24.63 34.67 45.77
CA TYR A 984 23.57 35.08 46.68
C TYR A 984 22.26 35.16 45.91
N ASP A 985 21.32 34.26 46.21
CA ASP A 985 20.07 34.23 45.46
C ASP A 985 19.08 35.28 45.94
N ARG A 986 18.59 35.13 47.18
CA ARG A 986 17.65 36.10 47.74
C ARG A 986 16.37 36.21 46.91
N LYS A 987 15.33 36.78 47.51
CA LYS A 987 14.09 37.11 46.81
C LYS A 987 13.50 38.34 47.50
N VAL A 988 13.78 39.53 46.97
CA VAL A 988 13.49 40.77 47.69
C VAL A 988 11.99 40.92 47.91
N GLY A 989 11.24 41.08 46.83
CA GLY A 989 9.80 41.19 46.91
C GLY A 989 9.10 40.12 46.09
N VAL A 990 8.43 40.55 45.03
CA VAL A 990 7.93 39.61 44.02
C VAL A 990 9.03 39.21 43.05
N ALA A 991 10.10 40.00 42.95
CA ALA A 991 11.23 39.67 42.10
C ALA A 991 12.09 38.59 42.74
N ASN A 992 12.91 37.95 41.91
CA ASN A 992 13.81 36.88 42.34
C ASN A 992 15.20 37.23 41.84
N VAL A 993 15.99 37.87 42.70
CA VAL A 993 17.33 38.29 42.32
C VAL A 993 18.28 37.10 42.38
N ARG A 994 19.46 37.28 41.78
CA ARG A 994 20.51 36.26 41.85
C ARG A 994 21.82 36.92 41.47
N LEU A 995 22.76 36.99 42.40
CA LEU A 995 24.07 37.58 42.18
C LEU A 995 25.15 36.51 42.21
N ALA A 996 26.10 36.60 41.27
CA ALA A 996 27.26 35.73 41.27
C ALA A 996 28.48 36.54 40.92
N GLY A 997 29.63 36.13 41.43
CA GLY A 997 30.86 36.85 41.20
C GLY A 997 32.07 35.96 41.40
N SER A 998 33.13 36.29 40.68
CA SER A 998 34.35 35.50 40.71
C SER A 998 35.55 36.40 40.43
N PHE A 999 36.69 36.02 40.99
CA PHE A 999 37.92 36.80 40.87
C PHE A 999 39.10 35.83 40.92
N SER A 1000 40.24 36.28 40.38
CA SER A 1000 41.45 35.46 40.38
C SER A 1000 42.62 36.33 39.97
N THR A 1001 43.73 36.18 40.67
CA THR A 1001 44.96 36.95 40.43
C THR A 1001 46.15 36.02 40.35
N THR A 1002 46.03 34.96 39.57
CA THR A 1002 47.11 33.99 39.43
C THR A 1002 48.37 34.64 38.87
N ASN A 1003 49.51 34.08 39.25
CA ASN A 1003 50.81 34.55 38.78
C ASN A 1003 51.46 33.62 37.77
N THR A 1004 51.08 32.35 37.75
CA THR A 1004 51.65 31.36 36.85
C THR A 1004 50.53 30.59 36.16
N GLN A 1005 50.91 29.84 35.13
CA GLN A 1005 49.96 29.03 34.38
C GLN A 1005 49.79 27.69 35.10
N LEU A 1006 48.63 27.49 35.74
CA LEU A 1006 48.50 26.38 36.68
C LEU A 1006 48.19 25.06 35.97
N ASP A 1007 47.03 24.94 35.35
CA ASP A 1007 46.70 23.76 34.56
C ASP A 1007 46.49 24.11 33.10
N SER A 1008 45.54 24.97 32.80
CA SER A 1008 45.37 25.58 31.48
C SER A 1008 45.07 27.07 31.59
N ARG A 1009 44.74 27.57 32.76
CA ARG A 1009 44.49 28.98 32.94
C ARG A 1009 45.79 29.77 32.78
N PRO A 1010 45.83 30.78 31.93
CA PRO A 1010 47.05 31.59 31.82
C PRO A 1010 47.31 32.38 33.10
N ALA A 1011 48.41 33.13 33.13
CA ALA A 1011 48.81 33.90 34.30
C ALA A 1011 48.30 35.32 34.12
N GLY A 1012 47.31 35.71 34.90
CA GLY A 1012 46.79 37.06 34.83
C GLY A 1012 45.54 37.20 35.67
N THR A 1013 45.08 38.44 35.79
CA THR A 1013 43.88 38.74 36.55
C THR A 1013 42.65 38.31 35.76
N ARG A 1014 41.61 37.89 36.49
CA ARG A 1014 40.41 37.33 35.86
C ARG A 1014 39.24 37.62 36.78
N GLY A 1015 38.29 38.43 36.32
CA GLY A 1015 37.13 38.76 37.12
C GLY A 1015 35.82 38.58 36.36
N ALA A 1016 34.71 38.46 37.09
CA ALA A 1016 33.42 38.27 36.43
C ALA A 1016 32.32 38.54 37.44
N VAL A 1017 31.22 39.12 36.97
CA VAL A 1017 30.07 39.42 37.82
C VAL A 1017 28.80 39.25 37.00
N GLY A 1018 27.73 38.81 37.66
CA GLY A 1018 26.48 38.55 36.98
C GLY A 1018 25.25 38.69 37.86
N LEU A 1019 24.19 39.28 37.31
CA LEU A 1019 22.94 39.53 38.02
C LEU A 1019 21.77 39.08 37.17
N ILE A 1020 20.83 38.36 37.79
CA ILE A 1020 19.64 37.84 37.12
C ILE A 1020 18.43 38.19 37.96
N VAL A 1021 17.46 38.86 37.35
CA VAL A 1021 16.22 39.26 38.03
C VAL A 1021 15.04 38.69 37.26
N ARG A 1022 14.06 38.15 37.98
CA ARG A 1022 12.88 37.55 37.37
C ARG A 1022 11.67 37.88 38.24
N THR A 1023 10.96 38.94 37.89
CA THR A 1023 9.76 39.35 38.62
C THR A 1023 8.57 38.49 38.24
N ASP A 1024 7.78 38.11 39.24
CA ASP A 1024 6.53 37.42 38.99
C ASP A 1024 5.44 38.42 38.60
N PRO A 1025 4.37 37.94 37.98
CA PRO A 1025 3.35 38.87 37.48
C PRO A 1025 2.85 39.80 38.58
N LEU A 1026 2.74 41.08 38.24
CA LEU A 1026 2.23 42.08 39.16
C LEU A 1026 0.71 42.18 39.00
N GLU A 1027 -0.01 41.93 40.09
CA GLU A 1027 -1.48 41.95 40.07
C GLU A 1027 -2.04 43.27 40.59
N ASN A 1028 -1.19 44.25 40.85
CA ASN A 1028 -1.62 45.58 41.27
C ASN A 1028 -1.57 46.58 40.12
N VAL A 1029 -0.45 46.66 39.43
CA VAL A 1029 -0.34 47.55 38.27
C VAL A 1029 -1.13 46.98 37.11
N PRO A 1030 -1.73 47.80 36.25
CA PRO A 1030 -2.51 47.27 35.12
C PRO A 1030 -1.62 46.52 34.14
N PHE A 1031 -2.28 45.65 33.36
CA PHE A 1031 -1.66 44.78 32.35
C PHE A 1031 -0.97 43.57 32.97
N ARG A 1032 -0.87 43.49 34.29
CA ARG A 1032 -0.20 42.38 34.97
C ARG A 1032 1.20 42.15 34.38
N PRO A 1033 2.05 43.17 34.37
CA PRO A 1033 3.37 43.02 33.76
C PRO A 1033 4.24 42.04 34.54
N GLN A 1034 5.16 41.41 33.81
CA GLN A 1034 6.06 40.40 34.36
C GLN A 1034 7.43 40.62 33.73
N PHE A 1035 8.34 41.20 34.50
CA PHE A 1035 9.63 41.63 33.98
C PHE A 1035 10.69 40.56 34.11
N ASN A 1036 11.79 40.76 33.39
CA ASN A 1036 12.97 39.91 33.47
C ASN A 1036 14.19 40.82 33.49
N GLY A 1037 15.37 40.22 33.37
CA GLY A 1037 16.59 40.98 33.38
C GLY A 1037 17.81 40.09 33.46
N GLN A 1038 18.94 40.59 32.97
CA GLN A 1038 20.17 39.82 32.97
C GLN A 1038 21.34 40.72 32.63
N VAL A 1039 22.39 40.69 33.46
CA VAL A 1039 23.59 41.46 33.18
C VAL A 1039 24.79 40.61 33.56
N GLY A 1040 25.83 40.68 32.74
CA GLY A 1040 27.04 39.94 33.03
C GLY A 1040 28.26 40.60 32.43
N TYR A 1041 29.28 40.81 33.24
CA TYR A 1041 30.55 41.37 32.79
C TYR A 1041 31.67 40.38 33.09
N TYR A 1042 32.59 40.24 32.15
CA TYR A 1042 33.72 39.34 32.29
C TYR A 1042 34.98 40.03 31.80
N THR A 1043 36.05 39.93 32.59
CA THR A 1043 37.34 40.51 32.24
C THR A 1043 38.44 39.49 32.50
N ALA A 1044 39.49 39.56 31.69
CA ALA A 1044 40.62 38.64 31.83
C ALA A 1044 41.83 39.24 31.16
N ASP A 1045 42.94 39.32 31.88
CA ASP A 1045 44.21 39.80 31.35
C ASP A 1045 45.13 38.59 31.19
N ASN A 1046 45.04 37.94 30.03
CA ASN A 1046 45.82 36.72 29.79
C ASN A 1046 47.23 37.12 29.39
N ARG A 1047 48.17 36.84 30.29
CA ARG A 1047 49.59 37.08 30.05
C ARG A 1047 50.26 35.77 29.62
N VAL A 1048 50.08 35.45 28.34
CA VAL A 1048 50.62 34.23 27.78
C VAL A 1048 51.96 34.53 27.15
N ALA A 1049 52.78 33.50 26.93
CA ALA A 1049 54.11 33.68 26.40
C ALA A 1049 54.12 34.34 25.01
N ALA A 1050 52.95 34.54 24.41
CA ALA A 1050 52.85 35.14 23.09
C ALA A 1050 52.10 36.48 23.09
N GLY A 1051 51.67 36.96 24.26
CA GLY A 1051 50.96 38.22 24.31
C GLY A 1051 50.51 38.52 25.73
N ASN A 1052 49.93 39.70 25.89
CA ASN A 1052 49.38 40.18 27.16
C ASN A 1052 47.96 40.69 26.94
N TYR A 1053 47.14 39.86 26.31
CA TYR A 1053 45.90 40.34 25.74
C TYR A 1053 44.76 40.32 26.73
N ASN A 1054 43.83 41.27 26.56
CA ASN A 1054 42.64 41.37 27.39
C ASN A 1054 41.45 40.78 26.65
N ALA A 1055 40.72 39.89 27.32
CA ALA A 1055 39.55 39.21 26.75
C ALA A 1055 38.37 39.45 27.68
N ASN A 1056 37.49 40.37 27.30
CA ASN A 1056 36.34 40.71 28.11
C ASN A 1056 35.05 40.48 27.32
N ALA A 1057 33.95 40.36 28.05
CA ALA A 1057 32.64 40.13 27.46
C ALA A 1057 31.59 40.84 28.29
N THR A 1058 30.49 41.21 27.64
CA THR A 1058 29.38 41.87 28.31
C THR A 1058 28.08 41.37 27.69
N LYS A 1059 27.26 40.70 28.51
CA LYS A 1059 25.97 40.20 28.07
C LYS A 1059 24.86 40.90 28.84
N TYR A 1060 23.79 41.23 28.14
CA TYR A 1060 22.64 41.86 28.76
C TYR A 1060 21.36 41.38 28.08
N GLY A 1061 20.26 41.46 28.82
CA GLY A 1061 18.96 41.09 28.29
C GLY A 1061 17.82 41.49 29.20
N ALA A 1062 16.81 42.14 28.63
CA ALA A 1062 15.64 42.57 29.37
C ALA A 1062 14.40 42.19 28.58
N GLY A 1063 13.28 42.05 29.28
CA GLY A 1063 12.04 41.67 28.65
C GLY A 1063 10.85 41.78 29.57
N VAL A 1064 9.73 42.29 29.05
CA VAL A 1064 8.52 42.49 29.82
C VAL A 1064 7.38 41.76 29.11
N VAL A 1065 6.55 41.05 29.87
CA VAL A 1065 5.39 40.34 29.34
C VAL A 1065 4.15 40.96 29.95
N LEU A 1066 3.22 41.39 29.10
CA LEU A 1066 1.93 41.90 29.54
C LEU A 1066 0.92 40.77 29.43
N ASN A 1067 0.45 40.27 30.57
CA ASN A 1067 -0.45 39.13 30.59
C ASN A 1067 -1.90 39.50 30.33
N ASP A 1068 -2.24 40.79 30.44
CA ASP A 1068 -3.60 41.28 30.19
C ASP A 1068 -3.46 42.49 29.28
N PHE A 1069 -3.76 42.33 28.00
CA PHE A 1069 -3.57 43.37 26.99
C PHE A 1069 -4.88 43.62 26.26
N LEU A 1070 -5.59 44.68 26.64
CA LEU A 1070 -6.79 45.11 25.95
C LEU A 1070 -7.83 44.01 25.88
N LEU A 1071 -7.91 43.31 24.75
CA LEU A 1071 -8.93 42.29 24.57
C LEU A 1071 -8.66 41.09 25.45
N PRO A 1072 -9.69 40.33 25.81
CA PRO A 1072 -9.49 39.17 26.70
C PRO A 1072 -8.61 38.11 26.06
N GLN A 1073 -7.81 37.45 26.90
CA GLN A 1073 -6.90 36.39 26.46
C GLN A 1073 -5.96 36.90 25.38
N THR A 1074 -5.47 38.12 25.55
CA THR A 1074 -4.52 38.73 24.63
C THR A 1074 -3.24 39.04 25.38
N LYS A 1075 -2.10 38.60 24.83
CA LYS A 1075 -0.82 38.75 25.49
C LYS A 1075 0.18 39.38 24.52
N ILE A 1076 1.10 40.16 25.08
CA ILE A 1076 2.19 40.76 24.33
C ILE A 1076 3.48 40.55 25.12
N GLY A 1077 4.59 40.47 24.39
CA GLY A 1077 5.88 40.27 25.01
C GLY A 1077 7.03 40.70 24.13
N VAL A 1078 8.03 41.33 24.72
CA VAL A 1078 9.21 41.81 23.99
C VAL A 1078 10.44 41.52 24.81
N ARG A 1079 11.51 41.08 24.14
CA ARG A 1079 12.77 40.79 24.79
C ARG A 1079 13.91 41.28 23.91
N TYR A 1080 14.80 42.09 24.48
CA TYR A 1080 15.97 42.58 23.78
C TYR A 1080 17.21 41.97 24.42
N ASP A 1081 18.07 41.37 23.59
CA ASP A 1081 19.27 40.70 24.07
C ASP A 1081 20.49 41.23 23.34
N GLY A 1082 21.62 41.20 24.03
CA GLY A 1082 22.87 41.67 23.48
C GLY A 1082 24.09 41.03 24.10
N TYR A 1083 25.14 40.89 23.31
CA TYR A 1083 26.37 40.22 23.73
C TYR A 1083 27.53 40.83 22.96
N MET A 1084 28.40 41.54 23.67
CA MET A 1084 29.62 42.11 23.11
C MET A 1084 30.81 41.32 23.63
N ALA A 1085 31.83 41.14 22.80
CA ALA A 1085 32.97 40.34 23.19
C ALA A 1085 34.24 40.87 22.54
N GLN A 1086 35.27 41.06 23.36
CA GLN A 1086 36.64 41.23 22.89
C GLN A 1086 37.19 39.86 22.58
N ASN A 1087 38.52 39.67 22.63
CA ASN A 1087 39.14 38.52 21.99
C ASN A 1087 38.67 37.26 22.72
N ARG A 1088 37.44 36.86 22.40
CA ARG A 1088 36.85 35.60 22.85
C ARG A 1088 36.32 34.85 21.63
N GLN A 1089 36.02 33.58 21.83
CA GLN A 1089 35.60 32.71 20.74
C GLN A 1089 34.69 31.63 21.28
N TYR A 1090 34.01 30.93 20.36
CA TYR A 1090 33.19 29.77 20.70
C TYR A 1090 33.72 28.56 19.96
N THR A 1091 33.90 27.45 20.68
CA THR A 1091 34.33 26.19 20.10
C THR A 1091 33.13 25.24 20.07
N PRO A 1092 32.63 24.87 18.90
CA PRO A 1092 31.44 24.00 18.83
C PRO A 1092 31.68 22.60 19.37
N PHE A 1093 30.62 21.80 19.41
CA PHE A 1093 30.74 20.42 19.86
C PHE A 1093 31.64 19.64 18.91
N ASP A 1094 32.38 18.68 19.46
CA ASP A 1094 33.36 17.92 18.70
C ASP A 1094 32.78 16.67 18.05
N GLY A 1095 31.46 16.45 18.14
CA GLY A 1095 30.86 15.25 17.63
C GLY A 1095 30.89 14.08 18.59
N ASP A 1096 31.67 14.18 19.67
CA ASP A 1096 31.70 13.22 20.75
C ASP A 1096 30.89 13.79 21.92
N GLY A 1097 30.98 13.13 23.08
CA GLY A 1097 30.24 13.61 24.23
C GLY A 1097 30.55 15.04 24.62
N THR A 1098 31.71 15.56 24.22
CA THR A 1098 32.10 16.91 24.60
C THR A 1098 31.21 17.94 23.92
N GLN A 1099 30.88 18.99 24.65
CA GLN A 1099 30.05 20.07 24.16
C GLN A 1099 30.90 21.28 23.79
N GLY A 1100 30.27 22.27 23.16
CA GLY A 1100 30.96 23.51 22.84
C GLY A 1100 31.06 24.44 24.03
N TYR A 1101 31.95 25.41 23.92
CA TYR A 1101 32.20 26.30 25.05
C TYR A 1101 32.78 27.61 24.56
N PHE A 1102 32.56 28.67 25.33
CA PHE A 1102 33.17 29.96 25.06
C PHE A 1102 34.51 30.04 25.78
N SER A 1103 35.53 30.50 25.06
CA SER A 1103 36.89 30.56 25.58
C SER A 1103 37.52 31.87 25.15
N ASP A 1104 38.74 32.11 25.64
CA ASP A 1104 39.52 33.28 25.27
C ASP A 1104 40.48 32.91 24.15
N ALA A 1105 40.50 33.72 23.10
CA ALA A 1105 41.46 33.58 22.01
C ALA A 1105 42.05 34.97 21.73
N ASN A 1106 43.23 34.99 21.12
CA ASN A 1106 43.91 36.25 20.83
C ASN A 1106 43.46 36.85 19.51
N ASN A 1107 42.41 36.31 18.89
CA ASN A 1107 41.85 36.89 17.68
C ASN A 1107 41.52 38.35 17.93
N ASN A 1108 42.17 39.26 17.21
CA ASN A 1108 41.91 40.68 17.40
C ASN A 1108 40.57 41.04 16.80
N ARG A 1109 39.48 40.54 17.40
CA ARG A 1109 38.15 40.75 16.86
C ARG A 1109 37.15 41.00 17.97
N ARG A 1110 36.17 41.85 17.68
CA ARG A 1110 35.14 42.26 18.62
C ARG A 1110 33.80 41.85 18.01
N THR A 1111 33.06 41.02 18.73
CA THR A 1111 31.75 40.56 18.29
C THR A 1111 30.65 41.35 18.99
N ASN A 1112 29.57 41.61 18.27
CA ASN A 1112 28.50 42.50 18.74
C ASN A 1112 27.12 41.91 18.46
N LEU A 1113 26.89 40.67 18.89
CA LEU A 1113 25.61 40.03 18.64
C LEU A 1113 24.48 40.80 19.34
N ASN A 1114 23.41 41.09 18.62
CA ASN A 1114 22.28 41.85 19.16
C ASN A 1114 20.99 41.29 18.58
N GLY A 1115 19.90 41.51 19.28
CA GLY A 1115 18.61 41.09 18.74
C GLY A 1115 17.41 41.54 19.56
N VAL A 1116 16.27 41.62 18.89
CA VAL A 1116 14.99 41.94 19.51
C VAL A 1116 13.96 40.90 19.07
N TYR A 1117 13.13 40.45 20.01
CA TYR A 1117 12.19 39.36 19.80
C TYR A 1117 10.85 39.77 20.41
N VAL A 1118 9.84 39.95 19.55
CA VAL A 1118 8.51 40.39 19.98
C VAL A 1118 7.55 39.24 19.75
N GLU A 1119 6.88 38.80 20.81
CA GLU A 1119 5.91 37.71 20.73
C GLU A 1119 4.58 38.18 21.28
N GLY A 1120 3.59 38.31 20.41
CA GLY A 1120 2.24 38.63 20.83
C GLY A 1120 1.34 37.44 20.65
N ALA A 1121 0.19 37.44 21.33
CA ALA A 1121 -0.73 36.32 21.20
C ALA A 1121 -2.16 36.80 21.37
N TYR A 1122 -2.99 36.46 20.40
CA TYR A 1122 -4.43 36.51 20.56
C TYR A 1122 -4.84 35.25 21.31
N GLN A 1123 -6.14 34.92 21.34
CA GLN A 1123 -6.62 33.81 22.14
C GLN A 1123 -5.65 32.64 22.18
N ASP A 1124 -5.37 32.03 21.03
CA ASP A 1124 -4.38 30.97 20.97
C ASP A 1124 -3.52 31.06 19.70
N LEU A 1125 -3.58 32.16 18.97
CA LEU A 1125 -2.77 32.38 17.78
C LEU A 1125 -1.57 33.22 18.17
N ILE A 1126 -0.38 32.73 17.89
CA ILE A 1126 0.86 33.34 18.38
C ILE A 1126 1.60 33.97 17.21
N PHE A 1127 1.86 35.27 17.31
CA PHE A 1127 2.67 36.01 16.34
C PHE A 1127 4.06 36.21 16.93
N SER A 1128 5.06 35.63 16.29
CA SER A 1128 6.45 35.77 16.73
C SER A 1128 7.25 36.50 15.68
N TYR A 1129 7.97 37.52 16.09
CA TYR A 1129 8.81 38.31 15.19
C TYR A 1129 10.19 38.47 15.82
N GLY A 1130 11.22 38.37 15.00
CA GLY A 1130 12.56 38.48 15.53
C GLY A 1130 13.56 39.06 14.55
N THR A 1131 14.31 40.07 14.98
CA THR A 1131 15.36 40.68 14.16
C THR A 1131 16.65 40.70 14.94
N TYR A 1132 17.70 40.10 14.36
CA TYR A 1132 18.99 39.97 15.01
C TYR A 1132 20.10 40.37 14.05
N THR A 1133 21.21 40.83 14.62
CA THR A 1133 22.36 41.28 13.85
C THR A 1133 23.64 40.82 14.53
N LEU A 1134 24.56 40.28 13.75
CA LEU A 1134 25.85 39.81 14.24
C LEU A 1134 26.94 40.49 13.44
N SER A 1135 27.77 41.28 14.12
CA SER A 1135 28.88 42.00 13.50
C SER A 1135 30.16 41.68 14.23
N GLN A 1136 31.17 41.22 13.50
CA GLN A 1136 32.49 40.92 14.07
C GLN A 1136 33.52 41.81 13.38
N LYS A 1137 33.93 42.86 14.08
CA LYS A 1137 34.95 43.75 13.54
C LYS A 1137 36.34 43.33 14.02
N ASP A 1138 37.35 43.91 13.41
CA ASP A 1138 38.72 43.76 13.89
C ASP A 1138 39.14 45.07 14.55
N LEU A 1139 40.42 45.16 14.95
CA LEU A 1139 40.89 46.37 15.59
C LEU A 1139 40.72 47.58 14.69
N ASN A 1140 41.01 47.41 13.39
CA ASN A 1140 40.82 48.50 12.44
C ASN A 1140 39.34 48.85 12.30
N GLY A 1141 38.47 47.84 12.29
CA GLY A 1141 37.06 48.06 12.08
C GLY A 1141 36.58 47.61 10.72
N VAL A 1142 37.08 46.46 10.25
CA VAL A 1142 36.78 46.01 8.90
C VAL A 1142 35.41 45.35 8.77
N GLU A 1143 34.80 44.93 9.89
CA GLU A 1143 33.45 44.39 9.87
C GLU A 1143 33.35 43.15 8.95
N TYR A 1144 34.04 42.10 9.38
CA TYR A 1144 34.11 40.86 8.61
C TYR A 1144 32.80 40.10 8.57
N GLY A 1145 31.81 40.45 9.39
CA GLY A 1145 30.54 39.76 9.35
C GLY A 1145 29.93 39.83 7.96
N SER A 1146 29.13 38.81 7.62
CA SER A 1146 28.59 38.71 6.26
C SER A 1146 29.74 38.67 5.25
N GLY A 1147 30.46 37.54 5.29
CA GLY A 1147 31.82 37.48 4.80
C GLY A 1147 32.00 37.58 3.30
N ILE A 1148 31.07 38.23 2.62
CA ILE A 1148 31.26 38.58 1.21
C ILE A 1148 32.15 39.81 1.14
N ASN A 1149 32.58 40.31 2.30
CA ASN A 1149 33.54 41.40 2.41
C ASN A 1149 33.00 42.69 1.80
N ASN A 1150 31.82 43.09 2.27
CA ASN A 1150 31.20 44.34 1.86
C ASN A 1150 30.96 45.27 3.04
N GLY A 1151 31.58 45.00 4.18
CA GLY A 1151 31.44 45.86 5.34
C GLY A 1151 30.05 45.92 5.93
N GLN A 1152 29.31 44.82 5.89
CA GLN A 1152 27.97 44.76 6.45
C GLN A 1152 27.85 43.61 7.43
N PRO A 1153 27.13 43.79 8.53
CA PRO A 1153 26.93 42.70 9.48
C PRO A 1153 26.03 41.62 8.89
N ALA A 1154 26.12 40.44 9.48
CA ALA A 1154 25.13 39.41 9.19
C ALA A 1154 23.81 39.75 9.86
N ARG A 1155 22.72 39.50 9.17
CA ARG A 1155 21.41 39.88 9.68
C ARG A 1155 20.44 38.72 9.52
N GLY A 1156 19.52 38.61 10.47
CA GLY A 1156 18.51 37.59 10.43
C GLY A 1156 17.16 38.11 10.86
N GLN A 1157 16.11 37.75 10.13
CA GLN A 1157 14.77 38.19 10.46
C GLN A 1157 13.82 37.01 10.28
N THR A 1158 12.86 36.89 11.19
CA THR A 1158 11.89 35.80 11.14
C THR A 1158 10.53 36.31 11.58
N PHE A 1159 9.48 35.78 10.95
CA PHE A 1159 8.10 36.03 11.34
C PHE A 1159 7.32 34.73 11.24
N LYS A 1160 6.65 34.37 12.32
CA LYS A 1160 5.88 33.14 12.40
C LYS A 1160 4.49 33.42 12.96
N ILE A 1161 3.50 32.71 12.43
CA ILE A 1161 2.16 32.64 13.01
C ILE A 1161 1.90 31.19 13.33
N SER A 1162 1.69 30.89 14.61
CA SER A 1162 1.54 29.53 15.10
C SER A 1162 0.14 29.35 15.67
N TYR A 1163 -0.43 28.17 15.43
CA TYR A 1163 -1.78 27.86 15.86
C TYR A 1163 -1.87 26.35 16.06
N LYS A 1164 -1.97 25.91 17.31
CA LYS A 1164 -2.09 24.50 17.64
C LYS A 1164 -3.56 24.12 17.73
N VAL A 1165 -3.96 23.08 17.01
CA VAL A 1165 -5.34 22.63 16.95
C VAL A 1165 -5.37 21.13 17.19
N ASN A 1166 -6.42 20.67 17.86
CA ASN A 1166 -6.60 19.27 18.19
C ASN A 1166 -7.98 18.81 17.75
N PHE A 1167 -8.08 17.54 17.39
CA PHE A 1167 -9.35 16.96 16.99
C PHE A 1167 -10.13 16.46 18.19
N SER B 219 -49.23 -0.41 53.93
CA SER B 219 -48.64 -1.40 54.81
C SER B 219 -47.11 -1.37 54.72
N ASP B 220 -46.52 -2.50 54.35
CA ASP B 220 -45.07 -2.63 54.25
C ASP B 220 -44.57 -2.53 52.82
N PHE B 221 -45.44 -2.28 51.85
CA PHE B 221 -45.00 -2.13 50.46
C PHE B 221 -44.41 -0.76 50.16
N ASP B 222 -44.16 0.07 51.17
CA ASP B 222 -43.40 1.29 50.93
C ASP B 222 -41.99 0.97 50.44
N ALA B 223 -41.36 -0.03 51.05
CA ALA B 223 -40.07 -0.50 50.56
C ALA B 223 -40.19 -0.99 49.12
N LEU B 224 -41.33 -1.59 48.77
CA LEU B 224 -41.53 -2.00 47.39
C LEU B 224 -41.54 -0.80 46.45
N GLY B 225 -42.19 0.29 46.87
CA GLY B 225 -42.16 1.50 46.06
C GLY B 225 -40.76 2.07 45.93
N GLY B 226 -39.99 2.03 47.02
CA GLY B 226 -38.60 2.47 46.93
C GLY B 226 -37.79 1.63 45.97
N ARG B 227 -37.98 0.31 46.00
CA ARG B 227 -37.30 -0.57 45.07
C ARG B 227 -37.71 -0.28 43.63
N VAL B 228 -39.00 -0.02 43.41
CA VAL B 228 -39.48 0.32 42.07
C VAL B 228 -38.82 1.60 41.59
N THR B 229 -38.71 2.60 42.45
CA THR B 229 -38.04 3.84 42.05
C THR B 229 -36.56 3.59 41.73
N THR B 230 -35.89 2.78 42.55
CA THR B 230 -34.49 2.47 42.28
C THR B 230 -34.32 1.78 40.94
N VAL B 231 -35.20 0.82 40.63
CA VAL B 231 -35.10 0.13 39.34
C VAL B 231 -35.44 1.09 38.20
N GLU B 232 -36.38 2.01 38.42
CA GLU B 232 -36.71 2.99 37.40
C GLU B 232 -35.51 3.84 37.05
N THR B 233 -34.76 4.26 38.07
CA THR B 233 -33.55 5.05 37.82
C THR B 233 -32.44 4.19 37.22
N ARG B 234 -32.34 2.92 37.66
CA ARG B 234 -31.28 2.04 37.19
C ARG B 234 -31.44 1.73 35.71
N VAL B 235 -32.67 1.53 35.25
CA VAL B 235 -32.89 1.26 33.83
C VAL B 235 -32.38 2.42 32.99
N GLU B 236 -32.71 3.64 33.39
CA GLU B 236 -32.24 4.82 32.67
C GLU B 236 -30.73 4.94 32.72
N THR B 237 -30.13 4.67 33.88
CA THR B 237 -28.68 4.74 33.99
C THR B 237 -28.01 3.74 33.05
N VAL B 238 -28.50 2.51 33.02
CA VAL B 238 -27.93 1.50 32.14
C VAL B 238 -28.08 1.93 30.68
N ASN B 239 -29.28 2.39 30.32
CA ASN B 239 -29.52 2.81 28.94
C ASN B 239 -28.57 3.93 28.54
N ASN B 240 -28.40 4.93 29.42
CA ASN B 240 -27.57 6.07 29.08
C ASN B 240 -26.09 5.67 28.98
N SER B 241 -25.60 4.87 29.93
CA SER B 241 -24.20 4.45 29.85
C SER B 241 -23.93 3.64 28.59
N LEU B 242 -24.81 2.69 28.28
CA LEU B 242 -24.59 1.86 27.10
C LEU B 242 -24.74 2.67 25.81
N THR B 243 -25.67 3.63 25.78
CA THR B 243 -25.79 4.48 24.61
C THR B 243 -24.55 5.34 24.43
N GLY B 244 -23.98 5.84 25.53
CA GLY B 244 -22.75 6.61 25.41
C GLY B 244 -21.59 5.78 24.88
N ARG B 245 -21.44 4.56 25.39
CA ARG B 245 -20.38 3.70 24.89
C ARG B 245 -20.59 3.31 23.43
N ILE B 246 -21.85 3.05 23.03
CA ILE B 246 -22.13 2.74 21.64
C ILE B 246 -21.85 3.93 20.74
N ALA B 247 -22.17 5.14 21.22
CA ALA B 247 -21.87 6.33 20.43
C ALA B 247 -20.36 6.52 20.28
N ALA B 248 -19.60 6.26 21.35
CA ALA B 248 -18.15 6.35 21.25
C ALA B 248 -17.62 5.32 20.25
N LEU B 249 -18.18 4.11 20.25
CA LEU B 249 -17.78 3.11 19.27
C LEU B 249 -18.13 3.56 17.85
N GLU B 250 -19.30 4.16 17.66
CA GLU B 250 -19.73 4.57 16.33
C GLU B 250 -18.97 5.77 15.82
N ARG B 251 -18.45 6.61 16.72
CA ARG B 251 -17.77 7.82 16.28
C ARG B 251 -16.56 7.49 15.40
N ASN B 252 -15.78 6.48 15.78
CA ASN B 252 -14.57 6.15 15.05
C ASN B 252 -14.65 4.73 14.49
N ALA B 253 -15.79 4.39 13.90
CA ALA B 253 -15.99 3.10 13.27
C ALA B 253 -16.08 3.26 11.76
N PHE B 254 -15.73 2.20 11.05
CA PHE B 254 -15.77 2.20 9.59
C PHE B 254 -17.11 1.66 9.10
N SER B 255 -17.65 2.30 8.07
CA SER B 255 -18.77 1.77 7.33
C SER B 255 -18.20 1.09 6.09
N VAL B 256 -18.39 -0.23 6.01
CA VAL B 256 -17.88 -1.02 4.91
C VAL B 256 -18.88 -0.98 3.77
N LYS B 257 -18.46 -0.45 2.62
CA LYS B 257 -19.33 -0.32 1.45
C LYS B 257 -18.76 -1.13 0.31
N PRO B 258 -19.27 -2.33 0.06
CA PRO B 258 -18.87 -3.09 -1.12
C PRO B 258 -19.80 -2.83 -2.30
N SER B 259 -19.22 -2.93 -3.49
CA SER B 259 -19.95 -2.69 -4.74
C SER B 259 -19.66 -3.81 -5.71
N LEU B 260 -20.71 -4.26 -6.39
CA LEU B 260 -20.61 -5.29 -7.41
C LEU B 260 -21.34 -4.82 -8.67
N THR B 261 -20.67 -4.93 -9.81
CA THR B 261 -21.25 -4.60 -11.10
C THR B 261 -21.27 -5.84 -11.96
N ILE B 262 -22.43 -6.16 -12.52
CA ILE B 262 -22.62 -7.31 -13.40
C ILE B 262 -23.19 -6.83 -14.72
N GLY B 263 -22.59 -7.28 -15.82
CA GLY B 263 -23.19 -6.95 -17.10
C GLY B 263 -22.58 -7.59 -18.32
N TYR B 264 -23.39 -7.93 -19.31
CA TYR B 264 -22.90 -8.51 -20.56
C TYR B 264 -23.01 -7.48 -21.67
N SER B 265 -22.00 -7.43 -22.53
CA SER B 265 -22.01 -6.45 -23.61
C SER B 265 -21.33 -6.97 -24.85
N VAL B 266 -21.93 -6.73 -26.01
CA VAL B 266 -21.32 -6.99 -27.31
C VAL B 266 -21.73 -5.87 -28.25
N SER B 267 -20.80 -5.46 -29.11
CA SER B 267 -21.07 -4.37 -30.04
C SER B 267 -20.17 -4.50 -31.25
N ARG B 268 -20.77 -4.40 -32.44
CA ARG B 268 -20.04 -4.52 -33.70
C ARG B 268 -20.42 -3.37 -34.61
N THR B 269 -19.43 -2.62 -35.09
CA THR B 269 -19.65 -1.53 -36.01
C THR B 269 -18.57 -1.53 -37.08
N SER B 270 -18.85 -0.88 -38.19
CA SER B 270 -17.88 -0.72 -39.27
C SER B 270 -17.44 0.72 -39.50
N ARG B 271 -18.18 1.71 -38.99
CA ARG B 271 -17.80 3.11 -39.15
C ARG B 271 -17.89 3.94 -37.88
N ASN B 272 -18.64 3.50 -36.86
CA ASN B 272 -18.77 4.24 -35.60
C ASN B 272 -19.37 5.63 -35.81
N PHE B 273 -20.62 5.63 -36.25
CA PHE B 273 -21.41 6.86 -36.34
C PHE B 273 -22.11 7.12 -35.01
N ASP B 274 -22.98 8.12 -34.99
CA ASP B 274 -23.70 8.53 -33.79
C ASP B 274 -25.20 8.33 -33.97
N VAL B 275 -25.87 7.87 -32.92
CA VAL B 275 -27.31 7.62 -32.96
C VAL B 275 -28.09 8.50 -31.99
N ASP B 276 -27.42 9.24 -31.10
CA ASP B 276 -28.13 10.08 -30.15
C ASP B 276 -28.85 11.24 -30.81
N ARG B 277 -28.56 11.53 -32.08
CA ARG B 277 -29.26 12.57 -32.81
C ARG B 277 -30.62 12.12 -33.33
N LEU B 278 -30.97 10.85 -33.16
CA LEU B 278 -32.27 10.35 -33.57
C LEU B 278 -33.30 10.39 -32.45
N PHE B 279 -32.85 10.37 -31.21
CA PHE B 279 -33.73 10.21 -30.06
C PHE B 279 -34.46 11.51 -29.74
N PRO B 280 -35.64 11.42 -29.13
CA PRO B 280 -36.41 12.62 -28.82
C PRO B 280 -35.69 13.52 -27.84
N LEU B 281 -35.95 14.83 -27.97
CA LEU B 281 -35.41 15.83 -27.08
C LEU B 281 -36.43 16.18 -26.01
N ASN B 282 -36.00 16.15 -24.76
CA ASN B 282 -36.90 16.42 -23.64
C ASN B 282 -37.21 17.91 -23.55
N ALA B 283 -38.22 18.24 -22.74
CA ALA B 283 -38.66 19.62 -22.60
C ALA B 283 -37.54 20.53 -22.11
N ASP B 284 -36.53 19.98 -21.43
CA ASP B 284 -35.37 20.75 -21.02
C ASP B 284 -34.25 20.71 -22.05
N GLY B 285 -34.50 20.13 -23.22
CA GLY B 285 -33.54 20.11 -24.29
C GLY B 285 -32.60 18.92 -24.30
N THR B 286 -32.57 18.14 -23.23
CA THR B 286 -31.74 16.95 -23.17
C THR B 286 -32.34 15.86 -24.08
N VAL B 287 -31.46 15.01 -24.60
CA VAL B 287 -31.90 13.91 -25.44
C VAL B 287 -32.34 12.74 -24.59
N ALA B 288 -33.29 11.97 -25.09
CA ALA B 288 -33.84 10.85 -24.33
C ALA B 288 -32.75 9.82 -24.02
N ASN B 289 -32.83 9.25 -22.83
CA ASN B 289 -31.85 8.27 -22.40
C ASN B 289 -31.95 6.99 -23.22
N ASN B 290 -30.80 6.38 -23.47
CA ASN B 290 -30.73 5.12 -24.19
C ASN B 290 -29.54 4.33 -23.69
N ALA B 291 -29.50 3.05 -24.05
CA ALA B 291 -28.48 2.13 -23.57
C ALA B 291 -27.27 2.06 -24.48
N PHE B 292 -27.23 2.87 -25.55
CA PHE B 292 -26.15 2.82 -26.52
C PHE B 292 -25.27 4.06 -26.52
N THR B 293 -25.66 5.13 -25.82
CA THR B 293 -24.90 6.36 -25.86
C THR B 293 -23.51 6.17 -25.27
N SER B 294 -22.53 6.82 -25.89
CA SER B 294 -21.17 6.86 -25.37
C SER B 294 -20.97 7.89 -24.28
N GLY B 295 -21.95 8.78 -24.07
CA GLY B 295 -21.79 9.88 -23.14
C GLY B 295 -21.09 11.06 -23.78
N GLY B 296 -20.22 11.72 -23.03
CA GLY B 296 -19.41 12.79 -23.57
C GLY B 296 -19.96 14.19 -23.37
N ILE B 297 -20.98 14.36 -22.54
CA ILE B 297 -21.55 15.69 -22.32
C ILE B 297 -20.55 16.51 -21.50
N ASP B 298 -19.97 17.53 -22.12
CA ASP B 298 -19.05 18.44 -21.44
C ASP B 298 -19.50 19.87 -21.70
N THR B 299 -19.82 20.59 -20.63
CA THR B 299 -20.25 21.98 -20.75
C THR B 299 -19.08 22.92 -21.02
N ASP B 300 -17.89 22.60 -20.53
CA ASP B 300 -16.73 23.46 -20.75
C ASP B 300 -16.39 23.55 -22.23
N THR B 301 -16.39 22.42 -22.93
CA THR B 301 -16.04 22.38 -24.35
C THR B 301 -17.25 22.30 -25.26
N GLY B 302 -18.47 22.32 -24.72
CA GLY B 302 -19.64 22.23 -25.55
C GLY B 302 -19.92 20.87 -26.13
N ALA B 303 -19.21 19.85 -25.67
CA ALA B 303 -19.44 18.50 -26.18
C ALA B 303 -20.78 17.97 -25.70
N GLN B 304 -21.41 17.15 -26.54
CA GLN B 304 -22.71 16.56 -26.25
C GLN B 304 -22.68 15.09 -26.63
N ARG B 305 -23.76 14.39 -26.29
CA ARG B 305 -23.87 12.98 -26.64
C ARG B 305 -23.96 12.76 -28.14
N ARG B 306 -24.27 13.81 -28.90
CA ARG B 306 -24.42 13.73 -30.35
C ARG B 306 -23.13 14.00 -31.09
N ASP B 307 -22.02 14.22 -30.39
CA ASP B 307 -20.74 14.50 -31.00
C ASP B 307 -19.80 13.30 -31.05
N PHE B 308 -20.26 12.13 -30.60
CA PHE B 308 -19.40 10.98 -30.46
C PHE B 308 -20.12 9.73 -30.95
N GLY B 309 -19.34 8.73 -31.36
CA GLY B 309 -19.92 7.47 -31.78
C GLY B 309 -20.39 6.64 -30.61
N ASP B 310 -21.24 5.64 -30.91
CA ASP B 310 -21.94 4.89 -29.88
C ASP B 310 -21.75 3.39 -29.99
N PHE B 311 -20.77 2.92 -30.76
CA PHE B 311 -20.61 1.50 -31.04
C PHE B 311 -19.18 1.07 -30.74
N GLY B 312 -19.05 -0.22 -30.43
CA GLY B 312 -17.78 -0.72 -29.91
C GLY B 312 -17.55 -0.19 -28.51
N ASN B 313 -16.29 -0.28 -28.08
CA ASN B 313 -15.85 0.42 -26.87
C ASN B 313 -15.33 1.82 -27.18
N ALA B 314 -15.36 2.22 -28.45
CA ALA B 314 -14.80 3.48 -28.89
C ALA B 314 -15.88 4.55 -28.88
N SER B 315 -15.49 5.76 -28.50
CA SER B 315 -16.35 6.93 -28.52
C SER B 315 -15.83 7.95 -29.52
N ASP B 316 -15.44 7.47 -30.70
CA ASP B 316 -14.79 8.31 -31.70
C ASP B 316 -15.69 9.49 -32.07
N PRO B 317 -15.21 10.72 -31.92
CA PRO B 317 -16.05 11.87 -32.28
C PRO B 317 -16.30 11.93 -33.78
N VAL B 318 -17.47 12.48 -34.13
CA VAL B 318 -17.80 12.66 -35.53
C VAL B 318 -16.92 13.74 -36.13
N VAL B 319 -16.61 13.60 -37.42
CA VAL B 319 -15.68 14.49 -38.12
C VAL B 319 -16.46 15.29 -39.15
N ALA B 320 -16.25 16.60 -39.15
CA ALA B 320 -16.89 17.47 -40.12
C ALA B 320 -16.23 17.32 -41.49
N GLY B 321 -16.95 17.74 -42.52
CA GLY B 321 -16.45 17.63 -43.87
C GLY B 321 -16.68 16.25 -44.46
N ALA B 322 -16.02 16.01 -45.60
CA ALA B 322 -16.19 14.77 -46.33
C ALA B 322 -15.49 13.59 -45.67
N ALA B 323 -14.44 13.84 -44.88
CA ALA B 323 -13.74 12.74 -44.22
C ALA B 323 -14.71 11.95 -43.35
N GLY B 324 -15.41 12.63 -42.46
CA GLY B 324 -16.61 12.07 -41.88
C GLY B 324 -17.76 12.22 -42.85
N LEU B 325 -18.89 11.61 -42.51
CA LEU B 325 -20.05 11.68 -43.38
C LEU B 325 -20.74 13.04 -43.23
N TYR B 326 -19.93 14.08 -43.41
CA TYR B 326 -20.34 15.47 -43.19
C TYR B 326 -20.85 15.65 -41.76
N GLY B 327 -20.02 15.23 -40.81
CA GLY B 327 -20.34 15.34 -39.41
C GLY B 327 -21.21 14.23 -38.86
N PHE B 328 -21.39 13.14 -39.61
CA PHE B 328 -22.26 12.05 -39.20
C PHE B 328 -21.52 10.81 -38.73
N ALA B 329 -20.23 10.68 -39.02
CA ALA B 329 -19.49 9.47 -38.67
C ALA B 329 -18.05 9.84 -38.38
N ASP B 330 -17.20 8.81 -38.26
CA ASP B 330 -15.79 8.97 -37.94
C ASP B 330 -14.97 9.27 -39.19
N GLY B 331 -13.78 9.84 -38.98
CA GLY B 331 -12.94 10.25 -40.08
C GLY B 331 -12.17 9.11 -40.72
N VAL B 332 -11.64 9.37 -41.91
CA VAL B 332 -10.92 8.35 -42.65
C VAL B 332 -9.51 8.17 -42.08
N SER B 333 -8.74 9.26 -41.99
CA SER B 333 -7.51 9.29 -41.22
C SER B 333 -6.50 8.24 -41.69
N TYR B 334 -6.00 8.44 -42.91
CA TYR B 334 -4.88 7.63 -43.38
C TYR B 334 -3.68 7.78 -42.45
N THR B 335 -2.76 6.84 -42.55
CA THR B 335 -1.49 6.89 -41.81
C THR B 335 -0.33 6.99 -42.80
N VAL B 336 0.61 7.88 -42.49
CA VAL B 336 1.73 8.18 -43.37
C VAL B 336 3.01 7.68 -42.71
N TYR B 337 3.80 6.91 -43.47
CA TYR B 337 5.06 6.38 -42.97
C TYR B 337 6.22 7.24 -43.45
N PHE B 338 7.29 7.23 -42.68
CA PHE B 338 8.46 8.07 -42.93
C PHE B 338 9.70 7.21 -43.17
N THR B 339 10.77 7.89 -43.56
CA THR B 339 12.03 7.20 -43.84
C THR B 339 12.71 6.73 -42.56
N ASP B 340 12.73 7.59 -41.53
CA ASP B 340 13.37 7.26 -40.26
C ASP B 340 12.54 6.35 -39.40
N GLY B 341 11.48 5.75 -39.94
CA GLY B 341 10.61 4.89 -39.18
C GLY B 341 9.51 5.60 -38.42
N SER B 342 9.51 6.92 -38.38
CA SER B 342 8.44 7.66 -37.74
C SER B 342 7.19 7.65 -38.61
N THR B 343 6.04 7.85 -37.97
CA THR B 343 4.77 7.85 -38.65
C THR B 343 3.94 9.05 -38.19
N ALA B 344 3.02 9.47 -39.06
CA ALA B 344 2.08 10.53 -38.74
C ALA B 344 0.70 10.09 -39.19
N THR B 345 -0.31 10.86 -38.79
CA THR B 345 -1.70 10.59 -39.13
C THR B 345 -2.23 11.74 -39.96
N PHE B 346 -2.71 11.43 -41.16
CA PHE B 346 -3.33 12.43 -42.02
C PHE B 346 -4.85 12.27 -41.96
N ASP B 347 -5.53 13.36 -41.62
CA ASP B 347 -6.99 13.35 -41.45
C ASP B 347 -7.62 13.90 -42.73
N GLY B 348 -7.90 13.01 -43.67
CA GLY B 348 -8.53 13.41 -44.91
C GLY B 348 -8.86 12.21 -45.76
N LEU B 349 -9.76 12.44 -46.72
CA LEU B 349 -10.21 11.40 -47.62
C LEU B 349 -9.29 11.19 -48.81
N ASN B 350 -8.24 12.00 -48.94
CA ASN B 350 -7.30 11.89 -50.06
C ASN B 350 -5.89 12.11 -49.52
N PRO B 351 -5.09 11.06 -49.37
CA PRO B 351 -3.73 11.23 -48.81
C PRO B 351 -2.84 12.09 -49.68
N ALA B 352 -3.14 12.24 -50.97
CA ALA B 352 -2.30 13.06 -51.82
C ALA B 352 -2.25 14.51 -51.34
N ASP B 353 -3.29 14.96 -50.65
CA ASP B 353 -3.34 16.32 -50.12
C ASP B 353 -2.59 16.48 -48.81
N TYR B 354 -1.73 15.52 -48.46
CA TYR B 354 -0.92 15.61 -47.24
C TYR B 354 0.19 16.62 -47.48
N LYS B 355 -0.18 17.90 -47.43
CA LYS B 355 0.75 18.99 -47.70
C LYS B 355 1.64 19.31 -46.51
N VAL B 356 1.72 18.44 -45.52
CA VAL B 356 2.49 18.74 -44.31
C VAL B 356 3.45 17.62 -43.98
N PRO B 357 4.42 17.32 -44.84
CA PRO B 357 5.55 16.49 -44.41
C PRO B 357 6.55 17.36 -43.66
N THR B 358 7.01 16.88 -42.50
CA THR B 358 7.88 17.69 -41.67
C THR B 358 9.20 17.96 -42.40
N GLY B 359 10.07 18.73 -41.76
CA GLY B 359 11.26 19.24 -42.40
C GLY B 359 12.12 18.22 -43.11
N LYS B 360 12.37 17.08 -42.48
CA LYS B 360 13.31 16.09 -43.00
C LYS B 360 12.68 14.74 -43.29
N VAL B 361 11.38 14.57 -43.06
CA VAL B 361 10.75 13.27 -43.23
C VAL B 361 10.36 13.08 -44.69
N ILE B 362 10.55 11.85 -45.17
CA ILE B 362 10.17 11.46 -46.54
C ILE B 362 9.28 10.23 -46.45
N ASP B 363 8.20 10.24 -47.23
CA ASP B 363 7.24 9.13 -47.19
C ASP B 363 7.89 7.87 -47.73
N THR B 364 8.14 6.91 -46.85
CA THR B 364 8.63 5.60 -47.25
C THR B 364 7.47 4.74 -47.73
N THR B 365 7.68 4.04 -48.84
CA THR B 365 6.63 3.22 -49.45
C THR B 365 6.51 1.93 -48.64
N LYS B 366 5.98 2.07 -47.42
CA LYS B 366 5.73 0.94 -46.53
C LYS B 366 4.31 0.39 -46.63
N GLY B 367 3.31 1.27 -46.70
CA GLY B 367 1.95 0.84 -46.90
C GLY B 367 1.63 0.71 -48.37
N ARG B 368 0.45 1.19 -48.78
CA ARG B 368 0.10 1.20 -50.20
C ARG B 368 1.16 1.94 -50.99
N ASN B 369 1.32 3.23 -50.73
CA ASN B 369 2.36 4.06 -51.32
C ASN B 369 2.95 4.98 -50.26
N GLY B 370 3.20 4.43 -49.07
CA GLY B 370 3.60 5.22 -47.93
C GLY B 370 2.46 5.71 -47.08
N PHE B 371 1.21 5.55 -47.53
CA PHE B 371 0.03 5.91 -46.77
C PHE B 371 -0.73 4.63 -46.43
N GLY B 372 -0.97 4.43 -45.15
CA GLY B 372 -1.76 3.30 -44.69
C GLY B 372 -3.23 3.59 -44.74
N PHE B 373 -3.98 2.96 -43.84
CA PHE B 373 -5.40 3.24 -43.69
C PHE B 373 -5.84 2.72 -42.34
N ASN B 374 -6.23 3.63 -41.46
CA ASN B 374 -6.69 3.22 -40.13
C ASN B 374 -8.06 2.55 -40.26
N ASN B 375 -8.14 1.30 -39.84
CA ASN B 375 -9.38 0.55 -39.96
C ASN B 375 -10.50 1.28 -39.23
N LEU B 376 -11.64 1.41 -39.90
CA LEU B 376 -12.77 2.15 -39.36
C LEU B 376 -13.73 1.28 -38.57
N ALA B 377 -13.44 -0.01 -38.41
CA ALA B 377 -14.33 -0.92 -37.72
C ALA B 377 -13.92 -1.05 -36.26
N ARG B 378 -14.93 -0.99 -35.38
CA ARG B 378 -14.73 -1.17 -33.95
C ARG B 378 -15.52 -2.39 -33.47
N TYR B 379 -14.91 -3.16 -32.58
CA TYR B 379 -15.51 -4.39 -32.10
C TYR B 379 -15.42 -4.47 -30.59
N LYS B 380 -16.52 -4.86 -29.96
CA LYS B 380 -16.55 -5.20 -28.54
C LYS B 380 -16.93 -6.67 -28.44
N GLU B 381 -15.94 -7.53 -28.28
CA GLU B 381 -16.23 -8.95 -28.20
C GLU B 381 -17.13 -9.24 -27.00
N GLY B 382 -18.17 -10.03 -27.24
CA GLY B 382 -19.14 -10.28 -26.21
C GLY B 382 -18.54 -10.89 -24.96
N SER B 383 -18.80 -10.28 -23.81
CA SER B 383 -18.34 -10.84 -22.54
C SER B 383 -19.23 -10.33 -21.43
N THR B 384 -19.23 -11.09 -20.33
CA THR B 384 -19.90 -10.71 -19.09
C THR B 384 -18.85 -10.29 -18.07
N ASP B 385 -18.98 -9.08 -17.56
CA ASP B 385 -18.02 -8.48 -16.65
C ASP B 385 -18.61 -8.40 -15.26
N ILE B 386 -17.83 -8.85 -14.27
CA ILE B 386 -18.11 -8.64 -12.85
C ILE B 386 -17.01 -7.74 -12.29
N GLY B 387 -17.42 -6.66 -11.64
CA GLY B 387 -16.48 -5.77 -11.00
C GLY B 387 -16.76 -5.61 -9.53
N ILE B 388 -15.77 -5.92 -8.70
CA ILE B 388 -15.89 -5.85 -7.24
C ILE B 388 -15.06 -4.69 -6.73
N SER B 389 -15.63 -3.90 -5.83
CA SER B 389 -14.91 -2.80 -5.20
C SER B 389 -15.31 -2.74 -3.74
N LEU B 390 -14.44 -2.13 -2.93
CA LEU B 390 -14.70 -1.98 -1.51
C LEU B 390 -14.17 -0.62 -1.03
N GLY B 391 -14.97 0.04 -0.22
CA GLY B 391 -14.54 1.28 0.41
C GLY B 391 -14.87 1.26 1.88
N PHE B 392 -14.15 2.09 2.64
CA PHE B 392 -14.38 2.22 4.07
C PHE B 392 -14.63 3.70 4.37
N ASP B 393 -15.86 4.04 4.69
CA ASP B 393 -16.20 5.40 5.05
C ASP B 393 -16.08 5.61 6.55
N THR B 394 -15.87 6.86 6.95
CA THR B 394 -15.80 7.21 8.35
C THR B 394 -17.14 7.80 8.81
N SER B 395 -17.29 7.90 10.14
CA SER B 395 -18.52 8.43 10.69
C SER B 395 -18.77 9.88 10.31
N GLY B 396 -17.74 10.61 9.88
CA GLY B 396 -17.91 12.00 9.54
C GLY B 396 -18.07 12.92 10.73
N GLN B 397 -17.68 12.46 11.91
CA GLN B 397 -17.81 13.24 13.13
C GLN B 397 -16.56 14.07 13.44
N PHE B 398 -15.55 14.02 12.58
CA PHE B 398 -14.32 14.78 12.78
C PHE B 398 -14.36 16.08 11.97
N SER B 399 -15.30 16.95 12.34
CA SER B 399 -15.50 18.22 11.66
C SER B 399 -15.19 19.43 12.54
N GLN B 400 -14.46 19.23 13.63
CA GLN B 400 -14.13 20.31 14.56
C GLN B 400 -12.70 20.16 15.03
N VAL B 401 -12.08 21.30 15.35
CA VAL B 401 -10.76 21.32 15.99
C VAL B 401 -10.78 22.37 17.09
N THR B 402 -10.12 22.07 18.20
CA THR B 402 -9.98 23.01 19.30
C THR B 402 -8.51 23.40 19.46
N SER B 403 -8.27 24.69 19.65
CA SER B 403 -6.90 25.18 19.73
C SER B 403 -6.23 24.72 21.02
N GLY B 404 -4.90 24.63 20.97
CA GLY B 404 -4.11 24.24 22.12
C GLY B 404 -3.21 25.36 22.59
N THR B 405 -2.73 25.25 23.83
CA THR B 405 -1.88 26.29 24.40
C THR B 405 -0.59 26.43 23.60
N GLY B 406 -0.10 27.66 23.52
CA GLY B 406 1.12 27.93 22.78
C GLY B 406 1.79 29.18 23.29
N GLY B 407 2.96 29.46 22.73
CA GLY B 407 3.73 30.61 23.12
C GLY B 407 5.04 30.24 23.78
N SER B 408 6.04 31.12 23.67
CA SER B 408 7.34 30.90 24.29
C SER B 408 7.62 31.89 25.41
N LEU B 409 7.44 33.18 25.15
CA LEU B 409 7.56 34.17 26.21
C LEU B 409 6.46 34.03 27.25
N PHE B 410 5.37 33.35 26.90
CA PHE B 410 4.25 33.14 27.80
C PHE B 410 3.61 31.80 27.44
N SER B 411 2.39 31.57 27.91
CA SER B 411 1.67 30.34 27.58
C SER B 411 0.18 30.66 27.54
N THR B 412 -0.44 30.50 26.38
CA THR B 412 -1.86 30.77 26.23
C THR B 412 -2.67 29.69 26.94
N ALA B 413 -3.92 30.03 27.28
CA ALA B 413 -4.75 29.12 28.06
C ALA B 413 -5.03 27.83 27.30
N GLY B 414 -5.37 27.93 26.03
CA GLY B 414 -5.75 26.77 25.25
C GLY B 414 -7.24 26.47 25.35
N ARG B 415 -7.73 25.69 24.39
CA ARG B 415 -9.15 25.34 24.31
C ARG B 415 -10.00 26.60 24.22
N LEU B 416 -9.51 27.62 23.53
CA LEU B 416 -10.17 28.91 23.47
C LEU B 416 -11.03 29.11 22.23
N GLN B 417 -10.68 28.49 21.11
CA GLN B 417 -11.40 28.69 19.86
C GLN B 417 -11.70 27.33 19.24
N VAL B 418 -12.91 27.18 18.72
CA VAL B 418 -13.33 25.96 18.02
C VAL B 418 -13.52 26.31 16.55
N ASN B 419 -12.78 25.62 15.70
CA ASN B 419 -12.80 25.86 14.27
C ASN B 419 -13.48 24.69 13.55
N GLN B 420 -14.39 25.02 12.64
CA GLN B 420 -15.07 24.01 11.83
C GLN B 420 -14.25 23.77 10.56
N ILE B 421 -13.84 22.53 10.35
CA ILE B 421 -13.05 22.17 9.19
C ILE B 421 -13.91 21.36 8.24
N ASP B 422 -13.40 21.15 7.03
CA ASP B 422 -14.13 20.50 5.94
C ASP B 422 -13.29 19.36 5.36
N LEU B 423 -12.76 18.52 6.22
CA LEU B 423 -11.93 17.39 5.81
C LEU B 423 -12.81 16.17 5.57
N ASN B 424 -12.73 15.62 4.36
CA ASN B 424 -13.49 14.43 3.98
C ASN B 424 -12.49 13.33 3.66
N PHE B 425 -12.47 12.27 4.47
CA PHE B 425 -11.46 11.24 4.32
C PHE B 425 -12.07 9.85 4.49
N GLY B 426 -11.38 8.87 3.94
CA GLY B 426 -11.79 7.49 4.05
C GLY B 426 -10.69 6.58 3.53
N LEU B 427 -11.03 5.29 3.42
CA LEU B 427 -10.09 4.29 2.93
C LEU B 427 -10.61 3.72 1.61
N VAL B 428 -9.74 3.71 0.60
CA VAL B 428 -10.08 3.16 -0.71
C VAL B 428 -9.18 1.97 -1.00
N THR B 429 -9.66 1.10 -1.88
CA THR B 429 -8.92 -0.09 -2.31
C THR B 429 -8.81 -0.01 -3.82
N GLY B 430 -7.76 0.65 -4.30
CA GLY B 430 -7.60 0.89 -5.71
C GLY B 430 -7.58 2.36 -6.04
N LEU B 431 -6.93 2.74 -7.13
CA LEU B 431 -6.77 4.13 -7.48
C LEU B 431 -7.63 4.49 -8.69
N PRO B 432 -8.08 5.74 -8.79
CA PRO B 432 -8.86 6.16 -9.95
C PRO B 432 -8.02 6.21 -11.21
N SER B 433 -8.69 6.48 -12.33
CA SER B 433 -7.99 6.55 -13.61
C SER B 433 -7.17 7.82 -13.76
N ASP B 434 -7.62 8.92 -13.14
CA ASP B 434 -6.97 10.21 -13.31
C ASP B 434 -5.94 10.52 -12.22
N ALA B 435 -5.68 9.58 -11.31
CA ALA B 435 -4.68 9.81 -10.28
C ALA B 435 -3.28 9.87 -10.89
N TYR B 436 -2.41 10.66 -10.27
CA TYR B 436 -1.05 10.84 -10.73
C TYR B 436 -0.17 11.24 -9.57
N VAL B 437 1.14 11.11 -9.75
CA VAL B 437 2.11 11.48 -8.74
C VAL B 437 2.67 12.85 -9.10
N ASP B 438 2.30 13.85 -8.30
CA ASP B 438 2.72 15.23 -8.54
C ASP B 438 4.12 15.43 -7.96
N THR B 439 5.13 15.39 -8.81
CA THR B 439 6.52 15.48 -8.38
C THR B 439 7.06 16.90 -8.36
N ASN B 440 6.27 17.88 -8.78
CA ASN B 440 6.72 19.28 -8.82
C ASN B 440 6.00 20.18 -7.84
N GLY B 441 4.78 19.84 -7.44
CA GLY B 441 4.01 20.67 -6.53
C GLY B 441 3.03 21.60 -7.19
N ASN B 442 2.98 21.64 -8.52
CA ASN B 442 2.05 22.53 -9.21
C ASN B 442 0.60 22.13 -8.98
N GLY B 443 0.34 20.90 -8.55
CA GLY B 443 -1.02 20.42 -8.39
C GLY B 443 -1.71 20.00 -9.66
N LYS B 444 -0.98 19.90 -10.77
CA LYS B 444 -1.54 19.53 -12.06
C LYS B 444 -0.68 18.44 -12.69
N LYS B 445 -1.29 17.67 -13.58
CA LYS B 445 -0.60 16.59 -14.26
C LYS B 445 0.22 17.16 -15.41
N ASP B 446 1.53 17.17 -15.26
CA ASP B 446 2.44 17.63 -16.30
C ASP B 446 2.58 16.52 -17.34
N ASP B 447 3.58 16.64 -18.22
CA ASP B 447 3.75 15.65 -19.27
C ASP B 447 4.08 14.28 -18.67
N GLY B 448 3.12 13.37 -18.69
CA GLY B 448 3.33 12.02 -18.18
C GLY B 448 3.98 11.99 -16.82
N GLU B 449 3.27 12.43 -15.78
CA GLU B 449 3.89 12.54 -14.47
C GLU B 449 4.12 11.16 -13.85
N ALA B 450 3.05 10.47 -13.48
CA ALA B 450 3.21 9.12 -12.95
C ALA B 450 2.17 8.11 -13.43
N THR B 451 0.94 8.51 -13.74
CA THR B 451 -0.14 7.55 -13.98
C THR B 451 -0.27 6.59 -12.79
N GLY B 452 -0.69 7.17 -11.67
CA GLY B 452 -0.68 6.50 -10.38
C GLY B 452 -1.08 5.04 -10.39
N ARG B 453 -1.98 4.65 -11.29
CA ARG B 453 -2.26 3.22 -11.46
C ARG B 453 -1.04 2.47 -11.96
N GLY B 454 -0.12 3.16 -12.65
CA GLY B 454 1.13 2.54 -13.07
C GLY B 454 2.18 2.50 -11.99
N THR B 455 2.12 3.41 -11.02
CA THR B 455 3.06 3.39 -9.91
C THR B 455 2.76 2.24 -8.96
N TYR B 456 1.48 2.03 -8.64
CA TYR B 456 1.04 0.98 -7.74
C TYR B 456 0.32 -0.07 -8.57
N LEU B 457 1.06 -1.09 -9.01
CA LEU B 457 0.49 -2.13 -9.84
C LEU B 457 -0.54 -2.93 -9.06
N GLY B 458 -1.67 -3.23 -9.70
CA GLY B 458 -2.78 -3.88 -9.04
C GLY B 458 -3.78 -2.94 -8.41
N SER B 459 -3.54 -1.63 -8.48
CA SER B 459 -4.50 -0.67 -7.93
C SER B 459 -5.81 -0.68 -8.71
N GLY B 460 -5.71 -0.67 -10.04
CA GLY B 460 -6.89 -0.67 -10.89
C GLY B 460 -6.50 -1.01 -12.31
N GLY B 461 -7.51 -1.05 -13.16
CA GLY B 461 -7.30 -1.36 -14.56
C GLY B 461 -7.11 -2.84 -14.81
N THR B 462 -6.80 -3.15 -16.06
CA THR B 462 -6.55 -4.53 -16.49
C THR B 462 -5.11 -4.79 -16.87
N ALA B 463 -4.28 -3.75 -16.98
CA ALA B 463 -2.89 -3.96 -17.36
C ALA B 463 -2.15 -4.79 -16.32
N ALA B 464 -2.41 -4.54 -15.04
CA ALA B 464 -1.77 -5.26 -13.96
C ALA B 464 -2.82 -5.71 -12.96
N ILE B 465 -2.67 -6.93 -12.45
CA ILE B 465 -3.57 -7.48 -11.44
C ILE B 465 -2.72 -8.35 -10.51
N LEU B 466 -2.61 -7.95 -9.25
CA LEU B 466 -1.86 -8.72 -8.25
C LEU B 466 -2.72 -9.89 -7.82
N ARG B 467 -2.32 -11.10 -8.22
CA ARG B 467 -3.16 -12.28 -8.08
C ARG B 467 -2.50 -13.31 -7.17
N ASP B 468 -3.12 -14.49 -7.11
CA ASP B 468 -2.72 -15.61 -6.31
C ASP B 468 -3.20 -16.85 -7.06
N PRO B 469 -2.41 -17.92 -7.13
CA PRO B 469 -2.89 -19.12 -7.81
C PRO B 469 -4.19 -19.66 -7.24
N ALA B 470 -4.43 -19.49 -5.95
CA ALA B 470 -5.68 -19.93 -5.34
C ALA B 470 -6.87 -19.10 -5.80
N GLY B 471 -6.64 -17.98 -6.49
CA GLY B 471 -7.71 -17.13 -6.96
C GLY B 471 -7.90 -15.84 -6.18
N ASN B 472 -7.14 -15.64 -5.10
CA ASN B 472 -7.24 -14.40 -4.35
C ASN B 472 -6.71 -13.23 -5.16
N VAL B 473 -7.32 -12.07 -4.97
CA VAL B 473 -6.90 -10.83 -5.61
C VAL B 473 -6.57 -9.83 -4.54
N TYR B 474 -5.40 -9.19 -4.66
CA TYR B 474 -4.91 -8.23 -3.68
C TYR B 474 -4.88 -6.84 -4.29
N ARG B 475 -5.36 -5.85 -3.54
CA ARG B 475 -5.38 -4.47 -3.99
C ARG B 475 -4.86 -3.58 -2.86
N PRO B 476 -3.91 -2.70 -3.14
CA PRO B 476 -3.38 -1.83 -2.07
C PRO B 476 -4.47 -0.96 -1.48
N VAL B 477 -4.35 -0.69 -0.18
CA VAL B 477 -5.28 0.17 0.53
C VAL B 477 -4.66 1.55 0.68
N PHE B 478 -5.40 2.57 0.31
CA PHE B 478 -4.95 3.95 0.38
C PHE B 478 -5.86 4.75 1.30
N PHE B 479 -5.28 5.75 1.95
CA PHE B 479 -6.03 6.70 2.77
C PHE B 479 -6.30 7.92 1.91
N ARG B 480 -7.54 8.05 1.44
CA ARG B 480 -7.94 9.18 0.61
C ARG B 480 -8.48 10.29 1.49
N PHE B 481 -8.12 11.53 1.17
CA PHE B 481 -8.64 12.65 1.92
C PHE B 481 -8.66 13.89 1.03
N LYS B 482 -9.61 14.78 1.31
CA LYS B 482 -9.70 16.07 0.66
C LYS B 482 -10.00 17.13 1.71
N ASN B 483 -9.16 18.16 1.76
CA ASN B 483 -9.30 19.26 2.71
C ASN B 483 -9.77 20.50 1.95
N ALA B 484 -10.99 20.92 2.24
CA ALA B 484 -11.53 22.14 1.63
C ALA B 484 -11.32 23.37 2.50
N THR B 485 -10.82 23.21 3.72
CA THR B 485 -10.60 24.32 4.63
C THR B 485 -9.16 24.78 4.55
N THR B 486 -8.96 26.08 4.32
CA THR B 486 -7.64 26.67 4.29
C THR B 486 -7.55 27.94 5.14
N GLN B 487 -8.65 28.36 5.77
CA GLN B 487 -8.69 29.57 6.58
C GLN B 487 -9.12 29.21 7.99
N PHE B 488 -8.46 29.79 8.98
CA PHE B 488 -8.78 29.57 10.39
C PHE B 488 -8.94 30.92 11.06
N SER B 489 -10.05 31.10 11.76
CA SER B 489 -10.40 32.38 12.37
C SER B 489 -10.38 32.26 13.89
N VAL B 490 -9.91 33.31 14.55
CA VAL B 490 -9.83 33.38 16.01
C VAL B 490 -10.35 34.74 16.47
N GLY B 491 -11.08 34.74 17.56
CA GLY B 491 -11.66 35.94 18.14
C GLY B 491 -13.11 36.10 17.74
N ASN B 492 -13.91 36.71 18.63
CA ASN B 492 -15.35 36.76 18.41
C ASN B 492 -15.88 38.18 18.25
N ASN B 493 -15.83 39.03 19.28
CA ASN B 493 -16.69 40.20 19.19
C ASN B 493 -16.07 41.36 18.40
N PRO B 494 -15.03 42.01 18.92
CA PRO B 494 -14.46 43.16 18.21
C PRO B 494 -13.47 42.78 17.11
N VAL B 495 -12.62 41.79 17.38
CA VAL B 495 -11.46 41.50 16.54
C VAL B 495 -11.52 40.04 16.11
N ILE B 496 -11.32 39.81 14.82
CA ILE B 496 -11.24 38.46 14.28
C ILE B 496 -10.01 38.39 13.37
N VAL B 497 -9.16 37.38 13.60
CA VAL B 497 -7.93 37.18 12.85
C VAL B 497 -8.04 35.87 12.08
N THR B 498 -7.85 35.94 10.77
CA THR B 498 -7.97 34.79 9.89
C THR B 498 -6.60 34.51 9.26
N LEU B 499 -6.11 33.30 9.45
CA LEU B 499 -4.84 32.85 8.89
C LEU B 499 -5.10 31.76 7.86
N GLY B 500 -4.42 31.84 6.72
CA GLY B 500 -4.56 30.77 5.76
C GLY B 500 -3.87 31.08 4.45
N GLN B 501 -4.09 30.17 3.49
CA GLN B 501 -3.51 30.21 2.17
C GLN B 501 -4.46 30.88 1.18
N GLN B 502 -3.89 31.49 0.16
CA GLN B 502 -4.65 32.15 -0.90
C GLN B 502 -5.73 33.06 -0.30
N GLN B 503 -5.30 33.91 0.62
CA GLN B 503 -6.22 34.82 1.28
C GLN B 503 -6.98 35.64 0.25
N LYS B 504 -8.30 35.70 0.40
CA LYS B 504 -9.16 36.47 -0.48
C LYS B 504 -9.63 37.72 0.27
N PHE B 505 -9.34 38.88 -0.30
CA PHE B 505 -9.69 40.15 0.33
C PHE B 505 -10.15 41.13 -0.73
N TYR B 506 -10.73 42.23 -0.27
CA TYR B 506 -11.27 43.25 -1.17
C TYR B 506 -11.33 44.56 -0.40
N PHE B 507 -10.43 45.48 -0.72
CA PHE B 507 -10.52 46.82 -0.14
C PHE B 507 -11.55 47.66 -0.89
N SER B 508 -11.31 47.86 -2.19
CA SER B 508 -12.26 48.50 -3.07
C SER B 508 -11.91 48.08 -4.49
N ASP B 509 -12.73 48.50 -5.44
CA ASP B 509 -12.35 48.38 -6.83
C ASP B 509 -11.26 49.40 -7.14
N TYR B 510 -10.28 48.99 -7.92
CA TYR B 510 -9.09 49.76 -8.27
C TYR B 510 -7.98 49.68 -7.22
N VAL B 511 -8.15 49.00 -6.09
CA VAL B 511 -7.05 48.89 -5.13
C VAL B 511 -6.74 47.44 -4.77
N PHE B 512 -7.67 46.74 -4.13
CA PHE B 512 -7.54 45.34 -3.74
C PHE B 512 -8.76 44.52 -4.15
N ASP B 513 -9.12 44.58 -5.43
CA ASP B 513 -10.09 43.59 -5.91
C ASP B 513 -9.38 42.26 -6.04
N ASN B 514 -8.98 41.69 -4.90
CA ASN B 514 -8.18 40.47 -4.85
C ASN B 514 -8.99 39.26 -4.40
N ASN B 515 -10.30 39.27 -4.63
CA ASN B 515 -11.10 38.08 -4.39
C ASN B 515 -11.26 37.32 -5.71
N TYR B 516 -12.01 36.23 -5.65
CA TYR B 516 -12.20 35.32 -6.78
C TYR B 516 -11.00 34.42 -7.03
N ASP B 517 -9.84 34.77 -6.51
CA ASP B 517 -8.73 33.83 -6.45
C ASP B 517 -7.96 33.90 -5.15
N GLY B 518 -7.80 35.09 -4.59
CA GLY B 518 -6.84 35.32 -3.52
C GLY B 518 -5.46 35.67 -4.06
N ARG B 519 -4.67 36.30 -3.20
CA ARG B 519 -3.34 36.75 -3.62
C ARG B 519 -2.22 35.86 -3.11
N GLY B 520 -2.32 35.36 -1.88
CA GLY B 520 -1.23 34.56 -1.34
C GLY B 520 -1.55 34.07 0.05
N ASP B 521 -0.50 33.67 0.74
CA ASP B 521 -0.62 33.05 2.06
C ASP B 521 -0.27 34.07 3.15
N GLY B 522 -1.12 34.15 4.16
CA GLY B 522 -0.88 35.11 5.24
C GLY B 522 -2.03 35.23 6.21
N PHE B 523 -2.33 36.45 6.63
CA PHE B 523 -3.38 36.68 7.62
C PHE B 523 -4.09 38.00 7.35
N THR B 524 -5.32 38.09 7.86
CA THR B 524 -6.14 39.29 7.79
C THR B 524 -6.82 39.51 9.13
N VAL B 525 -6.83 40.74 9.59
CA VAL B 525 -7.45 41.13 10.85
C VAL B 525 -8.61 42.07 10.55
N THR B 526 -9.74 41.82 11.20
CA THR B 526 -10.91 42.69 11.07
C THR B 526 -11.36 43.13 12.45
N VAL B 527 -11.43 44.45 12.66
CA VAL B 527 -11.84 45.05 13.92
C VAL B 527 -13.13 45.80 13.67
N ASP B 528 -14.19 45.43 14.39
CA ASP B 528 -15.50 46.03 14.24
C ASP B 528 -15.83 46.82 15.49
N GLY B 529 -16.03 48.13 15.32
CA GLY B 529 -16.33 49.00 16.44
C GLY B 529 -17.77 49.45 16.49
N SER B 530 -18.69 48.55 16.17
CA SER B 530 -20.11 48.88 16.16
C SER B 530 -20.74 48.85 17.54
N ASN B 531 -19.99 48.42 18.56
CA ASN B 531 -20.49 48.43 19.94
C ASN B 531 -19.70 49.37 20.85
N VAL B 532 -18.83 50.22 20.29
CA VAL B 532 -18.06 51.13 21.14
C VAL B 532 -19.01 52.14 21.77
N PRO B 533 -18.79 52.56 23.02
CA PRO B 533 -19.73 53.50 23.66
C PRO B 533 -19.88 54.81 22.92
N VAL B 534 -18.77 55.54 22.75
CA VAL B 534 -18.84 56.90 22.22
C VAL B 534 -19.23 56.89 20.74
N ILE B 535 -18.52 56.10 19.94
CA ILE B 535 -18.75 56.03 18.49
C ILE B 535 -18.93 54.57 18.12
N GLY B 536 -20.18 54.11 18.12
CA GLY B 536 -20.50 52.79 17.64
C GLY B 536 -21.70 52.81 16.73
N ALA B 537 -22.41 53.95 16.71
CA ALA B 537 -23.54 54.12 15.82
C ALA B 537 -23.12 54.35 14.38
N TRP B 538 -21.89 54.80 14.16
CA TRP B 538 -21.35 54.96 12.81
C TRP B 538 -20.78 53.68 12.26
N LYS B 539 -20.78 52.59 13.03
CA LYS B 539 -20.29 51.29 12.59
C LYS B 539 -18.87 51.39 12.03
N PRO B 540 -17.91 51.87 12.83
CA PRO B 540 -16.53 51.92 12.35
C PRO B 540 -15.95 50.52 12.19
N GLN B 541 -15.15 50.35 11.15
CA GLN B 541 -14.54 49.06 10.84
C GLN B 541 -13.13 49.29 10.31
N ILE B 542 -12.24 48.37 10.65
CA ILE B 542 -10.85 48.41 10.22
C ILE B 542 -10.48 47.03 9.69
N LYS B 543 -9.83 46.99 8.53
CA LYS B 543 -9.34 45.75 7.95
C LYS B 543 -7.84 45.87 7.71
N GLY B 544 -7.12 44.79 7.98
CA GLY B 544 -5.69 44.76 7.74
C GLY B 544 -5.30 43.45 7.10
N VAL B 545 -4.42 43.50 6.11
CA VAL B 545 -4.02 42.33 5.34
C VAL B 545 -2.50 42.27 5.31
N TYR B 546 -1.94 41.08 5.54
CA TYR B 546 -0.54 40.82 5.26
C TYR B 546 -0.44 39.46 4.58
N GLY B 547 0.47 39.34 3.63
CA GLY B 547 0.67 38.05 3.01
C GLY B 547 1.85 38.01 2.08
N SER B 548 2.18 36.80 1.64
CA SER B 548 3.20 36.53 0.65
C SER B 548 2.51 36.02 -0.61
N ARG B 549 2.80 36.67 -1.74
CA ARG B 549 2.12 36.33 -2.99
C ARG B 549 2.36 34.88 -3.37
N SER B 550 1.29 34.16 -3.69
CA SER B 550 1.35 32.78 -4.14
C SER B 550 2.07 31.88 -3.15
N GLY B 551 2.20 32.32 -1.90
CA GLY B 551 2.98 31.54 -0.95
C GLY B 551 4.41 31.41 -1.43
N LEU B 552 4.98 30.23 -1.24
CA LEU B 552 6.33 29.95 -1.72
C LEU B 552 6.24 29.32 -3.11
N ASP B 553 6.97 29.91 -4.06
CA ASP B 553 6.94 29.46 -5.44
C ASP B 553 8.31 29.66 -6.06
N GLY B 554 8.64 28.80 -7.03
CA GLY B 554 9.96 28.83 -7.62
C GLY B 554 10.25 30.12 -8.35
N THR B 555 11.55 30.41 -8.48
CA THR B 555 11.98 31.62 -9.16
C THR B 555 11.40 31.66 -10.57
N ALA B 556 11.44 32.85 -11.17
CA ALA B 556 10.83 33.12 -12.47
C ALA B 556 9.32 33.24 -12.38
N GLU B 557 8.74 33.01 -11.20
CA GLU B 557 7.33 33.22 -10.96
C GLU B 557 7.11 34.62 -10.40
N ALA B 558 5.99 35.23 -10.79
CA ALA B 558 5.72 36.61 -10.41
C ALA B 558 5.62 36.80 -8.91
N GLY B 559 5.35 35.74 -8.16
CA GLY B 559 5.13 35.86 -6.73
C GLY B 559 6.30 35.40 -5.87
N TYR B 560 7.51 35.43 -6.42
CA TYR B 560 8.70 35.03 -5.69
C TYR B 560 9.25 36.23 -4.92
N GLY B 561 9.34 36.10 -3.61
CA GLY B 561 9.87 37.17 -2.79
C GLY B 561 9.06 38.44 -2.84
N VAL B 562 7.77 38.34 -3.12
CA VAL B 562 6.87 39.49 -3.15
C VAL B 562 5.88 39.36 -2.01
N TYR B 563 5.76 40.41 -1.21
CA TYR B 563 4.86 40.44 -0.07
C TYR B 563 3.98 41.67 -0.17
N TYR B 564 2.74 41.52 0.28
CA TYR B 564 1.75 42.59 0.24
C TYR B 564 1.21 42.86 1.63
N ARG B 565 0.85 44.12 1.86
CA ARG B 565 0.29 44.59 3.11
C ARG B 565 -0.76 45.65 2.78
N GLY B 566 -1.67 45.87 3.71
CA GLY B 566 -2.69 46.88 3.48
C GLY B 566 -3.55 47.07 4.70
N VAL B 567 -4.23 48.22 4.73
CA VAL B 567 -5.14 48.56 5.82
C VAL B 567 -6.19 49.53 5.29
N ARG B 568 -7.46 49.23 5.60
CA ARG B 568 -8.59 50.04 5.21
C ARG B 568 -9.43 50.37 6.45
N ALA B 569 -10.10 51.50 6.41
CA ALA B 569 -10.96 51.93 7.51
C ALA B 569 -12.22 52.58 6.94
N GLN B 570 -13.38 52.20 7.47
CA GLN B 570 -14.65 52.64 6.90
C GLN B 570 -15.68 52.88 8.00
N ILE B 571 -16.65 53.75 7.72
CA ILE B 571 -17.80 53.96 8.58
C ILE B 571 -19.04 54.23 7.73
N THR B 572 -20.18 54.37 8.42
CA THR B 572 -21.47 54.67 7.80
C THR B 572 -22.11 55.82 8.58
N PRO B 573 -21.64 57.05 8.38
CA PRO B 573 -22.17 58.17 9.17
C PRO B 573 -23.66 58.40 9.01
N VAL B 574 -24.22 58.11 7.84
CA VAL B 574 -25.63 58.37 7.56
C VAL B 574 -26.29 57.05 7.17
N GLY B 575 -27.58 57.12 6.83
CA GLY B 575 -28.40 55.94 6.61
C GLY B 575 -27.68 54.75 6.01
N THR B 576 -27.10 54.92 4.81
CA THR B 576 -26.35 53.84 4.20
C THR B 576 -25.07 54.31 3.52
N LEU B 577 -24.72 55.59 3.59
CA LEU B 577 -23.50 56.08 2.97
C LEU B 577 -22.30 55.58 3.77
N THR B 578 -21.52 54.69 3.16
CA THR B 578 -20.29 54.20 3.77
C THR B 578 -19.11 54.93 3.14
N ALA B 579 -18.28 55.56 3.96
CA ALA B 579 -17.08 56.24 3.52
C ALA B 579 -15.88 55.51 4.09
N GLY B 580 -14.87 55.30 3.26
CA GLY B 580 -13.69 54.55 3.68
C GLY B 580 -12.44 55.06 2.99
N ILE B 581 -11.31 54.90 3.69
CA ILE B 581 -9.98 55.13 3.13
C ILE B 581 -9.24 53.81 3.18
N HIS B 582 -8.17 53.70 2.39
CA HIS B 582 -7.37 52.49 2.37
C HIS B 582 -5.99 52.75 1.78
N TYR B 583 -5.01 52.09 2.38
CA TYR B 583 -3.63 52.07 1.93
C TYR B 583 -3.26 50.64 1.58
N ALA B 584 -2.57 50.46 0.45
CA ALA B 584 -2.18 49.14 0.00
C ALA B 584 -0.75 49.23 -0.54
N GLN B 585 0.03 48.19 -0.30
CA GLN B 585 1.39 48.15 -0.83
C GLN B 585 1.78 46.71 -1.14
N GLU B 586 2.56 46.55 -2.20
CA GLU B 586 3.15 45.26 -2.53
C GLU B 586 4.57 45.47 -3.03
N GLY B 587 5.51 44.69 -2.52
CA GLY B 587 6.90 44.91 -2.86
C GLY B 587 7.73 43.65 -2.82
N ARG B 588 8.99 43.82 -3.19
CA ARG B 588 9.99 42.75 -3.21
C ARG B 588 10.88 42.87 -2.00
N ASP B 589 11.27 41.73 -1.43
CA ASP B 589 12.26 41.71 -0.36
C ASP B 589 13.65 41.61 -0.98
N MET B 590 14.67 41.39 -0.16
CA MET B 590 16.02 41.28 -0.70
C MET B 590 16.21 40.01 -1.52
N PHE B 591 15.43 38.98 -1.28
CA PHE B 591 15.47 37.75 -2.06
C PHE B 591 14.55 37.82 -3.27
N GLY B 592 13.72 38.85 -3.38
CA GLY B 592 12.89 39.03 -4.56
C GLY B 592 13.48 40.07 -5.48
N ALA B 593 14.17 41.05 -4.91
CA ALA B 593 14.85 42.04 -5.74
C ALA B 593 15.89 41.38 -6.63
N ALA B 594 16.62 40.42 -6.07
CA ALA B 594 17.55 39.59 -6.83
C ALA B 594 17.04 38.15 -6.85
N GLN B 595 17.21 37.49 -7.99
CA GLN B 595 16.76 36.12 -8.17
C GLN B 595 15.23 36.02 -8.19
N ASN B 596 14.61 36.92 -8.97
CA ASN B 596 13.19 36.79 -9.26
C ASN B 596 12.85 36.87 -10.75
N THR B 597 13.64 37.55 -11.57
CA THR B 597 13.33 37.70 -12.98
C THR B 597 11.95 38.34 -13.15
N THR B 598 11.12 37.75 -14.01
CA THR B 598 9.79 38.27 -14.30
C THR B 598 9.84 39.77 -14.53
N SER B 599 8.72 40.45 -14.24
CA SER B 599 8.67 41.90 -14.38
C SER B 599 7.89 42.56 -13.24
N THR B 600 7.65 41.86 -12.14
CA THR B 600 6.86 42.43 -11.06
C THR B 600 7.51 43.73 -10.59
N PRO B 601 6.73 44.79 -10.38
CA PRO B 601 7.32 46.06 -9.97
C PRO B 601 8.09 45.90 -8.66
N SER B 602 9.20 46.65 -8.56
CA SER B 602 9.96 46.63 -7.32
C SER B 602 9.13 47.10 -6.14
N ASP B 603 8.07 47.89 -6.40
CA ASP B 603 7.21 48.36 -5.34
C ASP B 603 5.99 49.04 -5.95
N VAL B 604 4.84 48.84 -5.32
CA VAL B 604 3.60 49.53 -5.67
C VAL B 604 2.95 49.99 -4.38
N THR B 605 2.51 51.24 -4.34
CA THR B 605 1.93 51.84 -3.14
C THR B 605 0.73 52.68 -3.54
N THR B 606 -0.47 52.16 -3.28
CA THR B 606 -1.72 52.79 -3.68
C THR B 606 -2.45 53.32 -2.44
N TYR B 607 -3.05 54.50 -2.58
CA TYR B 607 -3.97 55.05 -1.59
C TYR B 607 -5.31 55.31 -2.25
N GLY B 608 -6.37 55.28 -1.46
CA GLY B 608 -7.67 55.54 -2.05
C GLY B 608 -8.73 55.81 -1.00
N ALA B 609 -9.86 56.30 -1.49
CA ALA B 609 -11.04 56.55 -0.68
C ALA B 609 -12.27 56.27 -1.53
N ASP B 610 -13.36 55.89 -0.86
CA ASP B 610 -14.60 55.57 -1.55
C ASP B 610 -15.78 55.97 -0.69
N LEU B 611 -16.90 56.30 -1.36
CA LEU B 611 -18.07 56.90 -0.72
C LEU B 611 -19.36 56.26 -1.24
N HIS B 612 -19.43 54.94 -1.26
CA HIS B 612 -20.59 54.24 -1.76
C HIS B 612 -21.72 54.19 -0.72
N GLY B 613 -22.94 54.33 -1.18
CA GLY B 613 -24.09 54.17 -0.31
C GLY B 613 -25.26 55.02 -0.77
N LYS B 614 -26.34 54.95 0.01
CA LYS B 614 -27.56 55.72 -0.21
C LYS B 614 -27.88 56.50 1.05
N ALA B 615 -27.98 57.83 0.93
CA ALA B 615 -28.06 58.69 2.11
C ALA B 615 -29.39 59.41 2.26
N PHE B 616 -29.81 60.20 1.28
CA PHE B 616 -30.95 61.10 1.46
C PHE B 616 -31.90 60.99 0.28
N GLY B 617 -32.25 59.76 -0.10
CA GLY B 617 -33.05 59.54 -1.28
C GLY B 617 -32.27 59.52 -2.57
N VAL B 618 -30.95 59.73 -2.51
CA VAL B 618 -30.07 59.62 -3.67
C VAL B 618 -28.97 58.63 -3.32
N GLU B 619 -28.39 58.03 -4.36
CA GLU B 619 -27.36 57.02 -4.19
C GLU B 619 -26.06 57.53 -4.82
N LEU B 620 -25.03 57.67 -4.00
CA LEU B 620 -23.72 58.14 -4.44
C LEU B 620 -22.74 56.98 -4.50
N HIS B 621 -21.85 57.03 -5.49
CA HIS B 621 -20.80 56.02 -5.64
C HIS B 621 -19.56 56.71 -6.17
N SER B 622 -18.58 56.93 -5.31
CA SER B 622 -17.37 57.64 -5.68
C SER B 622 -16.14 56.78 -5.36
N GLU B 623 -15.04 57.09 -6.05
CA GLU B 623 -13.82 56.34 -5.87
C GLU B 623 -12.62 57.16 -6.35
N TYR B 624 -11.55 57.12 -5.57
CA TYR B 624 -10.29 57.77 -5.91
C TYR B 624 -9.15 56.80 -5.63
N ALA B 625 -8.09 56.88 -6.44
CA ALA B 625 -6.95 56.00 -6.28
C ALA B 625 -5.69 56.65 -6.82
N THR B 626 -4.56 56.31 -6.22
CA THR B 626 -3.24 56.77 -6.65
C THR B 626 -2.28 55.60 -6.58
N SER B 627 -1.46 55.41 -7.62
CA SER B 627 -0.75 54.15 -7.80
C SER B 627 0.70 54.19 -7.33
N ARG B 628 1.53 55.07 -7.91
CA ARG B 628 2.94 55.17 -7.53
C ARG B 628 3.65 53.82 -7.69
N VAL B 629 3.74 53.38 -8.93
CA VAL B 629 4.41 52.12 -9.26
C VAL B 629 5.90 52.36 -9.46
N ARG B 630 6.72 51.45 -8.93
CA ARG B 630 8.17 51.50 -9.04
C ARG B 630 8.62 50.40 -9.99
N PRO B 631 9.00 50.71 -11.21
CA PRO B 631 9.07 49.70 -12.28
C PRO B 631 10.42 48.98 -12.34
N ASN B 632 10.85 48.42 -11.22
CA ASN B 632 12.02 47.53 -11.15
C ASN B 632 13.19 48.19 -11.86
N THR B 633 13.84 47.52 -12.82
CA THR B 633 14.99 48.06 -13.52
C THR B 633 16.02 48.66 -12.55
N ALA B 634 16.69 49.73 -12.98
CA ALA B 634 17.69 50.40 -12.16
C ALA B 634 17.30 51.83 -11.83
N ASN B 635 16.89 52.61 -12.83
CA ASN B 635 16.38 53.96 -12.61
C ASN B 635 14.89 53.99 -12.32
N ALA B 636 14.12 53.09 -12.92
CA ALA B 636 12.69 52.98 -12.62
C ALA B 636 11.92 54.23 -13.05
N ALA B 637 12.20 55.37 -12.42
CA ALA B 637 11.47 56.60 -12.70
C ALA B 637 9.98 56.41 -12.39
N VAL B 638 9.71 56.28 -11.09
CA VAL B 638 8.37 55.98 -10.57
C VAL B 638 7.31 56.78 -11.31
N GLN B 639 6.26 56.10 -11.77
CA GLN B 639 5.16 56.75 -12.47
C GLN B 639 3.89 56.66 -11.64
N THR B 640 3.14 57.76 -11.60
CA THR B 640 1.91 57.86 -10.83
C THR B 640 0.71 57.77 -11.77
N SER B 641 -0.32 57.06 -11.33
CA SER B 641 -1.53 56.88 -12.11
C SER B 641 -2.74 56.85 -11.18
N ASN B 642 -3.69 57.73 -11.43
CA ASN B 642 -4.88 57.86 -10.60
C ASN B 642 -6.10 57.30 -11.33
N ALA B 643 -7.17 57.11 -10.56
CA ALA B 643 -8.43 56.60 -11.10
C ALA B 643 -9.55 57.13 -10.23
N PHE B 644 -10.32 58.09 -10.76
CA PHE B 644 -11.38 58.74 -10.01
C PHE B 644 -12.69 58.65 -10.78
N TYR B 645 -13.77 58.37 -10.06
CA TYR B 645 -15.09 58.40 -10.65
C TYR B 645 -16.11 58.79 -9.59
N ALA B 646 -17.25 59.31 -10.04
CA ALA B 646 -18.31 59.75 -9.13
C ALA B 646 -19.64 59.65 -9.88
N ARG B 647 -20.45 58.67 -9.50
CA ARG B 647 -21.74 58.42 -10.12
C ARG B 647 -22.86 58.67 -9.11
N VAL B 648 -24.00 59.13 -9.61
CA VAL B 648 -25.25 59.09 -8.88
C VAL B 648 -26.13 58.05 -9.57
N ALA B 649 -26.04 56.80 -9.13
CA ALA B 649 -26.72 55.71 -9.81
C ALA B 649 -26.91 54.56 -8.82
N THR B 650 -27.76 53.62 -9.20
CA THR B 650 -28.13 52.49 -8.36
C THR B 650 -27.17 51.32 -8.63
N ARG B 651 -26.53 50.84 -7.57
CA ARG B 651 -25.63 49.70 -7.65
C ARG B 651 -26.31 48.46 -7.10
N LYS B 652 -26.12 47.33 -7.78
CA LYS B 652 -26.70 46.08 -7.35
C LYS B 652 -25.87 45.49 -6.22
N ASP B 653 -26.30 44.33 -5.71
CA ASP B 653 -25.56 43.66 -4.65
C ASP B 653 -24.29 43.00 -5.16
N ASN B 654 -24.29 42.54 -6.42
CA ASN B 654 -23.09 42.01 -7.04
C ASN B 654 -22.15 43.11 -7.50
N LEU B 655 -22.44 44.36 -7.15
CA LEU B 655 -21.60 45.52 -7.42
C LEU B 655 -21.72 46.00 -8.86
N ALA B 656 -22.55 45.36 -9.66
CA ALA B 656 -22.89 45.90 -10.98
C ALA B 656 -23.85 47.05 -10.81
N PHE B 657 -23.83 47.98 -11.77
CA PHE B 657 -24.65 49.17 -11.71
C PHE B 657 -25.94 48.94 -12.48
N ASP B 658 -27.07 49.04 -11.79
CA ASP B 658 -28.39 48.91 -12.40
C ASP B 658 -28.84 50.28 -12.88
N LEU B 659 -28.83 50.48 -14.19
CA LEU B 659 -29.19 51.77 -14.77
C LEU B 659 -30.67 51.86 -15.13
N ASN B 660 -31.45 50.84 -14.78
CA ASN B 660 -32.89 50.88 -15.00
C ASN B 660 -33.65 51.40 -13.78
N THR B 661 -33.01 51.48 -12.63
CA THR B 661 -33.62 52.05 -11.43
C THR B 661 -33.16 53.49 -11.28
N PRO B 662 -34.07 54.46 -11.13
CA PRO B 662 -33.66 55.86 -11.18
C PRO B 662 -32.61 56.24 -10.14
N ALA B 663 -32.92 56.07 -8.87
CA ALA B 663 -32.08 56.52 -7.76
C ALA B 663 -32.21 58.01 -7.48
N ALA B 664 -33.02 58.74 -8.25
CA ALA B 664 -33.30 60.14 -7.96
C ALA B 664 -34.75 60.37 -7.59
N LYS B 665 -35.70 60.00 -8.47
CA LYS B 665 -37.12 60.03 -8.15
C LYS B 665 -37.55 61.38 -7.57
N PHE B 666 -37.51 62.40 -8.44
CA PHE B 666 -37.84 63.76 -8.05
C PHE B 666 -39.34 64.06 -8.15
N GLY B 667 -40.19 63.04 -8.11
CA GLY B 667 -41.63 63.29 -8.20
C GLY B 667 -42.40 61.99 -8.16
N ASN B 668 -43.70 62.11 -8.37
CA ASN B 668 -44.62 60.98 -8.40
C ASN B 668 -44.95 60.60 -9.84
N ASP B 669 -45.91 59.69 -10.01
CA ASP B 669 -46.25 59.20 -11.34
C ASP B 669 -46.79 60.27 -12.28
N THR B 670 -47.63 61.18 -11.79
CA THR B 670 -48.17 62.23 -12.63
C THR B 670 -47.09 63.18 -13.14
N PHE B 671 -46.10 63.48 -12.30
CA PHE B 671 -44.93 64.26 -12.68
C PHE B 671 -43.74 63.60 -12.00
N GLY B 672 -42.98 62.82 -12.76
CA GLY B 672 -42.03 61.91 -12.16
C GLY B 672 -40.61 61.95 -12.70
N VAL B 673 -40.10 63.15 -12.98
CA VAL B 673 -38.73 63.25 -13.47
C VAL B 673 -37.81 62.36 -12.65
N SER B 674 -37.09 61.47 -13.34
CA SER B 674 -36.26 60.47 -12.68
C SER B 674 -34.86 60.55 -13.27
N LEU B 675 -33.87 60.81 -12.43
CA LEU B 675 -32.48 60.70 -12.85
C LEU B 675 -32.03 59.25 -12.75
N TYR B 676 -31.49 58.73 -13.85
CA TYR B 676 -31.02 57.35 -13.90
C TYR B 676 -29.51 57.22 -13.74
N ASP B 677 -28.75 58.17 -14.27
CA ASP B 677 -27.30 58.14 -14.12
C ASP B 677 -26.75 59.53 -14.30
N LEU B 678 -25.71 59.87 -13.54
CA LEU B 678 -25.00 61.13 -13.68
C LEU B 678 -23.59 60.90 -13.15
N ASN B 679 -22.63 60.72 -14.05
CA ASN B 679 -21.31 60.24 -13.66
C ASN B 679 -20.22 61.05 -14.36
N TYR B 680 -19.06 61.08 -13.70
CA TYR B 680 -17.82 61.60 -14.26
C TYR B 680 -16.73 60.56 -14.00
N ARG B 681 -15.73 60.53 -14.87
CA ARG B 681 -14.69 59.52 -14.77
C ARG B 681 -13.39 60.07 -15.34
N LYS B 682 -12.29 59.80 -14.63
CA LYS B 682 -10.97 60.30 -14.99
C LYS B 682 -9.91 59.21 -14.80
N ILE B 683 -10.21 58.00 -15.27
CA ILE B 683 -9.23 56.91 -15.20
C ILE B 683 -8.01 57.27 -16.04
N ASP B 684 -6.83 57.02 -15.50
CA ASP B 684 -5.59 57.34 -16.20
C ASP B 684 -5.19 56.21 -17.14
N ALA B 685 -4.26 56.52 -18.04
CA ALA B 685 -3.85 55.57 -19.07
C ALA B 685 -3.01 54.43 -18.50
N GLY B 686 -2.19 54.71 -17.49
CA GLY B 686 -1.30 53.72 -16.92
C GLY B 686 -1.88 52.88 -15.81
N TYR B 687 -3.18 53.01 -15.53
CA TYR B 687 -3.80 52.30 -14.40
C TYR B 687 -4.32 50.95 -14.88
N ASN B 688 -3.64 49.89 -14.45
CA ASN B 688 -4.06 48.52 -14.67
C ASN B 688 -4.09 47.77 -13.35
N ASN B 689 -4.24 46.45 -13.42
CA ASN B 689 -4.27 45.65 -12.21
C ASN B 689 -2.95 45.66 -11.45
N VAL B 690 -1.87 46.13 -12.07
CA VAL B 690 -0.62 46.30 -11.35
C VAL B 690 -0.60 47.61 -10.58
N ALA B 691 -1.08 48.69 -11.21
CA ALA B 691 -1.13 49.98 -10.54
C ALA B 691 -1.92 49.90 -9.24
N GLY B 692 -3.19 49.55 -9.33
CA GLY B 692 -3.96 49.16 -8.17
C GLY B 692 -3.82 47.66 -8.01
N ILE B 693 -3.42 47.23 -6.82
CA ILE B 693 -2.91 45.87 -6.65
C ILE B 693 -4.06 44.89 -6.64
N SER B 694 -4.42 44.40 -7.82
CA SER B 694 -5.56 43.52 -8.02
C SER B 694 -5.15 42.35 -8.89
N GLU B 695 -6.08 41.43 -9.12
CA GLU B 695 -5.78 40.26 -9.93
C GLU B 695 -5.92 40.55 -11.42
N TYR B 696 -7.09 41.06 -11.83
CA TYR B 696 -7.37 41.34 -13.23
C TYR B 696 -7.97 42.72 -13.38
N GLY B 697 -8.22 43.09 -14.62
CA GLY B 697 -9.24 44.05 -14.96
C GLY B 697 -8.71 45.43 -15.30
N TYR B 698 -9.64 46.40 -15.25
CA TYR B 698 -9.37 47.80 -15.54
C TYR B 698 -9.12 47.99 -17.04
N GLY B 699 -9.98 47.33 -17.82
CA GLY B 699 -9.94 47.43 -19.27
C GLY B 699 -11.28 47.00 -19.83
N SER B 700 -11.61 47.55 -21.00
CA SER B 700 -12.91 47.30 -21.60
C SER B 700 -13.23 45.81 -21.60
N TYR B 701 -14.40 45.46 -21.03
CA TYR B 701 -14.79 44.07 -20.95
C TYR B 701 -15.09 43.50 -22.34
N SER B 702 -15.71 44.30 -23.21
CA SER B 702 -16.11 43.83 -24.53
C SER B 702 -15.39 44.53 -25.66
N ARG B 703 -15.36 45.86 -25.66
CA ARG B 703 -14.73 46.64 -26.73
C ARG B 703 -15.60 46.67 -27.99
N THR B 704 -16.68 45.90 -27.99
CA THR B 704 -17.71 45.99 -29.01
C THR B 704 -19.08 46.29 -28.43
N SER B 705 -19.43 45.69 -27.30
CA SER B 705 -20.56 46.13 -26.50
C SER B 705 -20.11 47.37 -25.73
N ALA B 706 -20.87 47.78 -24.72
CA ALA B 706 -20.48 48.95 -23.95
C ALA B 706 -19.01 48.85 -23.60
N GLN B 707 -18.18 49.73 -24.17
CA GLN B 707 -16.74 49.60 -24.06
C GLN B 707 -16.11 50.57 -23.08
N ASN B 708 -16.90 51.46 -22.48
CA ASN B 708 -16.41 52.28 -21.39
C ASN B 708 -16.54 51.59 -20.04
N ILE B 709 -17.11 50.40 -20.00
CA ILE B 709 -17.40 49.68 -18.76
C ILE B 709 -16.36 48.58 -18.59
N ALA B 710 -15.70 48.59 -17.44
CA ALA B 710 -14.69 47.59 -17.12
C ALA B 710 -15.26 46.40 -16.35
N TYR B 711 -16.55 46.44 -15.98
CA TYR B 711 -17.15 45.37 -15.21
C TYR B 711 -17.04 44.04 -15.95
N ASN B 712 -16.34 43.09 -15.35
CA ASN B 712 -16.12 41.77 -15.94
C ASN B 712 -16.62 40.68 -15.02
N PRO B 713 -17.80 40.11 -15.25
CA PRO B 713 -18.29 39.04 -14.38
C PRO B 713 -17.43 37.78 -14.42
N ASP B 714 -16.67 37.56 -15.49
CA ASP B 714 -15.89 36.33 -15.61
C ASP B 714 -14.74 36.32 -14.61
N THR B 715 -13.98 37.40 -14.53
CA THR B 715 -12.83 37.49 -13.64
C THR B 715 -13.12 38.30 -12.39
N GLY B 716 -14.38 38.63 -12.13
CA GLY B 716 -14.73 39.38 -10.94
C GLY B 716 -14.13 40.77 -10.90
N VAL B 717 -14.02 41.42 -12.06
CA VAL B 717 -13.48 42.78 -12.15
C VAL B 717 -14.66 43.72 -11.92
N THR B 718 -14.94 44.00 -10.66
CA THR B 718 -16.00 44.93 -10.30
C THR B 718 -15.46 46.35 -10.37
N ALA B 719 -15.62 46.99 -11.51
CA ALA B 719 -15.16 48.36 -11.69
C ALA B 719 -15.99 49.02 -12.79
N PRO B 720 -16.63 50.15 -12.50
CA PRO B 720 -17.58 50.70 -13.48
C PRO B 720 -16.95 51.12 -14.80
N PHE B 721 -15.77 51.74 -14.76
CA PHE B 721 -15.21 52.38 -15.94
C PHE B 721 -13.85 51.78 -16.25
N ALA B 722 -13.56 51.69 -17.55
CA ALA B 722 -12.43 50.93 -18.06
C ALA B 722 -11.33 51.84 -18.58
N ASN B 723 -10.13 51.27 -18.65
CA ASN B 723 -8.97 51.92 -19.27
C ASN B 723 -9.04 51.64 -20.76
N LEU B 724 -9.54 52.61 -21.52
CA LEU B 724 -9.73 52.42 -22.95
C LEU B 724 -8.39 52.36 -23.66
N ASP B 725 -8.37 51.63 -24.77
CA ASP B 725 -7.19 51.52 -25.62
C ASP B 725 -7.55 51.89 -27.05
N ARG B 726 -6.56 52.38 -27.79
CA ARG B 726 -6.73 52.81 -29.17
C ARG B 726 -6.29 51.69 -30.11
N GLN B 727 -7.08 51.43 -31.12
CA GLN B 727 -6.83 50.33 -32.06
C GLN B 727 -6.41 50.86 -33.41
N ALA B 728 -5.53 50.10 -34.07
CA ALA B 728 -5.02 50.49 -35.38
C ALA B 728 -4.55 49.24 -36.12
N TYR B 729 -4.38 49.39 -37.42
CA TYR B 729 -3.91 48.30 -38.26
C TYR B 729 -2.49 47.90 -37.86
N THR B 730 -2.23 46.58 -37.93
CA THR B 730 -0.95 46.07 -37.45
C THR B 730 0.15 46.20 -38.51
N ASP B 731 -0.01 45.52 -39.65
CA ASP B 731 1.00 45.50 -40.71
C ASP B 731 2.33 45.00 -40.15
N ALA B 732 2.33 43.73 -39.72
CA ALA B 732 3.47 43.16 -39.02
C ALA B 732 4.60 42.77 -39.98
N ASN B 733 4.32 41.82 -40.88
CA ASN B 733 5.35 41.32 -41.79
C ASN B 733 5.32 42.05 -43.13
N ASN B 734 4.19 41.98 -43.82
CA ASN B 734 4.04 42.66 -45.09
C ASN B 734 4.00 44.17 -44.88
N ASP B 735 4.26 44.91 -45.96
CA ASP B 735 4.22 46.37 -45.93
C ASP B 735 3.35 46.86 -47.07
N GLY B 736 2.50 47.85 -46.78
CA GLY B 736 1.62 48.39 -47.78
C GLY B 736 0.18 47.94 -47.59
N THR B 737 0.00 46.79 -46.95
CA THR B 737 -1.33 46.23 -46.69
C THR B 737 -1.43 45.84 -45.23
N SER B 738 -2.61 46.07 -44.66
CA SER B 738 -2.86 45.77 -43.26
C SER B 738 -3.04 44.26 -43.06
N ASP B 739 -2.57 43.77 -41.91
CA ASP B 739 -2.64 42.35 -41.63
C ASP B 739 -4.09 41.91 -41.41
N ARG B 740 -4.41 40.73 -41.93
CA ARG B 740 -5.73 40.13 -41.77
C ARG B 740 -5.56 38.69 -41.29
N ASN B 741 -6.60 38.18 -40.64
CA ASN B 741 -6.62 36.79 -40.23
C ASN B 741 -7.07 35.91 -41.38
N ALA B 742 -7.14 34.59 -41.13
CA ALA B 742 -7.57 33.67 -42.16
C ALA B 742 -9.02 33.94 -42.59
N ASP B 743 -9.89 34.23 -41.62
CA ASP B 743 -11.28 34.53 -41.92
C ASP B 743 -11.47 35.89 -42.58
N GLY B 744 -10.43 36.70 -42.64
CA GLY B 744 -10.52 38.03 -43.20
C GLY B 744 -10.60 39.14 -42.17
N THR B 745 -10.76 38.82 -40.89
CA THR B 745 -10.83 39.83 -39.86
C THR B 745 -9.49 40.54 -39.72
N VAL B 746 -9.54 41.80 -39.30
CA VAL B 746 -8.34 42.61 -39.17
C VAL B 746 -7.59 42.24 -37.92
N VAL B 747 -6.27 42.45 -37.93
CA VAL B 747 -5.43 42.32 -36.75
C VAL B 747 -5.09 43.71 -36.27
N ALA B 748 -5.41 44.00 -35.01
CA ALA B 748 -5.30 45.35 -34.46
C ALA B 748 -4.28 45.39 -33.34
N THR B 749 -3.61 46.52 -33.21
CA THR B 749 -2.70 46.80 -32.10
C THR B 749 -3.38 47.75 -31.13
N ASN B 750 -3.41 47.37 -29.86
CA ASN B 750 -4.16 48.11 -28.86
C ASN B 750 -3.21 48.96 -28.02
N THR B 751 -3.49 50.26 -27.96
CA THR B 751 -2.69 51.21 -27.19
C THR B 751 -3.57 51.78 -26.09
N LYS B 752 -3.17 51.59 -24.83
CA LYS B 752 -3.95 52.10 -23.73
C LYS B 752 -3.96 53.62 -23.73
N ILE B 753 -5.15 54.20 -23.71
CA ILE B 753 -5.30 55.65 -23.68
C ILE B 753 -5.97 56.14 -22.40
N GLY B 754 -6.57 55.27 -21.60
CA GLY B 754 -7.26 55.70 -20.40
C GLY B 754 -8.71 56.03 -20.67
N GLN B 755 -9.28 56.91 -19.85
CA GLN B 755 -10.65 57.34 -20.06
C GLN B 755 -10.98 58.57 -19.23
N MET B 756 -11.61 59.56 -19.86
CA MET B 756 -12.09 60.74 -19.15
C MET B 756 -13.37 61.20 -19.83
N GLY B 757 -14.44 61.36 -19.05
CA GLY B 757 -15.68 61.81 -19.64
C GLY B 757 -16.80 61.78 -18.63
N PHE B 758 -17.94 62.32 -19.04
CA PHE B 758 -19.12 62.41 -18.20
C PHE B 758 -20.30 61.79 -18.93
N GLY B 759 -21.38 61.56 -18.20
CA GLY B 759 -22.57 60.98 -18.78
C GLY B 759 -23.81 61.14 -17.93
N VAL B 760 -24.92 61.49 -18.55
CA VAL B 760 -26.19 61.68 -17.85
C VAL B 760 -27.30 60.96 -18.61
N LYS B 761 -28.08 60.17 -17.89
CA LYS B 761 -29.29 59.53 -18.41
C LYS B 761 -30.45 59.86 -17.49
N ALA B 762 -31.52 60.42 -18.05
CA ALA B 762 -32.66 60.85 -17.24
C ALA B 762 -33.94 60.64 -18.02
N ALA B 763 -35.06 60.67 -17.29
CA ALA B 763 -36.37 60.49 -17.90
C ALA B 763 -37.40 61.29 -17.11
N ALA B 764 -38.31 61.93 -17.84
CA ALA B 764 -39.39 62.72 -17.26
C ALA B 764 -40.71 62.00 -17.50
N ASN B 765 -41.43 61.73 -16.43
CA ASN B 765 -42.70 61.00 -16.51
C ASN B 765 -43.84 62.02 -16.53
N LEU B 766 -44.50 62.12 -17.67
CA LEU B 766 -45.72 62.90 -17.82
C LEU B 766 -46.90 62.01 -17.44
N GLY B 767 -48.11 62.35 -17.89
CA GLY B 767 -49.27 61.55 -17.63
C GLY B 767 -49.36 60.48 -18.69
N PRO B 768 -50.27 60.64 -19.65
CA PRO B 768 -50.29 59.71 -20.80
C PRO B 768 -49.04 59.80 -21.66
N VAL B 769 -48.05 60.60 -21.27
CA VAL B 769 -46.82 60.78 -22.03
C VAL B 769 -45.63 60.50 -21.13
N ALA B 770 -44.49 60.19 -21.77
CA ALA B 770 -43.23 59.97 -21.08
C ALA B 770 -42.11 60.34 -22.02
N ILE B 771 -41.03 60.91 -21.49
CA ILE B 771 -39.88 61.26 -22.32
C ILE B 771 -38.62 60.82 -21.60
N GLY B 772 -37.55 60.63 -22.37
CA GLY B 772 -36.28 60.24 -21.80
C GLY B 772 -35.15 60.67 -22.70
N GLY B 773 -33.97 60.80 -22.11
CA GLY B 773 -32.81 61.24 -22.85
C GLY B 773 -31.53 60.77 -22.19
N TYR B 774 -30.48 60.72 -22.99
CA TYR B 774 -29.17 60.31 -22.51
C TYR B 774 -28.09 61.00 -23.33
N TYR B 775 -26.97 61.27 -22.66
CA TYR B 775 -25.80 61.87 -23.27
C TYR B 775 -24.57 61.26 -22.61
N ASP B 776 -23.53 61.04 -23.43
CA ASP B 776 -22.33 60.41 -22.91
C ASP B 776 -21.16 60.72 -23.83
N THR B 777 -20.15 61.42 -23.33
CA THR B 777 -18.94 61.71 -24.07
C THR B 777 -17.75 61.21 -23.27
N SER B 778 -16.88 60.43 -23.91
CA SER B 778 -15.65 59.95 -23.30
C SER B 778 -14.51 60.22 -24.26
N THR B 779 -13.35 60.56 -23.71
CA THR B 779 -12.14 60.75 -24.48
C THR B 779 -11.02 59.93 -23.83
N GLY B 780 -9.79 60.11 -24.30
CA GLY B 780 -8.66 59.56 -23.59
C GLY B 780 -8.37 60.35 -22.33
N ALA B 781 -7.46 59.80 -21.52
CA ALA B 781 -7.11 60.46 -20.27
C ALA B 781 -6.50 61.83 -20.52
N ASN B 782 -5.69 61.94 -21.56
CA ASN B 782 -5.08 63.24 -21.88
C ASN B 782 -6.13 64.27 -22.27
N GLY B 783 -7.17 63.85 -22.99
CA GLY B 783 -8.22 64.75 -23.42
C GLY B 783 -8.21 65.05 -24.90
N ASP B 784 -7.33 64.44 -25.68
CA ASP B 784 -7.26 64.71 -27.11
C ASP B 784 -8.52 64.18 -27.80
N ASN B 785 -9.13 65.03 -28.64
CA ASN B 785 -10.36 64.69 -29.32
C ASN B 785 -10.19 63.62 -30.39
N ALA B 786 -8.97 63.15 -30.62
CA ALA B 786 -8.73 62.07 -31.56
C ALA B 786 -9.30 60.74 -31.08
N ASN B 787 -9.71 60.65 -29.81
CA ASN B 787 -10.27 59.44 -29.24
C ASN B 787 -11.67 59.64 -28.70
N ARG B 788 -12.32 60.76 -29.03
CA ARG B 788 -13.64 61.06 -28.49
C ARG B 788 -14.69 60.13 -29.08
N MET B 789 -15.64 59.72 -28.25
CA MET B 789 -16.77 58.90 -28.68
C MET B 789 -18.00 59.39 -27.93
N THR B 790 -18.86 60.13 -28.62
CA THR B 790 -20.04 60.72 -28.02
C THR B 790 -21.29 59.98 -28.48
N GLU B 791 -22.14 59.62 -27.53
CA GLU B 791 -23.47 59.10 -27.81
C GLU B 791 -24.50 59.98 -27.14
N ALA B 792 -25.48 60.44 -27.90
CA ALA B 792 -26.60 61.21 -27.41
C ALA B 792 -27.88 60.69 -28.04
N GLY B 793 -29.00 60.87 -27.36
CA GLY B 793 -30.26 60.42 -27.90
C GLY B 793 -31.41 60.78 -26.99
N GLY B 794 -32.57 60.27 -27.37
CA GLY B 794 -33.79 60.53 -26.62
C GLY B 794 -34.99 59.85 -27.22
N SER B 795 -35.97 59.53 -26.38
CA SER B 795 -37.18 58.85 -26.84
C SER B 795 -38.39 59.49 -26.18
N ALA B 796 -39.53 59.34 -26.85
CA ALA B 796 -40.80 59.84 -26.36
C ALA B 796 -41.88 58.79 -26.61
N LYS B 797 -42.69 58.52 -25.60
CA LYS B 797 -43.75 57.54 -25.69
C LYS B 797 -45.06 58.17 -25.26
N VAL B 798 -46.14 57.80 -25.94
CA VAL B 798 -47.50 58.18 -25.54
C VAL B 798 -48.36 56.93 -25.57
N ALA B 799 -48.90 56.55 -24.41
CA ALA B 799 -49.69 55.33 -24.28
C ALA B 799 -51.03 55.67 -23.66
N TYR B 800 -52.11 55.28 -24.33
CA TYR B 800 -53.45 55.51 -23.82
C TYR B 800 -54.36 54.37 -24.24
N SER B 801 -55.19 53.91 -23.32
CA SER B 801 -56.11 52.81 -23.60
C SER B 801 -55.34 51.57 -24.04
N ILE B 802 -55.53 51.17 -25.29
CA ILE B 802 -54.85 50.02 -25.87
C ILE B 802 -53.94 50.42 -27.02
N PHE B 803 -53.55 51.69 -27.06
CA PHE B 803 -52.69 52.22 -28.11
C PHE B 803 -51.41 52.76 -27.49
N SER B 804 -50.29 52.54 -28.17
CA SER B 804 -49.00 53.06 -27.74
C SER B 804 -48.22 53.53 -28.96
N LEU B 805 -47.58 54.69 -28.84
CA LEU B 805 -46.80 55.26 -29.93
C LEU B 805 -45.48 55.73 -29.39
N ARG B 806 -44.39 55.23 -29.95
CA ARG B 806 -43.04 55.53 -29.50
C ARG B 806 -42.24 56.15 -30.64
N GLY B 807 -41.32 57.04 -30.26
CA GLY B 807 -40.40 57.63 -31.21
C GLY B 807 -39.04 57.84 -30.58
N THR B 808 -38.00 57.27 -31.19
CA THR B 808 -36.66 57.26 -30.61
C THR B 808 -35.66 57.81 -31.61
N TYR B 809 -34.71 58.59 -31.11
CA TYR B 809 -33.62 59.13 -31.90
C TYR B 809 -32.31 58.80 -31.20
N ASN B 810 -31.38 58.18 -31.92
CA ASN B 810 -30.11 57.76 -31.36
C ASN B 810 -28.97 58.25 -32.26
N THR B 811 -27.88 58.69 -31.64
CA THR B 811 -26.71 59.13 -32.37
C THR B 811 -25.47 58.50 -31.77
N LEU B 812 -24.43 58.41 -32.59
CA LEU B 812 -23.12 57.94 -32.14
C LEU B 812 -22.08 58.62 -33.00
N ASP B 813 -21.16 59.34 -32.37
CA ASP B 813 -20.11 60.08 -33.06
C ASP B 813 -18.78 59.67 -32.46
N SER B 814 -18.10 58.71 -33.09
CA SER B 814 -16.88 58.13 -32.54
C SER B 814 -15.71 58.50 -33.43
N ASN B 815 -14.94 59.50 -33.01
CA ASN B 815 -13.60 59.69 -33.57
C ASN B 815 -12.65 58.59 -33.14
N ARG B 816 -12.99 57.85 -32.09
CA ARG B 816 -12.23 56.69 -31.71
C ARG B 816 -12.33 55.63 -32.81
N PRO B 817 -11.23 54.94 -33.12
CA PRO B 817 -11.21 54.06 -34.30
C PRO B 817 -12.42 53.14 -34.47
N GLN B 818 -12.67 52.24 -33.51
CA GLN B 818 -13.79 51.32 -33.65
C GLN B 818 -13.58 50.34 -34.81
N ILE B 819 -13.76 49.05 -34.55
CA ILE B 819 -13.62 48.01 -35.57
C ILE B 819 -15.01 47.58 -36.02
N TYR B 820 -15.26 47.61 -37.31
CA TYR B 820 -16.59 47.25 -37.81
C TYR B 820 -16.53 46.99 -39.30
N ARG B 821 -17.57 46.34 -39.81
CA ARG B 821 -17.67 46.08 -41.24
C ARG B 821 -18.21 47.30 -41.97
N ASP B 822 -17.75 47.49 -43.20
CA ASP B 822 -18.24 48.57 -44.04
C ASP B 822 -19.41 48.06 -44.88
N ALA B 823 -19.85 48.86 -45.85
CA ALA B 823 -20.96 48.46 -46.71
C ALA B 823 -20.60 47.21 -47.50
N ALA B 824 -19.38 47.16 -48.04
CA ALA B 824 -18.97 46.01 -48.85
C ALA B 824 -18.98 44.73 -48.02
N GLY B 825 -18.49 44.81 -46.78
CA GLY B 825 -18.50 43.65 -45.91
C GLY B 825 -17.13 43.24 -45.40
N THR B 826 -16.17 44.17 -45.45
CA THR B 826 -14.81 43.93 -44.97
C THR B 826 -14.58 44.70 -43.69
N GLN B 827 -14.03 44.02 -42.69
CA GLN B 827 -13.73 44.67 -41.42
C GLN B 827 -12.70 45.77 -41.63
N ILE B 828 -12.94 46.91 -40.97
CA ILE B 828 -12.07 48.08 -41.04
C ILE B 828 -12.02 48.71 -39.66
N ILE B 829 -11.06 49.62 -39.50
CA ILE B 829 -10.89 50.40 -38.28
C ILE B 829 -10.90 51.86 -38.67
N GLY B 830 -11.88 52.60 -38.16
CA GLY B 830 -11.97 54.02 -38.49
C GLY B 830 -13.21 54.62 -37.86
N ASP B 831 -13.14 55.94 -37.66
CA ASP B 831 -14.20 56.66 -36.97
C ASP B 831 -15.56 56.36 -37.59
N ALA B 832 -16.63 56.55 -36.81
CA ALA B 832 -17.97 56.21 -37.25
C ALA B 832 -18.96 57.28 -36.84
N LYS B 833 -19.99 57.47 -37.66
CA LYS B 833 -21.12 58.32 -37.31
C LYS B 833 -22.39 57.54 -37.64
N VAL B 834 -23.23 57.33 -36.63
CA VAL B 834 -24.47 56.57 -36.77
C VAL B 834 -25.61 57.45 -36.31
N ARG B 835 -26.67 57.52 -37.10
CA ARG B 835 -27.89 58.23 -36.75
C ARG B 835 -29.07 57.33 -37.04
N ARG B 836 -29.86 57.02 -36.01
CA ARG B 836 -31.03 56.18 -36.16
C ARG B 836 -32.24 56.89 -35.60
N TYR B 837 -33.40 56.66 -36.22
CA TYR B 837 -34.65 57.14 -35.65
C TYR B 837 -35.75 56.16 -36.02
N ALA B 838 -36.54 55.78 -35.01
CA ALA B 838 -37.55 54.75 -35.18
C ALA B 838 -38.86 55.20 -34.56
N VAL B 839 -39.95 54.98 -35.29
CA VAL B 839 -41.30 55.24 -34.80
C VAL B 839 -42.03 53.91 -34.79
N GLN B 840 -42.59 53.54 -33.64
CA GLN B 840 -43.26 52.26 -33.46
C GLN B 840 -44.65 52.48 -32.88
N ALA B 841 -45.66 51.90 -33.53
CA ALA B 841 -47.04 51.98 -33.08
C ALA B 841 -47.52 50.58 -32.73
N ASP B 842 -48.09 50.43 -31.55
CA ASP B 842 -48.54 49.13 -31.05
C ASP B 842 -49.98 49.24 -30.57
N VAL B 843 -50.78 48.22 -30.86
CA VAL B 843 -52.16 48.14 -30.43
C VAL B 843 -52.39 46.78 -29.82
N THR B 844 -52.95 46.75 -28.61
CA THR B 844 -53.23 45.51 -27.88
C THR B 844 -54.71 45.41 -27.55
N PRO B 845 -55.51 44.73 -28.38
CA PRO B 845 -56.95 44.67 -28.12
C PRO B 845 -57.29 44.05 -26.77
N GLY B 846 -56.41 43.23 -26.21
CA GLY B 846 -56.60 42.66 -24.89
C GLY B 846 -57.05 41.21 -24.89
N LEU B 847 -57.38 40.64 -26.05
CA LEU B 847 -57.82 39.26 -26.14
C LEU B 847 -56.65 38.29 -26.28
N GLY B 848 -55.47 38.68 -25.83
CA GLY B 848 -54.25 37.93 -26.07
C GLY B 848 -53.54 38.27 -27.36
N LEU B 849 -54.20 39.01 -28.25
CA LEU B 849 -53.62 39.39 -29.53
C LEU B 849 -52.72 40.60 -29.34
N PHE B 850 -51.97 40.91 -30.41
CA PHE B 850 -51.13 42.10 -30.43
C PHE B 850 -50.80 42.43 -31.88
N VAL B 851 -50.72 43.72 -32.19
CA VAL B 851 -50.31 44.19 -33.50
C VAL B 851 -49.19 45.20 -33.30
N GLY B 852 -48.33 45.30 -34.31
CA GLY B 852 -47.24 46.25 -34.25
C GLY B 852 -46.74 46.69 -35.61
N ALA B 853 -46.65 47.99 -35.81
CA ALA B 853 -46.09 48.57 -37.02
C ALA B 853 -44.89 49.42 -36.64
N TYR B 854 -43.87 49.42 -37.48
CA TYR B 854 -42.65 50.13 -37.19
C TYR B 854 -42.02 50.65 -38.46
N TYR B 855 -41.24 51.73 -38.32
CA TYR B 855 -40.42 52.28 -39.39
C TYR B 855 -39.10 52.73 -38.75
N ARG B 856 -38.04 51.96 -38.97
CA ARG B 856 -36.73 52.26 -38.41
C ARG B 856 -35.79 52.65 -39.54
N ASP B 857 -35.02 53.73 -39.35
CA ASP B 857 -34.18 54.29 -40.39
C ASP B 857 -32.77 54.52 -39.82
N VAL B 858 -31.81 53.69 -40.24
CA VAL B 858 -30.43 53.85 -39.84
C VAL B 858 -29.70 54.69 -40.87
N ASN B 859 -28.56 55.27 -40.47
CA ASN B 859 -27.79 56.13 -41.35
C ASN B 859 -26.34 56.11 -40.85
N VAL B 860 -25.50 55.32 -41.51
CA VAL B 860 -24.12 55.12 -41.09
C VAL B 860 -23.20 55.92 -42.00
N ASN B 861 -22.41 56.81 -41.41
CA ASN B 861 -21.41 57.59 -42.12
C ASN B 861 -22.04 58.44 -43.23
N GLY B 862 -23.30 58.80 -43.07
CA GLY B 862 -24.02 59.64 -44.00
C GLY B 862 -24.85 58.88 -45.02
N VAL B 863 -24.56 57.60 -45.22
CA VAL B 863 -25.30 56.76 -46.16
C VAL B 863 -26.37 56.01 -45.39
N ARG B 864 -27.45 55.63 -46.08
CA ARG B 864 -28.63 55.12 -45.37
C ARG B 864 -28.39 53.77 -44.72
N SER B 865 -27.35 53.03 -45.11
CA SER B 865 -26.86 51.96 -44.23
C SER B 865 -27.92 50.93 -43.89
N THR B 866 -28.29 50.07 -44.84
CA THR B 866 -29.32 49.07 -44.63
C THR B 866 -29.31 48.48 -43.23
N THR B 867 -28.12 48.30 -42.65
CA THR B 867 -28.01 47.87 -41.27
C THR B 867 -26.78 48.51 -40.65
N ASP B 868 -26.91 48.92 -39.38
CA ASP B 868 -25.73 49.36 -38.66
C ASP B 868 -24.85 48.16 -38.36
N ARG B 869 -23.58 48.43 -38.08
CA ARG B 869 -22.58 47.38 -37.94
C ARG B 869 -22.26 47.12 -36.47
N GLY B 870 -23.29 47.20 -35.62
CA GLY B 870 -23.10 47.07 -34.20
C GLY B 870 -22.55 48.30 -33.52
N LEU B 871 -22.45 49.42 -34.24
CA LEU B 871 -21.85 50.62 -33.68
C LEU B 871 -22.71 51.21 -32.57
N LEU B 872 -24.03 51.20 -32.75
CA LEU B 872 -24.91 51.78 -31.74
C LEU B 872 -24.79 51.09 -30.39
N GLY B 873 -24.26 49.88 -30.37
CA GLY B 873 -24.03 49.15 -29.15
C GLY B 873 -22.74 49.46 -28.42
N ARG B 874 -21.95 50.40 -28.92
CA ARG B 874 -20.70 50.75 -28.26
C ARG B 874 -20.91 51.55 -26.98
N GLY B 875 -22.08 52.16 -26.81
CA GLY B 875 -22.36 52.93 -25.61
C GLY B 875 -23.16 52.14 -24.60
N TYR B 876 -23.04 52.51 -23.32
CA TYR B 876 -23.74 51.79 -22.27
C TYR B 876 -25.05 52.42 -21.87
N LEU B 877 -25.41 53.56 -22.46
CA LEU B 877 -26.70 54.21 -22.24
C LEU B 877 -27.45 54.23 -23.56
N ALA B 878 -28.40 53.31 -23.73
CA ALA B 878 -29.25 53.26 -24.91
C ALA B 878 -30.68 53.65 -24.59
N SER B 879 -31.32 52.98 -23.63
CA SER B 879 -32.50 53.51 -22.94
C SER B 879 -33.62 53.82 -23.93
N SER B 880 -34.18 52.76 -24.49
CA SER B 880 -35.44 52.85 -25.22
C SER B 880 -36.61 52.65 -24.25
N PHE B 881 -37.81 52.93 -24.74
CA PHE B 881 -39.03 52.74 -23.96
C PHE B 881 -39.70 51.43 -24.35
N GLU B 882 -40.77 51.09 -23.62
CA GLU B 882 -41.44 49.84 -23.83
C GLU B 882 -42.92 50.05 -24.13
N PRO B 883 -43.51 49.25 -25.00
CA PRO B 883 -44.94 49.41 -25.29
C PRO B 883 -45.81 49.06 -24.10
N GLY B 884 -46.99 49.66 -24.06
CA GLY B 884 -47.95 49.39 -23.01
C GLY B 884 -48.27 50.58 -22.15
N VAL B 885 -49.51 50.68 -21.71
CA VAL B 885 -49.94 51.77 -20.84
C VAL B 885 -49.48 51.46 -19.41
N GLY B 886 -48.87 52.46 -18.77
CA GLY B 886 -48.38 52.27 -17.43
C GLY B 886 -47.07 51.52 -17.35
N ASN B 887 -46.40 51.32 -18.48
CA ASN B 887 -45.10 50.67 -18.55
C ASN B 887 -44.04 51.65 -19.03
N ASN B 888 -44.10 52.88 -18.51
CA ASN B 888 -43.22 53.96 -18.93
C ASN B 888 -41.95 53.98 -18.09
N ALA B 889 -41.12 52.95 -18.32
CA ALA B 889 -39.81 52.83 -17.72
C ALA B 889 -38.74 53.01 -18.79
N TYR B 890 -37.63 53.66 -18.42
CA TYR B 890 -36.57 53.99 -19.36
C TYR B 890 -35.43 52.99 -19.17
N ARG B 891 -35.52 51.90 -19.92
CA ARG B 891 -34.60 50.78 -19.75
C ARG B 891 -33.45 50.87 -20.74
N THR B 892 -32.24 50.59 -20.26
CA THR B 892 -31.06 50.69 -21.11
C THR B 892 -31.09 49.63 -22.21
N GLY B 893 -30.58 50.01 -23.37
CA GLY B 893 -30.52 49.11 -24.50
C GLY B 893 -31.60 49.38 -25.52
N LEU B 894 -31.18 49.72 -26.74
CA LEU B 894 -32.13 49.91 -27.83
C LEU B 894 -32.72 48.56 -28.21
N ARG B 895 -34.01 48.38 -27.99
CA ARG B 895 -34.64 47.10 -28.28
C ARG B 895 -34.79 46.94 -29.78
N CYS B 896 -33.68 46.65 -30.47
CA CYS B 896 -33.67 46.52 -31.92
C CYS B 896 -34.34 45.23 -32.38
N ALA B 897 -34.64 44.31 -31.48
CA ALA B 897 -35.27 43.04 -31.82
C ALA B 897 -36.79 43.09 -31.73
N ASP B 898 -37.37 44.26 -31.51
CA ASP B 898 -38.81 44.39 -31.39
C ASP B 898 -39.46 44.27 -32.76
N ASN B 899 -40.49 43.42 -32.84
CA ASN B 899 -41.36 43.32 -34.01
C ASN B 899 -40.61 42.97 -35.27
N ASN B 900 -39.47 42.29 -35.17
CA ASN B 900 -38.74 41.86 -36.36
C ASN B 900 -38.60 40.35 -36.37
N PHE B 901 -37.93 39.86 -37.41
CA PHE B 901 -37.83 38.45 -37.72
C PHE B 901 -36.62 37.83 -37.05
N GLY B 902 -36.41 36.54 -37.29
CA GLY B 902 -35.23 35.83 -36.85
C GLY B 902 -34.39 35.43 -38.05
N THR B 903 -33.09 35.25 -37.81
CA THR B 903 -32.14 34.91 -38.86
C THR B 903 -31.31 33.69 -38.45
N GLY B 904 -31.93 32.76 -37.74
CA GLY B 904 -31.22 31.57 -37.29
C GLY B 904 -31.06 30.57 -38.42
N THR B 905 -29.91 29.91 -38.44
CA THR B 905 -29.60 28.88 -39.44
C THR B 905 -28.98 27.64 -38.80
N ARG B 906 -29.12 27.48 -37.49
CA ARG B 906 -28.56 26.35 -36.77
C ARG B 906 -29.64 25.74 -35.88
N ASP B 907 -29.50 24.45 -35.59
CA ASP B 907 -30.53 23.75 -34.84
C ASP B 907 -29.95 22.47 -34.24
N ILE B 908 -30.43 22.12 -33.04
CA ILE B 908 -29.96 20.94 -32.35
C ILE B 908 -30.44 19.67 -33.05
N ASP B 909 -31.72 19.63 -33.41
CA ASP B 909 -32.29 18.49 -34.09
C ASP B 909 -32.05 18.61 -35.60
N GLY B 910 -32.32 17.51 -36.32
CA GLY B 910 -32.10 17.53 -37.75
C GLY B 910 -32.94 18.55 -38.46
N VAL B 911 -34.22 18.65 -38.09
CA VAL B 911 -35.12 19.64 -38.69
C VAL B 911 -34.89 20.98 -38.00
N GLY B 912 -35.37 22.06 -38.62
CA GLY B 912 -35.02 23.39 -38.17
C GLY B 912 -35.63 23.82 -36.84
N GLY B 913 -35.37 23.04 -35.80
CA GLY B 913 -35.82 23.40 -34.46
C GLY B 913 -37.26 23.12 -34.16
N VAL B 914 -38.01 22.54 -35.10
CA VAL B 914 -39.43 22.31 -34.90
C VAL B 914 -39.73 21.07 -34.08
N LEU B 915 -38.74 20.20 -33.88
CA LEU B 915 -38.88 19.04 -33.00
C LEU B 915 -38.14 19.24 -31.68
N ASN B 916 -37.80 20.49 -31.35
CA ASN B 916 -37.11 20.80 -30.10
C ASN B 916 -38.09 21.43 -29.13
N PRO B 917 -38.52 20.74 -28.08
CA PRO B 917 -39.43 21.34 -27.11
C PRO B 917 -38.80 22.40 -26.23
N ALA B 918 -37.49 22.62 -26.33
CA ALA B 918 -36.81 23.66 -25.58
C ALA B 918 -36.58 24.92 -26.39
N VAL B 919 -37.07 24.97 -27.63
CA VAL B 919 -36.90 26.11 -28.52
C VAL B 919 -38.27 26.62 -28.91
N ASN B 920 -38.52 27.91 -28.69
CA ASN B 920 -39.75 28.57 -29.11
C ASN B 920 -39.42 29.37 -30.36
N LEU B 921 -39.73 28.80 -31.53
CA LEU B 921 -39.36 29.45 -32.78
C LEU B 921 -40.09 30.76 -32.96
N ASP B 922 -41.31 30.88 -32.41
CA ASP B 922 -42.08 32.11 -32.51
C ASP B 922 -41.51 33.24 -31.68
N GLN B 923 -40.54 32.97 -30.80
CA GLN B 923 -39.90 34.00 -30.00
C GLN B 923 -38.44 34.18 -30.39
N SER B 924 -38.13 33.99 -31.67
CA SER B 924 -36.78 34.15 -32.19
C SER B 924 -36.66 35.48 -32.92
N ARG B 925 -35.79 36.36 -32.43
CA ARG B 925 -35.50 37.63 -33.06
C ARG B 925 -34.10 37.64 -33.65
N THR B 926 -33.79 38.72 -34.36
CA THR B 926 -32.50 38.88 -35.02
C THR B 926 -31.51 39.69 -34.22
N ALA B 927 -31.97 40.60 -33.37
CA ALA B 927 -31.09 41.41 -32.52
C ALA B 927 -30.22 42.36 -33.35
N THR B 928 -30.62 42.64 -34.59
CA THR B 928 -29.93 43.57 -35.45
C THR B 928 -30.91 44.65 -35.89
N CYS B 929 -30.48 45.90 -35.85
CA CYS B 929 -31.34 47.02 -36.24
C CYS B 929 -31.13 47.33 -37.72
N PHE B 930 -32.21 47.23 -38.48
CA PHE B 930 -32.19 47.42 -39.92
C PHE B 930 -32.80 48.76 -40.28
N THR B 931 -32.54 49.20 -41.50
CA THR B 931 -33.26 50.32 -42.11
C THR B 931 -34.44 49.72 -42.85
N SER B 932 -35.55 49.54 -42.14
CA SER B 932 -36.69 48.83 -42.70
C SER B 932 -37.97 49.41 -42.15
N TYR B 933 -39.09 48.81 -42.55
CA TYR B 933 -40.40 49.16 -42.02
C TYR B 933 -41.35 48.00 -42.28
N GLY B 934 -42.28 47.78 -41.37
CA GLY B 934 -43.17 46.67 -41.53
C GLY B 934 -44.21 46.59 -40.43
N VAL B 935 -44.93 45.47 -40.44
CA VAL B 935 -46.01 45.20 -39.50
C VAL B 935 -45.90 43.75 -39.03
N GLU B 936 -46.52 43.47 -37.89
CA GLU B 936 -46.45 42.13 -37.31
C GLU B 936 -47.63 41.94 -36.37
N ALA B 937 -48.49 40.98 -36.68
CA ALA B 937 -49.55 40.56 -35.78
C ALA B 937 -49.05 39.40 -34.93
N GLY B 938 -49.91 38.82 -34.11
CA GLY B 938 -49.49 37.71 -33.28
C GLY B 938 -50.55 37.35 -32.26
N HIS B 939 -50.15 36.46 -31.35
CA HIS B 939 -51.04 35.96 -30.30
C HIS B 939 -50.20 35.23 -29.28
N ALA B 940 -50.47 35.47 -28.00
CA ALA B 940 -49.75 34.84 -26.91
C ALA B 940 -50.72 34.02 -26.07
N GLY B 941 -50.37 32.77 -25.80
CA GLY B 941 -51.22 31.89 -25.03
C GLY B 941 -51.03 31.93 -23.53
N ASP B 942 -49.90 32.45 -23.05
CA ASP B 942 -49.72 32.60 -21.62
C ASP B 942 -50.59 33.71 -21.05
N ASN B 943 -50.89 34.72 -21.86
CA ASN B 943 -51.78 35.80 -21.42
C ASN B 943 -53.20 35.27 -21.24
N ALA B 944 -53.80 35.60 -20.10
CA ALA B 944 -55.15 35.15 -19.81
C ALA B 944 -56.15 35.84 -20.74
N ASN B 945 -57.34 35.24 -20.85
CA ASN B 945 -58.39 35.76 -21.71
C ASN B 945 -57.92 35.78 -23.18
N ALA B 946 -57.22 34.74 -23.58
CA ALA B 946 -56.76 34.60 -24.96
C ALA B 946 -57.66 33.64 -25.72
N LEU B 947 -57.75 33.85 -27.03
CA LEU B 947 -58.60 33.00 -27.88
C LEU B 947 -58.33 31.53 -27.62
N VAL B 948 -57.10 31.10 -27.86
CA VAL B 948 -56.66 29.73 -27.61
C VAL B 948 -55.69 29.74 -26.45
N LYS B 949 -55.83 28.77 -25.55
CA LYS B 949 -55.10 28.80 -24.29
C LYS B 949 -53.59 28.79 -24.52
N ASP B 950 -53.04 27.67 -24.99
CA ASP B 950 -51.62 27.56 -25.25
C ASP B 950 -51.34 27.63 -26.75
N LEU B 951 -51.46 28.84 -27.30
CA LEU B 951 -51.24 29.04 -28.72
C LEU B 951 -50.45 30.32 -28.95
N PHE B 952 -49.40 30.23 -29.77
CA PHE B 952 -48.58 31.38 -30.12
C PHE B 952 -48.33 31.36 -31.62
N PHE B 953 -48.55 32.49 -32.27
CA PHE B 953 -48.15 32.67 -33.66
C PHE B 953 -47.66 34.10 -33.86
N ARG B 954 -46.80 34.28 -34.88
CA ARG B 954 -46.07 35.51 -35.05
C ARG B 954 -46.02 35.92 -36.52
N VAL B 955 -47.16 35.85 -37.20
CA VAL B 955 -47.21 36.29 -38.60
C VAL B 955 -46.71 37.72 -38.70
N GLY B 956 -45.90 37.99 -39.72
CA GLY B 956 -45.33 39.32 -39.88
C GLY B 956 -44.80 39.56 -41.28
N TYR B 957 -44.78 40.83 -41.68
CA TYR B 957 -44.27 41.27 -42.96
C TYR B 957 -43.39 42.48 -42.75
N SER B 958 -42.35 42.62 -43.58
CA SER B 958 -41.38 43.68 -43.42
C SER B 958 -40.71 43.96 -44.76
N ARG B 959 -40.17 45.16 -44.90
CA ARG B 959 -39.44 45.56 -46.09
C ARG B 959 -38.16 46.26 -45.65
N VAL B 960 -37.03 45.82 -46.21
CA VAL B 960 -35.71 46.24 -45.78
C VAL B 960 -35.06 47.07 -46.87
N TYR B 961 -34.40 48.14 -46.47
CA TYR B 961 -33.68 49.00 -47.42
C TYR B 961 -32.37 48.36 -47.83
N VAL B 962 -32.04 48.45 -49.11
CA VAL B 962 -30.75 47.97 -49.61
C VAL B 962 -30.21 48.99 -50.61
N PRO B 963 -28.94 49.37 -50.51
CA PRO B 963 -28.39 50.36 -51.44
C PRO B 963 -28.46 49.85 -52.88
N THR B 964 -28.07 50.72 -53.81
CA THR B 964 -28.20 50.38 -55.22
C THR B 964 -27.36 49.15 -55.57
N THR B 965 -26.05 49.26 -55.56
CA THR B 965 -25.25 48.07 -55.85
C THR B 965 -24.58 47.47 -54.62
N ALA B 966 -23.59 48.16 -54.06
CA ALA B 966 -22.95 47.71 -52.84
C ALA B 966 -22.75 48.85 -51.85
N THR B 967 -22.41 50.03 -52.38
CA THR B 967 -22.04 51.18 -51.56
C THR B 967 -22.63 52.47 -52.10
N ALA B 968 -23.55 52.39 -53.06
CA ALA B 968 -24.15 53.60 -53.62
C ALA B 968 -24.94 54.34 -52.56
N THR B 969 -24.93 55.67 -52.64
CA THR B 969 -25.75 56.48 -51.74
C THR B 969 -27.23 56.21 -52.00
N THR B 970 -27.62 56.08 -53.26
CA THR B 970 -29.01 55.83 -53.59
C THR B 970 -29.41 54.39 -53.27
N GLY B 971 -30.70 54.19 -53.05
CA GLY B 971 -31.20 52.88 -52.74
C GLY B 971 -32.71 52.87 -52.69
N ASP B 972 -33.27 51.74 -52.29
CA ASP B 972 -34.72 51.60 -52.19
C ASP B 972 -35.04 50.47 -51.22
N PHE B 973 -36.26 50.50 -50.70
CA PHE B 973 -36.75 49.46 -49.79
C PHE B 973 -37.20 48.23 -50.58
N SER B 974 -36.29 47.72 -51.40
CA SER B 974 -36.59 46.61 -52.28
C SER B 974 -36.66 45.26 -51.56
N GLY B 975 -35.88 45.07 -50.49
CA GLY B 975 -35.94 43.83 -49.76
C GLY B 975 -37.31 43.59 -49.15
N SER B 976 -37.68 42.32 -49.03
CA SER B 976 -38.98 41.96 -48.49
C SER B 976 -38.86 40.66 -47.71
N VAL B 977 -39.49 40.63 -46.53
CA VAL B 977 -39.47 39.47 -45.65
C VAL B 977 -40.91 39.19 -45.22
N THR B 978 -41.35 37.95 -45.39
CA THR B 978 -42.66 37.51 -44.92
C THR B 978 -42.43 36.25 -44.08
N TYR B 979 -42.77 36.31 -42.80
CA TYR B 979 -42.48 35.21 -41.90
C TYR B 979 -43.71 34.89 -41.06
N GLY B 980 -43.72 33.68 -40.51
CA GLY B 980 -44.81 33.22 -39.68
C GLY B 980 -44.44 31.99 -38.87
N ASP B 981 -44.77 32.00 -37.59
CA ASP B 981 -44.47 30.90 -36.68
C ASP B 981 -45.73 30.52 -35.92
N ALA B 982 -45.78 29.27 -35.48
CA ALA B 982 -46.91 28.79 -34.70
C ALA B 982 -46.45 27.71 -33.74
N ARG B 983 -47.12 27.63 -32.59
CA ARG B 983 -46.78 26.67 -31.56
C ARG B 983 -48.02 26.41 -30.71
N TYR B 984 -48.40 25.14 -30.58
CA TYR B 984 -49.64 24.78 -29.90
C TYR B 984 -49.44 23.44 -29.20
N ASP B 985 -49.45 23.44 -27.87
CA ASP B 985 -49.17 22.19 -27.13
C ASP B 985 -50.42 21.32 -27.03
N ARG B 986 -51.43 21.79 -26.30
CA ARG B 986 -52.68 21.03 -26.15
C ARG B 986 -52.43 19.69 -25.49
N LYS B 987 -53.51 19.07 -24.97
CA LYS B 987 -53.47 17.70 -24.44
C LYS B 987 -54.85 17.11 -24.68
N VAL B 988 -54.99 16.39 -25.81
CA VAL B 988 -56.30 15.98 -26.29
C VAL B 988 -56.98 15.05 -25.28
N GLY B 989 -56.41 13.87 -25.09
CA GLY B 989 -56.93 12.94 -24.11
C GLY B 989 -55.87 12.55 -23.10
N VAL B 990 -55.49 11.27 -23.10
CA VAL B 990 -54.30 10.84 -22.38
C VAL B 990 -53.03 11.19 -23.12
N ALA B 991 -53.12 11.45 -24.43
CA ALA B 991 -51.98 11.86 -25.22
C ALA B 991 -51.62 13.31 -24.93
N ASN B 992 -50.39 13.69 -25.31
CA ASN B 992 -49.88 15.03 -25.11
C ASN B 992 -49.29 15.50 -26.44
N VAL B 993 -50.11 16.17 -27.24
CA VAL B 993 -49.67 16.62 -28.56
C VAL B 993 -48.80 17.87 -28.43
N ARG B 994 -48.10 18.20 -29.51
CA ARG B 994 -47.30 19.42 -29.55
C ARG B 994 -46.99 19.72 -31.02
N LEU B 995 -47.50 20.84 -31.52
CA LEU B 995 -47.30 21.26 -32.90
C LEU B 995 -46.43 22.51 -32.94
N ALA B 996 -45.49 22.54 -33.88
CA ALA B 996 -44.69 23.72 -34.12
C ALA B 996 -44.52 23.90 -35.62
N GLY B 997 -44.40 25.15 -36.03
CA GLY B 997 -44.28 25.46 -37.44
C GLY B 997 -43.61 26.80 -37.67
N SER B 998 -42.94 26.91 -38.82
CA SER B 998 -42.19 28.11 -39.15
C SER B 998 -42.15 28.28 -40.67
N PHE B 999 -42.08 29.53 -41.09
CA PHE B 999 -42.08 29.88 -42.51
C PHE B 999 -41.25 31.14 -42.68
N SER B 1000 -40.75 31.34 -43.90
CA SER B 1000 -39.95 32.53 -44.20
C SER B 1000 -39.77 32.62 -45.71
N THR B 1001 -39.90 33.85 -46.23
CA THR B 1001 -39.81 34.12 -47.66
C THR B 1001 -38.91 35.33 -47.91
N THR B 1002 -37.74 35.33 -47.28
CA THR B 1002 -36.82 36.44 -47.41
C THR B 1002 -36.39 36.64 -48.87
N ASN B 1003 -36.08 37.88 -49.21
CA ASN B 1003 -35.61 38.25 -50.53
C ASN B 1003 -34.11 38.47 -50.60
N THR B 1004 -33.48 38.83 -49.47
CA THR B 1004 -32.06 39.14 -49.44
C THR B 1004 -31.41 38.42 -48.27
N GLN B 1005 -30.08 38.40 -48.28
CA GLN B 1005 -29.30 37.77 -47.22
C GLN B 1005 -29.18 38.75 -46.07
N LEU B 1006 -29.90 38.49 -44.98
CA LEU B 1006 -30.07 39.51 -43.93
C LEU B 1006 -28.88 39.57 -42.99
N ASP B 1007 -28.65 38.50 -42.23
CA ASP B 1007 -27.48 38.42 -41.36
C ASP B 1007 -26.57 37.26 -41.78
N SER B 1008 -27.09 36.04 -41.73
CA SER B 1008 -26.44 34.88 -42.32
C SER B 1008 -27.42 34.01 -43.08
N ARG B 1009 -28.71 34.22 -42.92
CA ARG B 1009 -29.71 33.46 -43.66
C ARG B 1009 -29.65 33.83 -45.13
N PRO B 1010 -29.51 32.86 -46.04
CA PRO B 1010 -29.54 33.19 -47.47
C PRO B 1010 -30.90 33.71 -47.90
N ALA B 1011 -31.04 34.05 -49.17
CA ALA B 1011 -32.28 34.60 -49.72
C ALA B 1011 -33.06 33.44 -50.34
N GLY B 1012 -34.18 33.09 -49.73
CA GLY B 1012 -35.02 32.03 -50.28
C GLY B 1012 -36.10 31.65 -49.30
N THR B 1013 -36.98 30.76 -49.76
CA THR B 1013 -38.06 30.27 -48.93
C THR B 1013 -37.53 29.24 -47.94
N ARG B 1014 -38.16 29.19 -46.76
CA ARG B 1014 -37.69 28.33 -45.68
C ARG B 1014 -38.90 27.96 -44.84
N GLY B 1015 -39.24 26.67 -44.81
CA GLY B 1015 -40.36 26.20 -44.04
C GLY B 1015 -40.04 25.02 -43.15
N ALA B 1016 -40.84 24.79 -42.12
CA ALA B 1016 -40.60 23.67 -41.23
C ALA B 1016 -41.85 23.39 -40.41
N VAL B 1017 -42.10 22.12 -40.14
CA VAL B 1017 -43.26 21.72 -39.34
C VAL B 1017 -42.87 20.50 -38.51
N GLY B 1018 -43.45 20.40 -37.32
CA GLY B 1018 -43.10 19.32 -36.40
C GLY B 1018 -44.20 18.97 -35.43
N LEU B 1019 -44.40 17.68 -35.21
CA LEU B 1019 -45.44 17.14 -34.35
C LEU B 1019 -44.84 16.14 -33.38
N ILE B 1020 -45.21 16.23 -32.11
CA ILE B 1020 -44.72 15.34 -31.06
C ILE B 1020 -45.92 14.86 -30.25
N VAL B 1021 -46.08 13.55 -30.15
CA VAL B 1021 -47.18 12.92 -29.42
C VAL B 1021 -46.61 11.98 -28.38
N ARG B 1022 -47.17 12.01 -27.18
CA ARG B 1022 -46.69 11.18 -26.07
C ARG B 1022 -47.88 10.84 -25.18
N THR B 1023 -48.44 9.64 -25.36
CA THR B 1023 -49.55 9.23 -24.52
C THR B 1023 -49.04 8.58 -23.23
N ASP B 1024 -49.86 8.69 -22.19
CA ASP B 1024 -49.60 8.05 -20.92
C ASP B 1024 -50.11 6.61 -20.93
N PRO B 1025 -49.67 5.78 -20.00
CA PRO B 1025 -50.07 4.37 -20.03
C PRO B 1025 -51.58 4.23 -20.06
N LEU B 1026 -52.05 3.33 -20.90
CA LEU B 1026 -53.49 3.06 -21.01
C LEU B 1026 -53.86 1.92 -20.10
N GLU B 1027 -54.75 2.19 -19.14
CA GLU B 1027 -55.18 1.20 -18.17
C GLU B 1027 -56.46 0.45 -18.59
N ASN B 1028 -56.99 0.76 -19.77
CA ASN B 1028 -58.15 0.08 -20.31
C ASN B 1028 -57.75 -1.05 -21.25
N VAL B 1029 -56.90 -0.77 -22.22
CA VAL B 1029 -56.44 -1.81 -23.14
C VAL B 1029 -55.43 -2.70 -22.44
N PRO B 1030 -55.36 -3.99 -22.75
CA PRO B 1030 -54.40 -4.87 -22.09
C PRO B 1030 -52.96 -4.49 -22.42
N PHE B 1031 -52.06 -4.90 -21.54
CA PHE B 1031 -50.62 -4.64 -21.59
C PHE B 1031 -50.27 -3.22 -21.17
N ARG B 1032 -51.24 -2.36 -20.91
CA ARG B 1032 -51.00 -0.97 -20.56
C ARG B 1032 -50.01 -0.32 -21.52
N PRO B 1033 -50.29 -0.33 -22.82
CA PRO B 1033 -49.34 0.23 -23.78
C PRO B 1033 -49.18 1.73 -23.61
N GLN B 1034 -47.98 2.20 -23.94
CA GLN B 1034 -47.61 3.62 -23.82
C GLN B 1034 -46.92 4.02 -25.10
N PHE B 1035 -47.57 4.85 -25.91
CA PHE B 1035 -47.09 5.16 -27.24
C PHE B 1035 -46.33 6.47 -27.27
N ASN B 1036 -45.57 6.66 -28.34
CA ASN B 1036 -44.82 7.89 -28.59
C ASN B 1036 -45.00 8.25 -30.06
N GLY B 1037 -44.25 9.24 -30.50
CA GLY B 1037 -44.34 9.69 -31.88
C GLY B 1037 -43.56 10.96 -32.11
N GLN B 1038 -43.10 11.15 -33.33
CA GLN B 1038 -42.32 12.34 -33.68
C GLN B 1038 -42.25 12.44 -35.18
N VAL B 1039 -42.64 13.58 -35.73
CA VAL B 1039 -42.54 13.83 -37.15
C VAL B 1039 -42.01 15.24 -37.35
N GLY B 1040 -41.12 15.41 -38.31
CA GLY B 1040 -40.59 16.72 -38.60
C GLY B 1040 -40.14 16.85 -40.03
N TYR B 1041 -40.62 17.88 -40.72
CA TYR B 1041 -40.22 18.17 -42.09
C TYR B 1041 -39.61 19.57 -42.16
N TYR B 1042 -38.53 19.70 -42.93
CA TYR B 1042 -37.84 20.96 -43.10
C TYR B 1042 -37.50 21.15 -44.57
N THR B 1043 -37.79 22.33 -45.10
CA THR B 1043 -37.49 22.67 -46.47
C THR B 1043 -36.82 24.03 -46.52
N ALA B 1044 -35.88 24.20 -47.45
CA ALA B 1044 -35.18 25.46 -47.60
C ALA B 1044 -34.64 25.58 -49.02
N ASP B 1045 -34.97 26.68 -49.69
CA ASP B 1045 -34.48 26.97 -51.04
C ASP B 1045 -33.45 28.09 -50.91
N ASN B 1046 -32.19 27.71 -50.70
CA ASN B 1046 -31.13 28.69 -50.49
C ASN B 1046 -30.65 29.18 -51.85
N ARG B 1047 -30.93 30.44 -52.15
CA ARG B 1047 -30.47 31.10 -53.37
C ARG B 1047 -29.23 31.94 -53.04
N VAL B 1048 -28.09 31.24 -52.98
CA VAL B 1048 -26.83 31.89 -52.65
C VAL B 1048 -26.10 32.22 -53.93
N ALA B 1049 -25.14 33.14 -53.85
CA ALA B 1049 -24.44 33.60 -55.05
C ALA B 1049 -23.72 32.49 -55.79
N ALA B 1050 -23.67 31.28 -55.24
CA ALA B 1050 -23.00 30.16 -55.88
C ALA B 1050 -23.96 29.01 -56.23
N GLY B 1051 -25.25 29.19 -56.00
CA GLY B 1051 -26.20 28.12 -56.32
C GLY B 1051 -27.60 28.51 -55.90
N ASN B 1052 -28.53 27.62 -56.23
CA ASN B 1052 -29.94 27.75 -55.89
C ASN B 1052 -30.45 26.46 -55.28
N TYR B 1053 -29.73 25.98 -54.27
CA TYR B 1053 -29.89 24.59 -53.86
C TYR B 1053 -30.99 24.43 -52.82
N ASN B 1054 -31.60 23.25 -52.83
CA ASN B 1054 -32.66 22.90 -51.88
C ASN B 1054 -32.09 21.99 -50.80
N ALA B 1055 -32.32 22.36 -49.55
CA ALA B 1055 -31.83 21.60 -48.40
C ALA B 1055 -33.03 21.27 -47.51
N ASN B 1056 -33.45 20.00 -47.52
CA ASN B 1056 -34.60 19.55 -46.75
C ASN B 1056 -34.21 18.37 -45.88
N ALA B 1057 -35.00 18.14 -44.84
CA ALA B 1057 -34.78 17.05 -43.90
C ALA B 1057 -36.12 16.51 -43.46
N THR B 1058 -36.12 15.23 -43.10
CA THR B 1058 -37.32 14.54 -42.63
C THR B 1058 -36.92 13.61 -41.50
N LYS B 1059 -37.41 13.88 -40.30
CA LYS B 1059 -37.14 13.06 -39.13
C LYS B 1059 -38.43 12.43 -38.64
N TYR B 1060 -38.35 11.17 -38.21
CA TYR B 1060 -39.51 10.47 -37.68
C TYR B 1060 -39.06 9.47 -36.63
N GLY B 1061 -40.00 9.08 -35.78
CA GLY B 1061 -39.72 8.10 -34.74
C GLY B 1061 -40.95 7.72 -33.95
N ALA B 1062 -41.16 6.41 -33.78
CA ALA B 1062 -42.29 5.88 -33.06
C ALA B 1062 -41.80 4.82 -32.08
N GLY B 1063 -42.57 4.61 -31.02
CA GLY B 1063 -42.20 3.64 -30.01
C GLY B 1063 -43.33 3.32 -29.06
N VAL B 1064 -43.49 2.05 -28.73
CA VAL B 1064 -44.54 1.59 -27.84
C VAL B 1064 -43.91 0.78 -26.72
N VAL B 1065 -44.33 1.06 -25.48
CA VAL B 1065 -43.85 0.36 -24.31
C VAL B 1065 -45.02 -0.40 -23.70
N LEU B 1066 -44.87 -1.72 -23.55
CA LEU B 1066 -45.84 -2.55 -22.87
C LEU B 1066 -45.42 -2.72 -21.43
N ASN B 1067 -46.18 -2.12 -20.51
CA ASN B 1067 -45.80 -2.12 -19.11
C ASN B 1067 -46.22 -3.40 -18.37
N ASP B 1068 -47.09 -4.21 -18.98
CA ASP B 1068 -47.54 -5.48 -18.41
C ASP B 1068 -47.46 -6.52 -19.52
N PHE B 1069 -46.43 -7.36 -19.48
CA PHE B 1069 -46.17 -8.33 -20.53
C PHE B 1069 -46.09 -9.73 -19.92
N LEU B 1070 -47.18 -10.50 -20.05
CA LEU B 1070 -47.20 -11.90 -19.64
C LEU B 1070 -46.82 -12.07 -18.18
N LEU B 1071 -45.57 -12.42 -17.91
CA LEU B 1071 -45.15 -12.68 -16.54
C LEU B 1071 -45.11 -11.37 -15.74
N PRO B 1072 -45.23 -11.46 -14.42
CA PRO B 1072 -45.24 -10.24 -13.61
C PRO B 1072 -43.91 -9.52 -13.64
N GLN B 1073 -43.98 -8.19 -13.55
CA GLN B 1073 -42.79 -7.34 -13.56
C GLN B 1073 -41.95 -7.56 -14.83
N THR B 1074 -42.63 -7.77 -15.94
CA THR B 1074 -41.98 -7.96 -17.23
C THR B 1074 -42.42 -6.85 -18.17
N LYS B 1075 -41.44 -6.22 -18.83
CA LYS B 1075 -41.69 -5.10 -19.71
C LYS B 1075 -41.02 -5.32 -21.05
N ILE B 1076 -41.62 -4.77 -22.10
CA ILE B 1076 -41.07 -4.79 -23.45
C ILE B 1076 -41.19 -3.39 -24.03
N GLY B 1077 -40.29 -3.08 -24.96
CA GLY B 1077 -40.29 -1.79 -25.60
C GLY B 1077 -39.52 -1.77 -26.90
N VAL B 1078 -40.07 -1.12 -27.92
CA VAL B 1078 -39.44 -1.02 -29.22
C VAL B 1078 -39.59 0.40 -29.74
N ARG B 1079 -38.52 0.93 -30.32
CA ARG B 1079 -38.53 2.28 -30.88
C ARG B 1079 -37.80 2.27 -32.22
N TYR B 1080 -38.45 2.81 -33.25
CA TYR B 1080 -37.86 2.95 -34.57
C TYR B 1080 -37.65 4.42 -34.86
N ASP B 1081 -36.44 4.79 -35.27
CA ASP B 1081 -36.11 6.18 -35.57
C ASP B 1081 -35.49 6.28 -36.96
N GLY B 1082 -35.71 7.43 -37.58
CA GLY B 1082 -35.18 7.68 -38.91
C GLY B 1082 -34.98 9.15 -39.21
N TYR B 1083 -33.98 9.45 -40.03
CA TYR B 1083 -33.62 10.82 -40.36
C TYR B 1083 -33.02 10.82 -41.76
N MET B 1084 -33.74 11.43 -42.71
CA MET B 1084 -33.25 11.62 -44.06
C MET B 1084 -32.93 13.10 -44.26
N ALA B 1085 -31.85 13.36 -45.01
CA ALA B 1085 -31.43 14.74 -45.20
C ALA B 1085 -30.81 14.92 -46.58
N GLN B 1086 -31.33 15.88 -47.33
CA GLN B 1086 -30.68 16.38 -48.54
C GLN B 1086 -29.58 17.32 -48.07
N ASN B 1087 -29.16 18.28 -48.89
CA ASN B 1087 -27.86 18.89 -48.68
C ASN B 1087 -27.84 19.64 -47.35
N ARG B 1088 -27.71 18.88 -46.25
CA ARG B 1088 -27.52 19.41 -44.92
C ARG B 1088 -26.26 18.76 -44.33
N GLN B 1089 -25.83 19.28 -43.19
CA GLN B 1089 -24.61 18.81 -42.56
C GLN B 1089 -24.68 19.06 -41.06
N TYR B 1090 -23.76 18.42 -40.33
CA TYR B 1090 -23.60 18.66 -38.90
C TYR B 1090 -22.20 19.19 -38.64
N THR B 1091 -22.11 20.26 -37.86
CA THR B 1091 -20.84 20.83 -37.45
C THR B 1091 -20.62 20.52 -35.98
N PRO B 1092 -19.63 19.70 -35.64
CA PRO B 1092 -19.41 19.32 -34.23
C PRO B 1092 -19.01 20.49 -33.34
N PHE B 1093 -18.89 20.23 -32.05
CA PHE B 1093 -18.47 21.27 -31.12
C PHE B 1093 -17.04 21.70 -31.43
N ASP B 1094 -16.76 22.97 -31.18
CA ASP B 1094 -15.47 23.56 -31.53
C ASP B 1094 -14.42 23.40 -30.44
N GLY B 1095 -14.74 22.72 -29.34
CA GLY B 1095 -13.84 22.61 -28.22
C GLY B 1095 -13.94 23.75 -27.24
N ASP B 1096 -14.62 24.83 -27.62
CA ASP B 1096 -14.91 25.96 -26.75
C ASP B 1096 -16.36 25.85 -26.30
N GLY B 1097 -16.87 26.91 -25.66
CA GLY B 1097 -18.25 26.87 -25.19
C GLY B 1097 -19.27 26.56 -26.27
N THR B 1098 -18.92 26.80 -27.53
CA THR B 1098 -19.86 26.60 -28.61
C THR B 1098 -20.14 25.12 -28.83
N GLN B 1099 -21.38 24.80 -29.17
CA GLN B 1099 -21.82 23.44 -29.41
C GLN B 1099 -21.97 23.18 -30.91
N GLY B 1100 -22.19 21.92 -31.26
CA GLY B 1100 -22.43 21.57 -32.65
C GLY B 1100 -23.86 21.85 -33.08
N TYR B 1101 -24.08 21.86 -34.39
CA TYR B 1101 -25.39 22.22 -34.90
C TYR B 1101 -25.57 21.67 -36.30
N PHE B 1102 -26.83 21.49 -36.69
CA PHE B 1102 -27.15 21.09 -38.05
C PHE B 1102 -27.40 22.33 -38.90
N SER B 1103 -26.77 22.37 -40.07
CA SER B 1103 -26.85 23.52 -40.96
C SER B 1103 -27.07 23.03 -42.37
N ASP B 1104 -27.26 23.97 -43.29
CA ASP B 1104 -27.41 23.69 -44.70
C ASP B 1104 -26.06 23.86 -45.40
N ALA B 1105 -25.67 22.86 -46.19
CA ALA B 1105 -24.48 22.93 -47.00
C ALA B 1105 -24.83 22.41 -48.39
N ASN B 1106 -24.07 22.86 -49.40
CA ASN B 1106 -24.34 22.48 -50.78
C ASN B 1106 -23.73 21.14 -51.15
N ASN B 1107 -23.28 20.37 -50.17
CA ASN B 1107 -22.79 19.03 -50.42
C ASN B 1107 -23.88 18.22 -51.10
N ASN B 1108 -23.63 17.78 -52.34
CA ASN B 1108 -24.63 17.03 -53.07
C ASN B 1108 -24.73 15.62 -52.50
N ARG B 1109 -25.26 15.50 -51.29
CA ARG B 1109 -25.32 14.21 -50.61
C ARG B 1109 -26.61 14.09 -49.80
N ARG B 1110 -27.12 12.87 -49.75
CA ARG B 1110 -28.34 12.52 -49.01
C ARG B 1110 -27.95 11.52 -47.93
N THR B 1111 -28.22 11.88 -46.67
CA THR B 1111 -27.99 10.98 -45.55
C THR B 1111 -29.29 10.29 -45.16
N ASN B 1112 -29.19 9.04 -44.73
CA ASN B 1112 -30.34 8.20 -44.48
C ASN B 1112 -30.19 7.44 -43.16
N LEU B 1113 -29.90 8.15 -42.08
CA LEU B 1113 -29.72 7.49 -40.79
C LEU B 1113 -31.00 6.79 -40.37
N ASN B 1114 -30.88 5.53 -39.95
CA ASN B 1114 -32.04 4.72 -39.58
C ASN B 1114 -31.66 3.83 -38.43
N GLY B 1115 -32.67 3.40 -37.66
CA GLY B 1115 -32.37 2.46 -36.59
C GLY B 1115 -33.57 1.92 -35.82
N VAL B 1116 -33.38 0.75 -35.21
CA VAL B 1116 -34.38 0.11 -34.38
C VAL B 1116 -33.74 -0.26 -33.05
N TYR B 1117 -34.51 -0.10 -31.97
CA TYR B 1117 -34.01 -0.26 -30.61
C TYR B 1117 -35.06 -0.99 -29.79
N VAL B 1118 -34.77 -2.24 -29.41
CA VAL B 1118 -35.69 -3.08 -28.66
C VAL B 1118 -35.14 -3.26 -27.27
N GLU B 1119 -35.90 -2.85 -26.26
CA GLU B 1119 -35.50 -2.99 -24.87
C GLU B 1119 -36.57 -3.76 -24.11
N GLY B 1120 -36.23 -4.98 -23.69
CA GLY B 1120 -37.11 -5.77 -22.85
C GLY B 1120 -36.55 -5.84 -21.44
N ALA B 1121 -37.39 -6.21 -20.48
CA ALA B 1121 -36.94 -6.30 -19.10
C ALA B 1121 -37.72 -7.38 -18.38
N TYR B 1122 -36.99 -8.31 -17.79
CA TYR B 1122 -37.54 -9.18 -16.76
C TYR B 1122 -37.51 -8.37 -15.47
N GLN B 1123 -37.68 -9.02 -14.31
CA GLN B 1123 -37.84 -8.29 -13.05
C GLN B 1123 -36.95 -7.05 -13.00
N ASP B 1124 -35.63 -7.24 -13.00
CA ASP B 1124 -34.71 -6.12 -13.06
C ASP B 1124 -33.55 -6.37 -14.01
N LEU B 1125 -33.60 -7.42 -14.81
CA LEU B 1125 -32.58 -7.71 -15.80
C LEU B 1125 -33.03 -7.12 -17.14
N ILE B 1126 -32.23 -6.20 -17.68
CA ILE B 1126 -32.63 -5.42 -18.85
C ILE B 1126 -31.86 -5.93 -20.06
N PHE B 1127 -32.59 -6.36 -21.09
CA PHE B 1127 -32.02 -6.75 -22.37
C PHE B 1127 -32.20 -5.60 -23.35
N SER B 1128 -31.10 -5.06 -23.86
CA SER B 1128 -31.12 -3.95 -24.81
C SER B 1128 -30.49 -4.39 -26.11
N TYR B 1129 -31.18 -4.17 -27.22
CA TYR B 1129 -30.68 -4.54 -28.54
C TYR B 1129 -30.89 -3.37 -29.48
N GLY B 1130 -29.89 -3.09 -30.30
CA GLY B 1130 -29.99 -1.96 -31.21
C GLY B 1130 -29.28 -2.19 -32.53
N THR B 1131 -29.97 -1.90 -33.63
CA THR B 1131 -29.40 -2.06 -34.97
C THR B 1131 -29.65 -0.79 -35.76
N TYR B 1132 -28.58 -0.16 -36.24
CA TYR B 1132 -28.65 1.12 -36.92
C TYR B 1132 -27.83 1.09 -38.19
N THR B 1133 -28.24 1.92 -39.16
CA THR B 1133 -27.60 1.99 -40.46
C THR B 1133 -27.49 3.45 -40.88
N LEU B 1134 -26.29 3.84 -41.34
CA LEU B 1134 -26.05 5.19 -41.83
C LEU B 1134 -25.52 5.10 -43.25
N SER B 1135 -26.26 5.67 -44.19
CA SER B 1135 -25.87 5.66 -45.59
C SER B 1135 -25.92 7.09 -46.14
N GLN B 1136 -24.80 7.54 -46.69
CA GLN B 1136 -24.70 8.87 -47.29
C GLN B 1136 -24.36 8.69 -48.77
N LYS B 1137 -25.36 8.89 -49.62
CA LYS B 1137 -25.16 8.80 -51.06
C LYS B 1137 -24.94 10.17 -51.66
N ASP B 1138 -24.48 10.20 -52.90
CA ASP B 1138 -24.43 11.42 -53.67
C ASP B 1138 -25.58 11.41 -54.68
N LEU B 1139 -25.61 12.40 -55.58
CA LEU B 1139 -26.66 12.44 -56.58
C LEU B 1139 -26.63 11.19 -57.45
N ASN B 1140 -25.43 10.76 -57.86
CA ASN B 1140 -25.32 9.55 -58.66
C ASN B 1140 -25.78 8.32 -57.88
N GLY B 1141 -25.45 8.25 -56.60
CA GLY B 1141 -25.80 7.10 -55.79
C GLY B 1141 -24.59 6.24 -55.43
N VAL B 1142 -23.45 6.89 -55.15
CA VAL B 1142 -22.23 6.15 -54.92
C VAL B 1142 -22.17 5.52 -53.54
N GLU B 1143 -22.99 5.97 -52.59
CA GLU B 1143 -23.06 5.35 -51.27
C GLU B 1143 -21.70 5.38 -50.56
N TYR B 1144 -21.26 6.60 -50.26
CA TYR B 1144 -19.96 6.82 -49.65
C TYR B 1144 -19.87 6.34 -48.21
N GLY B 1145 -20.97 5.99 -47.56
CA GLY B 1145 -20.90 5.50 -46.21
C GLY B 1145 -20.02 4.26 -46.12
N SER B 1146 -19.40 4.06 -44.95
CA SER B 1146 -18.44 2.98 -44.80
C SER B 1146 -17.29 3.16 -45.80
N GLY B 1147 -16.51 4.19 -45.56
CA GLY B 1147 -15.70 4.82 -46.60
C GLY B 1147 -14.53 4.01 -47.11
N ILE B 1148 -14.61 2.68 -47.02
CA ILE B 1148 -13.65 1.82 -47.70
C ILE B 1148 -14.02 1.74 -49.17
N ASN B 1149 -15.08 2.44 -49.56
CA ASN B 1149 -15.48 2.61 -50.95
C ASN B 1149 -15.88 1.27 -51.58
N ASN B 1150 -16.81 0.58 -50.92
CA ASN B 1150 -17.35 -0.66 -51.44
C ASN B 1150 -18.87 -0.58 -51.60
N GLY B 1151 -19.44 0.62 -51.59
CA GLY B 1151 -20.86 0.78 -51.81
C GLY B 1151 -21.73 0.17 -50.73
N GLN B 1152 -21.30 0.20 -49.47
CA GLN B 1152 -22.06 -0.34 -48.37
C GLN B 1152 -22.23 0.69 -47.27
N PRO B 1153 -23.42 0.79 -46.67
CA PRO B 1153 -23.60 1.74 -45.57
C PRO B 1153 -22.82 1.33 -44.34
N ALA B 1154 -22.56 2.32 -43.49
CA ALA B 1154 -22.04 2.03 -42.17
C ALA B 1154 -23.13 1.39 -41.32
N ARG B 1155 -22.76 0.39 -40.53
CA ARG B 1155 -23.73 -0.35 -39.73
C ARG B 1155 -23.24 -0.49 -38.31
N GLY B 1156 -24.19 -0.45 -37.37
CA GLY B 1156 -23.86 -0.62 -35.98
C GLY B 1156 -24.86 -1.52 -35.28
N GLN B 1157 -24.38 -2.44 -34.45
CA GLN B 1157 -25.25 -3.34 -33.72
C GLN B 1157 -24.72 -3.46 -32.31
N THR B 1158 -25.63 -3.49 -31.34
CA THR B 1158 -25.26 -3.62 -29.94
C THR B 1158 -26.26 -4.50 -29.21
N PHE B 1159 -25.75 -5.29 -28.26
CA PHE B 1159 -26.58 -6.09 -27.37
C PHE B 1159 -26.00 -6.02 -25.98
N LYS B 1160 -26.85 -5.68 -25.00
CA LYS B 1160 -26.45 -5.53 -23.62
C LYS B 1160 -27.41 -6.24 -22.70
N ILE B 1161 -26.88 -6.82 -21.63
CA ILE B 1161 -27.66 -7.33 -20.51
C ILE B 1161 -27.18 -6.58 -19.27
N SER B 1162 -28.08 -5.82 -18.66
CA SER B 1162 -27.75 -4.96 -17.53
C SER B 1162 -28.48 -5.45 -16.28
N TYR B 1163 -27.80 -5.36 -15.15
CA TYR B 1163 -28.34 -5.83 -13.88
C TYR B 1163 -27.70 -5.02 -12.76
N LYS B 1164 -28.48 -4.16 -12.12
CA LYS B 1164 -28.01 -3.35 -11.01
C LYS B 1164 -28.28 -4.06 -9.70
N VAL B 1165 -27.24 -4.23 -8.89
CA VAL B 1165 -27.33 -4.94 -7.63
C VAL B 1165 -26.67 -4.10 -6.55
N ASN B 1166 -27.25 -4.12 -5.35
CA ASN B 1166 -26.77 -3.36 -4.22
C ASN B 1166 -26.57 -4.28 -3.02
N PHE B 1167 -25.58 -3.96 -2.20
CA PHE B 1167 -25.30 -4.74 -1.00
C PHE B 1167 -26.21 -4.31 0.15
N SER C 219 -55.79 -0.68 47.12
CA SER C 219 -55.77 0.71 47.57
C SER C 219 -55.26 1.63 46.47
N ASP C 220 -54.16 2.34 46.74
CA ASP C 220 -53.58 3.28 45.78
C ASP C 220 -52.37 2.73 45.06
N PHE C 221 -52.04 1.45 45.24
CA PHE C 221 -50.91 0.87 44.52
C PHE C 221 -51.27 0.41 43.10
N ASP C 222 -52.47 0.74 42.61
CA ASP C 222 -52.75 0.51 41.19
C ASP C 222 -51.79 1.30 40.32
N ALA C 223 -51.54 2.57 40.68
CA ALA C 223 -50.53 3.35 39.97
C ALA C 223 -49.16 2.69 40.06
N LEU C 224 -48.87 2.04 41.20
CA LEU C 224 -47.62 1.31 41.31
C LEU C 224 -47.55 0.17 40.30
N GLY C 225 -48.66 -0.55 40.12
CA GLY C 225 -48.69 -1.59 39.10
C GLY C 225 -48.51 -1.03 37.70
N GLY C 226 -49.12 0.11 37.43
CA GLY C 226 -48.92 0.75 36.13
C GLY C 226 -47.47 1.14 35.91
N ARG C 227 -46.82 1.69 36.93
CA ARG C 227 -45.41 2.03 36.82
C ARG C 227 -44.56 0.79 36.60
N VAL C 228 -44.90 -0.31 37.30
CA VAL C 228 -44.16 -1.55 37.11
C VAL C 228 -44.30 -2.05 35.68
N THR C 229 -45.51 -1.97 35.12
CA THR C 229 -45.70 -2.38 33.74
C THR C 229 -44.90 -1.49 32.78
N THR C 230 -44.89 -0.18 33.04
CA THR C 230 -44.14 0.73 32.18
C THR C 230 -42.65 0.40 32.23
N VAL C 231 -42.10 0.14 33.41
CA VAL C 231 -40.69 -0.22 33.51
C VAL C 231 -40.44 -1.57 32.87
N GLU C 232 -41.39 -2.50 32.98
CA GLU C 232 -41.25 -3.81 32.35
C GLU C 232 -41.10 -3.65 30.84
N THR C 233 -41.90 -2.79 30.23
CA THR C 233 -41.78 -2.56 28.79
C THR C 233 -40.54 -1.73 28.46
N ARG C 234 -40.15 -0.81 29.33
CA ARG C 234 -39.00 0.04 29.07
C ARG C 234 -37.70 -0.76 29.06
N VAL C 235 -37.59 -1.74 29.96
CA VAL C 235 -36.38 -2.57 29.97
C VAL C 235 -36.24 -3.29 28.64
N GLU C 236 -37.34 -3.88 28.16
CA GLU C 236 -37.30 -4.58 26.89
C GLU C 236 -36.97 -3.63 25.73
N THR C 237 -37.58 -2.45 25.73
CA THR C 237 -37.30 -1.52 24.63
C THR C 237 -35.84 -1.06 24.64
N VAL C 238 -35.27 -0.77 25.82
CA VAL C 238 -33.87 -0.40 25.90
C VAL C 238 -32.98 -1.53 25.42
N ASN C 239 -33.27 -2.76 25.88
CA ASN C 239 -32.47 -3.90 25.46
C ASN C 239 -32.53 -4.07 23.95
N ASN C 240 -33.71 -3.95 23.35
CA ASN C 240 -33.84 -4.16 21.92
C ASN C 240 -33.13 -3.06 21.13
N SER C 241 -33.29 -1.81 21.53
CA SER C 241 -32.61 -0.73 20.81
C SER C 241 -31.10 -0.89 20.88
N LEU C 242 -30.57 -1.14 22.09
CA LEU C 242 -29.12 -1.28 22.22
C LEU C 242 -28.61 -2.50 21.50
N THR C 243 -29.35 -3.60 21.52
CA THR C 243 -28.93 -4.79 20.78
C THR C 243 -28.92 -4.53 19.28
N GLY C 244 -29.91 -3.79 18.78
CA GLY C 244 -29.92 -3.45 17.37
C GLY C 244 -28.72 -2.60 16.97
N ARG C 245 -28.42 -1.58 17.79
CA ARG C 245 -27.26 -0.75 17.49
C ARG C 245 -25.96 -1.53 17.59
N ILE C 246 -25.85 -2.44 18.56
CA ILE C 246 -24.64 -3.26 18.68
C ILE C 246 -24.51 -4.19 17.48
N ALA C 247 -25.64 -4.73 17.00
CA ALA C 247 -25.60 -5.58 15.82
C ALA C 247 -25.16 -4.78 14.60
N ALA C 248 -25.65 -3.56 14.46
CA ALA C 248 -25.21 -2.71 13.36
C ALA C 248 -23.72 -2.43 13.45
N LEU C 249 -23.20 -2.18 14.66
CA LEU C 249 -21.77 -1.99 14.83
C LEU C 249 -20.99 -3.24 14.46
N GLU C 250 -21.49 -4.42 14.85
CA GLU C 250 -20.79 -5.67 14.60
C GLU C 250 -20.85 -6.09 13.14
N ARG C 251 -21.87 -5.64 12.40
CA ARG C 251 -22.01 -6.06 11.00
C ARG C 251 -20.81 -5.63 10.17
N ASN C 252 -20.33 -4.40 10.37
CA ASN C 252 -19.23 -3.90 9.55
C ASN C 252 -18.03 -3.56 10.42
N ALA C 253 -17.68 -4.46 11.33
CA ALA C 253 -16.52 -4.31 12.19
C ALA C 253 -15.45 -5.33 11.82
N PHE C 254 -14.20 -4.95 12.04
CA PHE C 254 -13.08 -5.83 11.77
C PHE C 254 -12.77 -6.68 12.99
N SER C 255 -12.47 -7.96 12.75
CA SER C 255 -11.89 -8.82 13.76
C SER C 255 -10.38 -8.82 13.54
N VAL C 256 -9.64 -8.35 14.53
CA VAL C 256 -8.18 -8.25 14.46
C VAL C 256 -7.60 -9.59 14.89
N LYS C 257 -6.86 -10.23 13.98
CA LYS C 257 -6.27 -11.54 14.23
C LYS C 257 -4.76 -11.43 14.13
N PRO C 258 -4.04 -11.32 15.25
CA PRO C 258 -2.58 -11.36 15.21
C PRO C 258 -2.05 -12.77 15.44
N SER C 259 -0.92 -13.03 14.80
CA SER C 259 -0.28 -14.33 14.87
C SER C 259 1.19 -14.17 15.21
N LEU C 260 1.69 -15.02 16.10
CA LEU C 260 3.09 -15.04 16.49
C LEU C 260 3.60 -16.46 16.44
N THR C 261 4.75 -16.65 15.79
CA THR C 261 5.41 -17.95 15.73
C THR C 261 6.80 -17.82 16.31
N ILE C 262 7.12 -18.66 17.29
CA ILE C 262 8.42 -18.67 17.94
C ILE C 262 9.01 -20.06 17.81
N GLY C 263 10.26 -20.14 17.37
CA GLY C 263 10.90 -21.44 17.30
C GLY C 263 12.38 -21.44 17.01
N TYR C 264 13.13 -22.36 17.60
CA TYR C 264 14.56 -22.48 17.37
C TYR C 264 14.85 -23.70 16.51
N SER C 265 15.77 -23.56 15.56
CA SER C 265 16.08 -24.68 14.68
C SER C 265 17.54 -24.68 14.28
N VAL C 266 18.17 -25.86 14.30
CA VAL C 266 19.50 -26.07 13.75
C VAL C 266 19.50 -27.43 13.08
N SER C 267 20.20 -27.53 11.95
CA SER C 267 20.25 -28.78 11.20
C SER C 267 21.54 -28.83 10.39
N ARG C 268 22.25 -29.96 10.48
CA ARG C 268 23.50 -30.16 9.77
C ARG C 268 23.49 -31.51 9.07
N THR C 269 23.71 -31.50 7.76
CA THR C 269 23.78 -32.73 6.98
C THR C 269 24.91 -32.63 5.98
N SER C 270 25.37 -33.80 5.51
CA SER C 270 26.39 -33.87 4.47
C SER C 270 25.88 -34.41 3.15
N ARG C 271 24.75 -35.10 3.12
CA ARG C 271 24.20 -35.61 1.87
C ARG C 271 22.71 -35.36 1.67
N ASN C 272 21.93 -35.08 2.71
CA ASN C 272 20.51 -34.80 2.59
C ASN C 272 19.75 -36.00 2.02
N PHE C 273 19.74 -37.08 2.79
CA PHE C 273 18.91 -38.24 2.51
C PHE C 273 17.53 -38.05 3.14
N ASP C 274 16.71 -39.09 3.07
CA ASP C 274 15.35 -39.07 3.59
C ASP C 274 15.20 -40.06 4.74
N VAL C 275 14.46 -39.65 5.77
CA VAL C 275 14.24 -40.48 6.94
C VAL C 275 12.78 -40.88 7.12
N ASP C 276 11.85 -40.29 6.37
CA ASP C 276 10.43 -40.63 6.52
C ASP C 276 10.12 -42.06 6.11
N ARG C 277 11.04 -42.73 5.42
CA ARG C 277 10.84 -44.13 5.06
C ARG C 277 11.13 -45.08 6.20
N LEU C 278 11.61 -44.58 7.34
CA LEU C 278 11.85 -45.41 8.51
C LEU C 278 10.68 -45.42 9.49
N PHE C 279 9.82 -44.43 9.43
CA PHE C 279 8.77 -44.27 10.43
C PHE C 279 7.59 -45.21 10.14
N PRO C 280 6.85 -45.58 11.19
CA PRO C 280 5.73 -46.50 11.01
C PRO C 280 4.64 -45.93 10.11
N LEU C 281 3.97 -46.81 9.39
CA LEU C 281 2.85 -46.44 8.54
C LEU C 281 1.54 -46.65 9.27
N ASN C 282 0.68 -45.63 9.24
CA ASN C 282 -0.59 -45.70 9.94
C ASN C 282 -1.57 -46.59 9.19
N ALA C 283 -2.67 -46.94 9.86
CA ALA C 283 -3.66 -47.83 9.28
C ALA C 283 -4.25 -47.27 7.99
N ASP C 284 -4.20 -45.95 7.79
CA ASP C 284 -4.63 -45.33 6.55
C ASP C 284 -3.49 -45.19 5.54
N GLY C 285 -2.34 -45.79 5.82
CA GLY C 285 -1.21 -45.77 4.92
C GLY C 285 -0.29 -44.59 5.04
N THR C 286 -0.68 -43.55 5.78
CA THR C 286 0.16 -42.39 5.98
C THR C 286 1.30 -42.74 6.94
N VAL C 287 2.41 -42.03 6.81
CA VAL C 287 3.57 -42.26 7.66
C VAL C 287 3.42 -41.45 8.94
N ALA C 288 4.01 -41.95 10.03
CA ALA C 288 3.88 -41.31 11.32
C ALA C 288 4.51 -39.92 11.30
N ASN C 289 3.89 -38.99 12.03
CA ASN C 289 4.38 -37.62 12.06
C ASN C 289 5.69 -37.53 12.82
N ASN C 290 6.58 -36.66 12.34
CA ASN C 290 7.84 -36.39 13.01
C ASN C 290 8.19 -34.92 12.80
N ALA C 291 9.16 -34.45 13.58
CA ALA C 291 9.57 -33.06 13.56
C ALA C 291 10.66 -32.77 12.53
N PHE C 292 11.08 -33.78 11.77
CA PHE C 292 12.16 -33.63 10.81
C PHE C 292 11.71 -33.64 9.36
N THR C 293 10.49 -34.11 9.09
CA THR C 293 10.02 -34.20 7.71
C THR C 293 10.00 -32.83 7.06
N SER C 294 10.38 -32.78 5.78
CA SER C 294 10.30 -31.58 4.98
C SER C 294 8.98 -31.46 4.23
N GLY C 295 8.07 -32.41 4.40
CA GLY C 295 6.79 -32.38 3.72
C GLY C 295 6.88 -32.87 2.29
N GLY C 296 6.13 -32.25 1.39
CA GLY C 296 6.19 -32.57 -0.02
C GLY C 296 5.12 -33.50 -0.53
N ILE C 297 4.04 -33.72 0.21
CA ILE C 297 2.98 -34.62 -0.22
C ILE C 297 2.16 -33.89 -1.29
N ASP C 298 2.17 -34.43 -2.50
CA ASP C 298 1.38 -33.89 -3.62
C ASP C 298 0.70 -35.04 -4.33
N THR C 299 -0.63 -35.04 -4.31
CA THR C 299 -1.39 -36.10 -4.98
C THR C 299 -1.49 -35.91 -6.47
N ASP C 300 -1.19 -34.71 -6.98
CA ASP C 300 -1.21 -34.49 -8.42
C ASP C 300 -0.01 -35.14 -9.09
N THR C 301 1.18 -35.01 -8.49
CA THR C 301 2.39 -35.58 -9.04
C THR C 301 2.83 -36.85 -8.32
N GLY C 302 2.05 -37.34 -7.36
CA GLY C 302 2.43 -38.53 -6.64
C GLY C 302 3.56 -38.36 -5.66
N ALA C 303 3.97 -37.13 -5.38
CA ALA C 303 5.05 -36.88 -4.44
C ALA C 303 4.59 -37.19 -3.02
N GLN C 304 5.49 -37.73 -2.22
CA GLN C 304 5.21 -38.09 -0.83
C GLN C 304 6.34 -37.56 0.05
N ARG C 305 6.17 -37.72 1.35
CA ARG C 305 7.19 -37.26 2.30
C ARG C 305 8.47 -38.08 2.17
N ARG C 306 8.42 -39.23 1.52
CA ARG C 306 9.56 -40.11 1.36
C ARG C 306 10.37 -39.85 0.10
N ASP C 307 10.01 -38.83 -0.68
CA ASP C 307 10.70 -38.50 -1.91
C ASP C 307 11.65 -37.32 -1.77
N PHE C 308 11.81 -36.77 -0.57
CA PHE C 308 12.58 -35.56 -0.37
C PHE C 308 13.43 -35.69 0.87
N GLY C 309 14.52 -34.92 0.91
CA GLY C 309 15.39 -34.93 2.07
C GLY C 309 14.79 -34.18 3.24
N ASP C 310 15.36 -34.41 4.42
CA ASP C 310 14.78 -33.93 5.66
C ASP C 310 15.76 -33.14 6.52
N PHE C 311 16.87 -32.66 5.96
CA PHE C 311 17.93 -32.03 6.73
C PHE C 311 18.32 -30.71 6.09
N GLY C 312 18.84 -29.80 6.92
CA GLY C 312 19.05 -28.44 6.49
C GLY C 312 17.71 -27.75 6.29
N ASN C 313 17.74 -26.66 5.53
CA ASN C 313 16.51 -26.03 5.05
C ASN C 313 16.15 -26.50 3.65
N ALA C 314 16.91 -27.45 3.11
CA ALA C 314 16.72 -27.95 1.77
C ALA C 314 15.83 -29.19 1.80
N SER C 315 14.98 -29.31 0.78
CA SER C 315 14.11 -30.46 0.60
C SER C 315 14.49 -31.21 -0.68
N ASP C 316 15.80 -31.41 -0.87
CA ASP C 316 16.30 -31.98 -2.10
C ASP C 316 15.69 -33.35 -2.34
N PRO C 317 15.02 -33.58 -3.47
CA PRO C 317 14.44 -34.90 -3.73
C PRO C 317 15.52 -35.96 -3.92
N VAL C 318 15.17 -37.19 -3.56
CA VAL C 318 16.07 -38.31 -3.76
C VAL C 318 16.19 -38.61 -5.25
N VAL C 319 17.36 -39.09 -5.64
CA VAL C 319 17.68 -39.32 -7.05
C VAL C 319 17.84 -40.82 -7.26
N ALA C 320 17.18 -41.34 -8.29
CA ALA C 320 17.29 -42.74 -8.64
C ALA C 320 18.63 -43.02 -9.31
N GLY C 321 19.02 -44.28 -9.32
CA GLY C 321 20.28 -44.68 -9.89
C GLY C 321 21.44 -44.46 -8.92
N ALA C 322 22.65 -44.59 -9.46
CA ALA C 322 23.86 -44.49 -8.66
C ALA C 322 24.18 -43.06 -8.22
N ALA C 323 23.73 -42.05 -8.98
CA ALA C 323 24.00 -40.67 -8.58
C ALA C 323 23.45 -40.41 -7.18
N GLY C 324 22.17 -40.70 -6.97
CA GLY C 324 21.68 -40.88 -5.62
C GLY C 324 22.07 -42.24 -5.11
N LEU C 325 21.84 -42.48 -3.82
CA LEU C 325 22.18 -43.76 -3.23
C LEU C 325 21.12 -44.80 -3.62
N TYR C 326 20.91 -44.91 -4.93
CA TYR C 326 19.85 -45.74 -5.50
C TYR C 326 18.49 -45.36 -4.93
N GLY C 327 18.18 -44.07 -5.06
CA GLY C 327 16.93 -43.52 -4.58
C GLY C 327 16.89 -43.23 -3.09
N PHE C 328 18.03 -43.26 -2.41
CA PHE C 328 18.07 -43.06 -0.96
C PHE C 328 18.60 -41.69 -0.54
N ALA C 329 19.25 -40.95 -1.43
CA ALA C 329 19.86 -39.69 -1.07
C ALA C 329 19.82 -38.74 -2.25
N ASP C 330 20.58 -37.66 -2.16
CA ASP C 330 20.62 -36.61 -3.18
C ASP C 330 21.64 -36.95 -4.26
N GLY C 331 21.47 -36.30 -5.43
CA GLY C 331 22.32 -36.58 -6.55
C GLY C 331 23.67 -35.87 -6.48
N VAL C 332 24.61 -36.35 -7.29
CA VAL C 332 25.96 -35.79 -7.30
C VAL C 332 25.99 -34.47 -8.06
N SER C 333 25.51 -34.46 -9.31
CA SER C 333 25.22 -33.23 -10.03
C SER C 333 26.46 -32.33 -10.16
N TYR C 334 27.43 -32.82 -10.92
CA TYR C 334 28.57 -31.97 -11.28
C TYR C 334 28.10 -30.73 -12.02
N THR C 335 28.96 -29.72 -12.07
CA THR C 335 28.71 -28.51 -12.81
C THR C 335 29.74 -28.36 -13.93
N VAL C 336 29.27 -28.05 -15.14
CA VAL C 336 30.09 -27.98 -16.34
C VAL C 336 30.22 -26.53 -16.74
N TYR C 337 31.45 -26.09 -16.95
CA TYR C 337 31.75 -24.72 -17.35
C TYR C 337 31.96 -24.63 -18.86
N PHE C 338 31.67 -23.46 -19.41
CA PHE C 338 31.72 -23.23 -20.84
C PHE C 338 32.72 -22.13 -21.17
N THR C 339 33.01 -22.00 -22.46
CA THR C 339 33.95 -20.99 -22.92
C THR C 339 33.34 -19.60 -22.87
N ASP C 340 32.07 -19.47 -23.27
CA ASP C 340 31.39 -18.18 -23.29
C ASP C 340 30.98 -17.72 -21.89
N GLY C 341 31.43 -18.40 -20.85
CA GLY C 341 31.05 -18.07 -19.49
C GLY C 341 29.78 -18.70 -19.00
N SER C 342 29.02 -19.35 -19.87
CA SER C 342 27.82 -20.05 -19.45
C SER C 342 28.18 -21.35 -18.73
N THR C 343 27.24 -21.85 -17.94
CA THR C 343 27.43 -23.09 -17.20
C THR C 343 26.19 -23.95 -17.31
N ALA C 344 26.38 -25.26 -17.16
CA ALA C 344 25.28 -26.21 -17.13
C ALA C 344 25.48 -27.15 -15.96
N THR C 345 24.45 -27.95 -15.68
CA THR C 345 24.50 -28.91 -14.58
C THR C 345 24.36 -30.31 -15.13
N PHE C 346 25.35 -31.16 -14.88
CA PHE C 346 25.31 -32.55 -15.29
C PHE C 346 24.89 -33.40 -14.10
N ASP C 347 23.86 -34.22 -14.30
CA ASP C 347 23.29 -35.05 -13.24
C ASP C 347 23.83 -36.47 -13.41
N GLY C 348 25.00 -36.73 -12.85
CA GLY C 348 25.58 -38.05 -12.93
C GLY C 348 26.81 -38.15 -12.06
N LEU C 349 27.20 -39.39 -11.79
CA LEU C 349 28.35 -39.68 -10.94
C LEU C 349 29.67 -39.68 -11.71
N ASN C 350 29.63 -39.47 -13.03
CA ASN C 350 30.83 -39.43 -13.85
C ASN C 350 30.68 -38.34 -14.89
N PRO C 351 31.35 -37.20 -14.71
CA PRO C 351 31.19 -36.09 -15.67
C PRO C 351 31.65 -36.43 -17.07
N ALA C 352 32.53 -37.43 -17.24
CA ALA C 352 32.99 -37.80 -18.57
C ALA C 352 31.84 -38.22 -19.48
N ASP C 353 30.73 -38.70 -18.91
CA ASP C 353 29.57 -39.11 -19.68
C ASP C 353 28.65 -37.96 -20.02
N TYR C 354 29.13 -36.71 -19.92
CA TYR C 354 28.33 -35.54 -20.27
C TYR C 354 28.26 -35.46 -21.79
N LYS C 355 27.42 -36.30 -22.38
CA LYS C 355 27.27 -36.40 -23.82
C LYS C 355 26.41 -35.30 -24.40
N VAL C 356 26.14 -34.23 -23.66
CA VAL C 356 25.23 -33.19 -24.15
C VAL C 356 25.86 -31.82 -24.01
N PRO C 357 27.00 -31.54 -24.68
CA PRO C 357 27.44 -30.15 -24.84
C PRO C 357 26.64 -29.50 -25.96
N THR C 358 26.08 -28.32 -25.69
CA THR C 358 25.22 -27.68 -26.66
C THR C 358 26.00 -27.35 -27.94
N GLY C 359 25.28 -26.83 -28.92
CA GLY C 359 25.82 -26.60 -30.25
C GLY C 359 27.21 -26.01 -30.31
N LYS C 360 27.42 -24.89 -29.61
CA LYS C 360 28.68 -24.14 -29.72
C LYS C 360 29.48 -24.07 -28.43
N VAL C 361 29.00 -24.67 -27.35
CA VAL C 361 29.66 -24.53 -26.06
C VAL C 361 30.83 -25.52 -25.98
N ILE C 362 31.92 -25.06 -25.39
CA ILE C 362 33.12 -25.87 -25.16
C ILE C 362 33.47 -25.79 -23.69
N ASP C 363 33.84 -26.93 -23.11
CA ASP C 363 34.15 -27.00 -21.69
C ASP C 363 35.46 -26.27 -21.41
N THR C 364 35.37 -25.15 -20.68
CA THR C 364 36.56 -24.43 -20.24
C THR C 364 37.11 -25.06 -18.98
N THR C 365 38.42 -25.24 -18.93
CA THR C 365 39.07 -25.86 -17.78
C THR C 365 39.11 -24.86 -16.63
N LYS C 366 37.93 -24.58 -16.08
CA LYS C 366 37.77 -23.65 -14.97
C LYS C 366 37.68 -24.34 -13.63
N GLY C 367 36.95 -25.45 -13.53
CA GLY C 367 36.92 -26.24 -12.32
C GLY C 367 38.07 -27.22 -12.29
N ARG C 368 37.80 -28.46 -11.85
CA ARG C 368 38.84 -29.49 -11.90
C ARG C 368 39.38 -29.64 -13.32
N ASN C 369 38.52 -30.05 -14.25
CA ASN C 369 38.86 -30.13 -15.66
C ASN C 369 37.72 -29.59 -16.50
N GLY C 370 37.14 -28.46 -16.07
CA GLY C 370 35.95 -27.94 -16.67
C GLY C 370 34.66 -28.37 -15.99
N PHE C 371 34.72 -29.36 -15.11
CA PHE C 371 33.58 -29.83 -14.34
C PHE C 371 33.81 -29.51 -12.88
N GLY C 372 32.86 -28.83 -12.27
CA GLY C 372 32.89 -28.54 -10.85
C GLY C 372 32.32 -29.68 -10.04
N PHE C 373 31.81 -29.34 -8.87
CA PHE C 373 31.13 -30.32 -8.01
C PHE C 373 30.25 -29.55 -7.05
N ASN C 374 28.93 -29.74 -7.19
CA ASN C 374 28.00 -29.06 -6.29
C ASN C 374 28.08 -29.69 -4.91
N ASN C 375 28.32 -28.85 -3.90
CA ASN C 375 28.46 -29.35 -2.54
C ASN C 375 27.19 -30.08 -2.12
N LEU C 376 27.36 -31.26 -1.52
CA LEU C 376 26.24 -32.06 -1.09
C LEU C 376 25.83 -31.82 0.35
N ALA C 377 26.48 -30.86 1.03
CA ALA C 377 26.23 -30.60 2.44
C ALA C 377 25.29 -29.41 2.58
N ARG C 378 24.25 -29.58 3.38
CA ARG C 378 23.29 -28.52 3.68
C ARG C 378 23.38 -28.15 5.15
N TYR C 379 23.26 -26.85 5.42
CA TYR C 379 23.40 -26.34 6.78
C TYR C 379 22.25 -25.40 7.09
N LYS C 380 21.71 -25.54 8.29
CA LYS C 380 20.76 -24.57 8.86
C LYS C 380 21.39 -24.03 10.14
N GLU C 381 22.02 -22.87 10.06
CA GLU C 381 22.67 -22.31 11.23
C GLU C 381 21.65 -22.07 12.32
N GLY C 382 21.95 -22.50 13.53
CA GLY C 382 21.00 -22.42 14.61
C GLY C 382 20.53 -21.01 14.88
N SER C 383 19.21 -20.81 14.90
CA SER C 383 18.66 -19.51 15.23
C SER C 383 17.25 -19.70 15.78
N THR C 384 16.83 -18.69 16.54
CA THR C 384 15.45 -18.60 17.03
C THR C 384 14.73 -17.54 16.21
N ASP C 385 13.61 -17.93 15.62
CA ASP C 385 12.84 -17.09 14.73
C ASP C 385 11.52 -16.71 15.39
N ILE C 386 11.23 -15.42 15.41
CA ILE C 386 9.93 -14.87 15.78
C ILE C 386 9.32 -14.25 14.54
N GLY C 387 8.17 -14.77 14.13
CA GLY C 387 7.41 -14.23 13.02
C GLY C 387 6.12 -13.63 13.52
N ILE C 388 5.79 -12.43 13.03
CA ILE C 388 4.61 -11.69 13.46
C ILE C 388 3.76 -11.37 12.24
N SER C 389 2.46 -11.56 12.38
CA SER C 389 1.53 -11.27 11.29
C SER C 389 0.24 -10.72 11.87
N LEU C 390 -0.50 -10.01 11.02
CA LEU C 390 -1.78 -9.44 11.41
C LEU C 390 -2.75 -9.51 10.25
N GLY C 391 -4.00 -9.86 10.54
CA GLY C 391 -5.04 -9.83 9.54
C GLY C 391 -6.29 -9.19 10.11
N PHE C 392 -7.14 -8.70 9.22
CA PHE C 392 -8.40 -8.08 9.60
C PHE C 392 -9.52 -8.81 8.86
N ASP C 393 -10.30 -9.59 9.60
CA ASP C 393 -11.43 -10.29 9.01
C ASP C 393 -12.69 -9.43 9.10
N THR C 394 -13.63 -9.71 8.21
CA THR C 394 -14.92 -9.05 8.21
C THR C 394 -15.96 -9.94 8.86
N SER C 395 -17.10 -9.33 9.20
CA SER C 395 -18.17 -10.07 9.86
C SER C 395 -18.74 -11.16 8.98
N GLY C 396 -18.51 -11.10 7.67
CA GLY C 396 -19.06 -12.10 6.77
C GLY C 396 -20.56 -11.97 6.55
N GLN C 397 -21.12 -10.80 6.82
CA GLN C 397 -22.54 -10.56 6.65
C GLN C 397 -22.89 -9.97 5.29
N PHE C 398 -21.91 -9.79 4.42
CA PHE C 398 -22.14 -9.26 3.08
C PHE C 398 -22.21 -10.39 2.06
N SER C 399 -23.24 -11.22 2.22
CA SER C 399 -23.46 -12.38 1.37
C SER C 399 -24.75 -12.28 0.55
N GLN C 400 -25.29 -11.07 0.37
CA GLN C 400 -26.54 -10.87 -0.33
C GLN C 400 -26.44 -9.60 -1.17
N VAL C 401 -27.17 -9.59 -2.29
CA VAL C 401 -27.33 -8.40 -3.11
C VAL C 401 -28.79 -8.30 -3.54
N THR C 402 -29.31 -7.08 -3.60
CA THR C 402 -30.65 -6.82 -4.08
C THR C 402 -30.60 -5.99 -5.35
N SER C 403 -31.38 -6.39 -6.34
CA SER C 403 -31.35 -5.72 -7.62
C SER C 403 -31.94 -4.31 -7.52
N GLY C 404 -31.43 -3.42 -8.37
CA GLY C 404 -31.90 -2.04 -8.40
C GLY C 404 -32.64 -1.71 -9.68
N THR C 405 -33.41 -0.62 -9.67
CA THR C 405 -34.19 -0.24 -10.82
C THR C 405 -33.29 0.08 -12.01
N GLY C 406 -33.78 -0.23 -13.20
CA GLY C 406 -33.02 0.03 -14.41
C GLY C 406 -33.93 0.08 -15.61
N GLY C 407 -33.33 0.44 -16.75
CA GLY C 407 -34.08 0.58 -17.98
C GLY C 407 -34.03 1.98 -18.54
N SER C 408 -34.14 2.12 -19.86
CA SER C 408 -34.15 3.41 -20.52
C SER C 408 -35.50 3.74 -21.13
N LEU C 409 -36.06 2.84 -21.93
CA LEU C 409 -37.41 3.04 -22.45
C LEU C 409 -38.45 3.00 -21.33
N PHE C 410 -38.11 2.43 -20.20
CA PHE C 410 -39.01 2.32 -19.06
C PHE C 410 -38.16 2.35 -17.78
N SER C 411 -38.74 1.93 -16.67
CA SER C 411 -38.00 1.87 -15.41
C SER C 411 -38.55 0.73 -14.58
N THR C 412 -37.70 -0.25 -14.28
CA THR C 412 -38.12 -1.38 -13.47
C THR C 412 -38.31 -0.95 -12.01
N ALA C 413 -39.12 -1.72 -11.29
CA ALA C 413 -39.46 -1.35 -9.92
C ALA C 413 -38.23 -1.33 -9.02
N GLY C 414 -37.40 -2.35 -9.11
CA GLY C 414 -36.24 -2.47 -8.24
C GLY C 414 -36.56 -3.24 -6.97
N ARG C 415 -35.50 -3.73 -6.32
CA ARG C 415 -35.64 -4.54 -5.12
C ARG C 415 -36.51 -5.77 -5.37
N LEU C 416 -36.37 -6.34 -6.57
CA LEU C 416 -37.23 -7.43 -7.00
C LEU C 416 -36.61 -8.81 -6.82
N GLN C 417 -35.29 -8.93 -6.82
CA GLN C 417 -34.63 -10.22 -6.71
C GLN C 417 -33.46 -10.11 -5.74
N VAL C 418 -33.30 -11.13 -4.90
CA VAL C 418 -32.19 -11.20 -3.95
C VAL C 418 -31.29 -12.33 -4.40
N ASN C 419 -30.01 -12.01 -4.61
CA ASN C 419 -29.02 -12.96 -5.07
C ASN C 419 -28.01 -13.22 -3.97
N GLN C 420 -27.71 -14.49 -3.74
CA GLN C 420 -26.71 -14.91 -2.77
C GLN C 420 -25.36 -15.01 -3.47
N ILE C 421 -24.38 -14.26 -2.97
CA ILE C 421 -23.05 -14.25 -3.56
C ILE C 421 -22.09 -14.96 -2.63
N ASP C 422 -20.89 -15.23 -3.14
CA ASP C 422 -19.87 -16.00 -2.43
C ASP C 422 -18.57 -15.22 -2.38
N LEU C 423 -18.66 -13.95 -2.00
CA LEU C 423 -17.49 -13.09 -1.90
C LEU C 423 -16.88 -13.22 -0.50
N ASN C 424 -15.59 -13.52 -0.44
CA ASN C 424 -14.86 -13.65 0.81
C ASN C 424 -13.70 -12.66 0.76
N PHE C 425 -13.76 -11.63 1.60
CA PHE C 425 -12.78 -10.55 1.55
C PHE C 425 -12.33 -10.16 2.95
N GLY C 426 -11.17 -9.53 3.00
CA GLY C 426 -10.60 -9.05 4.25
C GLY C 426 -9.39 -8.18 3.96
N LEU C 427 -8.72 -7.78 5.03
CA LEU C 427 -7.51 -6.97 4.95
C LEU C 427 -6.31 -7.80 5.37
N VAL C 428 -5.28 -7.81 4.53
CA VAL C 428 -4.09 -8.61 4.76
C VAL C 428 -2.89 -7.68 4.88
N THR C 429 -1.91 -8.12 5.65
CA THR C 429 -0.66 -7.38 5.86
C THR C 429 0.48 -8.23 5.29
N GLY C 430 0.99 -7.84 4.14
CA GLY C 430 1.98 -8.63 3.45
C GLY C 430 1.37 -9.57 2.42
N LEU C 431 2.20 -9.96 1.46
CA LEU C 431 1.72 -10.76 0.34
C LEU C 431 2.24 -12.19 0.43
N PRO C 432 1.48 -13.15 -0.07
CA PRO C 432 1.95 -14.54 -0.11
C PRO C 432 3.12 -14.70 -1.07
N SER C 433 3.85 -15.80 -0.90
CA SER C 433 5.01 -16.05 -1.74
C SER C 433 4.61 -16.36 -3.18
N ASP C 434 3.39 -16.84 -3.40
CA ASP C 434 2.94 -17.23 -4.73
C ASP C 434 2.19 -16.14 -5.47
N ALA C 435 2.07 -14.95 -4.88
CA ALA C 435 1.39 -13.85 -5.55
C ALA C 435 2.21 -13.33 -6.72
N TYR C 436 1.51 -12.80 -7.73
CA TYR C 436 2.17 -12.28 -8.92
C TYR C 436 1.27 -11.22 -9.55
N VAL C 437 1.86 -10.39 -10.40
CA VAL C 437 1.13 -9.35 -11.11
C VAL C 437 0.81 -9.89 -12.51
N ASP C 438 -0.46 -10.19 -12.75
CA ASP C 438 -0.91 -10.73 -14.03
C ASP C 438 -1.12 -9.58 -15.00
N THR C 439 -0.15 -9.39 -15.90
CA THR C 439 -0.16 -8.27 -16.84
C THR C 439 -0.82 -8.62 -18.17
N ASN C 440 -1.26 -9.87 -18.35
CA ASN C 440 -1.86 -10.28 -19.60
C ASN C 440 -3.34 -10.66 -19.48
N GLY C 441 -3.81 -11.02 -18.29
CA GLY C 441 -5.19 -11.42 -18.11
C GLY C 441 -5.44 -12.91 -18.20
N ASN C 442 -4.40 -13.71 -18.50
CA ASN C 442 -4.60 -15.15 -18.61
C ASN C 442 -4.98 -15.78 -17.28
N GLY C 443 -4.67 -15.09 -16.18
CA GLY C 443 -4.92 -15.65 -14.86
C GLY C 443 -3.88 -16.62 -14.38
N LYS C 444 -2.74 -16.72 -15.06
CA LYS C 444 -1.67 -17.64 -14.68
C LYS C 444 -0.35 -16.88 -14.69
N LYS C 445 0.61 -17.42 -13.92
CA LYS C 445 1.93 -16.81 -13.83
C LYS C 445 2.76 -17.22 -15.05
N ASP C 446 2.97 -16.28 -15.96
CA ASP C 446 3.78 -16.51 -17.14
C ASP C 446 5.26 -16.47 -16.73
N ASP C 447 6.15 -16.38 -17.72
CA ASP C 447 7.58 -16.37 -17.41
C ASP C 447 7.95 -15.13 -16.61
N GLY C 448 8.21 -15.31 -15.31
CA GLY C 448 8.62 -14.21 -14.46
C GLY C 448 7.74 -12.99 -14.58
N GLU C 449 6.47 -13.09 -14.14
CA GLU C 449 5.55 -11.98 -14.37
C GLU C 449 5.88 -10.79 -13.47
N ALA C 450 5.67 -10.93 -12.16
CA ALA C 450 6.06 -9.86 -11.25
C ALA C 450 6.70 -10.31 -9.95
N THR C 451 6.37 -11.48 -9.42
CA THR C 451 6.79 -11.85 -8.07
C THR C 451 6.34 -10.78 -7.06
N GLY C 452 5.02 -10.69 -6.91
CA GLY C 452 4.38 -9.60 -6.19
C GLY C 452 5.09 -9.15 -4.92
N ARG C 453 5.77 -10.07 -4.22
CA ARG C 453 6.61 -9.65 -3.11
C ARG C 453 7.76 -8.76 -3.59
N GLY C 454 8.18 -8.92 -4.85
CA GLY C 454 9.19 -8.04 -5.40
C GLY C 454 8.66 -6.72 -5.89
N THR C 455 7.37 -6.65 -6.23
CA THR C 455 6.77 -5.39 -6.64
C THR C 455 6.55 -4.47 -5.44
N TYR C 456 6.09 -5.04 -4.32
CA TYR C 456 5.82 -4.29 -3.09
C TYR C 456 6.85 -4.71 -2.05
N LEU C 457 7.97 -3.99 -2.02
CA LEU C 457 9.04 -4.32 -1.09
C LEU C 457 8.58 -4.10 0.34
N GLY C 458 8.96 -5.02 1.23
CA GLY C 458 8.48 -5.02 2.59
C GLY C 458 7.21 -5.79 2.83
N SER C 459 6.62 -6.36 1.77
CA SER C 459 5.40 -7.15 1.93
C SER C 459 5.68 -8.45 2.70
N GLY C 460 6.73 -9.16 2.29
CA GLY C 460 7.08 -10.40 2.95
C GLY C 460 8.48 -10.82 2.56
N GLY C 461 8.92 -11.94 3.15
CA GLY C 461 10.25 -12.44 2.89
C GLY C 461 11.30 -11.69 3.67
N THR C 462 12.56 -12.08 3.42
CA THR C 462 13.70 -11.46 4.06
C THR C 462 14.54 -10.62 3.10
N ALA C 463 14.26 -10.67 1.80
CA ALA C 463 15.05 -9.91 0.84
C ALA C 463 14.90 -8.40 1.09
N ALA C 464 13.70 -7.95 1.38
CA ALA C 464 13.43 -6.54 1.66
C ALA C 464 12.56 -6.42 2.90
N ILE C 465 12.93 -5.51 3.79
CA ILE C 465 12.15 -5.19 4.97
C ILE C 465 12.09 -3.67 5.10
N LEU C 466 10.88 -3.12 5.13
CA LEU C 466 10.68 -1.69 5.32
C LEU C 466 10.77 -1.40 6.81
N ARG C 467 11.89 -0.82 7.23
CA ARG C 467 12.25 -0.75 8.64
C ARG C 467 12.47 0.70 9.05
N ASP C 468 12.63 0.90 10.35
CA ASP C 468 12.87 2.18 10.99
C ASP C 468 14.01 2.05 11.99
N PRO C 469 14.85 3.07 12.13
CA PRO C 469 15.91 3.00 13.15
C PRO C 469 15.37 2.77 14.56
N ALA C 470 14.17 3.28 14.86
CA ALA C 470 13.59 3.05 16.17
C ALA C 470 13.16 1.61 16.39
N GLY C 471 13.18 0.78 15.34
CA GLY C 471 12.75 -0.59 15.43
C GLY C 471 11.38 -0.85 14.83
N ASN C 472 10.65 0.18 14.43
CA ASN C 472 9.36 -0.02 13.78
C ASN C 472 9.52 -0.75 12.46
N VAL C 473 8.55 -1.60 12.16
CA VAL C 473 8.48 -2.32 10.89
C VAL C 473 7.17 -1.95 10.22
N TYR C 474 7.25 -1.59 8.94
CA TYR C 474 6.09 -1.16 8.17
C TYR C 474 5.81 -2.18 7.07
N ARG C 475 4.54 -2.55 6.93
CA ARG C 475 4.11 -3.52 5.92
C ARG C 475 2.88 -2.98 5.21
N PRO C 476 2.87 -2.97 3.88
CA PRO C 476 1.70 -2.46 3.17
C PRO C 476 0.46 -3.29 3.49
N VAL C 477 -0.69 -2.60 3.52
CA VAL C 477 -1.97 -3.24 3.77
C VAL C 477 -2.67 -3.43 2.43
N PHE C 478 -3.16 -4.64 2.18
CA PHE C 478 -3.84 -4.99 0.95
C PHE C 478 -5.28 -5.43 1.26
N PHE C 479 -6.16 -5.20 0.30
CA PHE C 479 -7.53 -5.68 0.36
C PHE C 479 -7.61 -6.98 -0.44
N ARG C 480 -7.66 -8.10 0.26
CA ARG C 480 -7.74 -9.40 -0.39
C ARG C 480 -9.21 -9.80 -0.53
N PHE C 481 -9.54 -10.38 -1.68
CA PHE C 481 -10.90 -10.86 -1.90
C PHE C 481 -10.88 -11.99 -2.90
N LYS C 482 -11.83 -12.90 -2.74
CA LYS C 482 -12.06 -13.99 -3.70
C LYS C 482 -13.55 -14.07 -3.96
N ASN C 483 -13.92 -13.99 -5.24
CA ASN C 483 -15.32 -14.05 -5.68
C ASN C 483 -15.55 -15.39 -6.35
N ALA C 484 -16.33 -16.25 -5.71
CA ALA C 484 -16.68 -17.55 -6.28
C ALA C 484 -17.98 -17.52 -7.06
N THR C 485 -18.69 -16.39 -7.07
CA THR C 485 -19.96 -16.28 -7.77
C THR C 485 -19.76 -15.61 -9.11
N THR C 486 -20.23 -16.27 -10.18
CA THR C 486 -20.18 -15.71 -11.52
C THR C 486 -21.53 -15.80 -12.23
N GLN C 487 -22.52 -16.42 -11.61
CA GLN C 487 -23.85 -16.58 -12.20
C GLN C 487 -24.87 -15.87 -11.33
N PHE C 488 -25.77 -15.12 -11.96
CA PHE C 488 -26.84 -14.41 -11.27
C PHE C 488 -28.16 -14.79 -11.92
N SER C 489 -29.12 -15.22 -11.10
CA SER C 489 -30.40 -15.71 -11.57
C SER C 489 -31.51 -14.76 -11.17
N VAL C 490 -32.44 -14.51 -12.10
CA VAL C 490 -33.59 -13.65 -11.86
C VAL C 490 -34.84 -14.38 -12.31
N GLY C 491 -35.92 -14.22 -11.56
CA GLY C 491 -37.17 -14.88 -11.83
C GLY C 491 -37.31 -16.17 -11.04
N ASN C 492 -38.54 -16.46 -10.62
CA ASN C 492 -38.77 -17.56 -9.70
C ASN C 492 -39.66 -18.68 -10.26
N ASN C 493 -40.91 -18.42 -10.59
CA ASN C 493 -41.77 -19.59 -10.73
C ASN C 493 -41.67 -20.27 -12.09
N PRO C 494 -42.14 -19.65 -13.18
CA PRO C 494 -42.06 -20.30 -14.49
C PRO C 494 -40.73 -20.13 -15.20
N VAL C 495 -40.14 -18.95 -15.09
CA VAL C 495 -39.00 -18.55 -15.91
C VAL C 495 -37.85 -18.13 -15.00
N ILE C 496 -36.66 -18.66 -15.26
CA ILE C 496 -35.45 -18.23 -14.59
C ILE C 496 -34.42 -17.88 -15.64
N VAL C 497 -33.81 -16.70 -15.52
CA VAL C 497 -32.79 -16.22 -16.44
C VAL C 497 -31.49 -16.06 -15.68
N THR C 498 -30.44 -16.72 -16.14
CA THR C 498 -29.14 -16.73 -15.48
C THR C 498 -28.11 -16.06 -16.39
N LEU C 499 -27.49 -14.99 -15.89
CA LEU C 499 -26.45 -14.27 -16.60
C LEU C 499 -25.11 -14.56 -15.93
N GLY C 500 -24.08 -14.86 -16.72
CA GLY C 500 -22.81 -15.15 -16.10
C GLY C 500 -21.70 -15.35 -17.09
N GLN C 501 -20.55 -15.75 -16.53
CA GLN C 501 -19.34 -16.09 -17.28
C GLN C 501 -19.14 -17.58 -17.27
N GLN C 502 -18.53 -18.09 -18.34
CA GLN C 502 -18.27 -19.52 -18.48
C GLN C 502 -19.52 -20.34 -18.17
N GLN C 503 -20.62 -19.94 -18.81
CA GLN C 503 -21.89 -20.60 -18.57
C GLN C 503 -21.77 -22.10 -18.83
N LYS C 504 -22.26 -22.90 -17.90
CA LYS C 504 -22.25 -24.36 -18.02
C LYS C 504 -23.66 -24.83 -18.35
N PHE C 505 -23.79 -25.52 -19.48
CA PHE C 505 -25.09 -26.00 -19.93
C PHE C 505 -24.93 -27.40 -20.51
N TYR C 506 -26.06 -28.03 -20.75
CA TYR C 506 -26.07 -29.40 -21.24
C TYR C 506 -27.42 -29.66 -21.92
N PHE C 507 -27.41 -29.83 -23.23
CA PHE C 507 -28.64 -30.21 -23.93
C PHE C 507 -28.78 -31.73 -23.94
N SER C 508 -27.80 -32.42 -24.49
CA SER C 508 -27.70 -33.86 -24.45
C SER C 508 -26.25 -34.23 -24.73
N ASP C 509 -25.94 -35.52 -24.62
CA ASP C 509 -24.68 -36.01 -25.15
C ASP C 509 -24.73 -35.95 -26.67
N TYR C 510 -23.61 -35.58 -27.27
CA TYR C 510 -23.45 -35.38 -28.71
C TYR C 510 -23.90 -34.01 -29.19
N VAL C 511 -24.46 -33.13 -28.36
CA VAL C 511 -24.85 -31.82 -28.84
C VAL C 511 -24.25 -30.68 -28.03
N PHE C 512 -24.63 -30.56 -26.76
CA PHE C 512 -24.13 -29.53 -25.83
C PHE C 512 -23.69 -30.15 -24.52
N ASP C 513 -22.86 -31.18 -24.56
CA ASP C 513 -22.18 -31.62 -23.35
C ASP C 513 -21.13 -30.58 -23.00
N ASN C 514 -21.61 -29.39 -22.65
CA ASN C 514 -20.78 -28.21 -22.41
C ASN C 514 -20.67 -27.87 -20.94
N ASN C 515 -20.91 -28.83 -20.05
CA ASN C 515 -20.65 -28.60 -18.64
C ASN C 515 -19.24 -29.09 -18.30
N TYR C 516 -18.89 -29.00 -17.02
CA TYR C 516 -17.56 -29.34 -16.53
C TYR C 516 -16.51 -28.28 -16.82
N ASP C 517 -16.78 -27.38 -17.77
CA ASP C 517 -15.98 -26.16 -17.88
C ASP C 517 -16.85 -24.95 -18.17
N GLY C 518 -17.88 -25.15 -18.98
CA GLY C 518 -18.61 -24.05 -19.59
C GLY C 518 -17.99 -23.63 -20.91
N ARG C 519 -18.80 -22.95 -21.72
CA ARG C 519 -18.36 -22.53 -23.05
C ARG C 519 -17.94 -21.07 -23.11
N GLY C 520 -18.67 -20.19 -22.47
CA GLY C 520 -18.34 -18.78 -22.55
C GLY C 520 -19.27 -17.93 -21.71
N ASP C 521 -19.29 -16.64 -22.02
CA ASP C 521 -20.03 -15.67 -21.24
C ASP C 521 -21.35 -15.33 -21.92
N GLY C 522 -22.44 -15.34 -21.14
CA GLY C 522 -23.73 -15.03 -21.72
C GLY C 522 -24.90 -15.24 -20.78
N PHE C 523 -25.98 -15.81 -21.29
CA PHE C 523 -27.17 -16.03 -20.49
C PHE C 523 -27.88 -17.31 -20.92
N THR C 524 -28.65 -17.86 -19.98
CA THR C 524 -29.47 -19.04 -20.19
C THR C 524 -30.84 -18.81 -19.58
N VAL C 525 -31.88 -19.12 -20.32
CA VAL C 525 -33.26 -18.96 -19.88
C VAL C 525 -33.91 -20.32 -19.81
N THR C 526 -34.49 -20.66 -18.66
CA THR C 526 -35.20 -21.91 -18.48
C THR C 526 -36.65 -21.64 -18.09
N VAL C 527 -37.57 -22.24 -18.84
CA VAL C 527 -39.01 -22.06 -18.66
C VAL C 527 -39.59 -23.42 -18.30
N ASP C 528 -40.27 -23.49 -17.16
CA ASP C 528 -40.87 -24.72 -16.68
C ASP C 528 -42.38 -24.60 -16.73
N GLY C 529 -43.03 -25.46 -17.50
CA GLY C 529 -44.47 -25.43 -17.63
C GLY C 529 -45.15 -26.56 -16.90
N SER C 530 -44.67 -26.89 -15.71
CA SER C 530 -45.22 -27.99 -14.93
C SER C 530 -46.44 -27.59 -14.11
N ASN C 531 -46.84 -26.32 -14.15
CA ASN C 531 -48.04 -25.86 -13.46
C ASN C 531 -49.08 -25.30 -14.43
N VAL C 532 -48.90 -25.49 -15.74
CA VAL C 532 -49.87 -24.98 -16.70
C VAL C 532 -51.17 -25.74 -16.54
N PRO C 533 -52.34 -25.10 -16.73
CA PRO C 533 -53.60 -25.80 -16.51
C PRO C 533 -53.81 -26.98 -17.45
N VAL C 534 -53.75 -26.72 -18.76
CA VAL C 534 -54.13 -27.74 -19.74
C VAL C 534 -53.08 -28.84 -19.81
N ILE C 535 -51.82 -28.47 -20.02
CA ILE C 535 -50.73 -29.44 -20.16
C ILE C 535 -49.65 -29.04 -19.17
N GLY C 536 -49.70 -29.61 -17.98
CA GLY C 536 -48.66 -29.40 -16.98
C GLY C 536 -48.26 -30.69 -16.33
N ALA C 537 -49.04 -31.75 -16.58
CA ALA C 537 -48.73 -33.07 -16.06
C ALA C 537 -47.65 -33.78 -16.86
N TRP C 538 -47.36 -33.33 -18.07
CA TRP C 538 -46.27 -33.88 -18.87
C TRP C 538 -44.93 -33.22 -18.57
N LYS C 539 -44.91 -32.28 -17.63
CA LYS C 539 -43.68 -31.66 -17.16
C LYS C 539 -42.95 -30.95 -18.30
N PRO C 540 -43.64 -30.11 -19.08
CA PRO C 540 -42.97 -29.45 -20.20
C PRO C 540 -41.88 -28.51 -19.72
N GLN C 541 -40.80 -28.42 -20.50
CA GLN C 541 -39.65 -27.60 -20.15
C GLN C 541 -38.98 -27.10 -21.41
N ILE C 542 -38.47 -25.87 -21.34
CA ILE C 542 -37.75 -25.23 -22.44
C ILE C 542 -36.47 -24.64 -21.89
N LYS C 543 -35.36 -24.84 -22.60
CA LYS C 543 -34.08 -24.25 -22.26
C LYS C 543 -33.56 -23.45 -23.45
N GLY C 544 -32.93 -22.32 -23.17
CA GLY C 544 -32.35 -21.50 -24.22
C GLY C 544 -31.02 -20.94 -23.77
N VAL C 545 -30.03 -20.96 -24.65
CA VAL C 545 -28.67 -20.55 -24.32
C VAL C 545 -28.20 -19.55 -25.37
N TYR C 546 -27.57 -18.47 -24.91
CA TYR C 546 -26.81 -17.59 -25.79
C TYR C 546 -25.50 -17.25 -25.11
N GLY C 547 -24.43 -17.12 -25.88
CA GLY C 547 -23.18 -16.70 -25.29
C GLY C 547 -22.10 -16.47 -26.32
N SER C 548 -20.99 -15.92 -25.82
CA SER C 548 -19.78 -15.71 -26.58
C SER C 548 -18.69 -16.64 -26.04
N ARG C 549 -18.08 -17.42 -26.92
CA ARG C 549 -17.08 -18.40 -26.49
C ARG C 549 -15.92 -17.70 -25.80
N SER C 550 -15.57 -18.19 -24.61
CA SER C 550 -14.45 -17.71 -23.83
C SER C 550 -14.55 -16.23 -23.48
N GLY C 551 -15.70 -15.61 -23.72
CA GLY C 551 -15.82 -14.18 -23.48
C GLY C 551 -14.82 -13.42 -24.31
N LEU C 552 -14.05 -12.55 -23.66
CA LEU C 552 -13.00 -11.78 -24.33
C LEU C 552 -11.75 -12.63 -24.45
N ASP C 553 -11.31 -12.84 -25.69
CA ASP C 553 -10.08 -13.59 -25.94
C ASP C 553 -9.38 -13.00 -27.15
N GLY C 554 -8.07 -12.85 -27.04
CA GLY C 554 -7.30 -12.26 -28.11
C GLY C 554 -7.26 -13.13 -29.35
N THR C 555 -6.95 -12.50 -30.47
CA THR C 555 -6.92 -13.21 -31.73
C THR C 555 -5.98 -14.40 -31.65
N ALA C 556 -6.14 -15.34 -32.58
CA ALA C 556 -5.44 -16.61 -32.60
C ALA C 556 -6.01 -17.59 -31.59
N GLU C 557 -6.98 -17.18 -30.79
CA GLU C 557 -7.70 -18.06 -29.89
C GLU C 557 -8.97 -18.55 -30.56
N ALA C 558 -9.33 -19.81 -30.27
CA ALA C 558 -10.46 -20.43 -30.93
C ALA C 558 -11.78 -19.72 -30.65
N GLY C 559 -11.87 -18.94 -29.58
CA GLY C 559 -13.13 -18.31 -29.20
C GLY C 559 -13.24 -16.86 -29.56
N TYR C 560 -12.43 -16.38 -30.50
CA TYR C 560 -12.45 -14.97 -30.89
C TYR C 560 -13.56 -14.74 -31.90
N GLY C 561 -14.48 -13.84 -31.57
CA GLY C 561 -15.58 -13.54 -32.47
C GLY C 561 -16.45 -14.74 -32.79
N VAL C 562 -16.59 -15.67 -31.84
CA VAL C 562 -17.40 -16.87 -32.04
C VAL C 562 -18.48 -16.87 -30.97
N TYR C 563 -19.73 -17.04 -31.41
CA TYR C 563 -20.89 -16.97 -30.55
C TYR C 563 -21.75 -18.22 -30.75
N TYR C 564 -22.34 -18.70 -29.67
CA TYR C 564 -23.16 -19.90 -29.68
C TYR C 564 -24.55 -19.58 -29.16
N ARG C 565 -25.52 -20.36 -29.64
CA ARG C 565 -26.90 -20.24 -29.22
C ARG C 565 -27.56 -21.61 -29.35
N GLY C 566 -28.68 -21.77 -28.68
CA GLY C 566 -29.38 -23.04 -28.76
C GLY C 566 -30.68 -23.00 -27.98
N VAL C 567 -31.52 -23.98 -28.27
CA VAL C 567 -32.81 -24.11 -27.60
C VAL C 567 -33.21 -25.58 -27.60
N ARG C 568 -33.62 -26.07 -26.43
CA ARG C 568 -34.06 -27.43 -26.24
C ARG C 568 -35.44 -27.42 -25.60
N ALA C 569 -36.21 -28.48 -25.85
CA ALA C 569 -37.56 -28.61 -25.33
C ALA C 569 -37.84 -30.07 -25.00
N GLN C 570 -38.40 -30.33 -23.81
CA GLN C 570 -38.58 -31.69 -23.34
C GLN C 570 -39.88 -31.83 -22.55
N ILE C 571 -40.40 -33.07 -22.50
CA ILE C 571 -41.51 -33.45 -21.63
C ILE C 571 -41.29 -34.85 -21.10
N THR C 572 -42.22 -35.27 -20.23
CA THR C 572 -42.25 -36.62 -19.65
C THR C 572 -43.67 -37.16 -19.79
N PRO C 573 -44.06 -37.57 -21.00
CA PRO C 573 -45.44 -38.02 -21.19
C PRO C 573 -45.83 -39.20 -20.32
N VAL C 574 -44.90 -40.09 -20.01
CA VAL C 574 -45.18 -41.31 -19.28
C VAL C 574 -44.38 -41.33 -18.00
N GLY C 575 -44.45 -42.43 -17.25
CA GLY C 575 -43.83 -42.52 -15.94
C GLY C 575 -42.51 -41.80 -15.78
N THR C 576 -41.51 -42.18 -16.57
CA THR C 576 -40.22 -41.51 -16.51
C THR C 576 -39.61 -41.22 -17.87
N LEU C 577 -40.23 -41.61 -18.98
CA LEU C 577 -39.66 -41.34 -20.29
C LEU C 577 -39.72 -39.85 -20.57
N THR C 578 -38.55 -39.20 -20.57
CA THR C 578 -38.44 -37.82 -21.03
C THR C 578 -38.03 -37.82 -22.48
N ALA C 579 -38.83 -37.16 -23.32
CA ALA C 579 -38.53 -37.00 -24.73
C ALA C 579 -38.24 -35.53 -25.00
N GLY C 580 -37.20 -35.26 -25.76
CA GLY C 580 -36.79 -33.90 -26.01
C GLY C 580 -36.18 -33.73 -27.39
N ILE C 581 -36.28 -32.51 -27.90
CA ILE C 581 -35.60 -32.10 -29.13
C ILE C 581 -34.74 -30.90 -28.79
N HIS C 582 -33.78 -30.60 -29.66
CA HIS C 582 -32.88 -29.48 -29.42
C HIS C 582 -32.20 -29.05 -30.70
N TYR C 583 -32.00 -27.74 -30.81
CA TYR C 583 -31.26 -27.10 -31.88
C TYR C 583 -30.09 -26.34 -31.27
N ALA C 584 -28.91 -26.49 -31.87
CA ALA C 584 -27.72 -25.82 -31.38
C ALA C 584 -26.96 -25.24 -32.56
N GLN C 585 -26.35 -24.07 -32.37
CA GLN C 585 -25.55 -23.46 -33.42
C GLN C 585 -24.40 -22.69 -32.80
N GLU C 586 -23.26 -22.70 -33.50
CA GLU C 586 -22.13 -21.87 -33.15
C GLU C 586 -21.54 -21.30 -34.43
N GLY C 587 -21.14 -20.03 -34.39
CA GLY C 587 -20.66 -19.40 -35.61
C GLY C 587 -19.73 -18.24 -35.35
N ARG C 588 -19.11 -17.79 -36.43
CA ARG C 588 -18.24 -16.62 -36.43
C ARG C 588 -19.03 -15.41 -36.89
N ASP C 589 -18.76 -14.26 -36.28
CA ASP C 589 -19.33 -13.01 -36.73
C ASP C 589 -18.40 -12.39 -37.77
N MET C 590 -18.66 -11.15 -38.18
CA MET C 590 -17.81 -10.53 -39.17
C MET C 590 -16.42 -10.21 -38.63
N PHE C 591 -16.28 -10.08 -37.31
CA PHE C 591 -14.97 -9.90 -36.69
C PHE C 591 -14.29 -11.21 -36.33
N GLY C 592 -14.99 -12.33 -36.46
CA GLY C 592 -14.39 -13.63 -36.25
C GLY C 592 -14.07 -14.29 -37.56
N ALA C 593 -14.87 -13.98 -38.59
CA ALA C 593 -14.58 -14.50 -39.92
C ALA C 593 -13.22 -14.01 -40.40
N ALA C 594 -12.91 -12.76 -40.14
CA ALA C 594 -11.59 -12.19 -40.39
C ALA C 594 -10.84 -12.03 -39.07
N GLN C 595 -9.52 -12.16 -39.15
CA GLN C 595 -8.63 -11.98 -38.00
C GLN C 595 -9.04 -12.86 -36.82
N ASN C 596 -9.24 -14.14 -37.09
CA ASN C 596 -9.40 -15.11 -36.00
C ASN C 596 -8.34 -16.19 -36.11
N THR C 597 -7.87 -16.47 -37.33
CA THR C 597 -6.93 -17.54 -37.56
C THR C 597 -7.51 -18.86 -37.07
N THR C 598 -6.74 -19.61 -36.27
CA THR C 598 -7.17 -20.89 -35.74
C THR C 598 -7.81 -21.75 -36.82
N SER C 599 -8.73 -22.63 -36.41
CA SER C 599 -9.45 -23.47 -37.36
C SER C 599 -10.92 -23.63 -37.01
N THR C 600 -11.46 -22.77 -36.14
CA THR C 600 -12.85 -22.91 -35.73
C THR C 600 -13.75 -22.88 -36.97
N PRO C 601 -14.70 -23.81 -37.09
CA PRO C 601 -15.55 -23.82 -38.28
C PRO C 601 -16.29 -22.51 -38.44
N SER C 602 -16.48 -22.10 -39.69
CA SER C 602 -17.25 -20.89 -39.95
C SER C 602 -18.66 -20.99 -39.40
N ASP C 603 -19.18 -22.21 -39.23
CA ASP C 603 -20.51 -22.40 -38.68
C ASP C 603 -20.73 -23.88 -38.41
N VAL C 604 -21.42 -24.18 -37.31
CA VAL C 604 -21.86 -25.52 -36.98
C VAL C 604 -23.32 -25.43 -36.54
N THR C 605 -24.16 -26.31 -37.08
CA THR C 605 -25.59 -26.30 -36.79
C THR C 605 -26.05 -27.74 -36.58
N THR C 606 -26.36 -28.09 -35.34
CA THR C 606 -26.73 -29.45 -34.96
C THR C 606 -28.18 -29.49 -34.51
N TYR C 607 -28.90 -30.53 -34.94
CA TYR C 607 -30.23 -30.82 -34.45
C TYR C 607 -30.23 -32.21 -33.81
N GLY C 608 -31.12 -32.41 -32.84
CA GLY C 608 -31.15 -33.72 -32.22
C GLY C 608 -32.41 -33.95 -31.42
N ALA C 609 -32.59 -35.21 -31.05
CA ALA C 609 -33.72 -35.65 -30.22
C ALA C 609 -33.26 -36.82 -29.36
N ASP C 610 -33.84 -36.92 -28.17
CA ASP C 610 -33.47 -37.98 -27.24
C ASP C 610 -34.71 -38.46 -26.49
N LEU C 611 -34.67 -39.72 -26.09
CA LEU C 611 -35.82 -40.41 -25.51
C LEU C 611 -35.42 -41.24 -24.28
N HIS C 612 -34.70 -40.63 -23.35
CA HIS C 612 -34.24 -41.34 -22.16
C HIS C 612 -35.34 -41.42 -21.10
N GLY C 613 -35.44 -42.58 -20.45
CA GLY C 613 -36.38 -42.74 -19.36
C GLY C 613 -36.74 -44.19 -19.12
N LYS C 614 -37.69 -44.37 -18.21
CA LYS C 614 -38.21 -45.68 -17.83
C LYS C 614 -39.72 -45.58 -17.72
N ALA C 615 -40.44 -46.32 -18.56
CA ALA C 615 -41.88 -46.14 -18.69
C ALA C 615 -42.70 -47.34 -18.24
N PHE C 616 -42.47 -48.52 -18.79
CA PHE C 616 -43.37 -49.66 -18.64
C PHE C 616 -42.62 -50.90 -18.19
N GLY C 617 -41.78 -50.76 -17.19
CA GLY C 617 -40.94 -51.86 -16.76
C GLY C 617 -39.70 -52.06 -17.60
N VAL C 618 -39.49 -51.22 -18.62
CA VAL C 618 -38.29 -51.24 -19.43
C VAL C 618 -37.71 -49.84 -19.46
N GLU C 619 -36.40 -49.76 -19.68
CA GLU C 619 -35.69 -48.49 -19.69
C GLU C 619 -35.11 -48.27 -21.09
N LEU C 620 -35.59 -47.22 -21.75
CA LEU C 620 -35.14 -46.85 -23.09
C LEU C 620 -34.18 -45.68 -23.03
N HIS C 621 -33.21 -45.67 -23.94
CA HIS C 621 -32.25 -44.58 -24.03
C HIS C 621 -31.88 -44.43 -25.49
N SER C 622 -32.40 -43.39 -26.14
CA SER C 622 -32.16 -43.16 -27.55
C SER C 622 -31.58 -41.76 -27.75
N GLU C 623 -30.89 -41.58 -28.88
CA GLU C 623 -30.27 -40.30 -29.18
C GLU C 623 -30.02 -40.21 -30.68
N TYR C 624 -30.36 -39.05 -31.26
CA TYR C 624 -30.09 -38.76 -32.66
C TYR C 624 -29.48 -37.36 -32.77
N ALA C 625 -28.57 -37.20 -33.72
CA ALA C 625 -27.91 -35.91 -33.91
C ALA C 625 -27.47 -35.76 -35.36
N THR C 626 -27.46 -34.52 -35.83
CA THR C 626 -26.99 -34.17 -37.17
C THR C 626 -26.06 -32.98 -37.05
N SER C 627 -24.91 -33.02 -37.72
CA SER C 627 -23.84 -32.08 -37.45
C SER C 627 -23.88 -30.85 -38.34
N ARG C 628 -23.76 -31.02 -39.66
CA ARG C 628 -23.81 -29.91 -40.61
C ARG C 628 -22.75 -28.86 -40.29
N VAL C 629 -21.49 -29.28 -40.41
CA VAL C 629 -20.35 -28.42 -40.10
C VAL C 629 -19.88 -27.73 -41.38
N ARG C 630 -19.61 -26.43 -41.27
CA ARG C 630 -19.10 -25.61 -42.35
C ARG C 630 -17.64 -25.30 -42.10
N PRO C 631 -16.70 -25.91 -42.83
CA PRO C 631 -15.29 -25.94 -42.42
C PRO C 631 -14.46 -24.74 -42.89
N ASN C 632 -14.94 -23.54 -42.57
CA ASN C 632 -14.18 -22.30 -42.78
C ASN C 632 -13.68 -22.26 -44.22
N THR C 633 -12.38 -22.05 -44.45
CA THR C 633 -11.81 -21.96 -45.79
C THR C 633 -12.63 -21.05 -46.70
N ALA C 634 -12.62 -21.34 -47.99
CA ALA C 634 -13.36 -20.56 -48.98
C ALA C 634 -14.41 -21.38 -49.71
N ASN C 635 -14.05 -22.57 -50.20
CA ASN C 635 -15.01 -23.46 -50.83
C ASN C 635 -15.91 -24.15 -49.83
N ALA C 636 -15.40 -24.45 -48.63
CA ALA C 636 -16.22 -25.00 -47.56
C ALA C 636 -16.63 -26.44 -47.87
N ALA C 637 -17.62 -26.62 -48.73
CA ALA C 637 -18.19 -27.94 -49.00
C ALA C 637 -18.72 -28.56 -47.71
N VAL C 638 -19.79 -27.93 -47.20
CA VAL C 638 -20.36 -28.29 -45.91
C VAL C 638 -20.42 -29.80 -45.77
N GLN C 639 -20.02 -30.30 -44.61
CA GLN C 639 -19.90 -31.71 -44.32
C GLN C 639 -20.86 -32.11 -43.21
N THR C 640 -21.60 -33.19 -43.43
CA THR C 640 -22.64 -33.64 -42.52
C THR C 640 -22.23 -34.93 -41.84
N SER C 641 -22.59 -35.08 -40.57
CA SER C 641 -22.26 -36.27 -39.80
C SER C 641 -23.31 -36.45 -38.70
N ASN C 642 -23.86 -37.65 -38.62
CA ASN C 642 -24.90 -37.98 -37.66
C ASN C 642 -24.37 -38.94 -36.61
N ALA C 643 -25.12 -39.05 -35.51
CA ALA C 643 -24.76 -39.95 -34.41
C ALA C 643 -26.05 -40.44 -33.78
N PHE C 644 -26.40 -41.71 -34.02
CA PHE C 644 -27.65 -42.28 -33.54
C PHE C 644 -27.36 -43.53 -32.73
N TYR C 645 -28.06 -43.67 -31.60
CA TYR C 645 -28.00 -44.91 -30.83
C TYR C 645 -29.34 -45.13 -30.15
N ALA C 646 -29.66 -46.40 -29.92
CA ALA C 646 -30.92 -46.79 -29.29
C ALA C 646 -30.63 -48.03 -28.43
N ARG C 647 -30.55 -47.83 -27.12
CA ARG C 647 -30.15 -48.87 -26.18
C ARG C 647 -31.26 -49.11 -25.16
N VAL C 648 -31.44 -50.37 -24.79
CA VAL C 648 -32.34 -50.74 -23.71
C VAL C 648 -31.52 -51.24 -22.53
N ALA C 649 -31.16 -50.34 -21.63
CA ALA C 649 -30.28 -50.67 -20.50
C ALA C 649 -30.52 -49.65 -19.40
N THR C 650 -29.92 -49.93 -18.24
CA THR C 650 -30.08 -49.09 -17.06
C THR C 650 -28.97 -48.04 -17.02
N ARG C 651 -29.37 -46.78 -16.87
CA ARG C 651 -28.44 -45.66 -16.79
C ARG C 651 -28.38 -45.13 -15.36
N LYS C 652 -27.17 -44.97 -14.86
CA LYS C 652 -26.99 -44.45 -13.51
C LYS C 652 -27.32 -42.97 -13.47
N ASP C 653 -27.24 -42.39 -12.27
CA ASP C 653 -27.49 -40.96 -12.12
C ASP C 653 -26.36 -40.12 -12.69
N ASN C 654 -25.12 -40.63 -12.64
CA ASN C 654 -23.99 -39.96 -13.28
C ASN C 654 -23.98 -40.18 -14.79
N LEU C 655 -25.04 -40.76 -15.34
CA LEU C 655 -25.23 -40.93 -16.78
C LEU C 655 -24.39 -42.06 -17.35
N ALA C 656 -23.66 -42.79 -16.52
CA ALA C 656 -22.99 -44.01 -16.94
C ALA C 656 -24.01 -45.14 -16.97
N PHE C 657 -23.82 -46.06 -17.92
CA PHE C 657 -24.75 -47.15 -18.10
C PHE C 657 -24.35 -48.32 -17.21
N ASP C 658 -25.24 -48.70 -16.29
CA ASP C 658 -25.04 -49.83 -15.40
C ASP C 658 -25.56 -51.08 -16.10
N LEU C 659 -24.64 -51.94 -16.54
CA LEU C 659 -25.01 -53.15 -17.28
C LEU C 659 -25.17 -54.35 -16.37
N ASN C 660 -25.07 -54.17 -15.05
CA ASN C 660 -25.31 -55.25 -14.11
C ASN C 660 -26.75 -55.33 -13.63
N THR C 661 -27.57 -54.31 -13.91
CA THR C 661 -28.98 -54.32 -13.59
C THR C 661 -29.79 -54.63 -14.84
N PRO C 662 -30.68 -55.62 -14.80
CA PRO C 662 -31.32 -56.09 -16.04
C PRO C 662 -32.06 -55.01 -16.80
N ALA C 663 -33.05 -54.39 -16.18
CA ALA C 663 -33.95 -53.42 -16.83
C ALA C 663 -35.03 -54.09 -17.67
N ALA C 664 -35.06 -55.42 -17.74
CA ALA C 664 -36.15 -56.12 -18.41
C ALA C 664 -36.98 -56.96 -17.44
N LYS C 665 -36.36 -57.90 -16.72
CA LYS C 665 -37.02 -58.67 -15.67
C LYS C 665 -38.33 -59.29 -16.16
N PHE C 666 -38.18 -60.25 -17.08
CA PHE C 666 -39.32 -60.96 -17.65
C PHE C 666 -39.80 -62.12 -16.79
N GLY C 667 -39.51 -62.12 -15.49
CA GLY C 667 -39.96 -63.21 -14.64
C GLY C 667 -39.46 -63.03 -13.22
N ASN C 668 -39.69 -64.06 -12.41
CA ASN C 668 -39.26 -64.10 -11.02
C ASN C 668 -38.01 -64.97 -10.89
N ASP C 669 -37.59 -65.23 -9.66
CA ASP C 669 -36.37 -65.99 -9.41
C ASP C 669 -36.43 -67.42 -9.93
N THR C 670 -37.56 -68.10 -9.81
CA THR C 670 -37.66 -69.46 -10.31
C THR C 670 -37.51 -69.53 -11.82
N PHE C 671 -38.08 -68.58 -12.54
CA PHE C 671 -37.89 -68.43 -13.97
C PHE C 671 -37.68 -66.94 -14.22
N GLY C 672 -36.44 -66.54 -14.44
CA GLY C 672 -36.11 -65.13 -14.36
C GLY C 672 -35.34 -64.55 -15.52
N VAL C 673 -35.67 -64.93 -16.75
CA VAL C 673 -34.99 -64.38 -17.91
C VAL C 673 -34.89 -62.86 -17.76
N SER C 674 -33.66 -62.35 -17.83
CA SER C 674 -33.39 -60.93 -17.61
C SER C 674 -32.58 -60.40 -18.78
N LEU C 675 -33.14 -59.42 -19.48
CA LEU C 675 -32.36 -58.68 -20.47
C LEU C 675 -31.50 -57.63 -19.78
N TYR C 676 -30.23 -57.60 -20.12
CA TYR C 676 -29.28 -56.66 -19.54
C TYR C 676 -28.91 -55.52 -20.47
N ASP C 677 -28.79 -55.79 -21.76
CA ASP C 677 -28.50 -54.74 -22.73
C ASP C 677 -28.96 -55.17 -24.10
N LEU C 678 -29.45 -54.22 -24.88
CA LEU C 678 -29.84 -54.46 -26.27
C LEU C 678 -29.72 -53.12 -27.00
N ASN C 679 -28.64 -52.94 -27.76
CA ASN C 679 -28.32 -51.63 -28.30
C ASN C 679 -27.90 -51.72 -29.75
N TYR C 680 -28.10 -50.60 -30.45
CA TYR C 680 -27.62 -50.38 -31.81
C TYR C 680 -26.86 -49.06 -31.85
N ARG C 681 -25.90 -48.97 -32.76
CA ARG C 681 -24.99 -47.83 -32.81
C ARG C 681 -24.69 -47.47 -34.26
N LYS C 682 -24.81 -46.18 -34.59
CA LYS C 682 -24.50 -45.69 -35.93
C LYS C 682 -23.75 -44.36 -35.85
N ILE C 683 -22.74 -44.29 -34.99
CA ILE C 683 -21.91 -43.09 -34.91
C ILE C 683 -21.14 -42.92 -36.21
N ASP C 684 -21.12 -41.70 -36.73
CA ASP C 684 -20.43 -41.44 -37.99
C ASP C 684 -18.95 -41.16 -37.75
N ALA C 685 -18.17 -41.23 -38.84
CA ALA C 685 -16.73 -41.08 -38.75
C ALA C 685 -16.31 -39.65 -38.43
N GLY C 686 -17.02 -38.67 -38.95
CA GLY C 686 -16.66 -37.28 -38.77
C GLY C 686 -17.25 -36.58 -37.57
N TYR C 687 -17.90 -37.33 -36.67
CA TYR C 687 -18.58 -36.72 -35.52
C TYR C 687 -17.60 -36.66 -34.35
N ASN C 688 -17.12 -35.45 -34.07
CA ASN C 688 -16.30 -35.17 -32.91
C ASN C 688 -16.96 -34.07 -32.09
N ASN C 689 -16.22 -33.55 -31.10
CA ASN C 689 -16.77 -32.48 -30.27
C ASN C 689 -17.02 -31.20 -31.05
N VAL C 690 -16.51 -31.09 -32.27
CA VAL C 690 -16.85 -29.95 -33.12
C VAL C 690 -18.17 -30.19 -33.82
N ALA C 691 -18.38 -31.40 -34.36
CA ALA C 691 -19.62 -31.70 -35.06
C ALA C 691 -20.82 -31.45 -34.17
N GLY C 692 -20.81 -32.04 -32.98
CA GLY C 692 -21.76 -31.68 -31.94
C GLY C 692 -21.06 -30.76 -30.97
N ILE C 693 -21.65 -29.60 -30.72
CA ILE C 693 -20.91 -28.48 -30.15
C ILE C 693 -20.69 -28.74 -28.66
N SER C 694 -19.59 -29.42 -28.34
CA SER C 694 -19.27 -29.85 -26.98
C SER C 694 -17.81 -29.51 -26.69
N GLU C 695 -17.41 -29.74 -25.45
CA GLU C 695 -16.03 -29.44 -25.06
C GLU C 695 -15.06 -30.53 -25.50
N TYR C 696 -15.35 -31.77 -25.13
CA TYR C 696 -14.46 -32.89 -25.41
C TYR C 696 -15.24 -34.06 -25.96
N GLY C 697 -14.49 -35.07 -26.40
CA GLY C 697 -14.94 -36.43 -26.37
C GLY C 697 -15.41 -36.99 -27.69
N TYR C 698 -16.23 -38.04 -27.58
CA TYR C 698 -16.73 -38.82 -28.70
C TYR C 698 -15.61 -39.63 -29.34
N GLY C 699 -14.80 -40.25 -28.50
CA GLY C 699 -13.72 -41.12 -28.93
C GLY C 699 -13.40 -42.11 -27.84
N SER C 700 -12.90 -43.27 -28.25
CA SER C 700 -12.63 -44.35 -27.30
C SER C 700 -11.89 -43.83 -26.08
N TYR C 701 -12.47 -44.08 -24.91
CA TYR C 701 -11.85 -43.61 -23.67
C TYR C 701 -10.55 -44.34 -23.38
N SER C 702 -10.46 -45.63 -23.71
CA SER C 702 -9.28 -46.43 -23.40
C SER C 702 -8.56 -46.94 -24.64
N ARG C 703 -9.28 -47.56 -25.57
CA ARG C 703 -8.68 -48.17 -26.75
C ARG C 703 -7.98 -49.48 -26.43
N THR C 704 -7.88 -49.80 -25.14
CA THR C 704 -7.41 -51.10 -24.68
C THR C 704 -8.42 -51.78 -23.77
N SER C 705 -9.10 -51.02 -22.93
CA SER C 705 -10.29 -51.49 -22.23
C SER C 705 -11.44 -51.41 -23.22
N ALA C 706 -12.68 -51.49 -22.76
CA ALA C 706 -13.80 -51.41 -23.69
C ALA C 706 -13.64 -50.19 -24.56
N GLN C 707 -13.39 -50.40 -25.86
CA GLN C 707 -13.03 -49.31 -26.75
C GLN C 707 -14.21 -48.81 -27.57
N ASN C 708 -15.36 -49.45 -27.50
CA ASN C 708 -16.56 -48.93 -28.14
C ASN C 708 -17.28 -47.90 -27.29
N ILE C 709 -16.79 -47.65 -26.08
CA ILE C 709 -17.45 -46.77 -25.12
C ILE C 709 -16.70 -45.45 -25.07
N ALA C 710 -17.41 -44.35 -25.29
CA ALA C 710 -16.83 -43.02 -25.26
C ALA C 710 -16.94 -42.36 -23.89
N TYR C 711 -17.63 -42.98 -22.94
CA TYR C 711 -17.83 -42.41 -21.62
C TYR C 711 -16.48 -42.11 -20.96
N ASN C 712 -16.22 -40.84 -20.66
CA ASN C 712 -14.96 -40.40 -20.07
C ASN C 712 -15.23 -39.65 -18.78
N PRO C 713 -15.04 -40.28 -17.61
CA PRO C 713 -15.26 -39.54 -16.35
C PRO C 713 -14.31 -38.38 -16.15
N ASP C 714 -13.12 -38.41 -16.75
CA ASP C 714 -12.14 -37.36 -16.52
C ASP C 714 -12.60 -36.03 -17.11
N THR C 715 -13.05 -36.05 -18.37
CA THR C 715 -13.46 -34.84 -19.06
C THR C 715 -14.97 -34.69 -19.13
N GLY C 716 -15.71 -35.48 -18.37
CA GLY C 716 -17.17 -35.37 -18.37
C GLY C 716 -17.80 -35.67 -19.71
N VAL C 717 -17.23 -36.60 -20.46
CA VAL C 717 -17.78 -36.99 -21.76
C VAL C 717 -18.79 -38.10 -21.49
N THR C 718 -20.04 -37.71 -21.27
CA THR C 718 -21.11 -38.66 -21.03
C THR C 718 -21.71 -39.08 -22.36
N ALA C 719 -21.15 -40.10 -22.97
CA ALA C 719 -21.65 -40.59 -24.25
C ALA C 719 -21.36 -42.09 -24.36
N PRO C 720 -22.39 -42.91 -24.54
CA PRO C 720 -22.18 -44.36 -24.45
C PRO C 720 -21.21 -44.90 -25.49
N PHE C 721 -21.22 -44.39 -26.72
CA PHE C 721 -20.48 -44.99 -27.81
C PHE C 721 -19.57 -43.97 -28.47
N ALA C 722 -18.44 -44.45 -28.96
CA ALA C 722 -17.32 -43.61 -29.36
C ALA C 722 -17.05 -43.70 -30.85
N ASN C 723 -16.25 -42.76 -31.33
CA ASN C 723 -15.74 -42.74 -32.68
C ASN C 723 -14.47 -43.59 -32.71
N LEU C 724 -14.52 -44.76 -33.34
CA LEU C 724 -13.42 -45.69 -33.28
C LEU C 724 -12.25 -45.21 -34.13
N ASP C 725 -11.09 -45.79 -33.84
CA ASP C 725 -9.84 -45.48 -34.53
C ASP C 725 -9.31 -46.72 -35.23
N ARG C 726 -8.71 -46.52 -36.40
CA ARG C 726 -7.95 -47.56 -37.08
C ARG C 726 -6.47 -47.25 -36.91
N GLN C 727 -5.75 -48.16 -36.28
CA GLN C 727 -4.34 -47.94 -35.96
C GLN C 727 -3.44 -48.71 -36.90
N ALA C 728 -2.28 -48.11 -37.21
CA ALA C 728 -1.33 -48.70 -38.12
C ALA C 728 0.07 -48.20 -37.78
N TYR C 729 1.06 -48.92 -38.28
CA TYR C 729 2.45 -48.54 -38.05
C TYR C 729 2.75 -47.19 -38.71
N THR C 730 3.55 -46.38 -38.04
CA THR C 730 3.81 -45.02 -38.50
C THR C 730 4.88 -44.99 -39.58
N ASP C 731 6.11 -45.40 -39.25
CA ASP C 731 7.23 -45.34 -40.18
C ASP C 731 7.46 -43.91 -40.67
N ALA C 732 7.79 -43.03 -39.72
CA ALA C 732 7.90 -41.60 -40.00
C ALA C 732 9.22 -41.25 -40.69
N ASN C 733 10.34 -41.49 -40.02
CA ASN C 733 11.64 -41.13 -40.57
C ASN C 733 12.29 -42.30 -41.28
N ASN C 734 12.52 -43.40 -40.57
CA ASN C 734 13.12 -44.58 -41.17
C ASN C 734 12.14 -45.23 -42.14
N ASP C 735 12.67 -46.00 -43.08
CA ASP C 735 11.88 -46.71 -44.06
C ASP C 735 12.26 -48.19 -44.03
N GLY C 736 11.23 -49.04 -44.12
CA GLY C 736 11.40 -50.49 -44.07
C GLY C 736 11.13 -51.07 -42.70
N THR C 737 11.20 -50.26 -41.66
CA THR C 737 10.94 -50.69 -40.29
C THR C 737 9.95 -49.73 -39.64
N SER C 738 9.04 -50.29 -38.85
CA SER C 738 8.02 -49.50 -38.18
C SER C 738 8.64 -48.74 -37.00
N ASP C 739 8.11 -47.55 -36.75
CA ASP C 739 8.64 -46.71 -35.68
C ASP C 739 8.34 -47.32 -34.32
N ARG C 740 9.30 -47.18 -33.40
CA ARG C 740 9.15 -47.65 -32.04
C ARG C 740 9.63 -46.57 -31.08
N ASN C 741 9.13 -46.63 -29.86
CA ASN C 741 9.58 -45.71 -28.82
C ASN C 741 10.84 -46.24 -28.15
N ALA C 742 11.35 -45.49 -27.17
CA ALA C 742 12.55 -45.92 -26.47
C ALA C 742 12.32 -47.23 -25.75
N ASP C 743 11.17 -47.39 -25.11
CA ASP C 743 10.85 -48.61 -24.39
C ASP C 743 10.53 -49.77 -25.33
N GLY C 744 10.39 -49.53 -26.63
CA GLY C 744 10.08 -50.56 -27.59
C GLY C 744 8.64 -50.58 -28.05
N THR C 745 7.77 -49.80 -27.41
CA THR C 745 6.37 -49.76 -27.82
C THR C 745 6.24 -49.14 -29.20
N VAL C 746 5.23 -49.59 -29.94
CA VAL C 746 5.04 -49.13 -31.31
C VAL C 746 4.46 -47.73 -31.31
N VAL C 747 4.69 -47.01 -32.40
CA VAL C 747 4.06 -45.72 -32.65
C VAL C 747 3.00 -45.90 -33.72
N ALA C 748 1.77 -45.51 -33.40
CA ALA C 748 0.63 -45.78 -34.26
C ALA C 748 0.01 -44.48 -34.76
N THR C 749 -0.55 -44.55 -35.97
CA THR C 749 -1.31 -43.45 -36.55
C THR C 749 -2.79 -43.80 -36.48
N ASN C 750 -3.58 -42.90 -35.92
CA ASN C 750 -4.98 -43.16 -35.63
C ASN C 750 -5.86 -42.50 -36.67
N THR C 751 -6.73 -43.29 -37.30
CA THR C 751 -7.67 -42.82 -38.31
C THR C 751 -9.08 -43.06 -37.80
N LYS C 752 -9.90 -42.00 -37.78
CA LYS C 752 -11.27 -42.15 -37.33
C LYS C 752 -12.10 -42.91 -38.35
N ILE C 753 -12.78 -43.95 -37.89
CA ILE C 753 -13.65 -44.75 -38.75
C ILE C 753 -15.11 -44.71 -38.33
N GLY C 754 -15.45 -44.01 -37.25
CA GLY C 754 -16.81 -44.00 -36.76
C GLY C 754 -17.12 -45.26 -35.98
N GLN C 755 -18.40 -45.64 -35.94
CA GLN C 755 -18.81 -46.88 -35.30
C GLN C 755 -20.22 -47.26 -35.68
N MET C 756 -20.42 -48.53 -36.02
CA MET C 756 -21.75 -49.05 -36.32
C MET C 756 -21.78 -50.50 -35.87
N GLY C 757 -22.82 -50.86 -35.13
CA GLY C 757 -22.91 -52.21 -34.64
C GLY C 757 -24.12 -52.40 -33.77
N PHE C 758 -24.19 -53.56 -33.12
CA PHE C 758 -25.27 -53.89 -32.22
C PHE C 758 -24.75 -54.85 -31.16
N GLY C 759 -25.48 -54.94 -30.05
CA GLY C 759 -25.06 -55.81 -28.97
C GLY C 759 -26.17 -56.17 -28.01
N VAL C 760 -26.23 -57.44 -27.61
CA VAL C 760 -27.24 -57.94 -26.69
C VAL C 760 -26.55 -58.73 -25.59
N LYS C 761 -26.89 -58.44 -24.34
CA LYS C 761 -26.45 -59.20 -23.19
C LYS C 761 -27.68 -59.59 -22.38
N ALA C 762 -27.84 -60.88 -22.13
CA ALA C 762 -29.02 -61.37 -21.43
C ALA C 762 -28.63 -62.55 -20.55
N ALA C 763 -29.51 -62.85 -19.59
CA ALA C 763 -29.29 -63.97 -18.69
C ALA C 763 -30.63 -64.57 -18.30
N ALA C 764 -30.69 -65.90 -18.30
CA ALA C 764 -31.88 -66.65 -17.92
C ALA C 764 -31.62 -67.29 -16.56
N ASN C 765 -32.42 -66.91 -15.58
CA ASN C 765 -32.27 -67.42 -14.23
C ASN C 765 -33.20 -68.62 -14.04
N LEU C 766 -32.63 -69.81 -14.14
CA LEU C 766 -33.33 -71.06 -13.83
C LEU C 766 -33.35 -71.22 -12.31
N GLY C 767 -33.57 -72.43 -11.82
CA GLY C 767 -33.64 -72.66 -10.40
C GLY C 767 -32.24 -72.87 -9.84
N PRO C 768 -31.91 -74.11 -9.49
CA PRO C 768 -30.53 -74.39 -9.03
C PRO C 768 -29.47 -74.05 -10.08
N VAL C 769 -29.87 -73.62 -11.26
CA VAL C 769 -28.94 -73.29 -12.34
C VAL C 769 -29.30 -71.92 -12.91
N ALA C 770 -28.31 -71.29 -13.53
CA ALA C 770 -28.48 -69.97 -14.14
C ALA C 770 -27.54 -69.85 -15.32
N ILE C 771 -28.06 -69.40 -16.47
CA ILE C 771 -27.26 -69.28 -17.67
C ILE C 771 -27.25 -67.82 -18.11
N GLY C 772 -26.26 -67.47 -18.91
CA GLY C 772 -26.15 -66.11 -19.42
C GLY C 772 -25.34 -66.10 -20.70
N GLY C 773 -25.55 -65.05 -21.50
CA GLY C 773 -24.85 -64.94 -22.77
C GLY C 773 -24.80 -63.50 -23.23
N TYR C 774 -23.87 -63.26 -24.16
CA TYR C 774 -23.68 -61.93 -24.71
C TYR C 774 -23.10 -62.04 -26.11
N TYR C 775 -23.46 -61.08 -26.95
CA TYR C 775 -22.95 -60.94 -28.29
C TYR C 775 -22.78 -59.47 -28.60
N ASP C 776 -21.74 -59.14 -29.36
CA ASP C 776 -21.45 -57.74 -29.68
C ASP C 776 -20.56 -57.69 -30.90
N THR C 777 -21.07 -57.12 -32.00
CA THR C 777 -20.28 -56.94 -33.22
C THR C 777 -20.38 -55.47 -33.61
N SER C 778 -19.25 -54.86 -33.91
CA SER C 778 -19.20 -53.45 -34.28
C SER C 778 -18.09 -53.25 -35.30
N THR C 779 -18.47 -52.94 -36.54
CA THR C 779 -17.52 -52.57 -37.58
C THR C 779 -17.41 -51.04 -37.62
N GLY C 780 -16.81 -50.52 -38.68
CA GLY C 780 -16.74 -49.09 -38.86
C GLY C 780 -18.06 -48.52 -39.34
N ALA C 781 -18.11 -47.19 -39.42
CA ALA C 781 -19.34 -46.51 -39.82
C ALA C 781 -19.73 -46.89 -41.25
N ASN C 782 -18.75 -46.97 -42.15
CA ASN C 782 -19.05 -47.31 -43.54
C ASN C 782 -19.59 -48.74 -43.66
N GLY C 783 -19.28 -49.59 -42.69
CA GLY C 783 -19.72 -50.98 -42.71
C GLY C 783 -18.69 -51.96 -43.19
N ASP C 784 -17.47 -51.51 -43.48
CA ASP C 784 -16.43 -52.41 -43.96
C ASP C 784 -16.07 -53.43 -42.90
N ASN C 785 -15.88 -54.68 -43.34
CA ASN C 785 -15.51 -55.76 -42.43
C ASN C 785 -14.02 -55.73 -42.07
N ALA C 786 -13.23 -54.86 -42.70
CA ALA C 786 -11.83 -54.71 -42.33
C ALA C 786 -11.65 -54.12 -40.95
N ASN C 787 -12.71 -53.61 -40.34
CA ASN C 787 -12.64 -53.02 -39.01
C ASN C 787 -13.59 -53.71 -38.03
N ARG C 788 -14.07 -54.91 -38.37
CA ARG C 788 -15.01 -55.62 -37.54
C ARG C 788 -14.34 -56.17 -36.29
N MET C 789 -15.03 -56.07 -35.16
CA MET C 789 -14.57 -56.66 -33.91
C MET C 789 -15.78 -57.27 -33.21
N THR C 790 -15.89 -58.58 -33.25
CA THR C 790 -17.02 -59.30 -32.67
C THR C 790 -16.59 -60.02 -31.42
N GLU C 791 -17.37 -59.87 -30.35
CA GLU C 791 -17.21 -60.66 -29.13
C GLU C 791 -18.51 -61.38 -28.82
N ALA C 792 -18.42 -62.68 -28.60
CA ALA C 792 -19.54 -63.49 -28.18
C ALA C 792 -19.10 -64.37 -27.02
N GLY C 793 -20.07 -64.85 -26.24
CA GLY C 793 -19.72 -65.70 -25.13
C GLY C 793 -20.96 -66.15 -24.38
N GLY C 794 -20.71 -66.87 -23.30
CA GLY C 794 -21.78 -67.41 -22.49
C GLY C 794 -21.27 -68.20 -21.31
N SER C 795 -22.02 -68.18 -20.21
CA SER C 795 -21.61 -68.86 -19.00
C SER C 795 -22.82 -69.59 -18.41
N ALA C 796 -22.52 -70.62 -17.62
CA ALA C 796 -23.53 -71.41 -16.95
C ALA C 796 -23.04 -71.72 -15.54
N LYS C 797 -23.91 -71.55 -14.56
CA LYS C 797 -23.57 -71.81 -13.17
C LYS C 797 -24.63 -72.72 -12.55
N VAL C 798 -24.19 -73.65 -11.72
CA VAL C 798 -25.07 -74.50 -10.93
C VAL C 798 -24.59 -74.44 -9.48
N ALA C 799 -25.43 -73.92 -8.60
CA ALA C 799 -25.09 -73.75 -7.20
C ALA C 799 -26.15 -74.42 -6.34
N TYR C 800 -25.71 -75.30 -5.45
CA TYR C 800 -26.63 -76.00 -4.56
C TYR C 800 -25.91 -76.25 -3.24
N SER C 801 -26.61 -76.02 -2.13
CA SER C 801 -26.03 -76.24 -0.81
C SER C 801 -24.79 -75.37 -0.62
N ILE C 802 -23.64 -76.02 -0.48
CA ILE C 802 -22.36 -75.34 -0.30
C ILE C 802 -21.43 -75.58 -1.49
N PHE C 803 -21.99 -76.06 -2.61
CA PHE C 803 -21.22 -76.36 -3.80
C PHE C 803 -21.65 -75.44 -4.93
N SER C 804 -20.69 -75.02 -5.75
CA SER C 804 -20.96 -74.19 -6.92
C SER C 804 -20.04 -74.61 -8.05
N LEU C 805 -20.58 -74.69 -9.26
CA LEU C 805 -19.80 -75.09 -10.42
C LEU C 805 -20.14 -74.16 -11.57
N ARG C 806 -19.13 -73.50 -12.12
CA ARG C 806 -19.30 -72.53 -13.18
C ARG C 806 -18.53 -72.97 -14.42
N GLY C 807 -19.03 -72.55 -15.58
CA GLY C 807 -18.36 -72.78 -16.84
C GLY C 807 -18.60 -71.65 -17.81
N THR C 808 -17.53 -71.06 -18.33
CA THR C 808 -17.62 -69.86 -19.16
C THR C 808 -16.86 -70.08 -20.46
N TYR C 809 -17.38 -69.51 -21.54
CA TYR C 809 -16.75 -69.56 -22.85
C TYR C 809 -16.81 -68.16 -23.45
N ASN C 810 -15.64 -67.60 -23.73
CA ASN C 810 -15.53 -66.25 -24.28
C ASN C 810 -14.76 -66.29 -25.59
N THR C 811 -15.21 -65.49 -26.55
CA THR C 811 -14.53 -65.38 -27.83
C THR C 811 -14.32 -63.90 -28.15
N LEU C 812 -13.34 -63.65 -29.02
CA LEU C 812 -13.09 -62.30 -29.51
C LEU C 812 -12.44 -62.41 -30.88
N ASP C 813 -13.10 -61.89 -31.91
CA ASP C 813 -12.65 -61.96 -33.28
C ASP C 813 -12.52 -60.54 -33.81
N SER C 814 -11.32 -59.97 -33.74
CA SER C 814 -11.10 -58.58 -34.11
C SER C 814 -10.31 -58.52 -35.41
N ASN C 815 -10.98 -58.16 -36.50
CA ASN C 815 -10.29 -57.74 -37.71
C ASN C 815 -9.69 -56.36 -37.58
N ARG C 816 -10.06 -55.62 -36.54
CA ARG C 816 -9.43 -54.35 -36.26
C ARG C 816 -7.97 -54.56 -35.84
N PRO C 817 -7.10 -53.60 -36.13
CA PRO C 817 -5.68 -53.78 -35.83
C PRO C 817 -5.37 -54.23 -34.41
N GLN C 818 -5.76 -53.45 -33.40
CA GLN C 818 -5.47 -53.83 -32.02
C GLN C 818 -3.97 -53.84 -31.75
N ILE C 819 -3.54 -53.15 -30.69
CA ILE C 819 -2.14 -53.11 -30.31
C ILE C 819 -1.94 -54.07 -29.14
N TYR C 820 -1.04 -55.03 -29.29
CA TYR C 820 -0.82 -56.00 -28.22
C TYR C 820 0.50 -56.71 -28.43
N ARG C 821 0.98 -57.34 -27.36
CA ARG C 821 2.22 -58.11 -27.44
C ARG C 821 1.95 -59.50 -28.02
N ASP C 822 2.91 -59.98 -28.79
CA ASP C 822 2.81 -61.33 -29.36
C ASP C 822 3.43 -62.33 -28.39
N ALA C 823 3.61 -63.56 -28.84
CA ALA C 823 4.21 -64.59 -27.99
C ALA C 823 5.62 -64.22 -27.58
N ALA C 824 6.42 -63.70 -28.53
CA ALA C 824 7.80 -63.35 -28.22
C ALA C 824 7.86 -62.25 -27.18
N GLY C 825 7.00 -61.24 -27.28
CA GLY C 825 6.96 -60.18 -26.30
C GLY C 825 7.16 -58.80 -26.89
N THR C 826 6.94 -58.66 -28.19
CA THR C 826 7.08 -57.38 -28.88
C THR C 826 5.71 -56.85 -29.28
N GLN C 827 5.46 -55.58 -28.98
CA GLN C 827 4.19 -54.98 -29.35
C GLN C 827 4.01 -54.99 -30.85
N ILE C 828 2.82 -55.35 -31.31
CA ILE C 828 2.47 -55.40 -32.72
C ILE C 828 1.05 -54.89 -32.88
N ILE C 829 0.68 -54.65 -34.13
CA ILE C 829 -0.65 -54.21 -34.52
C ILE C 829 -1.17 -55.17 -35.57
N GLY C 830 -2.26 -55.85 -35.29
CA GLY C 830 -2.84 -56.77 -36.24
C GLY C 830 -4.00 -57.52 -35.64
N ASP C 831 -4.84 -58.06 -36.53
CA ASP C 831 -6.06 -58.72 -36.10
C ASP C 831 -5.76 -59.79 -35.04
N ALA C 832 -6.78 -60.12 -34.26
CA ALA C 832 -6.63 -61.05 -33.16
C ALA C 832 -7.82 -61.99 -33.08
N LYS C 833 -7.56 -63.22 -32.65
CA LYS C 833 -8.61 -64.16 -32.32
C LYS C 833 -8.28 -64.78 -30.98
N VAL C 834 -9.21 -64.67 -30.03
CA VAL C 834 -9.03 -65.17 -28.68
C VAL C 834 -10.20 -66.08 -28.35
N ARG C 835 -9.91 -67.26 -27.82
CA ARG C 835 -10.91 -68.21 -27.36
C ARG C 835 -10.51 -68.69 -25.98
N ARG C 836 -11.34 -68.41 -24.98
CA ARG C 836 -11.08 -68.82 -23.61
C ARG C 836 -12.26 -69.65 -23.11
N TYR C 837 -11.96 -70.67 -22.33
CA TYR C 837 -13.01 -71.43 -21.66
C TYR C 837 -12.51 -71.88 -20.31
N ALA C 838 -13.30 -71.61 -19.27
CA ALA C 838 -12.88 -71.86 -17.90
C ALA C 838 -13.96 -72.59 -17.14
N VAL C 839 -13.56 -73.57 -16.33
CA VAL C 839 -14.46 -74.28 -15.45
C VAL C 839 -13.93 -74.11 -14.03
N GLN C 840 -14.79 -73.66 -13.12
CA GLN C 840 -14.41 -73.36 -11.75
C GLN C 840 -15.38 -74.04 -10.78
N ALA C 841 -14.82 -74.77 -9.82
CA ALA C 841 -15.61 -75.43 -8.79
C ALA C 841 -15.23 -74.85 -7.43
N ASP C 842 -16.25 -74.49 -6.64
CA ASP C 842 -16.05 -73.86 -5.36
C ASP C 842 -16.90 -74.54 -4.30
N VAL C 843 -16.36 -74.66 -3.09
CA VAL C 843 -17.05 -75.26 -1.97
C VAL C 843 -16.79 -74.40 -0.73
N THR C 844 -17.86 -74.02 -0.04
CA THR C 844 -17.77 -73.21 1.18
C THR C 844 -18.38 -73.97 2.34
N PRO C 845 -17.57 -74.64 3.17
CA PRO C 845 -18.15 -75.42 4.28
C PRO C 845 -18.96 -74.58 5.24
N GLY C 846 -18.73 -73.27 5.29
CA GLY C 846 -19.52 -72.37 6.12
C GLY C 846 -18.83 -71.92 7.40
N LEU C 847 -17.68 -72.49 7.74
CA LEU C 847 -16.96 -72.12 8.95
C LEU C 847 -16.01 -70.95 8.71
N GLY C 848 -16.27 -70.14 7.70
CA GLY C 848 -15.36 -69.10 7.27
C GLY C 848 -14.34 -69.56 6.25
N LEU C 849 -14.24 -70.85 6.01
CA LEU C 849 -13.29 -71.40 5.06
C LEU C 849 -13.85 -71.32 3.64
N PHE C 850 -12.98 -71.59 2.67
CA PHE C 850 -13.38 -71.66 1.28
C PHE C 850 -12.32 -72.43 0.50
N VAL C 851 -12.76 -73.20 -0.48
CA VAL C 851 -11.87 -73.92 -1.38
C VAL C 851 -12.27 -73.60 -2.80
N GLY C 852 -11.31 -73.67 -3.71
CA GLY C 852 -11.58 -73.40 -5.10
C GLY C 852 -10.62 -74.07 -6.05
N ALA C 853 -11.17 -74.78 -7.04
CA ALA C 853 -10.38 -75.40 -8.09
C ALA C 853 -10.82 -74.82 -9.43
N TYR C 854 -9.85 -74.56 -10.30
CA TYR C 854 -10.14 -73.94 -11.58
C TYR C 854 -9.26 -74.55 -12.66
N TYR C 855 -9.77 -74.52 -13.89
CA TYR C 855 -9.01 -74.88 -15.08
C TYR C 855 -9.39 -73.89 -16.17
N ARG C 856 -8.49 -72.96 -16.49
CA ARG C 856 -8.74 -71.93 -17.49
C ARG C 856 -7.81 -72.16 -18.66
N ASP C 857 -8.36 -72.08 -19.88
CA ASP C 857 -7.61 -72.39 -21.10
C ASP C 857 -7.79 -71.25 -22.09
N VAL C 858 -6.71 -70.51 -22.35
CA VAL C 858 -6.71 -69.43 -23.32
C VAL C 858 -6.12 -69.93 -24.61
N ASN C 859 -6.50 -69.29 -25.73
CA ASN C 859 -6.07 -69.72 -27.05
C ASN C 859 -6.06 -68.50 -27.96
N VAL C 860 -4.87 -67.92 -28.16
CA VAL C 860 -4.71 -66.68 -28.90
C VAL C 860 -4.17 -66.99 -30.29
N ASN C 861 -4.91 -66.58 -31.32
CA ASN C 861 -4.48 -66.71 -32.71
C ASN C 861 -4.21 -68.16 -33.10
N GLY C 862 -4.92 -69.10 -32.49
CA GLY C 862 -4.76 -70.51 -32.74
C GLY C 862 -3.82 -71.22 -31.78
N VAL C 863 -2.71 -70.59 -31.42
CA VAL C 863 -1.76 -71.15 -30.47
C VAL C 863 -2.32 -71.02 -29.07
N ARG C 864 -1.79 -71.81 -28.14
CA ARG C 864 -2.48 -71.96 -26.86
C ARG C 864 -2.15 -70.85 -25.87
N SER C 865 -1.22 -69.96 -26.17
CA SER C 865 -1.21 -68.66 -25.51
C SER C 865 -1.14 -68.73 -23.99
N THR C 866 0.01 -69.11 -23.44
CA THR C 866 0.18 -69.20 -21.99
C THR C 866 -0.55 -68.09 -21.25
N THR C 867 -0.51 -66.87 -21.77
CA THR C 867 -1.25 -65.76 -21.20
C THR C 867 -1.91 -64.98 -22.31
N ASP C 868 -3.19 -64.66 -22.11
CA ASP C 868 -3.85 -63.72 -22.99
C ASP C 868 -3.22 -62.33 -22.86
N ARG C 869 -3.21 -61.60 -23.96
CA ARG C 869 -2.48 -60.34 -24.04
C ARG C 869 -3.39 -59.14 -23.77
N GLY C 870 -4.40 -59.31 -22.94
CA GLY C 870 -5.34 -58.25 -22.66
C GLY C 870 -6.40 -58.03 -23.72
N LEU C 871 -6.46 -58.91 -24.72
CA LEU C 871 -7.40 -58.73 -25.82
C LEU C 871 -8.84 -58.95 -25.38
N LEU C 872 -9.09 -59.91 -24.48
CA LEU C 872 -10.45 -60.18 -24.05
C LEU C 872 -11.10 -58.98 -23.38
N GLY C 873 -10.32 -58.01 -22.93
CA GLY C 873 -10.83 -56.81 -22.33
C GLY C 873 -11.20 -55.71 -23.30
N ARG C 874 -11.08 -55.95 -24.60
CA ARG C 874 -11.47 -54.95 -25.58
C ARG C 874 -12.97 -54.77 -25.68
N GLY C 875 -13.76 -55.72 -25.19
CA GLY C 875 -15.20 -55.61 -25.23
C GLY C 875 -15.78 -55.14 -23.92
N TYR C 876 -16.94 -54.49 -23.97
CA TYR C 876 -17.58 -53.97 -22.78
C TYR C 876 -18.60 -54.93 -22.17
N LEU C 877 -18.88 -56.05 -22.83
CA LEU C 877 -19.77 -57.07 -22.29
C LEU C 877 -18.95 -58.34 -22.09
N ALA C 878 -18.59 -58.62 -20.84
CA ALA C 878 -17.88 -59.83 -20.46
C ALA C 878 -18.74 -60.76 -19.62
N SER C 879 -19.27 -60.27 -18.51
CA SER C 879 -20.42 -60.88 -17.84
C SER C 879 -20.12 -62.34 -17.45
N SER C 880 -19.21 -62.48 -16.49
CA SER C 880 -19.05 -63.77 -15.83
C SER C 880 -20.06 -63.90 -14.69
N PHE C 881 -20.12 -65.09 -14.11
CA PHE C 881 -20.98 -65.36 -12.96
C PHE C 881 -20.15 -65.38 -11.67
N GLU C 882 -20.86 -65.45 -10.55
CA GLU C 882 -20.16 -65.39 -9.28
C GLU C 882 -20.47 -66.62 -8.43
N PRO C 883 -19.50 -67.12 -7.67
CA PRO C 883 -19.75 -68.30 -6.83
C PRO C 883 -20.73 -68.00 -5.72
N GLY C 884 -21.41 -69.05 -5.27
CA GLY C 884 -22.34 -68.93 -4.16
C GLY C 884 -23.77 -69.20 -4.54
N VAL C 885 -24.52 -69.82 -3.63
CA VAL C 885 -25.93 -70.10 -3.85
C VAL C 885 -26.73 -68.82 -3.68
N GLY C 886 -27.65 -68.58 -4.62
CA GLY C 886 -28.46 -67.39 -4.55
C GLY C 886 -27.74 -66.12 -4.97
N ASN C 887 -26.55 -66.26 -5.56
CA ASN C 887 -25.78 -65.14 -6.07
C ASN C 887 -25.64 -65.23 -7.57
N ASN C 888 -26.73 -65.57 -8.24
CA ASN C 888 -26.73 -65.78 -9.69
C ASN C 888 -27.07 -64.47 -10.41
N ALA C 889 -26.10 -63.56 -10.38
CA ALA C 889 -26.16 -62.30 -11.10
C ALA C 889 -25.12 -62.30 -12.21
N TYR C 890 -25.47 -61.66 -13.33
CA TYR C 890 -24.63 -61.67 -14.53
C TYR C 890 -23.91 -60.33 -14.62
N ARG C 891 -22.74 -60.28 -14.00
CA ARG C 891 -21.99 -59.03 -13.86
C ARG C 891 -20.93 -58.91 -14.94
N THR C 892 -20.85 -57.72 -15.55
CA THR C 892 -19.91 -57.50 -16.63
C THR C 892 -18.47 -57.63 -16.13
N GLY C 893 -17.62 -58.18 -17.00
CA GLY C 893 -16.23 -58.37 -16.67
C GLY C 893 -15.89 -59.81 -16.35
N LEU C 894 -14.92 -60.37 -17.05
CA LEU C 894 -14.44 -61.71 -16.75
C LEU C 894 -13.54 -61.65 -15.52
N ARG C 895 -13.97 -62.30 -14.44
CA ARG C 895 -13.20 -62.26 -13.20
C ARG C 895 -11.98 -63.16 -13.32
N CYS C 896 -10.96 -62.69 -14.04
CA CYS C 896 -9.74 -63.45 -14.23
C CYS C 896 -8.82 -63.43 -13.02
N ALA C 897 -9.11 -62.60 -12.03
CA ALA C 897 -8.33 -62.55 -10.79
C ALA C 897 -8.85 -63.51 -9.74
N ASP C 898 -9.83 -64.34 -10.08
CA ASP C 898 -10.44 -65.26 -9.14
C ASP C 898 -9.51 -66.44 -8.87
N ASN C 899 -9.32 -66.75 -7.60
CA ASN C 899 -8.62 -67.96 -7.17
C ASN C 899 -7.21 -68.05 -7.73
N ASN C 900 -6.60 -66.93 -8.07
CA ASN C 900 -5.24 -66.93 -8.62
C ASN C 900 -4.34 -66.03 -7.78
N PHE C 901 -3.06 -66.04 -8.12
CA PHE C 901 -2.01 -65.42 -7.34
C PHE C 901 -1.90 -63.92 -7.66
N GLY C 902 -0.95 -63.27 -7.00
CA GLY C 902 -0.60 -61.89 -7.28
C GLY C 902 0.83 -61.82 -7.79
N THR C 903 1.10 -60.80 -8.61
CA THR C 903 2.40 -60.62 -9.22
C THR C 903 2.99 -59.25 -8.88
N GLY C 904 2.81 -58.82 -7.64
CA GLY C 904 3.32 -57.52 -7.23
C GLY C 904 4.81 -57.57 -6.96
N THR C 905 5.49 -56.49 -7.32
CA THR C 905 6.92 -56.35 -7.09
C THR C 905 7.29 -54.97 -6.57
N ARG C 906 6.30 -54.21 -6.10
CA ARG C 906 6.52 -52.87 -5.57
C ARG C 906 5.85 -52.74 -4.21
N ASP C 907 6.39 -51.87 -3.38
CA ASP C 907 5.87 -51.69 -2.03
C ASP C 907 6.28 -50.34 -1.48
N ILE C 908 5.55 -49.87 -0.47
CA ILE C 908 5.78 -48.56 0.10
C ILE C 908 6.84 -48.62 1.18
N ASP C 909 6.72 -49.57 2.10
CA ASP C 909 7.72 -49.76 3.15
C ASP C 909 8.95 -50.46 2.57
N GLY C 910 10.01 -50.53 3.37
CA GLY C 910 11.21 -51.19 2.91
C GLY C 910 10.99 -52.65 2.55
N VAL C 911 10.23 -53.36 3.39
CA VAL C 911 9.92 -54.77 3.13
C VAL C 911 8.76 -54.86 2.15
N GLY C 912 8.52 -56.08 1.66
CA GLY C 912 7.53 -56.28 0.62
C GLY C 912 6.09 -56.14 1.07
N GLY C 913 5.74 -55.00 1.66
CA GLY C 913 4.37 -54.72 2.01
C GLY C 913 3.88 -55.36 3.30
N VAL C 914 4.74 -56.11 3.99
CA VAL C 914 4.31 -56.81 5.21
C VAL C 914 4.26 -55.90 6.42
N LEU C 915 4.87 -54.71 6.36
CA LEU C 915 4.79 -53.72 7.42
C LEU C 915 3.82 -52.60 7.11
N ASN C 916 2.98 -52.78 6.09
CA ASN C 916 2.01 -51.76 5.71
C ASN C 916 0.64 -52.16 6.20
N PRO C 917 0.08 -51.47 7.19
CA PRO C 917 -1.28 -51.81 7.65
C PRO C 917 -2.39 -51.43 6.69
N ALA C 918 -2.07 -50.74 5.59
CA ALA C 918 -3.04 -50.38 4.58
C ALA C 918 -3.04 -51.34 3.39
N VAL C 919 -2.23 -52.39 3.44
CA VAL C 919 -2.10 -53.36 2.36
C VAL C 919 -2.47 -54.72 2.89
N ASN C 920 -3.42 -55.39 2.24
CA ASN C 920 -3.81 -56.75 2.57
C ASN C 920 -3.18 -57.66 1.53
N LEU C 921 -2.06 -58.27 1.89
CA LEU C 921 -1.32 -59.09 0.92
C LEU C 921 -2.11 -60.32 0.51
N ASP C 922 -2.95 -60.85 1.40
CA ASP C 922 -3.74 -62.03 1.08
C ASP C 922 -4.85 -61.74 0.09
N GLN C 923 -5.12 -60.47 -0.23
CA GLN C 923 -6.14 -60.08 -1.19
C GLN C 923 -5.53 -59.46 -2.44
N SER C 924 -4.31 -59.86 -2.78
CA SER C 924 -3.61 -59.35 -3.94
C SER C 924 -3.74 -60.34 -5.09
N ARG C 925 -4.35 -59.90 -6.19
CA ARG C 925 -4.55 -60.73 -7.37
C ARG C 925 -3.77 -60.16 -8.53
N THR C 926 -3.60 -60.99 -9.57
CA THR C 926 -2.81 -60.59 -10.73
C THR C 926 -3.63 -59.91 -11.82
N ALA C 927 -4.92 -60.20 -11.91
CA ALA C 927 -5.81 -59.56 -12.89
C ALA C 927 -5.44 -59.92 -14.32
N THR C 928 -4.69 -61.00 -14.52
CA THR C 928 -4.32 -61.48 -15.84
C THR C 928 -4.89 -62.88 -16.02
N CYS C 929 -5.50 -63.13 -17.17
CA CYS C 929 -6.08 -64.43 -17.45
C CYS C 929 -5.04 -65.34 -18.09
N PHE C 930 -4.73 -66.43 -17.41
CA PHE C 930 -3.68 -67.37 -17.80
C PHE C 930 -4.30 -68.64 -18.34
N THR C 931 -3.48 -69.41 -19.06
CA THR C 931 -3.81 -70.78 -19.43
C THR C 931 -3.20 -71.67 -18.35
N SER C 932 -3.98 -71.94 -17.31
CA SER C 932 -3.47 -72.64 -16.14
C SER C 932 -4.57 -73.46 -15.51
N TYR C 933 -4.23 -74.10 -14.40
CA TYR C 933 -5.21 -74.83 -13.59
C TYR C 933 -4.62 -75.04 -12.20
N GLY C 934 -5.47 -74.99 -11.19
CA GLY C 934 -4.96 -75.13 -9.84
C GLY C 934 -6.07 -75.11 -8.81
N VAL C 935 -5.64 -75.04 -7.55
CA VAL C 935 -6.52 -75.04 -6.39
C VAL C 935 -6.05 -73.99 -5.41
N GLU C 936 -6.96 -73.57 -4.53
CA GLU C 936 -6.63 -72.55 -3.54
C GLU C 936 -7.60 -72.64 -2.38
N ALA C 937 -7.11 -72.96 -1.20
CA ALA C 937 -7.89 -72.90 0.03
C ALA C 937 -7.79 -71.50 0.61
N GLY C 938 -8.34 -71.30 1.80
CA GLY C 938 -8.27 -69.99 2.42
C GLY C 938 -9.14 -69.91 3.66
N HIS C 939 -9.28 -68.70 4.17
CA HIS C 939 -10.06 -68.43 5.36
C HIS C 939 -10.25 -66.92 5.49
N ALA C 940 -11.46 -66.50 5.81
CA ALA C 940 -11.81 -65.10 5.96
C ALA C 940 -12.26 -64.84 7.39
N GLY C 941 -11.66 -63.83 8.03
CA GLY C 941 -11.98 -63.49 9.39
C GLY C 941 -13.15 -62.56 9.58
N ASP C 942 -13.54 -61.83 8.53
CA ASP C 942 -14.71 -60.96 8.63
C ASP C 942 -16.02 -61.76 8.59
N ASN C 943 -16.00 -62.96 8.02
CA ASN C 943 -17.18 -63.80 7.99
C ASN C 943 -17.44 -64.36 9.39
N ALA C 944 -18.69 -64.28 9.83
CA ALA C 944 -19.04 -64.75 11.16
C ALA C 944 -18.95 -66.28 11.21
N ASN C 945 -18.86 -66.81 12.43
CA ASN C 945 -18.72 -68.25 12.65
C ASN C 945 -17.47 -68.79 11.97
N ALA C 946 -16.38 -68.03 12.08
CA ALA C 946 -15.09 -68.42 11.53
C ALA C 946 -14.19 -68.96 12.64
N LEU C 947 -13.31 -69.89 12.27
CA LEU C 947 -12.41 -70.51 13.24
C LEU C 947 -11.71 -69.45 14.09
N VAL C 948 -10.97 -68.56 13.44
CA VAL C 948 -10.28 -67.46 14.11
C VAL C 948 -10.92 -66.16 13.67
N LYS C 949 -11.11 -65.24 14.63
CA LYS C 949 -11.89 -64.04 14.37
C LYS C 949 -11.28 -63.19 13.26
N ASP C 950 -10.13 -62.58 13.52
CA ASP C 950 -9.44 -61.75 12.53
C ASP C 950 -8.25 -62.52 11.96
N LEU C 951 -8.54 -63.50 11.10
CA LEU C 951 -7.49 -64.30 10.49
C LEU C 951 -7.81 -64.51 9.02
N PHE C 952 -6.84 -64.25 8.15
CA PHE C 952 -6.97 -64.46 6.73
C PHE C 952 -5.71 -65.15 6.23
N PHE C 953 -5.88 -66.27 5.53
CA PHE C 953 -4.78 -66.91 4.83
C PHE C 953 -5.28 -67.42 3.48
N ARG C 954 -4.36 -67.52 2.53
CA ARG C 954 -4.70 -67.77 1.13
C ARG C 954 -3.75 -68.78 0.50
N VAL C 955 -3.46 -69.87 1.20
CA VAL C 955 -2.59 -70.90 0.63
C VAL C 955 -3.16 -71.36 -0.71
N GLY C 956 -2.29 -71.55 -1.69
CA GLY C 956 -2.73 -71.97 -3.01
C GLY C 956 -1.64 -72.53 -3.91
N TYR C 957 -2.04 -73.40 -4.84
CA TYR C 957 -1.14 -74.02 -5.79
C TYR C 957 -1.73 -73.91 -7.19
N SER C 958 -0.87 -73.78 -8.19
CA SER C 958 -1.32 -73.59 -9.56
C SER C 958 -0.25 -74.05 -10.52
N ARG C 959 -0.67 -74.42 -11.73
CA ARG C 959 0.25 -74.80 -12.79
C ARG C 959 -0.12 -74.05 -14.05
N VAL C 960 0.88 -73.44 -14.68
CA VAL C 960 0.68 -72.53 -15.80
C VAL C 960 1.26 -73.16 -17.06
N TYR C 961 0.52 -73.04 -18.16
CA TYR C 961 0.99 -73.54 -19.44
C TYR C 961 2.04 -72.60 -20.02
N VAL C 962 3.07 -73.18 -20.63
CA VAL C 962 4.10 -72.40 -21.32
C VAL C 962 4.47 -73.11 -22.61
N PRO C 963 4.55 -72.39 -23.74
CA PRO C 963 4.91 -73.04 -25.00
C PRO C 963 6.30 -73.65 -24.92
N THR C 964 6.61 -74.48 -25.91
CA THR C 964 7.85 -75.25 -25.85
C THR C 964 9.07 -74.35 -25.82
N THR C 965 9.39 -73.65 -26.92
CA THR C 965 10.58 -72.82 -26.90
C THR C 965 10.29 -71.34 -26.67
N ALA C 966 9.70 -70.66 -27.64
CA ALA C 966 9.28 -69.28 -27.47
C ALA C 966 7.89 -69.05 -28.04
N THR C 967 7.62 -69.69 -29.18
CA THR C 967 6.38 -69.48 -29.90
C THR C 967 5.83 -70.76 -30.52
N ALA C 968 6.39 -71.93 -30.19
CA ALA C 968 5.93 -73.17 -30.79
C ALA C 968 4.49 -73.46 -30.39
N THR C 969 3.79 -74.15 -31.29
CA THR C 969 2.42 -74.58 -30.97
C THR C 969 2.42 -75.55 -29.79
N THR C 970 3.37 -76.48 -29.78
CA THR C 970 3.45 -77.46 -28.70
C THR C 970 3.86 -76.81 -27.39
N GLY C 971 3.42 -77.39 -26.29
CA GLY C 971 3.77 -76.87 -24.98
C GLY C 971 3.31 -77.82 -23.90
N ASP C 972 3.46 -77.36 -22.65
CA ASP C 972 3.07 -78.18 -21.51
C ASP C 972 2.81 -77.26 -20.32
N PHE C 973 2.08 -77.79 -19.35
CA PHE C 973 1.80 -77.08 -18.10
C PHE C 973 2.99 -77.20 -17.13
N SER C 974 4.15 -76.81 -17.63
CA SER C 974 5.39 -76.97 -16.88
C SER C 974 5.55 -75.95 -15.75
N GLY C 975 4.93 -74.77 -15.88
CA GLY C 975 5.03 -73.79 -14.83
C GLY C 975 4.35 -74.25 -13.55
N SER C 976 4.80 -73.67 -12.43
CA SER C 976 4.27 -74.05 -11.13
C SER C 976 4.39 -72.87 -10.19
N VAL C 977 3.29 -72.53 -9.52
CA VAL C 977 3.24 -71.42 -8.58
C VAL C 977 2.64 -71.93 -7.27
N THR C 978 3.39 -71.83 -6.18
CA THR C 978 2.90 -72.17 -4.85
C THR C 978 2.99 -70.91 -4.00
N TYR C 979 1.86 -70.40 -3.53
CA TYR C 979 1.83 -69.15 -2.80
C TYR C 979 1.05 -69.33 -1.50
N GLY C 980 1.26 -68.39 -0.58
CA GLY C 980 0.59 -68.41 0.69
C GLY C 980 0.72 -67.10 1.43
N ASP C 981 -0.38 -66.57 1.94
CA ASP C 981 -0.39 -65.32 2.68
C ASP C 981 -1.15 -65.51 3.98
N ALA C 982 -0.80 -64.70 4.98
CA ALA C 982 -1.48 -64.75 6.27
C ALA C 982 -1.50 -63.38 6.88
N ARG C 983 -2.55 -63.12 7.67
CA ARG C 983 -2.74 -61.82 8.32
C ARG C 983 -3.59 -62.01 9.55
N TYR C 984 -3.12 -61.52 10.69
CA TYR C 984 -3.80 -61.74 11.96
C TYR C 984 -3.56 -60.53 12.85
N ASP C 985 -4.62 -59.77 13.14
CA ASP C 985 -4.46 -58.55 13.94
C ASP C 985 -4.38 -58.86 15.43
N ARG C 986 -5.47 -59.34 16.01
CA ARG C 986 -5.48 -59.71 17.42
C ARG C 986 -5.18 -58.52 18.32
N LYS C 987 -5.50 -58.65 19.61
CA LYS C 987 -5.12 -57.68 20.64
C LYS C 987 -5.04 -58.43 21.96
N VAL C 988 -3.83 -58.85 22.34
CA VAL C 988 -3.68 -59.78 23.46
C VAL C 988 -4.14 -59.12 24.76
N GLY C 989 -3.44 -58.08 25.19
CA GLY C 989 -3.82 -57.36 26.39
C GLY C 989 -4.07 -55.90 26.12
N VAL C 990 -3.23 -55.03 26.70
CA VAL C 990 -3.24 -53.62 26.33
C VAL C 990 -2.52 -53.39 25.01
N ALA C 991 -1.65 -54.30 24.59
CA ALA C 991 -0.96 -54.18 23.32
C ALA C 991 -1.89 -54.52 22.17
N ASN C 992 -1.49 -54.11 20.97
CA ASN C 992 -2.24 -54.33 19.74
C ASN C 992 -1.30 -54.95 18.71
N VAL C 993 -1.25 -56.28 18.67
CA VAL C 993 -0.35 -56.96 17.76
C VAL C 993 -0.89 -56.93 16.34
N ARG C 994 -0.04 -57.24 15.37
CA ARG C 994 -0.46 -57.38 13.99
C ARG C 994 0.61 -58.16 13.23
N LEU C 995 0.24 -59.34 12.73
CA LEU C 995 1.16 -60.20 12.01
C LEU C 995 0.74 -60.30 10.55
N ALA C 996 1.72 -60.25 9.65
CA ALA C 996 1.48 -60.43 8.23
C ALA C 996 2.60 -61.28 7.66
N GLY C 997 2.27 -62.06 6.64
CA GLY C 997 3.25 -62.94 6.02
C GLY C 997 2.86 -63.29 4.61
N SER C 998 3.89 -63.58 3.81
CA SER C 998 3.70 -63.86 2.39
C SER C 998 4.79 -64.78 1.90
N PHE C 999 4.45 -65.58 0.89
CA PHE C 999 5.35 -66.59 0.33
C PHE C 999 5.00 -66.79 -1.14
N SER C 1000 5.98 -67.26 -1.91
CA SER C 1000 5.77 -67.53 -3.33
C SER C 1000 6.94 -68.31 -3.87
N THR C 1001 6.66 -69.34 -4.67
CA THR C 1001 7.70 -70.22 -5.21
C THR C 1001 7.46 -70.50 -6.68
N THR C 1002 7.20 -69.45 -7.46
CA THR C 1002 7.04 -69.61 -8.91
C THR C 1002 8.38 -69.91 -9.56
N ASN C 1003 8.33 -70.59 -10.70
CA ASN C 1003 9.52 -70.88 -11.49
C ASN C 1003 9.49 -70.25 -12.88
N THR C 1004 8.60 -69.29 -13.12
CA THR C 1004 8.49 -68.66 -14.42
C THR C 1004 8.16 -67.18 -14.25
N GLN C 1005 8.52 -66.39 -15.26
CA GLN C 1005 8.21 -64.97 -15.34
C GLN C 1005 6.72 -64.82 -15.66
N LEU C 1006 5.92 -64.50 -14.65
CA LEU C 1006 4.46 -64.50 -14.85
C LEU C 1006 3.97 -63.22 -15.52
N ASP C 1007 4.08 -62.09 -14.82
CA ASP C 1007 3.76 -60.80 -15.42
C ASP C 1007 4.98 -59.88 -15.40
N SER C 1008 5.50 -59.57 -14.20
CA SER C 1008 6.77 -58.89 -14.03
C SER C 1008 7.58 -59.49 -12.90
N ARG C 1009 6.98 -60.33 -12.08
CA ARG C 1009 7.71 -60.98 -11.00
C ARG C 1009 8.69 -62.00 -11.57
N PRO C 1010 9.97 -61.93 -11.21
CA PRO C 1010 10.91 -62.95 -11.68
C PRO C 1010 10.54 -64.33 -11.19
N ALA C 1011 11.27 -65.34 -11.64
CA ALA C 1011 10.93 -66.74 -11.37
C ALA C 1011 11.79 -67.25 -10.23
N GLY C 1012 11.36 -67.00 -9.00
CA GLY C 1012 12.13 -67.47 -7.86
C GLY C 1012 11.32 -67.42 -6.59
N THR C 1013 11.93 -67.88 -5.51
CA THR C 1013 11.28 -67.88 -4.21
C THR C 1013 11.21 -66.46 -3.65
N ARG C 1014 10.15 -66.18 -2.89
CA ARG C 1014 9.89 -64.84 -2.38
C ARG C 1014 9.14 -64.97 -1.07
N GLY C 1015 9.76 -64.56 0.03
CA GLY C 1015 9.13 -64.62 1.33
C GLY C 1015 9.16 -63.29 2.06
N ALA C 1016 8.26 -63.11 3.02
CA ALA C 1016 8.24 -61.88 3.79
C ALA C 1016 7.39 -62.07 5.04
N VAL C 1017 7.78 -61.42 6.13
CA VAL C 1017 7.06 -61.50 7.39
C VAL C 1017 7.19 -60.18 8.12
N GLY C 1018 6.16 -59.82 8.89
CA GLY C 1018 6.14 -58.56 9.59
C GLY C 1018 5.25 -58.52 10.81
N LEU C 1019 5.72 -57.86 11.86
CA LEU C 1019 5.03 -57.77 13.14
C LEU C 1019 5.01 -56.32 13.59
N ILE C 1020 3.85 -55.86 14.06
CA ILE C 1020 3.66 -54.49 14.53
C ILE C 1020 2.96 -54.56 15.89
N VAL C 1021 3.58 -53.99 16.91
CA VAL C 1021 3.04 -53.98 18.27
C VAL C 1021 2.91 -52.54 18.73
N ARG C 1022 1.77 -52.21 19.35
CA ARG C 1022 1.49 -50.85 19.80
C ARG C 1022 0.64 -50.93 21.06
N THR C 1023 1.29 -50.88 22.22
CA THR C 1023 0.56 -50.91 23.48
C THR C 1023 0.02 -49.53 23.81
N ASP C 1024 -1.02 -49.51 24.63
CA ASP C 1024 -1.59 -48.28 25.15
C ASP C 1024 -0.95 -47.92 26.47
N PRO C 1025 -1.09 -46.68 26.92
CA PRO C 1025 -0.40 -46.25 28.14
C PRO C 1025 -0.70 -47.19 29.30
N LEU C 1026 0.34 -47.56 30.04
CA LEU C 1026 0.21 -48.42 31.20
C LEU C 1026 0.01 -47.55 32.44
N GLU C 1027 -1.15 -47.71 33.09
CA GLU C 1027 -1.49 -46.90 34.25
C GLU C 1027 -1.15 -47.60 35.57
N ASN C 1028 -0.53 -48.77 35.49
CA ASN C 1028 -0.08 -49.48 36.68
C ASN C 1028 1.39 -49.23 36.96
N VAL C 1029 2.25 -49.42 35.96
CA VAL C 1029 3.68 -49.15 36.14
C VAL C 1029 3.91 -47.64 36.19
N PRO C 1030 4.88 -47.16 36.96
CA PRO C 1030 5.10 -45.70 37.04
C PRO C 1030 5.58 -45.14 35.71
N PHE C 1031 5.42 -43.83 35.57
CA PHE C 1031 5.74 -43.05 34.37
C PHE C 1031 4.72 -43.23 33.26
N ARG C 1032 3.75 -44.12 33.42
CA ARG C 1032 2.73 -44.39 32.41
C ARG C 1032 3.38 -44.63 31.04
N PRO C 1033 4.30 -45.59 30.94
CA PRO C 1033 4.97 -45.82 29.66
C PRO C 1033 4.00 -46.35 28.61
N GLN C 1034 4.33 -46.06 27.35
CA GLN C 1034 3.51 -46.44 26.21
C GLN C 1034 4.45 -46.93 25.12
N PHE C 1035 4.59 -48.24 25.00
CA PHE C 1035 5.60 -48.82 24.12
C PHE C 1035 5.05 -48.94 22.69
N ASN C 1036 5.98 -49.16 21.77
CA ASN C 1036 5.66 -49.33 20.36
C ASN C 1036 6.77 -50.15 19.72
N GLY C 1037 6.43 -50.82 18.62
CA GLY C 1037 7.39 -51.72 18.01
C GLY C 1037 7.05 -51.99 16.57
N GLN C 1038 8.05 -52.51 15.85
CA GLN C 1038 7.90 -52.83 14.44
C GLN C 1038 9.09 -53.66 13.97
N VAL C 1039 8.81 -54.75 13.26
CA VAL C 1039 9.88 -55.59 12.73
C VAL C 1039 9.39 -56.22 11.43
N GLY C 1040 10.30 -56.37 10.48
CA GLY C 1040 9.95 -56.94 9.18
C GLY C 1040 11.14 -57.49 8.43
N TYR C 1041 10.97 -58.67 7.85
CA TYR C 1041 12.01 -59.32 7.05
C TYR C 1041 11.45 -59.65 5.67
N TYR C 1042 12.30 -59.52 4.66
CA TYR C 1042 11.92 -59.78 3.29
C TYR C 1042 13.07 -60.50 2.58
N THR C 1043 12.74 -61.57 1.85
CA THR C 1043 13.73 -62.33 1.11
C THR C 1043 13.20 -62.60 -0.29
N ALA C 1044 14.10 -62.66 -1.26
CA ALA C 1044 13.72 -62.92 -2.65
C ALA C 1044 14.94 -63.44 -3.40
N ASP C 1045 14.80 -64.60 -4.03
CA ASP C 1045 15.85 -65.20 -4.85
C ASP C 1045 15.45 -64.98 -6.31
N ASN C 1046 15.79 -63.82 -6.85
CA ASN C 1046 15.40 -63.45 -8.20
C ASN C 1046 16.41 -64.05 -9.17
N ARG C 1047 16.01 -65.11 -9.87
CA ARG C 1047 16.84 -65.74 -10.88
C ARG C 1047 16.31 -65.32 -12.25
N VAL C 1048 16.83 -64.19 -12.72
CA VAL C 1048 16.45 -63.63 -14.02
C VAL C 1048 17.51 -64.03 -15.04
N ALA C 1049 17.18 -63.87 -16.31
CA ALA C 1049 18.07 -64.32 -17.38
C ALA C 1049 19.43 -63.63 -17.36
N ALA C 1050 19.66 -62.67 -16.45
CA ALA C 1050 20.93 -61.98 -16.36
C ALA C 1050 21.62 -62.18 -15.02
N GLY C 1051 21.05 -62.99 -14.13
CA GLY C 1051 21.66 -63.21 -12.83
C GLY C 1051 20.76 -64.07 -11.97
N ASN C 1052 21.26 -64.37 -10.78
CA ASN C 1052 20.56 -65.17 -9.78
C ASN C 1052 20.65 -64.51 -8.42
N TYR C 1053 20.30 -63.24 -8.35
CA TYR C 1053 20.67 -62.42 -7.20
C TYR C 1053 19.64 -62.55 -6.08
N ASN C 1054 20.13 -62.37 -4.85
CA ASN C 1054 19.30 -62.36 -3.65
C ASN C 1054 19.04 -60.92 -3.24
N ALA C 1055 17.77 -60.58 -3.06
CA ALA C 1055 17.37 -59.22 -2.67
C ALA C 1055 16.54 -59.33 -1.39
N ASN C 1056 17.15 -59.03 -0.26
CA ASN C 1056 16.48 -59.11 1.03
C ASN C 1056 16.54 -57.76 1.73
N ALA C 1057 15.69 -57.60 2.74
CA ALA C 1057 15.59 -56.35 3.49
C ALA C 1057 15.17 -56.67 4.92
N THR C 1058 15.58 -55.83 5.85
CA THR C 1058 15.24 -55.99 7.25
C THR C 1058 14.97 -54.61 7.84
N LYS C 1059 13.75 -54.39 8.28
CA LYS C 1059 13.36 -53.12 8.90
C LYS C 1059 12.98 -53.38 10.36
N TYR C 1060 13.33 -52.44 11.24
CA TYR C 1060 12.99 -52.55 12.65
C TYR C 1060 12.84 -51.15 13.23
N GLY C 1061 12.13 -51.09 14.34
CA GLY C 1061 11.92 -49.82 15.02
C GLY C 1061 11.19 -49.98 16.34
N ALA C 1062 11.71 -49.36 17.39
CA ALA C 1062 11.12 -49.41 18.72
C ALA C 1062 11.05 -48.01 19.29
N GLY C 1063 10.16 -47.80 20.25
CA GLY C 1063 10.01 -46.50 20.86
C GLY C 1063 9.12 -46.52 22.07
N VAL C 1064 9.52 -45.82 23.13
CA VAL C 1064 8.77 -45.76 24.38
C VAL C 1064 8.51 -44.30 24.71
N VAL C 1065 7.28 -44.00 25.09
CA VAL C 1065 6.87 -42.65 25.48
C VAL C 1065 6.48 -42.67 26.95
N LEU C 1066 7.14 -41.84 27.75
CA LEU C 1066 6.80 -41.69 29.16
C LEU C 1066 5.88 -40.48 29.29
N ASN C 1067 4.60 -40.75 29.58
CA ASN C 1067 3.61 -39.68 29.63
C ASN C 1067 3.65 -38.88 30.92
N ASP C 1068 4.23 -39.45 31.99
CA ASP C 1068 4.40 -38.76 33.26
C ASP C 1068 5.87 -38.85 33.64
N PHE C 1069 6.59 -37.74 33.56
CA PHE C 1069 8.04 -37.73 33.78
C PHE C 1069 8.38 -36.60 34.75
N LEU C 1070 8.60 -36.96 36.01
CA LEU C 1070 9.05 -36.02 37.03
C LEU C 1070 8.09 -34.84 37.20
N LEU C 1071 8.41 -33.71 36.60
CA LEU C 1071 7.60 -32.52 36.79
C LEU C 1071 6.25 -32.67 36.08
N PRO C 1072 5.23 -31.98 36.57
CA PRO C 1072 3.90 -32.10 35.95
C PRO C 1072 3.90 -31.63 34.50
N GLN C 1073 3.10 -32.30 33.68
CA GLN C 1073 2.97 -31.99 32.25
C GLN C 1073 4.32 -32.04 31.55
N THR C 1074 5.14 -33.02 31.91
CA THR C 1074 6.43 -33.25 31.29
C THR C 1074 6.43 -34.62 30.64
N LYS C 1075 6.85 -34.68 29.37
CA LYS C 1075 6.84 -35.91 28.61
C LYS C 1075 8.19 -36.12 27.93
N ILE C 1076 8.58 -37.38 27.81
CA ILE C 1076 9.80 -37.77 27.12
C ILE C 1076 9.46 -38.89 26.15
N GLY C 1077 10.24 -38.99 25.09
CA GLY C 1077 10.01 -40.02 24.09
C GLY C 1077 11.23 -40.27 23.22
N VAL C 1078 11.53 -41.54 22.95
CA VAL C 1078 12.67 -41.91 22.14
C VAL C 1078 12.25 -43.02 21.18
N ARG C 1079 12.72 -42.93 19.94
CA ARG C 1079 12.42 -43.92 18.92
C ARG C 1079 13.68 -44.19 18.10
N TYR C 1080 14.07 -45.45 18.00
CA TYR C 1080 15.21 -45.86 17.21
C TYR C 1080 14.71 -46.70 16.04
N ASP C 1081 15.09 -46.31 14.83
CA ASP C 1081 14.64 -46.99 13.61
C ASP C 1081 15.84 -47.51 12.84
N GLY C 1082 15.59 -48.49 11.98
CA GLY C 1082 16.65 -49.06 11.18
C GLY C 1082 16.15 -49.83 9.98
N TYR C 1083 16.93 -49.80 8.90
CA TYR C 1083 16.54 -50.44 7.63
C TYR C 1083 17.81 -50.85 6.90
N MET C 1084 18.03 -52.16 6.79
CA MET C 1084 19.13 -52.72 6.01
C MET C 1084 18.57 -53.37 4.76
N ALA C 1085 19.32 -53.27 3.67
CA ALA C 1085 18.84 -53.79 2.39
C ALA C 1085 19.99 -54.31 1.55
N GLN C 1086 19.85 -55.54 1.05
CA GLN C 1086 20.67 -56.06 -0.04
C GLN C 1086 20.11 -55.49 -1.33
N ASN C 1087 20.33 -56.17 -2.46
CA ASN C 1087 20.18 -55.49 -3.73
C ASN C 1087 18.73 -55.07 -3.96
N ARG C 1088 18.35 -53.98 -3.29
CA ARG C 1088 17.05 -53.34 -3.46
C ARG C 1088 17.28 -51.86 -3.74
N GLN C 1089 16.24 -51.21 -4.24
CA GLN C 1089 16.33 -49.81 -4.64
C GLN C 1089 15.00 -49.12 -4.42
N TYR C 1090 15.02 -47.79 -4.46
CA TYR C 1090 13.81 -46.99 -4.41
C TYR C 1090 13.70 -46.18 -5.70
N THR C 1091 12.51 -46.20 -6.30
CA THR C 1091 12.22 -45.42 -7.50
C THR C 1091 11.30 -44.28 -7.11
N PRO C 1092 11.76 -43.03 -7.18
CA PRO C 1092 10.92 -41.90 -6.75
C PRO C 1092 9.70 -41.70 -7.63
N PHE C 1093 8.86 -40.74 -7.26
CA PHE C 1093 7.67 -40.44 -8.05
C PHE C 1093 8.07 -39.92 -9.42
N ASP C 1094 7.24 -40.22 -10.42
CA ASP C 1094 7.54 -39.89 -11.81
C ASP C 1094 7.05 -38.51 -12.22
N GLY C 1095 6.48 -37.73 -11.30
CA GLY C 1095 5.90 -36.46 -11.63
C GLY C 1095 4.48 -36.52 -12.11
N ASP C 1096 3.99 -37.72 -12.42
CA ASP C 1096 2.61 -37.99 -12.75
C ASP C 1096 1.93 -38.60 -11.53
N GLY C 1097 0.70 -39.09 -11.71
CA GLY C 1097 -0.02 -39.68 -10.59
C GLY C 1097 0.71 -40.82 -9.93
N THR C 1098 1.66 -41.44 -10.62
CA THR C 1098 2.38 -42.59 -10.07
C THR C 1098 3.30 -42.16 -8.93
N GLN C 1099 3.38 -42.98 -7.90
CA GLN C 1099 4.20 -42.73 -6.74
C GLN C 1099 5.48 -43.56 -6.79
N GLY C 1100 6.40 -43.28 -5.88
CA GLY C 1100 7.61 -44.06 -5.78
C GLY C 1100 7.40 -45.36 -5.05
N TYR C 1101 8.35 -46.28 -5.22
CA TYR C 1101 8.19 -47.60 -4.65
C TYR C 1101 9.55 -48.26 -4.46
N PHE C 1102 9.61 -49.20 -3.53
CA PHE C 1102 10.81 -50.01 -3.33
C PHE C 1102 10.72 -51.27 -4.18
N SER C 1103 11.80 -51.55 -4.89
CA SER C 1103 11.85 -52.68 -5.81
C SER C 1103 13.18 -53.40 -5.65
N ASP C 1104 13.33 -54.50 -6.36
CA ASP C 1104 14.56 -55.28 -6.38
C ASP C 1104 15.38 -54.89 -7.60
N ALA C 1105 16.66 -54.59 -7.38
CA ALA C 1105 17.60 -54.33 -8.45
C ALA C 1105 18.87 -55.13 -8.17
N ASN C 1106 19.65 -55.40 -9.21
CA ASN C 1106 20.85 -56.20 -9.08
C ASN C 1106 22.06 -55.36 -8.68
N ASN C 1107 21.85 -54.11 -8.29
CA ASN C 1107 22.93 -53.28 -7.79
C ASN C 1107 23.61 -53.99 -6.63
N ASN C 1108 24.89 -54.32 -6.78
CA ASN C 1108 25.59 -55.02 -5.72
C ASN C 1108 25.88 -54.05 -4.58
N ARG C 1109 24.84 -53.61 -3.88
CA ARG C 1109 25.00 -52.61 -2.84
C ARG C 1109 24.09 -52.94 -1.67
N ARG C 1110 24.59 -52.62 -0.47
CA ARG C 1110 23.91 -52.87 0.79
C ARG C 1110 23.71 -51.52 1.48
N THR C 1111 22.45 -51.18 1.75
CA THR C 1111 22.12 -49.93 2.41
C THR C 1111 21.83 -50.17 3.88
N ASN C 1112 22.20 -49.21 4.73
CA ASN C 1112 22.15 -49.38 6.17
C ASN C 1112 21.57 -48.14 6.85
N LEU C 1113 20.39 -47.69 6.41
CA LEU C 1113 19.80 -46.49 6.99
C LEU C 1113 19.49 -46.73 8.47
N ASN C 1114 19.90 -45.78 9.32
CA ASN C 1114 19.73 -45.90 10.77
C ASN C 1114 19.43 -44.52 11.33
N GLY C 1115 18.85 -44.48 12.51
CA GLY C 1115 18.57 -43.21 13.16
C GLY C 1115 17.92 -43.33 14.52
N VAL C 1116 18.12 -42.29 15.33
CA VAL C 1116 17.53 -42.17 16.66
C VAL C 1116 16.88 -40.79 16.77
N TYR C 1117 15.70 -40.75 17.40
CA TYR C 1117 14.88 -39.54 17.46
C TYR C 1117 14.35 -39.41 18.88
N VAL C 1118 14.80 -38.40 19.60
CA VAL C 1118 14.42 -38.16 20.99
C VAL C 1118 13.56 -36.90 21.03
N GLU C 1119 12.34 -37.03 21.53
CA GLU C 1119 11.43 -35.89 21.63
C GLU C 1119 10.97 -35.76 23.08
N GLY C 1120 11.41 -34.70 23.74
CA GLY C 1120 10.94 -34.39 25.07
C GLY C 1120 10.02 -33.18 25.04
N ALA C 1121 9.20 -33.03 26.07
CA ALA C 1121 8.30 -31.88 26.12
C ALA C 1121 8.12 -31.46 27.56
N TYR C 1122 8.42 -30.20 27.85
CA TYR C 1122 8.00 -29.59 29.10
C TYR C 1122 6.58 -29.12 28.82
N GLN C 1123 6.00 -28.26 29.67
CA GLN C 1123 4.56 -28.02 29.62
C GLN C 1123 4.03 -27.99 28.19
N ASP C 1124 4.51 -27.06 27.37
CA ASP C 1124 4.14 -27.02 25.97
C ASP C 1124 5.31 -26.69 25.04
N LEU C 1125 6.53 -26.70 25.55
CA LEU C 1125 7.73 -26.45 24.75
C LEU C 1125 8.31 -27.81 24.38
N ILE C 1126 8.48 -28.04 23.07
CA ILE C 1126 8.86 -29.35 22.56
C ILE C 1126 10.31 -29.30 22.09
N PHE C 1127 11.16 -30.14 22.66
CA PHE C 1127 12.54 -30.30 22.24
C PHE C 1127 12.63 -31.57 21.40
N SER C 1128 13.03 -31.43 20.14
CA SER C 1128 13.16 -32.54 19.22
C SER C 1128 14.62 -32.66 18.77
N TYR C 1129 15.18 -33.84 18.88
CA TYR C 1129 16.56 -34.10 18.48
C TYR C 1129 16.59 -35.35 17.63
N GLY C 1130 17.38 -35.33 16.57
CA GLY C 1130 17.45 -36.50 15.69
C GLY C 1130 18.78 -36.67 15.00
N THR C 1131 19.35 -37.87 15.09
CA THR C 1131 20.61 -38.19 14.43
C THR C 1131 20.44 -39.44 13.58
N TYR C 1132 20.76 -39.34 12.30
CA TYR C 1132 20.56 -40.41 11.34
C TYR C 1132 21.82 -40.60 10.49
N THR C 1133 22.00 -41.83 10.03
CA THR C 1133 23.17 -42.21 9.24
C THR C 1133 22.73 -43.09 8.09
N LEU C 1134 23.22 -42.78 6.89
CA LEU C 1134 22.91 -43.56 5.69
C LEU C 1134 24.22 -43.99 5.04
N SER C 1135 24.47 -45.29 5.02
CA SER C 1135 25.68 -45.84 4.42
C SER C 1135 25.30 -46.90 3.40
N GLN C 1136 25.77 -46.73 2.16
CA GLN C 1136 25.54 -47.69 1.08
C GLN C 1136 26.89 -48.23 0.64
N LYS C 1137 27.18 -49.46 1.02
CA LYS C 1137 28.42 -50.11 0.62
C LYS C 1137 28.18 -51.00 -0.60
N ASP C 1138 29.28 -51.42 -1.22
CA ASP C 1138 29.21 -52.46 -2.23
C ASP C 1138 29.69 -53.78 -1.62
N LEU C 1139 29.84 -54.81 -2.46
CA LEU C 1139 30.32 -56.08 -1.95
C LEU C 1139 31.71 -55.94 -1.33
N ASN C 1140 32.58 -55.17 -1.99
CA ASN C 1140 33.92 -54.95 -1.44
C ASN C 1140 33.86 -54.19 -0.13
N GLY C 1141 32.98 -53.20 -0.03
CA GLY C 1141 32.88 -52.38 1.17
C GLY C 1141 33.40 -50.97 0.96
N VAL C 1142 33.13 -50.38 -0.20
CA VAL C 1142 33.69 -49.09 -0.53
C VAL C 1142 32.98 -47.93 0.16
N GLU C 1143 31.75 -48.14 0.65
CA GLU C 1143 31.03 -47.12 1.41
C GLU C 1143 30.84 -45.84 0.57
N TYR C 1144 30.05 -45.99 -0.49
CA TYR C 1144 29.80 -44.90 -1.42
C TYR C 1144 28.97 -43.77 -0.84
N GLY C 1145 28.35 -43.96 0.32
CA GLY C 1145 27.59 -42.87 0.91
C GLY C 1145 28.44 -41.65 1.13
N SER C 1146 27.81 -40.47 1.09
CA SER C 1146 28.56 -39.21 1.15
C SER C 1146 29.56 -39.15 -0.01
N GLY C 1147 29.00 -39.02 -1.21
CA GLY C 1147 29.68 -39.41 -2.43
C GLY C 1147 30.86 -38.57 -2.84
N ILE C 1148 31.52 -37.91 -1.88
CA ILE C 1148 32.78 -37.25 -2.16
C ILE C 1148 33.89 -38.29 -2.14
N ASN C 1149 33.51 -39.56 -1.95
CA ASN C 1149 34.43 -40.68 -2.06
C ASN C 1149 35.54 -40.61 -1.02
N ASN C 1150 35.13 -40.52 0.25
CA ASN C 1150 36.06 -40.53 1.36
C ASN C 1150 35.77 -41.64 2.35
N GLY C 1151 34.95 -42.61 1.96
CA GLY C 1151 34.64 -43.74 2.82
C GLY C 1151 33.89 -43.39 4.09
N GLN C 1152 33.00 -42.40 4.03
CA GLN C 1152 32.20 -42.01 5.18
C GLN C 1152 30.73 -42.00 4.82
N PRO C 1153 29.86 -42.45 5.73
CA PRO C 1153 28.42 -42.41 5.46
C PRO C 1153 27.90 -40.99 5.43
N ALA C 1154 26.73 -40.84 4.80
CA ALA C 1154 26.00 -39.59 4.92
C ALA C 1154 25.39 -39.49 6.32
N ARG C 1155 25.41 -38.29 6.89
CA ARG C 1155 24.94 -38.09 8.25
C ARG C 1155 24.03 -36.89 8.31
N GLY C 1156 23.03 -36.97 9.18
CA GLY C 1156 22.11 -35.88 9.36
C GLY C 1156 21.73 -35.69 10.81
N GLN C 1157 21.79 -34.45 11.30
CA GLN C 1157 21.45 -34.16 12.68
C GLN C 1157 20.56 -32.93 12.70
N THR C 1158 19.55 -32.95 13.56
CA THR C 1158 18.62 -31.84 13.69
C THR C 1158 18.26 -31.63 15.15
N PHE C 1159 18.08 -30.37 15.53
CA PHE C 1159 17.60 -29.99 16.85
C PHE C 1159 16.61 -28.85 16.69
N LYS C 1160 15.43 -29.01 17.28
CA LYS C 1160 14.36 -28.03 17.20
C LYS C 1160 13.77 -27.78 18.57
N ILE C 1161 13.39 -26.53 18.81
CA ILE C 1161 12.56 -26.16 19.94
C ILE C 1161 11.31 -25.49 19.37
N SER C 1162 10.16 -26.09 19.66
CA SER C 1162 8.88 -25.65 19.11
C SER C 1162 7.99 -25.16 20.23
N TYR C 1163 7.25 -24.09 19.96
CA TYR C 1163 6.36 -23.47 20.93
C TYR C 1163 5.21 -22.83 20.18
N LYS C 1164 4.02 -23.39 20.29
CA LYS C 1164 2.83 -22.85 19.65
C LYS C 1164 2.10 -21.92 20.62
N VAL C 1165 1.85 -20.69 20.17
CA VAL C 1165 1.20 -19.68 20.99
C VAL C 1165 0.05 -19.09 20.20
N ASN C 1166 -0.99 -18.66 20.93
CA ASN C 1166 -2.19 -18.09 20.34
C ASN C 1166 -2.56 -16.80 21.05
N PHE C 1167 -3.17 -15.89 20.31
CA PHE C 1167 -3.61 -14.63 20.89
C PHE C 1167 -5.02 -14.75 21.47
#